data_5FPV
#
_entry.id   5FPV
#
_cell.length_a   111.346
_cell.length_b   103.509
_cell.length_c   157.103
_cell.angle_alpha   90.00
_cell.angle_beta   106.37
_cell.angle_gamma   90.00
#
_symmetry.space_group_name_H-M   'P 1 21 1'
#
loop_
_entity.id
_entity.type
_entity.pdbx_description
1 polymer 'LYSINE-SPECIFIC DEMETHYLASE 4A'
2 non-polymer 'MANGANESE (II) ION'
3 non-polymer '2-{[(2-{[(E)-2-(dimethylamino)ethenyl](ethyl)amino}-2-oxoethyl)amino]methyl}pyridine-4-carboxylic acid'
4 non-polymer 'ZINC ION'
5 non-polymer 'NICKEL (II) ION'
6 water water
#
_entity_poly.entity_id   1
_entity_poly.type   'polypeptide(L)'
_entity_poly.pdbx_seq_one_letter_code
;SMASESETLNPSARIMTFYPTMEEFRNFSRYIAYIESQGAHRAGLAKVVPPKEWKPRASYDDIDDLVIPAPIQQLVTGQS
GLFTQYNIQKKAMTVREFRKIANSDKYCTPRYSEFEELERKYWKNLTFNPPIYGADVNGTLYEKHVDEWNIGRLRTILDL
VEKESGITIEGVNTPYLYFGMWKTSFAWHTEDMDLYSINYLHFGEPKSWYSVPPEHGKRLERLAKGFFPGSAQSCEAFLR
HKMTLISPLMLKKYGIPFDKVTQEAGEFMITFPYGYHAGFNHGFNCAESTNFATRRWIEYGKQAVLCSCRKDMVKISMDV
FVRKFQPERYKLWKAGKDNTVIDHTLPTPEAAEFLKESEL
;
_entity_poly.pdbx_strand_id   A,B,C,D,E,F,G,H
#
# COMPACT_ATOMS: atom_id res chain seq x y z
N SER A 12 -5.87 25.29 -42.59
CA SER A 12 -6.25 26.09 -41.42
C SER A 12 -5.31 25.81 -40.26
N ALA A 13 -4.90 24.55 -40.19
CA ALA A 13 -3.92 24.07 -39.22
C ALA A 13 -2.66 23.73 -40.01
N ARG A 14 -2.22 24.72 -40.77
CA ARG A 14 -1.03 24.64 -41.62
C ARG A 14 0.22 24.99 -40.82
N ILE A 15 1.36 24.49 -41.28
CA ILE A 15 2.64 24.75 -40.61
C ILE A 15 3.05 26.22 -40.73
N MET A 16 3.30 26.85 -39.59
CA MET A 16 3.68 28.26 -39.59
C MET A 16 5.19 28.44 -39.43
N THR A 17 5.71 29.53 -39.98
CA THR A 17 7.13 29.86 -39.88
C THR A 17 7.27 31.22 -39.21
N PHE A 18 8.23 31.34 -38.30
CA PHE A 18 8.40 32.55 -37.53
C PHE A 18 9.80 33.11 -37.68
N TYR A 19 9.89 34.45 -37.59
CA TYR A 19 11.15 35.15 -37.77
C TYR A 19 11.38 36.13 -36.62
N PRO A 20 11.76 35.61 -35.45
CA PRO A 20 11.99 36.49 -34.31
C PRO A 20 13.19 37.41 -34.50
N THR A 21 13.09 38.59 -33.89
CA THR A 21 14.22 39.46 -33.69
C THR A 21 15.10 38.87 -32.59
N MET A 22 16.32 39.35 -32.46
CA MET A 22 17.20 38.92 -31.37
C MET A 22 16.53 39.12 -30.00
N GLU A 23 15.87 40.26 -29.82
CA GLU A 23 15.20 40.57 -28.55
C GLU A 23 14.11 39.56 -28.22
N GLU A 24 13.34 39.16 -29.24
CA GLU A 24 12.28 38.16 -29.07
C GLU A 24 12.86 36.76 -28.90
N PHE A 25 14.00 36.53 -29.56
CA PHE A 25 14.63 35.22 -29.60
C PHE A 25 15.23 34.80 -28.26
N ARG A 26 15.77 35.75 -27.50
CA ARG A 26 16.51 35.43 -26.27
C ARG A 26 15.77 34.56 -25.25
N ASN A 27 14.47 34.74 -25.11
CA ASN A 27 13.72 33.96 -24.13
C ASN A 27 12.91 32.84 -24.79
N PHE A 28 13.46 31.63 -24.70
CA PHE A 28 12.90 30.46 -25.36
C PHE A 28 11.44 30.13 -24.99
N SER A 29 11.18 29.91 -23.70
CA SER A 29 9.82 29.59 -23.25
C SER A 29 8.81 30.67 -23.62
N ARG A 30 9.21 31.94 -23.46
CA ARG A 30 8.28 33.01 -23.76
C ARG A 30 7.92 32.98 -25.24
N TYR A 31 8.90 32.69 -26.08
CA TYR A 31 8.64 32.65 -27.51
C TYR A 31 7.79 31.45 -27.93
N ILE A 32 7.94 30.34 -27.22
CA ILE A 32 7.08 29.19 -27.47
C ILE A 32 5.64 29.54 -27.14
N ALA A 33 5.44 30.28 -26.05
CA ALA A 33 4.10 30.73 -25.68
C ALA A 33 3.56 31.69 -26.74
N TYR A 34 4.44 32.52 -27.29
CA TYR A 34 4.02 33.45 -28.33
C TYR A 34 3.50 32.72 -29.57
N ILE A 35 4.25 31.75 -30.08
CA ILE A 35 3.84 31.08 -31.31
C ILE A 35 2.58 30.25 -31.08
N GLU A 36 2.37 29.78 -29.86
CA GLU A 36 1.12 29.10 -29.56
C GLU A 36 -0.04 30.11 -29.56
N SER A 37 0.22 31.32 -29.08
CA SER A 37 -0.79 32.37 -29.13
C SER A 37 -1.16 32.70 -30.58
N GLN A 38 -0.25 32.40 -31.52
CA GLN A 38 -0.52 32.55 -32.94
C GLN A 38 -1.13 31.29 -33.55
N GLY A 39 -1.29 30.25 -32.75
CA GLY A 39 -1.91 29.01 -33.22
C GLY A 39 -0.98 27.99 -33.87
N ALA A 40 0.33 28.19 -33.75
CA ALA A 40 1.29 27.31 -34.41
C ALA A 40 1.15 25.85 -33.97
N HIS A 41 0.73 25.63 -32.74
CA HIS A 41 0.60 24.29 -32.21
C HIS A 41 -0.44 23.43 -32.92
N ARG A 42 -1.36 24.06 -33.64
CA ARG A 42 -2.46 23.30 -34.24
C ARG A 42 -1.98 22.40 -35.38
N ALA A 43 -0.92 22.83 -36.08
CA ALA A 43 -0.33 22.01 -37.14
C ALA A 43 0.51 20.86 -36.57
N GLY A 44 0.93 21.02 -35.31
CA GLY A 44 1.74 20.01 -34.64
C GLY A 44 3.22 20.17 -34.91
N LEU A 45 3.53 21.14 -35.75
CA LEU A 45 4.89 21.37 -36.22
C LEU A 45 5.03 22.83 -36.67
N ALA A 46 6.10 23.49 -36.26
CA ALA A 46 6.35 24.87 -36.66
C ALA A 46 7.82 25.11 -36.93
N LYS A 47 8.12 26.06 -37.81
CA LYS A 47 9.50 26.40 -38.09
C LYS A 47 9.82 27.72 -37.43
N VAL A 48 11.04 27.84 -36.90
CA VAL A 48 11.52 29.10 -36.39
C VAL A 48 12.88 29.40 -37.01
N VAL A 49 12.94 30.50 -37.77
CA VAL A 49 14.18 30.98 -38.35
C VAL A 49 14.80 32.01 -37.40
N PRO A 50 15.98 31.71 -36.85
CA PRO A 50 16.61 32.62 -35.89
C PRO A 50 17.20 33.83 -36.62
N PRO A 51 17.52 34.90 -35.87
CA PRO A 51 18.12 36.10 -36.46
C PRO A 51 19.41 35.80 -37.19
N LYS A 52 19.66 36.53 -38.27
CA LYS A 52 20.86 36.39 -39.09
C LYS A 52 22.16 36.32 -38.28
N GLU A 53 22.32 37.23 -37.32
CA GLU A 53 23.58 37.37 -36.61
C GLU A 53 23.88 36.18 -35.68
N TRP A 54 22.85 35.40 -35.35
CA TRP A 54 22.99 34.33 -34.37
C TRP A 54 23.57 33.05 -34.95
N LYS A 55 24.58 32.52 -34.27
CA LYS A 55 25.17 31.22 -34.59
C LYS A 55 25.48 30.47 -33.29
N PRO A 56 25.13 29.18 -33.22
CA PRO A 56 25.40 28.42 -31.98
C PRO A 56 26.84 27.94 -31.88
N ARG A 57 27.59 28.07 -32.97
CA ARG A 57 28.96 27.59 -33.02
C ARG A 57 29.71 28.34 -34.10
N ALA A 58 30.97 28.66 -33.84
CA ALA A 58 31.72 29.50 -34.76
C ALA A 58 32.03 28.72 -36.03
N SER A 59 32.39 27.45 -35.85
CA SER A 59 32.81 26.64 -36.97
C SER A 59 32.52 25.16 -36.71
N TYR A 60 32.29 24.41 -37.77
CA TYR A 60 32.05 22.97 -37.63
C TYR A 60 33.21 22.16 -38.19
N ASP A 61 34.38 22.80 -38.28
CA ASP A 61 35.57 22.15 -38.85
C ASP A 61 36.32 21.28 -37.85
N ASP A 62 35.92 21.31 -36.59
CA ASP A 62 36.69 20.61 -35.57
C ASP A 62 36.00 19.37 -35.02
N ILE A 63 35.04 18.81 -35.76
CA ILE A 63 34.26 17.71 -35.23
C ILE A 63 34.42 16.39 -35.99
N ASP A 64 35.40 16.32 -36.88
CA ASP A 64 35.64 15.12 -37.69
C ASP A 64 35.95 13.88 -36.86
N ASP A 65 36.59 14.08 -35.71
CA ASP A 65 37.00 12.97 -34.86
C ASP A 65 35.87 12.54 -33.92
N LEU A 66 34.76 13.28 -33.92
CA LEU A 66 33.61 12.93 -33.09
C LEU A 66 33.08 11.54 -33.44
N VAL A 67 32.76 10.77 -32.41
CA VAL A 67 32.41 9.36 -32.60
C VAL A 67 30.90 9.12 -32.60
N ILE A 68 30.46 8.39 -33.61
CA ILE A 68 29.10 7.88 -33.68
C ILE A 68 29.13 6.43 -33.24
N PRO A 69 28.82 6.16 -31.95
CA PRO A 69 29.06 4.81 -31.41
C PRO A 69 28.16 3.73 -32.01
N ALA A 70 26.95 4.06 -32.43
CA ALA A 70 26.02 3.04 -32.88
C ALA A 70 25.25 3.43 -34.14
N PRO A 71 25.95 3.55 -35.29
CA PRO A 71 25.25 3.92 -36.53
C PRO A 71 24.23 2.85 -36.91
N ILE A 72 23.11 3.24 -37.50
CA ILE A 72 22.12 2.23 -37.87
C ILE A 72 21.87 2.22 -39.38
N GLN A 73 21.88 1.03 -39.95
CA GLN A 73 21.52 0.86 -41.35
C GLN A 73 20.03 0.65 -41.44
N GLN A 74 19.37 1.47 -42.26
CA GLN A 74 17.92 1.45 -42.29
C GLN A 74 17.36 0.59 -43.40
N LEU A 75 16.97 -0.62 -43.06
CA LEU A 75 16.34 -1.51 -44.03
C LEU A 75 14.85 -1.36 -44.02
N VAL A 76 14.30 -1.13 -45.19
CA VAL A 76 12.89 -0.85 -45.32
C VAL A 76 12.21 -1.89 -46.18
N THR A 77 11.13 -2.45 -45.67
CA THR A 77 10.33 -3.41 -46.44
C THR A 77 8.91 -2.89 -46.56
N GLY A 78 8.30 -3.10 -47.72
CA GLY A 78 6.93 -2.67 -47.95
C GLY A 78 6.63 -2.31 -49.40
N GLN A 79 5.43 -1.79 -49.61
CA GLN A 79 4.93 -1.51 -50.95
C GLN A 79 3.67 -0.66 -50.85
N SER A 80 3.28 -0.03 -51.96
CA SER A 80 2.06 0.76 -52.04
C SER A 80 1.96 1.82 -50.94
N GLY A 81 3.08 2.48 -50.65
CA GLY A 81 3.11 3.57 -49.69
C GLY A 81 3.16 3.20 -48.21
N LEU A 82 3.17 1.90 -47.91
CA LEU A 82 3.25 1.43 -46.53
C LEU A 82 4.50 0.60 -46.28
N PHE A 83 5.33 1.05 -45.34
CA PHE A 83 6.58 0.36 -45.10
C PHE A 83 6.89 0.20 -43.62
N THR A 84 7.77 -0.77 -43.35
CA THR A 84 8.33 -0.96 -42.02
C THR A 84 9.85 -0.80 -42.12
N GLN A 85 10.42 -0.08 -41.17
CA GLN A 85 11.85 0.18 -41.15
C GLN A 85 12.53 -0.60 -40.03
N TYR A 86 13.60 -1.31 -40.36
CA TYR A 86 14.36 -2.08 -39.38
C TYR A 86 15.77 -1.52 -39.21
N ASN A 87 16.26 -1.54 -37.98
CA ASN A 87 17.60 -1.05 -37.65
C ASN A 87 18.64 -2.16 -37.56
N ILE A 88 19.67 -2.13 -38.39
CA ILE A 88 20.85 -2.95 -38.09
C ILE A 88 21.96 -2.08 -37.56
N GLN A 89 22.40 -2.39 -36.35
CA GLN A 89 23.47 -1.64 -35.74
C GLN A 89 24.76 -1.97 -36.47
N LYS A 90 25.56 -0.93 -36.74
CA LYS A 90 26.85 -1.09 -37.39
C LYS A 90 27.97 -0.73 -36.41
N LYS A 91 29.21 -0.98 -36.83
CA LYS A 91 30.37 -0.61 -36.04
C LYS A 91 30.44 0.89 -35.86
N ALA A 92 30.92 1.34 -34.71
CA ALA A 92 31.18 2.74 -34.44
C ALA A 92 32.01 3.33 -35.58
N MET A 93 31.76 4.59 -35.89
CA MET A 93 32.60 5.30 -36.84
C MET A 93 32.72 6.77 -36.45
N THR A 94 33.72 7.46 -37.01
CA THR A 94 33.87 8.89 -36.82
C THR A 94 32.98 9.66 -37.78
N VAL A 95 32.79 10.94 -37.50
CA VAL A 95 32.05 11.81 -38.41
C VAL A 95 32.72 11.88 -39.79
N ARG A 96 34.06 11.88 -39.80
CA ARG A 96 34.81 11.87 -41.06
C ARG A 96 34.49 10.63 -41.89
N GLU A 97 34.50 9.47 -41.24
CA GLU A 97 34.20 8.22 -41.94
C GLU A 97 32.77 8.23 -42.46
N PHE A 98 31.84 8.70 -41.63
CA PHE A 98 30.44 8.79 -42.00
C PHE A 98 30.23 9.75 -43.18
N ARG A 99 30.91 10.90 -43.14
CA ARG A 99 30.83 11.88 -44.21
C ARG A 99 31.29 11.31 -45.54
N LYS A 100 32.42 10.60 -45.52
CA LYS A 100 33.00 10.04 -46.73
C LYS A 100 32.01 9.07 -47.37
N ILE A 101 31.37 8.23 -46.54
CA ILE A 101 30.36 7.31 -47.04
C ILE A 101 29.15 8.06 -47.58
N ALA A 102 28.65 9.03 -46.81
CA ALA A 102 27.49 9.82 -47.20
C ALA A 102 27.65 10.49 -48.56
N ASN A 103 28.85 11.00 -48.84
CA ASN A 103 29.09 11.75 -50.07
C ASN A 103 29.61 10.90 -51.22
N SER A 104 29.93 9.65 -50.96
CA SER A 104 30.34 8.73 -52.02
C SER A 104 29.24 8.55 -53.05
N ASP A 105 29.61 8.08 -54.24
CA ASP A 105 28.66 7.90 -55.33
C ASP A 105 27.52 6.94 -54.96
N LYS A 106 27.82 5.93 -54.16
CA LYS A 106 26.81 4.94 -53.79
C LYS A 106 25.65 5.57 -53.00
N TYR A 107 25.96 6.57 -52.18
CA TYR A 107 24.98 7.08 -51.23
C TYR A 107 24.57 8.53 -51.40
N CYS A 108 25.26 9.28 -52.25
CA CYS A 108 25.00 10.72 -52.33
C CYS A 108 23.61 11.05 -52.89
N THR A 109 23.14 12.25 -52.60
CA THR A 109 21.89 12.75 -53.13
C THR A 109 21.83 12.67 -54.66
N PRO A 110 20.70 12.18 -55.21
CA PRO A 110 20.53 12.21 -56.66
C PRO A 110 20.29 13.62 -57.19
N ARG A 111 20.44 13.81 -58.51
CA ARG A 111 20.18 15.09 -59.16
C ARG A 111 18.70 15.47 -59.05
N TYR A 112 18.41 16.74 -58.78
CA TYR A 112 17.02 17.18 -58.69
C TYR A 112 16.85 18.69 -58.85
N SER A 113 15.70 19.09 -59.37
CA SER A 113 15.36 20.50 -59.58
C SER A 113 14.46 21.05 -58.49
N GLU A 114 13.21 20.58 -58.43
CA GLU A 114 12.31 20.97 -57.35
C GLU A 114 12.29 19.90 -56.27
N PHE A 115 11.76 20.25 -55.10
CA PHE A 115 11.61 19.30 -54.00
C PHE A 115 10.74 18.10 -54.41
N GLU A 116 9.67 18.36 -55.16
CA GLU A 116 8.71 17.32 -55.53
C GLU A 116 9.38 16.14 -56.26
N GLU A 117 10.44 16.44 -57.01
CA GLU A 117 11.22 15.40 -57.69
C GLU A 117 12.03 14.57 -56.69
N LEU A 118 12.64 15.23 -55.71
CA LEU A 118 13.44 14.52 -54.71
C LEU A 118 12.53 13.69 -53.81
N GLU A 119 11.38 14.26 -53.48
CA GLU A 119 10.38 13.52 -52.72
C GLU A 119 9.91 12.27 -53.47
N ARG A 120 9.69 12.39 -54.79
CA ARG A 120 9.32 11.24 -55.60
C ARG A 120 10.42 10.18 -55.56
N LYS A 121 11.66 10.61 -55.68
CA LYS A 121 12.77 9.67 -55.69
C LYS A 121 12.86 8.96 -54.34
N TYR A 122 12.64 9.71 -53.27
CA TYR A 122 12.61 9.14 -51.93
C TYR A 122 11.58 8.01 -51.82
N TRP A 123 10.34 8.28 -52.21
CA TRP A 123 9.29 7.30 -52.01
C TRP A 123 9.37 6.13 -53.00
N LYS A 124 10.05 6.36 -54.12
CA LYS A 124 10.27 5.31 -55.10
C LYS A 124 11.43 4.39 -54.68
N ASN A 125 12.40 4.95 -53.97
CA ASN A 125 13.66 4.25 -53.72
C ASN A 125 13.98 3.90 -52.28
N LEU A 126 13.04 4.07 -51.36
CA LEU A 126 13.40 3.94 -49.96
C LEU A 126 13.64 2.49 -49.50
N THR A 127 13.23 1.50 -50.29
CA THR A 127 13.54 0.11 -49.95
C THR A 127 14.86 -0.33 -50.56
N PHE A 128 15.47 0.51 -51.38
CA PHE A 128 16.72 0.13 -52.07
C PHE A 128 17.93 0.76 -51.42
N ASN A 129 19.08 0.11 -51.59
CA ASN A 129 20.36 0.66 -51.17
C ASN A 129 20.32 1.29 -49.77
N PRO A 130 19.99 0.48 -48.74
CA PRO A 130 19.72 1.01 -47.39
C PRO A 130 20.86 1.86 -46.83
N PRO A 131 20.54 3.10 -46.43
CA PRO A 131 21.55 4.04 -45.97
C PRO A 131 21.88 3.89 -44.49
N ILE A 132 22.89 4.61 -44.03
CA ILE A 132 23.32 4.55 -42.64
C ILE A 132 23.06 5.89 -41.98
N TYR A 133 22.39 5.85 -40.84
CA TYR A 133 22.00 7.06 -40.12
C TYR A 133 22.70 7.11 -38.78
N GLY A 134 23.50 8.16 -38.55
CA GLY A 134 24.14 8.33 -37.26
C GLY A 134 23.23 9.03 -36.27
N ALA A 135 22.18 8.32 -35.85
CA ALA A 135 21.12 8.90 -35.03
C ALA A 135 21.32 8.66 -33.53
N ASP A 136 20.64 9.49 -32.74
CA ASP A 136 20.59 9.35 -31.27
C ASP A 136 21.95 9.36 -30.59
N VAL A 137 22.84 10.21 -31.08
CA VAL A 137 24.17 10.37 -30.50
C VAL A 137 24.11 11.38 -29.36
N ASN A 138 24.41 10.95 -28.14
CA ASN A 138 24.50 11.89 -27.01
C ASN A 138 25.50 12.98 -27.33
N GLY A 139 25.10 14.23 -27.14
CA GLY A 139 26.00 15.34 -27.36
C GLY A 139 25.34 16.63 -27.81
N THR A 140 26.15 17.68 -27.86
CA THR A 140 25.73 18.98 -28.32
C THR A 140 26.82 19.59 -29.17
N LEU A 141 26.45 20.45 -30.11
CA LEU A 141 27.43 21.17 -30.89
C LEU A 141 27.36 22.65 -30.55
N TYR A 142 26.55 22.99 -29.55
CA TYR A 142 26.53 24.35 -29.03
C TYR A 142 27.81 24.62 -28.26
N GLU A 143 28.45 25.76 -28.54
CA GLU A 143 29.48 26.27 -27.66
C GLU A 143 28.90 26.56 -26.26
N LYS A 144 29.69 26.33 -25.22
CA LYS A 144 29.20 26.34 -23.82
C LYS A 144 28.54 27.65 -23.37
N HIS A 145 28.78 28.71 -24.13
CA HIS A 145 28.35 30.07 -23.77
C HIS A 145 27.12 30.61 -24.47
N VAL A 146 26.57 29.85 -25.39
CA VAL A 146 25.42 30.29 -26.13
C VAL A 146 24.18 30.15 -25.26
N ASP A 147 23.57 31.27 -24.90
CA ASP A 147 22.48 31.24 -23.94
C ASP A 147 21.10 31.26 -24.61
N GLU A 148 21.07 31.34 -25.94
CA GLU A 148 19.78 31.39 -26.63
C GLU A 148 19.44 30.04 -27.23
N TRP A 149 18.27 29.51 -26.87
CA TRP A 149 17.78 28.27 -27.43
C TRP A 149 18.82 27.15 -27.35
N ASN A 150 19.53 27.11 -26.23
CA ASN A 150 20.55 26.08 -26.03
C ASN A 150 19.88 24.75 -25.70
N ILE A 151 19.84 23.88 -26.70
CA ILE A 151 19.14 22.60 -26.63
C ILE A 151 19.69 21.68 -25.51
N GLY A 152 20.92 21.91 -25.10
CA GLY A 152 21.50 21.16 -24.00
C GLY A 152 20.98 21.55 -22.62
N ARG A 153 20.42 22.76 -22.51
CA ARG A 153 19.96 23.26 -21.20
C ARG A 153 18.81 24.27 -21.31
N LEU A 154 17.66 23.82 -21.80
CA LEU A 154 16.52 24.73 -22.01
C LEU A 154 15.80 25.13 -20.73
N ARG A 155 16.06 24.38 -19.65
CA ARG A 155 15.54 24.70 -18.32
C ARG A 155 14.02 24.94 -18.29
N THR A 156 13.25 24.08 -18.95
CA THR A 156 11.80 24.18 -18.85
C THR A 156 11.33 23.33 -17.68
N ILE A 157 10.02 23.31 -17.43
CA ILE A 157 9.52 22.55 -16.30
C ILE A 157 9.76 21.04 -16.45
N LEU A 158 10.13 20.61 -17.65
CA LEU A 158 10.51 19.21 -17.85
C LEU A 158 11.65 18.79 -16.93
N ASP A 159 12.48 19.75 -16.52
CA ASP A 159 13.61 19.51 -15.62
C ASP A 159 13.19 18.93 -14.27
N LEU A 160 11.92 19.12 -13.91
CA LEU A 160 11.39 18.52 -12.69
C LEU A 160 11.51 17.00 -12.69
N VAL A 161 11.66 16.41 -13.87
CA VAL A 161 11.93 14.98 -13.99
C VAL A 161 13.34 14.67 -13.52
N GLU A 170 22.46 11.75 -19.40
CA GLU A 170 21.62 11.44 -20.54
C GLU A 170 20.15 11.27 -20.17
N GLY A 171 19.27 11.91 -20.92
CA GLY A 171 17.86 11.76 -20.67
C GLY A 171 16.93 12.42 -21.66
N VAL A 172 15.75 12.71 -21.14
CA VAL A 172 14.64 13.19 -21.92
C VAL A 172 14.83 14.69 -22.17
N ASN A 173 15.64 15.32 -21.32
CA ASN A 173 15.96 16.74 -21.50
C ASN A 173 17.45 16.95 -21.85
N THR A 174 18.14 15.89 -22.27
CA THR A 174 19.53 16.03 -22.68
C THR A 174 19.66 16.00 -24.23
N PRO A 175 20.75 16.57 -24.78
CA PRO A 175 20.76 16.77 -26.24
C PRO A 175 21.20 15.55 -27.06
N TYR A 176 20.64 15.43 -28.26
CA TYR A 176 20.96 14.33 -29.16
C TYR A 176 21.35 14.84 -30.54
N LEU A 177 22.35 14.21 -31.13
CA LEU A 177 22.77 14.55 -32.47
C LEU A 177 22.31 13.49 -33.47
N TYR A 178 22.00 13.97 -34.68
CA TYR A 178 21.59 13.13 -35.80
C TYR A 178 22.43 13.45 -37.02
N PHE A 179 23.31 12.54 -37.40
CA PHE A 179 24.10 12.71 -38.61
C PHE A 179 23.45 11.96 -39.75
N GLY A 180 22.91 12.71 -40.70
CA GLY A 180 22.12 12.13 -41.77
C GLY A 180 22.86 11.99 -43.09
N MET A 181 22.34 11.09 -43.92
CA MET A 181 22.73 11.03 -45.33
C MET A 181 21.45 10.86 -46.13
N TRP A 182 21.55 11.00 -47.45
CA TRP A 182 20.40 10.93 -48.33
C TRP A 182 19.57 9.70 -48.00
N LYS A 183 18.26 9.93 -47.86
CA LYS A 183 17.27 8.87 -47.81
C LYS A 183 17.17 8.22 -46.42
N THR A 184 17.90 8.74 -45.43
CA THR A 184 17.69 8.27 -44.06
C THR A 184 16.39 8.87 -43.58
N SER A 185 15.68 8.14 -42.74
CA SER A 185 14.30 8.51 -42.43
C SER A 185 14.01 8.56 -40.94
N PHE A 186 12.98 9.32 -40.58
CA PHE A 186 12.37 9.11 -39.28
C PHE A 186 10.90 8.81 -39.49
N ALA A 187 10.45 7.77 -38.80
CA ALA A 187 9.13 7.22 -39.01
C ALA A 187 8.08 7.99 -38.25
N TRP A 188 6.82 7.70 -38.57
CA TRP A 188 5.68 8.35 -37.92
C TRP A 188 5.63 8.10 -36.43
N HIS A 189 5.62 9.18 -35.66
CA HIS A 189 5.62 9.10 -34.22
C HIS A 189 5.21 10.41 -33.57
N THR A 190 4.77 10.32 -32.32
CA THR A 190 4.80 11.47 -31.44
C THR A 190 5.98 11.26 -30.51
N GLU A 191 6.37 12.31 -29.79
CA GLU A 191 7.48 12.20 -28.84
C GLU A 191 7.13 11.31 -27.65
N ASP A 192 8.15 10.89 -26.91
CA ASP A 192 7.93 10.19 -25.65
C ASP A 192 7.03 11.02 -24.76
N MET A 193 6.08 10.37 -24.10
CA MET A 193 5.13 11.02 -23.19
C MET A 193 4.41 12.19 -23.88
N ASP A 194 4.36 12.16 -25.20
CA ASP A 194 3.80 13.22 -26.05
C ASP A 194 4.32 14.62 -25.68
N LEU A 195 5.61 14.67 -25.38
CA LEU A 195 6.28 15.93 -25.10
C LEU A 195 6.41 16.83 -26.34
N TYR A 196 6.87 18.06 -26.13
CA TYR A 196 7.34 18.90 -27.22
C TYR A 196 8.72 18.38 -27.66
N SER A 197 9.15 18.78 -28.84
CA SER A 197 10.56 18.59 -29.19
C SER A 197 11.09 19.80 -29.96
N ILE A 198 12.41 19.99 -29.91
CA ILE A 198 13.08 21.04 -30.65
C ILE A 198 14.18 20.42 -31.49
N ASN A 199 14.29 20.84 -32.75
CA ASN A 199 15.27 20.30 -33.69
C ASN A 199 15.99 21.43 -34.37
N TYR A 200 17.31 21.47 -34.23
CA TYR A 200 18.08 22.48 -34.92
C TYR A 200 18.98 21.80 -35.93
N LEU A 201 18.91 22.26 -37.17
CA LEU A 201 19.77 21.72 -38.22
C LEU A 201 21.04 22.54 -38.26
N HIS A 202 22.11 21.99 -37.68
CA HIS A 202 23.39 22.69 -37.60
C HIS A 202 23.98 23.00 -38.97
N PHE A 203 24.05 22.00 -39.84
CA PHE A 203 24.64 22.19 -41.16
C PHE A 203 24.24 21.11 -42.14
N GLY A 204 24.66 21.30 -43.39
CA GLY A 204 24.51 20.28 -44.40
C GLY A 204 23.23 20.43 -45.19
N GLU A 205 22.85 19.36 -45.87
CA GLU A 205 21.68 19.32 -46.73
C GLU A 205 20.38 19.33 -45.91
N PRO A 206 19.26 19.68 -46.55
CA PRO A 206 18.01 19.81 -45.78
C PRO A 206 17.45 18.53 -45.17
N LYS A 207 16.51 18.74 -44.26
CA LYS A 207 15.71 17.67 -43.69
C LYS A 207 14.24 18.01 -43.97
N SER A 208 13.50 17.10 -44.61
CA SER A 208 12.09 17.37 -44.90
C SER A 208 11.16 16.66 -43.90
N TRP A 209 10.06 17.33 -43.58
CA TRP A 209 9.14 16.88 -42.55
C TRP A 209 7.72 16.68 -43.06
N TYR A 210 7.01 15.71 -42.49
CA TYR A 210 5.57 15.60 -42.67
C TYR A 210 4.92 15.71 -41.31
N SER A 211 3.72 16.28 -41.23
CA SER A 211 3.07 16.42 -39.94
C SER A 211 1.56 16.27 -40.03
N VAL A 212 0.98 15.67 -38.99
CA VAL A 212 -0.47 15.59 -38.87
C VAL A 212 -0.90 16.40 -37.66
N PRO A 213 -1.87 17.32 -37.84
CA PRO A 213 -2.38 18.11 -36.71
C PRO A 213 -2.79 17.22 -35.55
N PRO A 214 -2.42 17.61 -34.32
CA PRO A 214 -2.84 16.84 -33.14
C PRO A 214 -4.34 16.55 -33.13
N GLU A 215 -5.16 17.46 -33.62
CA GLU A 215 -6.61 17.25 -33.57
C GLU A 215 -7.05 16.15 -34.53
N HIS A 216 -6.14 15.67 -35.37
CA HIS A 216 -6.45 14.56 -36.28
C HIS A 216 -5.56 13.34 -36.05
N GLY A 217 -4.78 13.38 -34.97
CA GLY A 217 -3.84 12.32 -34.68
C GLY A 217 -4.42 10.92 -34.58
N LYS A 218 -5.60 10.78 -33.99
CA LYS A 218 -6.11 9.43 -33.80
C LYS A 218 -6.67 8.87 -35.10
N ARG A 219 -6.96 9.74 -36.08
CA ARG A 219 -7.32 9.24 -37.40
C ARG A 219 -6.09 8.60 -38.08
N LEU A 220 -4.90 9.15 -37.85
CA LEU A 220 -3.68 8.49 -38.32
C LEU A 220 -3.46 7.17 -37.58
N GLU A 221 -3.76 7.14 -36.29
CA GLU A 221 -3.59 5.91 -35.50
C GLU A 221 -4.54 4.81 -36.00
N ARG A 222 -5.78 5.21 -36.26
CA ARG A 222 -6.81 4.29 -36.72
C ARG A 222 -6.37 3.64 -38.04
N LEU A 223 -5.90 4.46 -38.97
CA LEU A 223 -5.41 3.95 -40.24
C LEU A 223 -4.22 3.00 -40.07
N ALA A 224 -3.24 3.42 -39.27
CA ALA A 224 -2.06 2.61 -39.02
C ALA A 224 -2.48 1.27 -38.44
N LYS A 225 -3.42 1.32 -37.49
CA LYS A 225 -3.96 0.13 -36.85
C LYS A 225 -4.57 -0.81 -37.88
N GLY A 226 -5.29 -0.24 -38.84
CA GLY A 226 -5.89 -1.03 -39.90
C GLY A 226 -4.89 -1.68 -40.82
N PHE A 227 -3.76 -1.02 -41.06
CA PHE A 227 -2.78 -1.54 -42.00
C PHE A 227 -1.79 -2.49 -41.33
N PHE A 228 -1.64 -2.37 -40.02
CA PHE A 228 -0.72 -3.23 -39.29
C PHE A 228 -1.39 -3.83 -38.07
N PRO A 229 -2.40 -4.69 -38.30
CA PRO A 229 -3.23 -5.23 -37.21
C PRO A 229 -2.44 -6.13 -36.28
N GLY A 230 -1.44 -6.82 -36.80
CA GLY A 230 -0.57 -7.64 -35.99
C GLY A 230 0.19 -6.81 -34.98
N SER A 231 0.77 -5.70 -35.45
CA SER A 231 1.53 -4.81 -34.59
C SER A 231 0.61 -4.18 -33.55
N ALA A 232 -0.60 -3.84 -33.97
CA ALA A 232 -1.56 -3.20 -33.08
C ALA A 232 -1.96 -4.15 -31.95
N GLN A 233 -2.16 -5.43 -32.29
CA GLN A 233 -2.53 -6.42 -31.29
C GLN A 233 -1.43 -6.61 -30.25
N SER A 234 -0.17 -6.56 -30.68
CA SER A 234 0.96 -6.81 -29.79
C SER A 234 1.41 -5.60 -28.96
N CYS A 235 0.96 -4.40 -29.32
CA CYS A 235 1.32 -3.21 -28.57
C CYS A 235 0.29 -2.09 -28.75
N GLU A 236 -0.10 -1.47 -27.64
CA GLU A 236 -1.14 -0.43 -27.66
C GLU A 236 -0.66 0.89 -28.28
N ALA A 237 0.64 0.98 -28.55
CA ALA A 237 1.22 2.18 -29.13
C ALA A 237 2.43 1.84 -30.00
N PHE A 238 2.24 0.94 -30.96
CA PHE A 238 3.36 0.44 -31.75
C PHE A 238 4.07 1.51 -32.60
N LEU A 239 3.38 2.62 -32.91
CA LEU A 239 4.03 3.73 -33.62
C LEU A 239 5.23 4.28 -32.85
N ARG A 240 5.20 4.17 -31.53
CA ARG A 240 6.34 4.63 -30.71
C ARG A 240 7.61 3.84 -31.00
N HIS A 241 7.47 2.69 -31.68
CA HIS A 241 8.66 1.92 -32.07
C HIS A 241 9.44 2.63 -33.17
N LYS A 242 8.79 3.59 -33.83
CA LYS A 242 9.39 4.40 -34.89
C LYS A 242 9.86 3.52 -36.06
N MET A 243 8.99 2.60 -36.46
CA MET A 243 9.28 1.67 -37.53
C MET A 243 8.33 1.85 -38.71
N THR A 244 7.30 2.68 -38.54
CA THR A 244 6.24 2.75 -39.54
C THR A 244 6.35 3.95 -40.47
N LEU A 245 6.53 3.67 -41.76
CA LEU A 245 6.59 4.71 -42.78
C LEU A 245 5.33 4.68 -43.65
N ILE A 246 4.73 5.85 -43.83
CA ILE A 246 3.50 5.97 -44.58
C ILE A 246 3.62 7.17 -45.51
N SER A 247 3.44 6.94 -46.80
CA SER A 247 3.65 7.98 -47.80
C SER A 247 2.53 9.02 -47.76
N PRO A 248 2.81 10.25 -48.23
CA PRO A 248 1.76 11.27 -48.30
C PRO A 248 0.62 10.86 -49.22
N LEU A 249 0.89 10.09 -50.27
CA LEU A 249 -0.17 9.63 -51.16
C LEU A 249 -1.18 8.79 -50.38
N MET A 250 -0.70 7.91 -49.50
CA MET A 250 -1.60 7.13 -48.67
C MET A 250 -2.43 8.01 -47.73
N LEU A 251 -1.80 9.03 -47.17
CA LEU A 251 -2.54 9.96 -46.31
C LEU A 251 -3.62 10.70 -47.10
N LYS A 252 -3.30 11.12 -48.32
CA LYS A 252 -4.28 11.76 -49.18
C LYS A 252 -5.42 10.81 -49.49
N LYS A 253 -5.09 9.59 -49.87
CA LYS A 253 -6.10 8.58 -50.23
C LYS A 253 -7.09 8.35 -49.09
N TYR A 254 -6.61 8.37 -47.86
CA TYR A 254 -7.47 8.00 -46.74
C TYR A 254 -7.94 9.21 -45.96
N GLY A 255 -7.73 10.39 -46.55
CA GLY A 255 -8.31 11.61 -46.03
C GLY A 255 -7.69 12.11 -44.73
N ILE A 256 -6.49 11.66 -44.40
CA ILE A 256 -5.79 12.21 -43.24
C ILE A 256 -5.20 13.58 -43.61
N PRO A 257 -5.62 14.66 -42.93
CA PRO A 257 -4.98 15.95 -43.22
C PRO A 257 -3.53 15.94 -42.76
N PHE A 258 -2.67 16.62 -43.49
CA PHE A 258 -1.24 16.68 -43.18
C PHE A 258 -0.61 17.86 -43.89
N ASP A 259 0.62 18.18 -43.52
CA ASP A 259 1.35 19.26 -44.18
C ASP A 259 2.81 18.88 -44.37
N LYS A 260 3.47 19.54 -45.31
CA LYS A 260 4.89 19.31 -45.61
C LYS A 260 5.69 20.56 -45.31
N VAL A 261 6.92 20.37 -44.86
CA VAL A 261 7.85 21.50 -44.82
C VAL A 261 9.27 20.99 -44.90
N THR A 262 10.13 21.80 -45.51
CA THR A 262 11.55 21.48 -45.63
C THR A 262 12.36 22.41 -44.72
N GLN A 263 13.21 21.79 -43.90
CA GLN A 263 14.05 22.50 -42.94
C GLN A 263 15.47 22.66 -43.50
N GLU A 264 15.95 23.89 -43.57
CA GLU A 264 17.30 24.14 -44.08
C GLU A 264 18.28 24.42 -42.94
N ALA A 265 19.57 24.35 -43.24
CA ALA A 265 20.61 24.63 -42.27
C ALA A 265 20.35 25.97 -41.60
N GLY A 266 20.52 26.02 -40.29
CA GLY A 266 20.31 27.23 -39.53
C GLY A 266 18.89 27.41 -39.02
N GLU A 267 18.02 26.42 -39.24
CA GLU A 267 16.62 26.58 -38.84
C GLU A 267 16.18 25.60 -37.74
N PHE A 268 15.27 26.06 -36.89
CA PHE A 268 14.65 25.23 -35.86
C PHE A 268 13.30 24.66 -36.29
N MET A 269 13.05 23.41 -35.93
CA MET A 269 11.70 22.88 -35.98
C MET A 269 11.21 22.59 -34.56
N ILE A 270 9.99 23.01 -34.26
CA ILE A 270 9.34 22.65 -33.00
C ILE A 270 8.22 21.64 -33.29
N THR A 271 8.20 20.52 -32.58
CA THR A 271 7.02 19.66 -32.63
C THR A 271 6.25 19.86 -31.33
N PHE A 272 4.93 19.73 -31.42
CA PHE A 272 4.05 20.00 -30.29
C PHE A 272 3.44 18.72 -29.75
N PRO A 273 2.91 18.75 -28.51
CA PRO A 273 2.36 17.54 -27.92
C PRO A 273 1.34 16.85 -28.81
N TYR A 274 1.50 15.54 -28.96
CA TYR A 274 0.64 14.70 -29.75
C TYR A 274 0.64 15.13 -31.23
N GLY A 275 1.73 15.75 -31.66
CA GLY A 275 1.91 16.08 -33.07
C GLY A 275 2.71 15.01 -33.78
N TYR A 276 2.02 14.19 -34.58
CA TYR A 276 2.67 13.13 -35.33
C TYR A 276 3.53 13.71 -36.44
N HIS A 277 4.75 13.21 -36.58
CA HIS A 277 5.62 13.65 -37.67
C HIS A 277 6.52 12.54 -38.16
N ALA A 278 6.98 12.71 -39.40
CA ALA A 278 7.90 11.80 -40.07
C ALA A 278 8.66 12.59 -41.13
N GLY A 279 9.75 12.01 -41.63
CA GLY A 279 10.46 12.67 -42.71
C GLY A 279 11.75 12.01 -43.13
N PHE A 280 12.58 12.76 -43.83
CA PHE A 280 13.82 12.22 -44.35
C PHE A 280 14.87 13.30 -44.55
N ASN A 281 16.12 12.87 -44.69
CA ASN A 281 17.22 13.77 -44.97
C ASN A 281 17.55 13.81 -46.45
N HIS A 282 17.97 14.98 -46.94
CA HIS A 282 18.30 15.16 -48.35
C HIS A 282 19.72 14.71 -48.69
N GLY A 283 20.61 14.80 -47.70
CA GLY A 283 22.00 14.42 -47.90
C GLY A 283 22.74 14.55 -46.59
N PHE A 284 24.06 14.61 -46.66
CA PHE A 284 24.86 14.75 -45.45
C PHE A 284 24.45 15.99 -44.67
N ASN A 285 24.10 15.79 -43.40
CA ASN A 285 23.73 16.87 -42.51
C ASN A 285 23.84 16.47 -41.05
N CYS A 286 23.64 17.44 -40.15
CA CYS A 286 23.69 17.19 -38.72
C CYS A 286 22.64 17.99 -38.00
N ALA A 287 21.85 17.31 -37.16
CA ALA A 287 20.80 17.97 -36.40
C ALA A 287 20.95 17.70 -34.90
N GLU A 288 20.54 18.67 -34.08
CA GLU A 288 20.53 18.50 -32.64
C GLU A 288 19.10 18.63 -32.08
N SER A 289 18.77 17.78 -31.12
CA SER A 289 17.39 17.70 -30.65
C SER A 289 17.26 17.31 -29.18
N THR A 290 16.19 17.78 -28.55
CA THR A 290 15.82 17.33 -27.21
C THR A 290 14.32 17.49 -27.01
N ASN A 291 13.80 16.95 -25.91
CA ASN A 291 12.42 17.20 -25.54
C ASN A 291 12.33 18.32 -24.50
N PHE A 292 11.21 19.04 -24.51
CA PHE A 292 10.92 20.01 -23.45
C PHE A 292 9.43 20.02 -23.16
N ALA A 293 9.04 20.81 -22.16
CA ALA A 293 7.64 20.90 -21.77
C ALA A 293 7.19 22.34 -21.50
N THR A 294 5.87 22.53 -21.58
CA THR A 294 5.20 23.69 -21.04
C THR A 294 4.14 23.20 -20.07
N ARG A 295 3.44 24.11 -19.41
CA ARG A 295 2.36 23.72 -18.50
C ARG A 295 1.27 22.92 -19.25
N ARG A 296 1.00 23.29 -20.50
CA ARG A 296 0.00 22.62 -21.32
C ARG A 296 0.30 21.13 -21.51
N TRP A 297 1.57 20.78 -21.52
CA TRP A 297 1.96 19.40 -21.78
C TRP A 297 1.45 18.43 -20.70
N ILE A 298 1.35 18.92 -19.47
CA ILE A 298 1.06 18.08 -18.32
C ILE A 298 -0.15 17.17 -18.56
N GLU A 299 -1.24 17.72 -19.10
CA GLU A 299 -2.43 16.91 -19.36
C GLU A 299 -2.13 15.84 -20.43
N TYR A 300 -1.43 16.23 -21.49
CA TYR A 300 -0.97 15.26 -22.50
C TYR A 300 -0.15 14.14 -21.86
N GLY A 301 0.74 14.48 -20.93
CA GLY A 301 1.57 13.49 -20.26
C GLY A 301 0.77 12.53 -19.41
N LYS A 302 -0.29 13.03 -18.79
CA LYS A 302 -1.19 12.19 -18.00
C LYS A 302 -1.95 11.19 -18.87
N GLN A 303 -2.26 11.60 -20.10
CA GLN A 303 -3.13 10.79 -20.95
C GLN A 303 -2.39 10.02 -22.04
N ALA A 304 -1.06 10.11 -22.04
CA ALA A 304 -0.29 9.49 -23.10
C ALA A 304 -0.43 7.98 -23.10
N VAL A 305 -0.67 7.40 -24.28
CA VAL A 305 -0.78 5.95 -24.42
C VAL A 305 0.60 5.41 -24.72
N LEU A 306 1.13 4.59 -23.81
CA LEU A 306 2.53 4.20 -23.86
C LEU A 306 2.74 2.81 -24.45
N CYS A 307 3.97 2.55 -24.91
CA CYS A 307 4.34 1.23 -25.42
C CYS A 307 4.26 0.19 -24.31
N SER A 308 3.53 -0.88 -24.59
CA SER A 308 3.27 -1.90 -23.59
C SER A 308 4.15 -3.14 -23.74
N CYS A 309 4.90 -3.20 -24.83
CA CYS A 309 5.57 -4.43 -25.23
C CYS A 309 7.07 -4.43 -25.00
N ARG A 310 7.62 -3.28 -24.67
CA ARG A 310 9.04 -3.27 -24.31
C ARG A 310 9.23 -2.57 -22.98
N LYS A 311 9.99 -3.24 -22.14
CA LYS A 311 10.27 -2.79 -20.80
C LYS A 311 11.09 -1.51 -20.79
N ASP A 312 11.92 -1.36 -21.83
CA ASP A 312 12.92 -0.29 -21.90
C ASP A 312 12.42 1.10 -22.32
N MET A 313 11.12 1.26 -22.59
CA MET A 313 10.72 2.54 -23.17
C MET A 313 10.54 3.66 -22.14
N VAL A 314 10.47 4.88 -22.65
CA VAL A 314 10.54 6.07 -21.81
C VAL A 314 9.22 6.39 -21.14
N LYS A 315 9.27 6.45 -19.83
CA LYS A 315 8.08 6.61 -19.01
C LYS A 315 8.38 7.60 -17.90
N ILE A 316 7.58 8.64 -17.80
CA ILE A 316 7.79 9.66 -16.81
C ILE A 316 6.70 9.58 -15.76
N SER A 317 7.08 9.67 -14.50
CA SER A 317 6.12 9.76 -13.42
C SER A 317 5.52 11.15 -13.41
N MET A 318 4.21 11.24 -13.58
CA MET A 318 3.54 12.53 -13.71
C MET A 318 3.17 13.14 -12.37
N ASP A 319 3.38 12.39 -11.29
CA ASP A 319 2.99 12.80 -9.95
C ASP A 319 3.53 14.17 -9.58
N VAL A 320 4.84 14.37 -9.72
CA VAL A 320 5.48 15.64 -9.38
C VAL A 320 4.84 16.81 -10.14
N PHE A 321 4.42 16.57 -11.38
CA PHE A 321 3.82 17.63 -12.20
C PHE A 321 2.39 17.94 -11.78
N VAL A 322 1.65 16.90 -11.41
CA VAL A 322 0.27 17.10 -10.98
C VAL A 322 0.27 17.76 -9.59
N ARG A 323 1.13 17.28 -8.70
CA ARG A 323 1.22 17.88 -7.37
C ARG A 323 1.54 19.37 -7.45
N LYS A 324 2.49 19.76 -8.29
CA LYS A 324 2.94 21.15 -8.33
C LYS A 324 1.99 22.07 -9.10
N PHE A 325 1.50 21.64 -10.26
CA PHE A 325 0.73 22.54 -11.13
C PHE A 325 -0.77 22.22 -11.18
N GLN A 326 -1.18 21.11 -10.59
CA GLN A 326 -2.60 20.76 -10.51
C GLN A 326 -2.97 20.22 -9.13
N PRO A 327 -2.61 20.95 -8.06
CA PRO A 327 -2.80 20.38 -6.71
C PRO A 327 -4.26 20.08 -6.40
N GLU A 328 -5.16 20.89 -6.95
CA GLU A 328 -6.60 20.71 -6.71
C GLU A 328 -7.13 19.41 -7.30
N ARG A 329 -6.44 18.87 -8.30
CA ARG A 329 -6.90 17.67 -8.99
C ARG A 329 -6.13 16.42 -8.59
N TYR A 330 -5.15 16.56 -7.72
CA TYR A 330 -4.23 15.45 -7.44
C TYR A 330 -4.91 14.18 -6.91
N LYS A 331 -5.69 14.31 -5.85
CA LYS A 331 -6.36 13.15 -5.26
C LYS A 331 -7.37 12.55 -6.25
N LEU A 332 -8.04 13.42 -7.00
CA LEU A 332 -8.99 12.99 -8.02
C LEU A 332 -8.30 12.16 -9.10
N TRP A 333 -7.17 12.68 -9.57
CA TRP A 333 -6.39 12.01 -10.60
C TRP A 333 -5.83 10.67 -10.11
N LYS A 334 -5.38 10.62 -8.86
CA LYS A 334 -4.79 9.41 -8.31
C LYS A 334 -5.85 8.33 -8.06
N ALA A 335 -7.11 8.73 -8.03
CA ALA A 335 -8.22 7.80 -7.87
C ALA A 335 -8.82 7.41 -9.22
N GLY A 336 -8.14 7.76 -10.30
CA GLY A 336 -8.58 7.41 -11.65
C GLY A 336 -9.87 8.07 -12.09
N LYS A 337 -10.19 9.24 -11.57
CA LYS A 337 -11.45 9.89 -11.95
C LYS A 337 -11.23 11.27 -12.62
N ASP A 338 -9.99 11.64 -12.88
CA ASP A 338 -9.77 12.88 -13.65
C ASP A 338 -10.21 12.65 -15.11
N ASN A 339 -11.35 13.20 -15.50
CA ASN A 339 -11.78 12.99 -16.90
C ASN A 339 -11.64 14.21 -17.78
N THR A 340 -10.62 15.01 -17.48
CA THR A 340 -10.30 16.15 -18.32
C THR A 340 -10.19 15.72 -19.78
N VAL A 341 -10.86 16.45 -20.66
CA VAL A 341 -10.75 16.22 -22.08
C VAL A 341 -9.83 17.27 -22.68
N ILE A 342 -8.82 16.82 -23.41
CA ILE A 342 -7.87 17.75 -24.04
C ILE A 342 -8.50 18.41 -25.26
N ASP A 343 -8.41 19.73 -25.31
CA ASP A 343 -8.75 20.52 -26.48
C ASP A 343 -7.45 20.93 -27.15
N HIS A 344 -7.13 20.27 -28.26
CA HIS A 344 -5.86 20.50 -28.95
C HIS A 344 -5.70 21.90 -29.53
N THR A 345 -6.79 22.67 -29.58
CA THR A 345 -6.73 24.01 -30.15
C THR A 345 -6.30 25.07 -29.14
N LEU A 346 -6.41 24.77 -27.85
CA LEU A 346 -6.06 25.72 -26.80
C LEU A 346 -4.56 25.94 -26.67
N PRO A 347 -4.12 27.21 -26.69
CA PRO A 347 -2.72 27.49 -26.38
C PRO A 347 -2.40 27.23 -24.91
N THR A 348 -1.11 27.17 -24.58
CA THR A 348 -0.65 26.97 -23.22
C THR A 348 -0.95 28.22 -22.39
N PRO A 349 -1.28 28.05 -21.09
CA PRO A 349 -1.61 29.18 -20.20
C PRO A 349 -0.61 30.34 -20.26
N GLU A 350 0.68 30.01 -20.41
CA GLU A 350 1.73 31.01 -20.48
C GLU A 350 1.52 32.00 -21.63
N ALA A 351 0.65 31.64 -22.57
CA ALA A 351 0.38 32.49 -23.72
C ALA A 351 -0.65 33.57 -23.41
N ALA A 352 -1.21 33.54 -22.20
CA ALA A 352 -2.28 34.46 -21.82
C ALA A 352 -1.91 35.92 -22.10
N GLU A 353 -0.69 36.30 -21.75
CA GLU A 353 -0.26 37.70 -21.88
C GLU A 353 -0.25 38.20 -23.33
N PHE A 354 -0.22 37.28 -24.31
CA PHE A 354 -0.25 37.72 -25.70
C PHE A 354 -1.67 37.75 -26.27
N LEU A 355 -2.65 37.42 -25.44
CA LEU A 355 -4.04 37.38 -25.89
C LEU A 355 -4.86 38.51 -25.28
N LYS A 356 -4.24 39.30 -24.41
CA LYS A 356 -4.92 40.41 -23.73
C LYS A 356 -4.96 41.67 -24.59
N LEU B 9 -35.86 -11.47 -15.29
CA LEU B 9 -34.40 -11.34 -15.20
C LEU B 9 -33.70 -12.59 -15.75
N ASN B 10 -33.10 -12.41 -16.94
CA ASN B 10 -32.59 -13.48 -17.80
C ASN B 10 -33.60 -14.63 -18.04
N PRO B 11 -34.76 -14.29 -18.62
CA PRO B 11 -35.87 -15.25 -18.81
C PRO B 11 -35.54 -16.34 -19.83
N SER B 12 -34.60 -15.98 -20.70
CA SER B 12 -33.95 -16.87 -21.66
C SER B 12 -33.14 -18.00 -21.01
N ALA B 13 -32.60 -17.71 -19.82
CA ALA B 13 -31.62 -18.57 -19.14
C ALA B 13 -30.41 -18.89 -20.04
N ARG B 14 -29.98 -17.89 -20.83
CA ARG B 14 -28.78 -18.01 -21.66
C ARG B 14 -27.51 -17.68 -20.89
N ILE B 15 -26.37 -18.19 -21.36
CA ILE B 15 -25.09 -17.92 -20.73
C ILE B 15 -24.68 -16.46 -20.91
N MET B 16 -24.40 -15.78 -19.81
CA MET B 16 -24.03 -14.38 -19.84
C MET B 16 -22.53 -14.19 -19.72
N THR B 17 -22.04 -13.05 -20.21
CA THR B 17 -20.63 -12.71 -20.18
C THR B 17 -20.46 -11.35 -19.55
N PHE B 18 -19.49 -11.21 -18.66
CA PHE B 18 -19.30 -9.97 -17.93
C PHE B 18 -17.89 -9.39 -18.10
N TYR B 19 -17.81 -8.06 -18.10
CA TYR B 19 -16.54 -7.38 -18.29
C TYR B 19 -16.29 -6.38 -17.17
N PRO B 20 -15.88 -6.88 -15.99
CA PRO B 20 -15.67 -5.98 -14.86
C PRO B 20 -14.48 -5.06 -15.06
N THR B 21 -14.59 -3.86 -14.50
CA THR B 21 -13.46 -2.97 -14.34
C THR B 21 -12.57 -3.52 -13.24
N MET B 22 -11.36 -2.99 -13.11
CA MET B 22 -10.47 -3.42 -12.04
C MET B 22 -11.10 -3.16 -10.67
N GLU B 23 -11.75 -2.02 -10.48
CA GLU B 23 -12.40 -1.71 -9.21
C GLU B 23 -13.48 -2.74 -8.85
N GLU B 24 -14.31 -3.11 -9.83
CA GLU B 24 -15.35 -4.11 -9.61
C GLU B 24 -14.73 -5.48 -9.37
N PHE B 25 -13.64 -5.76 -10.08
CA PHE B 25 -13.00 -7.07 -10.08
C PHE B 25 -12.38 -7.44 -8.74
N ARG B 26 -11.91 -6.45 -7.99
CA ARG B 26 -11.14 -6.69 -6.78
C ARG B 26 -11.84 -7.51 -5.71
N ASN B 27 -13.16 -7.36 -5.60
CA ASN B 27 -13.91 -8.11 -4.61
C ASN B 27 -14.68 -9.26 -5.24
N PHE B 28 -14.14 -10.47 -5.08
CA PHE B 28 -14.71 -11.66 -5.70
C PHE B 28 -16.18 -11.90 -5.33
N SER B 29 -16.46 -12.06 -4.05
CA SER B 29 -17.82 -12.39 -3.59
C SER B 29 -18.84 -11.33 -3.97
N ARG B 30 -18.46 -10.06 -3.90
CA ARG B 30 -19.39 -9.00 -4.22
C ARG B 30 -19.71 -9.06 -5.71
N TYR B 31 -18.73 -9.42 -6.53
CA TYR B 31 -18.99 -9.51 -7.95
C TYR B 31 -19.86 -10.74 -8.29
N ILE B 32 -19.70 -11.82 -7.53
CA ILE B 32 -20.56 -12.99 -7.75
C ILE B 32 -22.00 -12.63 -7.43
N ALA B 33 -22.20 -11.86 -6.36
CA ALA B 33 -23.53 -11.40 -6.02
C ALA B 33 -24.08 -10.46 -7.09
N TYR B 34 -23.19 -9.69 -7.72
CA TYR B 34 -23.63 -8.78 -8.77
C TYR B 34 -24.14 -9.56 -9.98
N ILE B 35 -23.39 -10.56 -10.45
CA ILE B 35 -23.82 -11.25 -11.66
C ILE B 35 -25.10 -12.03 -11.40
N GLU B 36 -25.28 -12.56 -10.20
CA GLU B 36 -26.54 -13.22 -9.86
C GLU B 36 -27.70 -12.20 -9.88
N SER B 37 -27.44 -10.96 -9.45
CA SER B 37 -28.46 -9.91 -9.53
C SER B 37 -28.84 -9.62 -10.98
N GLN B 38 -27.98 -10.03 -11.91
CA GLN B 38 -28.27 -9.88 -13.34
C GLN B 38 -28.86 -11.15 -13.94
N GLY B 39 -29.06 -12.17 -13.12
CA GLY B 39 -29.65 -13.41 -13.57
C GLY B 39 -28.69 -14.45 -14.16
N ALA B 40 -27.39 -14.23 -13.99
CA ALA B 40 -26.39 -15.10 -14.62
C ALA B 40 -26.50 -16.55 -14.14
N HIS B 41 -26.94 -16.74 -12.91
CA HIS B 41 -27.05 -18.08 -12.33
C HIS B 41 -28.10 -18.97 -13.00
N ARG B 42 -29.03 -18.38 -13.72
CA ARG B 42 -30.13 -19.18 -14.28
C ARG B 42 -29.64 -20.13 -15.38
N ALA B 43 -28.58 -19.74 -16.09
CA ALA B 43 -28.02 -20.59 -17.13
C ALA B 43 -27.17 -21.73 -16.55
N GLY B 44 -26.68 -21.56 -15.32
CA GLY B 44 -25.87 -22.56 -14.67
C GLY B 44 -24.40 -22.32 -14.92
N LEU B 45 -24.12 -21.38 -15.81
CA LEU B 45 -22.78 -21.14 -16.30
C LEU B 45 -22.66 -19.70 -16.77
N ALA B 46 -21.57 -19.02 -16.40
CA ALA B 46 -21.35 -17.65 -16.83
C ALA B 46 -19.88 -17.41 -17.13
N LYS B 47 -19.60 -16.49 -18.05
CA LYS B 47 -18.23 -16.13 -18.36
C LYS B 47 -17.90 -14.76 -17.79
N VAL B 48 -16.69 -14.63 -17.24
CA VAL B 48 -16.21 -13.36 -16.76
C VAL B 48 -14.85 -13.10 -17.40
N VAL B 49 -14.80 -12.06 -18.21
CA VAL B 49 -13.54 -11.62 -18.80
C VAL B 49 -12.90 -10.58 -17.91
N PRO B 50 -11.77 -10.93 -17.30
CA PRO B 50 -11.14 -9.99 -16.38
C PRO B 50 -10.60 -8.80 -17.13
N PRO B 51 -10.27 -7.75 -16.41
CA PRO B 51 -9.78 -6.56 -17.09
C PRO B 51 -8.35 -6.74 -17.67
N LYS B 52 -8.10 -6.16 -18.85
CA LYS B 52 -6.85 -6.33 -19.63
C LYS B 52 -5.56 -6.21 -18.81
N GLU B 53 -5.56 -5.22 -17.93
CA GLU B 53 -4.55 -4.99 -16.90
C GLU B 53 -3.99 -6.21 -16.20
N TRP B 54 -4.87 -7.19 -16.01
CA TRP B 54 -4.69 -8.16 -14.96
C TRP B 54 -4.15 -9.49 -15.47
N LYS B 55 -3.11 -9.97 -14.80
CA LYS B 55 -2.53 -11.29 -15.06
C LYS B 55 -2.25 -11.97 -13.74
N PRO B 56 -2.55 -13.27 -13.65
CA PRO B 56 -2.25 -14.01 -12.41
C PRO B 56 -0.81 -14.47 -12.32
N ARG B 57 -0.07 -14.39 -13.43
CA ARG B 57 1.30 -14.88 -13.47
C ARG B 57 2.04 -14.17 -14.59
N ALA B 58 3.29 -13.83 -14.35
CA ALA B 58 4.06 -13.07 -15.33
C ALA B 58 4.40 -13.89 -16.56
N SER B 59 4.70 -15.17 -16.35
CA SER B 59 5.06 -16.05 -17.47
C SER B 59 4.80 -17.51 -17.14
N TYR B 60 4.52 -18.30 -18.16
CA TYR B 60 4.32 -19.72 -17.97
C TYR B 60 5.48 -20.55 -18.52
N ASP B 61 6.67 -19.96 -18.53
CA ASP B 61 7.85 -20.62 -19.09
C ASP B 61 8.65 -21.41 -18.06
N ASP B 62 8.24 -21.37 -16.80
CA ASP B 62 8.99 -22.03 -15.75
C ASP B 62 8.28 -23.25 -15.15
N ILE B 63 7.37 -23.86 -15.88
CA ILE B 63 6.58 -24.94 -15.29
C ILE B 63 6.74 -26.29 -16.00
N ASP B 64 7.74 -26.43 -16.86
CA ASP B 64 7.95 -27.65 -17.64
C ASP B 64 8.22 -28.88 -16.77
N ASP B 65 8.85 -28.68 -15.62
CA ASP B 65 9.21 -29.82 -14.78
C ASP B 65 8.09 -30.13 -13.78
N LEU B 66 6.98 -29.39 -13.87
CA LEU B 66 5.82 -29.65 -13.01
C LEU B 66 5.29 -31.06 -13.30
N VAL B 67 5.03 -31.82 -12.23
CA VAL B 67 4.63 -33.22 -12.36
C VAL B 67 3.11 -33.41 -12.42
N ILE B 68 2.66 -34.19 -13.39
CA ILE B 68 1.30 -34.68 -13.41
C ILE B 68 1.30 -36.12 -12.91
N PRO B 69 0.99 -36.32 -11.61
CA PRO B 69 1.20 -37.64 -11.01
C PRO B 69 0.32 -38.75 -11.58
N ALA B 70 -0.89 -38.42 -12.03
CA ALA B 70 -1.82 -39.45 -12.47
C ALA B 70 -2.60 -39.05 -13.73
N PRO B 71 -1.91 -38.96 -14.87
CA PRO B 71 -2.59 -38.68 -16.14
C PRO B 71 -3.60 -39.77 -16.45
N ILE B 72 -4.74 -39.42 -17.04
CA ILE B 72 -5.72 -40.44 -17.36
C ILE B 72 -5.96 -40.49 -18.86
N GLN B 73 -5.91 -41.69 -19.40
CA GLN B 73 -6.26 -41.92 -20.79
C GLN B 73 -7.76 -42.14 -20.86
N GLN B 74 -8.43 -41.39 -21.73
CA GLN B 74 -9.88 -41.40 -21.77
C GLN B 74 -10.43 -42.28 -22.87
N LEU B 75 -10.89 -43.47 -22.49
CA LEU B 75 -11.50 -44.38 -23.46
C LEU B 75 -12.99 -44.32 -23.42
N VAL B 76 -13.56 -44.10 -24.60
CA VAL B 76 -14.97 -43.81 -24.70
C VAL B 76 -15.67 -44.87 -25.52
N THR B 77 -16.74 -45.42 -24.97
CA THR B 77 -17.55 -46.39 -25.69
C THR B 77 -18.98 -45.93 -25.81
N GLY B 78 -19.57 -46.12 -26.99
CA GLY B 78 -20.95 -45.76 -27.22
C GLY B 78 -21.26 -45.40 -28.66
N GLN B 79 -22.44 -44.85 -28.87
CA GLN B 79 -22.96 -44.58 -30.21
C GLN B 79 -24.20 -43.72 -30.11
N SER B 80 -24.58 -43.10 -31.23
CA SER B 80 -25.81 -42.33 -31.32
C SER B 80 -25.90 -41.26 -30.24
N GLY B 81 -24.78 -40.56 -30.00
CA GLY B 81 -24.76 -39.45 -29.06
C GLY B 81 -24.72 -39.80 -27.58
N LEU B 82 -24.64 -41.08 -27.25
CA LEU B 82 -24.58 -41.53 -25.86
C LEU B 82 -23.33 -42.33 -25.59
N PHE B 83 -22.54 -41.92 -24.60
CA PHE B 83 -21.25 -42.57 -24.36
C PHE B 83 -20.89 -42.69 -22.90
N THR B 84 -20.03 -43.67 -22.62
CA THR B 84 -19.45 -43.83 -21.31
C THR B 84 -17.94 -43.70 -21.44
N GLN B 85 -17.35 -42.95 -20.51
CA GLN B 85 -15.92 -42.67 -20.55
C GLN B 85 -15.23 -43.41 -19.41
N TYR B 86 -14.20 -44.17 -19.75
CA TYR B 86 -13.42 -44.91 -18.76
C TYR B 86 -12.01 -44.33 -18.64
N ASN B 87 -11.52 -44.26 -17.41
CA ASN B 87 -10.18 -43.74 -17.13
C ASN B 87 -9.12 -44.83 -16.95
N ILE B 88 -8.05 -44.77 -17.75
CA ILE B 88 -6.85 -45.58 -17.51
C ILE B 88 -5.85 -44.69 -16.86
N GLN B 89 -5.46 -44.99 -15.64
CA GLN B 89 -4.38 -44.23 -15.05
C GLN B 89 -3.08 -44.61 -15.74
N LYS B 90 -2.28 -43.61 -16.08
CA LYS B 90 -1.00 -43.86 -16.71
C LYS B 90 0.13 -43.42 -15.79
N LYS B 91 1.36 -43.72 -16.19
CA LYS B 91 2.54 -43.26 -15.46
C LYS B 91 2.56 -41.74 -15.30
N ALA B 92 3.00 -41.29 -14.14
CA ALA B 92 3.28 -39.88 -13.93
C ALA B 92 4.12 -39.34 -15.08
N MET B 93 3.92 -38.07 -15.41
CA MET B 93 4.74 -37.42 -16.41
C MET B 93 4.83 -35.93 -16.14
N THR B 94 5.85 -35.30 -16.69
CA THR B 94 6.01 -33.86 -16.53
C THR B 94 5.14 -33.13 -17.53
N VAL B 95 4.92 -31.85 -17.29
CA VAL B 95 4.22 -31.01 -18.25
C VAL B 95 4.94 -31.06 -19.60
N ARG B 96 6.27 -31.02 -19.58
CA ARG B 96 7.09 -31.14 -20.79
C ARG B 96 6.73 -32.37 -21.61
N GLU B 97 6.73 -33.52 -20.94
CA GLU B 97 6.40 -34.79 -21.57
C GLU B 97 4.97 -34.77 -22.12
N PHE B 98 4.06 -34.22 -21.34
CA PHE B 98 2.66 -34.16 -21.73
C PHE B 98 2.44 -33.23 -22.93
N ARG B 99 3.05 -32.05 -22.90
CA ARG B 99 2.90 -31.05 -23.97
C ARG B 99 3.33 -31.65 -25.30
N LYS B 100 4.43 -32.36 -25.20
CA LYS B 100 5.01 -33.14 -26.27
C LYS B 100 4.09 -34.16 -26.90
N ILE B 101 3.39 -34.94 -26.08
CA ILE B 101 2.43 -35.88 -26.62
C ILE B 101 1.26 -35.12 -27.22
N ALA B 102 0.82 -34.05 -26.53
CA ALA B 102 -0.30 -33.25 -26.99
C ALA B 102 -0.10 -32.66 -28.39
N ASN B 103 1.14 -32.24 -28.67
CA ASN B 103 1.42 -31.47 -29.89
C ASN B 103 1.91 -32.35 -31.03
N SER B 104 2.17 -33.62 -30.73
CA SER B 104 2.57 -34.59 -31.72
C SER B 104 1.49 -34.77 -32.78
N ASP B 105 1.86 -35.31 -33.94
CA ASP B 105 0.93 -35.47 -35.06
C ASP B 105 -0.25 -36.36 -34.70
N LYS B 106 -0.02 -37.37 -33.88
CA LYS B 106 -1.10 -38.29 -33.52
C LYS B 106 -2.22 -37.60 -32.73
N TYR B 107 -1.85 -36.65 -31.86
CA TYR B 107 -2.81 -36.12 -30.90
C TYR B 107 -3.18 -34.67 -31.08
N CYS B 108 -2.49 -33.96 -31.98
CA CYS B 108 -2.75 -32.53 -32.12
C CYS B 108 -4.15 -32.25 -32.67
N THR B 109 -4.58 -31.02 -32.47
CA THR B 109 -5.84 -30.50 -32.99
C THR B 109 -5.91 -30.64 -34.50
N PRO B 110 -7.06 -31.11 -35.02
CA PRO B 110 -7.23 -31.12 -36.49
C PRO B 110 -7.45 -29.73 -37.07
N ARG B 111 -7.30 -29.58 -38.39
CA ARG B 111 -7.57 -28.33 -39.09
C ARG B 111 -9.05 -27.98 -38.98
N TYR B 112 -9.35 -26.70 -38.76
CA TYR B 112 -10.74 -26.25 -38.71
C TYR B 112 -10.90 -24.75 -38.92
N SER B 113 -12.07 -24.36 -39.42
CA SER B 113 -12.38 -22.96 -39.69
C SER B 113 -13.28 -22.38 -38.60
N GLU B 114 -14.52 -22.85 -38.53
CA GLU B 114 -15.44 -22.41 -37.49
C GLU B 114 -15.46 -23.41 -36.33
N PHE B 115 -15.98 -22.99 -35.18
CA PHE B 115 -16.12 -23.89 -34.03
C PHE B 115 -16.98 -25.09 -34.38
N GLU B 116 -18.05 -24.86 -35.12
CA GLU B 116 -19.00 -25.92 -35.45
C GLU B 116 -18.29 -27.12 -36.09
N GLU B 117 -17.26 -26.85 -36.89
CA GLU B 117 -16.50 -27.92 -37.54
C GLU B 117 -15.70 -28.74 -36.53
N LEU B 118 -15.08 -28.05 -35.58
CA LEU B 118 -14.30 -28.72 -34.55
C LEU B 118 -15.20 -29.51 -33.61
N GLU B 119 -16.36 -28.93 -33.32
CA GLU B 119 -17.37 -29.63 -32.54
C GLU B 119 -17.80 -30.91 -33.25
N ARG B 120 -18.01 -30.81 -34.56
CA ARG B 120 -18.40 -31.96 -35.37
C ARG B 120 -17.36 -33.07 -35.24
N LYS B 121 -16.11 -32.72 -35.48
CA LYS B 121 -15.02 -33.68 -35.39
C LYS B 121 -14.94 -34.31 -34.00
N TYR B 122 -15.19 -33.52 -32.96
CA TYR B 122 -15.15 -34.04 -31.60
C TYR B 122 -16.18 -35.16 -31.40
N TRP B 123 -17.44 -34.91 -31.78
CA TRP B 123 -18.51 -35.89 -31.54
C TRP B 123 -18.45 -37.06 -32.52
N LYS B 124 -17.83 -36.84 -33.67
CA LYS B 124 -17.60 -37.90 -34.63
C LYS B 124 -16.45 -38.82 -34.20
N ASN B 125 -15.46 -38.26 -33.52
CA ASN B 125 -14.22 -38.98 -33.28
C ASN B 125 -13.90 -39.33 -31.82
N LEU B 126 -14.83 -39.06 -30.90
CA LEU B 126 -14.46 -39.16 -29.50
C LEU B 126 -14.26 -40.60 -28.99
N THR B 127 -14.69 -41.61 -29.75
CA THR B 127 -14.37 -42.98 -29.37
C THR B 127 -13.05 -43.43 -29.96
N PHE B 128 -12.47 -42.64 -30.85
CA PHE B 128 -11.24 -43.07 -31.51
C PHE B 128 -10.04 -42.40 -30.89
N ASN B 129 -8.88 -43.06 -31.03
CA ASN B 129 -7.60 -42.48 -30.64
C ASN B 129 -7.65 -41.79 -29.26
N PRO B 130 -7.94 -42.55 -28.21
CA PRO B 130 -8.18 -41.97 -26.88
C PRO B 130 -7.01 -41.13 -26.39
N PRO B 131 -7.29 -39.87 -26.03
CA PRO B 131 -6.27 -38.93 -25.59
C PRO B 131 -5.93 -39.08 -24.12
N ILE B 132 -4.92 -38.33 -23.67
CA ILE B 132 -4.51 -38.34 -22.28
C ILE B 132 -4.77 -36.95 -21.70
N TYR B 133 -5.36 -36.93 -20.51
CA TYR B 133 -5.75 -35.70 -19.83
C TYR B 133 -5.06 -35.59 -18.48
N GLY B 134 -4.28 -34.54 -18.27
CA GLY B 134 -3.63 -34.33 -16.98
C GLY B 134 -4.55 -33.60 -16.02
N ALA B 135 -5.62 -34.28 -15.60
CA ALA B 135 -6.65 -33.67 -14.77
C ALA B 135 -6.43 -33.82 -13.27
N ASP B 136 -7.08 -32.95 -12.52
CA ASP B 136 -7.18 -33.03 -11.05
C ASP B 136 -5.82 -33.00 -10.37
N VAL B 137 -4.91 -32.20 -10.90
CA VAL B 137 -3.59 -32.02 -10.32
C VAL B 137 -3.63 -30.95 -9.24
N ASN B 138 -3.30 -31.32 -8.00
CA ASN B 138 -3.20 -30.36 -6.91
C ASN B 138 -2.20 -29.29 -7.27
N GLY B 139 -2.65 -28.03 -7.26
CA GLY B 139 -1.73 -26.93 -7.50
C GLY B 139 -2.37 -25.64 -7.96
N THR B 140 -1.56 -24.60 -7.96
CA THR B 140 -1.97 -23.31 -8.49
C THR B 140 -0.86 -22.75 -9.36
N LEU B 141 -1.23 -21.89 -10.29
CA LEU B 141 -0.23 -21.20 -11.09
C LEU B 141 -0.29 -19.70 -10.82
N TYR B 142 -1.06 -19.32 -9.80
CA TYR B 142 -1.07 -17.93 -9.37
C TYR B 142 0.21 -17.60 -8.61
N GLU B 143 0.81 -16.45 -8.92
CA GLU B 143 1.85 -15.89 -8.07
C GLU B 143 1.26 -15.60 -6.68
N LYS B 144 2.09 -15.72 -5.65
CA LYS B 144 1.62 -15.67 -4.26
C LYS B 144 0.98 -14.33 -3.85
N HIS B 145 1.27 -13.27 -4.60
CA HIS B 145 0.83 -11.93 -4.24
C HIS B 145 -0.41 -11.42 -4.95
N VAL B 146 -0.97 -12.23 -5.84
CA VAL B 146 -2.15 -11.83 -6.61
C VAL B 146 -3.39 -11.96 -5.74
N ASP B 147 -4.01 -10.83 -5.42
CA ASP B 147 -5.10 -10.81 -4.46
C ASP B 147 -6.49 -10.80 -5.11
N GLU B 148 -6.56 -10.71 -6.43
CA GLU B 148 -7.86 -10.71 -7.10
C GLU B 148 -8.17 -12.10 -7.66
N TRP B 149 -9.35 -12.64 -7.30
CA TRP B 149 -9.83 -13.92 -7.83
C TRP B 149 -8.76 -15.02 -7.74
N ASN B 150 -8.02 -15.01 -6.63
CA ASN B 150 -7.02 -16.03 -6.42
C ASN B 150 -7.71 -17.34 -6.03
N ILE B 151 -7.71 -18.28 -6.97
CA ILE B 151 -8.46 -19.53 -6.87
C ILE B 151 -7.95 -20.43 -5.72
N GLY B 152 -6.73 -20.16 -5.26
CA GLY B 152 -6.15 -20.93 -4.18
C GLY B 152 -6.62 -20.47 -2.81
N ARG B 153 -7.23 -19.30 -2.75
CA ARG B 153 -7.64 -18.73 -1.47
C ARG B 153 -8.79 -17.72 -1.60
N LEU B 154 -9.94 -18.18 -2.08
CA LEU B 154 -11.08 -17.28 -2.33
C LEU B 154 -11.79 -16.83 -1.05
N ARG B 155 -11.55 -17.54 0.04
CA ARG B 155 -12.06 -17.18 1.37
C ARG B 155 -13.57 -16.91 1.40
N THR B 156 -14.35 -17.81 0.82
CA THR B 156 -15.81 -17.72 0.91
C THR B 156 -16.26 -18.56 2.09
N ILE B 157 -17.55 -18.54 2.39
CA ILE B 157 -18.05 -19.26 3.55
C ILE B 157 -17.79 -20.76 3.46
N LEU B 158 -17.43 -21.26 2.28
CA LEU B 158 -17.07 -22.67 2.13
C LEU B 158 -15.90 -23.04 3.07
N ASP B 159 -15.08 -22.05 3.43
CA ASP B 159 -13.93 -22.27 4.30
C ASP B 159 -14.31 -22.80 5.69
N LEU B 160 -15.57 -22.65 6.06
CA LEU B 160 -16.07 -23.18 7.32
C LEU B 160 -15.95 -24.70 7.37
N VAL B 161 -15.83 -25.31 6.21
CA VAL B 161 -15.68 -26.75 6.15
C VAL B 161 -14.35 -27.18 6.75
N GLU B 162 -13.33 -26.33 6.62
CA GLU B 162 -11.98 -26.86 6.75
C GLU B 162 -11.50 -27.04 8.19
N LYS B 163 -11.05 -28.27 8.41
CA LYS B 163 -10.43 -28.76 9.62
C LYS B 163 -9.88 -30.14 9.24
N ILE B 169 -4.02 -30.21 2.89
CA ILE B 169 -4.58 -29.11 2.09
C ILE B 169 -4.84 -29.55 0.66
N GLU B 170 -5.65 -30.58 0.55
CA GLU B 170 -6.39 -30.87 -0.66
C GLU B 170 -7.77 -30.79 -0.10
N GLY B 171 -8.76 -30.61 -0.94
CA GLY B 171 -10.07 -30.48 -0.39
C GLY B 171 -10.89 -29.69 -1.35
N VAL B 172 -12.06 -29.32 -0.86
CA VAL B 172 -13.09 -28.77 -1.68
C VAL B 172 -12.82 -27.30 -2.02
N ASN B 173 -11.95 -26.65 -1.24
CA ASN B 173 -11.62 -25.25 -1.50
C ASN B 173 -10.14 -25.02 -1.87
N THR B 174 -9.45 -26.08 -2.27
CA THR B 174 -8.07 -25.96 -2.72
C THR B 174 -7.97 -26.02 -4.25
N PRO B 175 -6.89 -25.48 -4.82
CA PRO B 175 -6.90 -25.35 -6.29
C PRO B 175 -6.49 -26.63 -7.05
N TYR B 176 -7.08 -26.82 -8.22
CA TYR B 176 -6.75 -27.94 -9.10
C TYR B 176 -6.34 -27.47 -10.49
N LEU B 177 -5.35 -28.14 -11.07
CA LEU B 177 -4.94 -27.84 -12.43
C LEU B 177 -5.39 -28.91 -13.40
N TYR B 178 -5.68 -28.51 -14.63
CA TYR B 178 -6.10 -29.42 -15.69
C TYR B 178 -5.27 -29.17 -16.94
N PHE B 179 -4.43 -30.12 -17.30
CA PHE B 179 -3.61 -29.98 -18.50
C PHE B 179 -4.26 -30.77 -19.61
N GLY B 180 -4.81 -30.06 -20.59
CA GLY B 180 -5.59 -30.71 -21.62
C GLY B 180 -4.84 -30.93 -22.92
N MET B 181 -5.36 -31.84 -23.74
CA MET B 181 -4.99 -31.92 -25.14
C MET B 181 -6.28 -32.08 -25.94
N TRP B 182 -6.18 -32.02 -27.26
CA TRP B 182 -7.34 -32.13 -28.13
C TRP B 182 -8.20 -33.34 -27.76
N LYS B 183 -9.52 -33.13 -27.72
CA LYS B 183 -10.51 -34.19 -27.54
C LYS B 183 -10.61 -34.74 -26.11
N THR B 184 -9.80 -34.24 -25.17
CA THR B 184 -10.00 -34.59 -23.77
C THR B 184 -11.30 -33.97 -23.31
N SER B 185 -12.02 -34.64 -22.41
CA SER B 185 -13.40 -34.29 -22.10
C SER B 185 -13.72 -34.19 -20.62
N PHE B 186 -14.70 -33.37 -20.27
CA PHE B 186 -15.31 -33.55 -18.96
C PHE B 186 -16.79 -33.86 -19.13
N ALA B 187 -17.20 -34.94 -18.47
CA ALA B 187 -18.54 -35.49 -18.61
C ALA B 187 -19.58 -34.68 -17.88
N TRP B 188 -20.85 -35.00 -18.15
CA TRP B 188 -21.97 -34.29 -17.54
C TRP B 188 -22.00 -34.48 -16.04
N HIS B 189 -22.03 -33.37 -15.32
CA HIS B 189 -21.99 -33.40 -13.87
C HIS B 189 -22.36 -32.05 -13.27
N THR B 190 -22.75 -32.09 -12.01
CA THR B 190 -22.73 -30.91 -11.16
C THR B 190 -21.54 -31.06 -10.21
N GLU B 191 -21.21 -30.00 -9.50
CA GLU B 191 -20.10 -30.04 -8.58
C GLU B 191 -20.44 -30.87 -7.35
N ASP B 192 -19.41 -31.28 -6.60
CA ASP B 192 -19.59 -31.93 -5.31
C ASP B 192 -20.49 -31.06 -4.44
N MET B 193 -21.46 -31.70 -3.78
CA MET B 193 -22.42 -31.03 -2.91
C MET B 193 -23.15 -29.91 -3.64
N ASP B 194 -23.21 -30.01 -4.97
CA ASP B 194 -23.79 -28.99 -5.83
C ASP B 194 -23.27 -27.57 -5.51
N LEU B 195 -21.99 -27.49 -5.19
CA LEU B 195 -21.32 -26.20 -4.98
C LEU B 195 -21.18 -25.36 -6.26
N TYR B 196 -20.74 -24.12 -6.10
CA TYR B 196 -20.26 -23.32 -7.24
C TYR B 196 -18.88 -23.84 -7.66
N SER B 197 -18.44 -23.49 -8.86
CA SER B 197 -17.04 -23.68 -9.22
C SER B 197 -16.54 -22.50 -10.04
N ILE B 198 -15.25 -22.27 -9.95
CA ILE B 198 -14.60 -21.25 -10.75
C ILE B 198 -13.52 -21.94 -11.56
N ASN B 199 -13.38 -21.54 -12.82
N ASN B 199 -13.38 -21.52 -12.81
CA ASN B 199 -12.42 -22.16 -13.74
CA ASN B 199 -12.43 -22.14 -13.71
C ASN B 199 -11.71 -21.08 -14.52
C ASN B 199 -11.71 -21.04 -14.49
N TYR B 200 -10.39 -21.00 -14.39
CA TYR B 200 -9.61 -20.03 -15.14
C TYR B 200 -8.69 -20.74 -16.13
N LEU B 201 -8.75 -20.32 -17.40
CA LEU B 201 -7.87 -20.89 -18.41
C LEU B 201 -6.58 -20.08 -18.48
N HIS B 202 -5.51 -20.64 -17.91
CA HIS B 202 -4.24 -19.95 -17.84
C HIS B 202 -3.66 -19.68 -19.23
N PHE B 203 -3.55 -20.72 -20.05
CA PHE B 203 -2.99 -20.55 -21.38
C PHE B 203 -3.45 -21.66 -22.33
N GLY B 204 -3.09 -21.49 -23.60
CA GLY B 204 -3.23 -22.56 -24.57
C GLY B 204 -4.50 -22.45 -25.37
N GLU B 205 -4.90 -23.58 -25.95
CA GLU B 205 -6.07 -23.64 -26.81
C GLU B 205 -7.35 -23.62 -25.98
N PRO B 206 -8.47 -23.23 -26.62
CA PRO B 206 -9.74 -23.09 -25.90
C PRO B 206 -10.28 -24.36 -25.26
N LYS B 207 -11.26 -24.15 -24.40
CA LYS B 207 -12.02 -25.19 -23.75
C LYS B 207 -13.49 -24.85 -24.00
N SER B 208 -14.23 -25.76 -24.62
CA SER B 208 -15.64 -25.52 -24.93
C SER B 208 -16.56 -26.17 -23.90
N TRP B 209 -17.64 -25.48 -23.59
CA TRP B 209 -18.56 -25.90 -22.53
C TRP B 209 -19.98 -26.08 -23.02
N TYR B 210 -20.69 -27.04 -22.41
CA TYR B 210 -22.14 -27.15 -22.52
C TYR B 210 -22.75 -27.00 -21.14
N SER B 211 -23.94 -26.42 -21.05
CA SER B 211 -24.58 -26.26 -19.76
C SER B 211 -26.09 -26.42 -19.86
N VAL B 212 -26.68 -26.91 -18.77
CA VAL B 212 -28.12 -26.99 -18.66
C VAL B 212 -28.53 -26.13 -17.48
N PRO B 213 -29.53 -25.26 -17.66
CA PRO B 213 -30.04 -24.43 -16.56
C PRO B 213 -30.43 -25.29 -15.37
N PRO B 214 -30.04 -24.88 -14.16
CA PRO B 214 -30.46 -25.62 -12.97
C PRO B 214 -31.96 -25.88 -12.92
N GLU B 215 -32.78 -24.96 -13.41
CA GLU B 215 -34.22 -25.20 -13.38
C GLU B 215 -34.65 -26.35 -14.31
N HIS B 216 -33.73 -26.83 -15.15
CA HIS B 216 -34.05 -27.97 -16.01
C HIS B 216 -33.16 -29.20 -15.75
N GLY B 217 -32.36 -29.16 -14.69
CA GLY B 217 -31.44 -30.23 -14.38
C GLY B 217 -32.07 -31.59 -14.14
N LYS B 218 -33.23 -31.61 -13.48
CA LYS B 218 -33.97 -32.85 -13.24
C LYS B 218 -34.34 -33.53 -14.56
N ARG B 219 -34.60 -32.74 -15.60
CA ARG B 219 -34.94 -33.36 -16.87
C ARG B 219 -33.72 -34.05 -17.48
N LEU B 220 -32.53 -33.46 -17.34
CA LEU B 220 -31.33 -34.11 -17.81
C LEU B 220 -31.09 -35.43 -17.04
N GLU B 221 -31.34 -35.42 -15.73
CA GLU B 221 -31.18 -36.62 -14.92
C GLU B 221 -32.14 -37.72 -15.37
N ARG B 222 -33.38 -37.34 -15.64
CA ARG B 222 -34.40 -38.29 -16.06
C ARG B 222 -33.98 -38.96 -17.37
N LEU B 223 -33.55 -38.16 -18.34
CA LEU B 223 -33.01 -38.66 -19.59
C LEU B 223 -31.85 -39.65 -19.38
N ALA B 224 -30.86 -39.23 -18.59
CA ALA B 224 -29.70 -40.06 -18.31
C ALA B 224 -30.12 -41.37 -17.66
N LYS B 225 -31.05 -41.29 -16.71
CA LYS B 225 -31.57 -42.47 -16.03
C LYS B 225 -32.19 -43.44 -17.04
N GLY B 226 -32.94 -42.89 -17.99
CA GLY B 226 -33.58 -43.68 -19.03
C GLY B 226 -32.61 -44.41 -19.93
N PHE B 227 -31.49 -43.80 -20.27
CA PHE B 227 -30.55 -44.43 -21.20
C PHE B 227 -29.49 -45.29 -20.50
N PHE B 228 -29.28 -45.07 -19.21
CA PHE B 228 -28.37 -45.93 -18.44
C PHE B 228 -29.05 -46.50 -17.19
N PRO B 229 -30.07 -47.35 -17.38
CA PRO B 229 -30.88 -47.84 -16.27
C PRO B 229 -30.09 -48.69 -15.29
N GLY B 230 -29.09 -49.41 -15.81
CA GLY B 230 -28.21 -50.20 -14.96
C GLY B 230 -27.45 -49.33 -13.98
N SER B 231 -26.84 -48.25 -14.49
CA SER B 231 -26.08 -47.33 -13.66
C SER B 231 -26.97 -46.66 -12.62
N ALA B 232 -28.20 -46.33 -13.03
CA ALA B 232 -29.15 -45.66 -12.14
C ALA B 232 -29.55 -46.57 -10.99
N GLN B 233 -29.77 -47.85 -11.30
CA GLN B 233 -30.13 -48.82 -10.29
C GLN B 233 -29.04 -48.98 -9.23
N SER B 234 -27.77 -48.95 -9.65
CA SER B 234 -26.69 -49.20 -8.70
C SER B 234 -26.16 -47.94 -8.01
N CYS B 235 -26.62 -46.77 -8.44
CA CYS B 235 -26.26 -45.53 -7.75
C CYS B 235 -27.27 -44.41 -7.94
N GLU B 236 -27.62 -43.79 -6.82
CA GLU B 236 -28.63 -42.73 -6.79
C GLU B 236 -28.18 -41.46 -7.51
N ALA B 237 -26.88 -41.33 -7.76
CA ALA B 237 -26.32 -40.15 -8.41
C ALA B 237 -25.13 -40.51 -9.29
N PHE B 238 -25.36 -41.37 -10.29
CA PHE B 238 -24.24 -41.92 -11.05
C PHE B 238 -23.56 -40.90 -11.95
N LEU B 239 -24.23 -39.79 -12.25
CA LEU B 239 -23.59 -38.74 -13.04
C LEU B 239 -22.36 -38.17 -12.31
N ARG B 240 -22.34 -38.27 -10.98
CA ARG B 240 -21.21 -37.78 -10.21
C ARG B 240 -19.95 -38.60 -10.47
N HIS B 241 -20.09 -39.77 -11.08
CA HIS B 241 -18.93 -40.57 -11.48
C HIS B 241 -18.16 -39.90 -12.62
N LYS B 242 -18.83 -38.96 -13.30
CA LYS B 242 -18.23 -38.21 -14.40
C LYS B 242 -17.80 -39.13 -15.54
N MET B 243 -18.67 -40.07 -15.90
CA MET B 243 -18.39 -41.01 -16.97
C MET B 243 -19.40 -40.90 -18.12
N THR B 244 -20.38 -40.02 -17.99
CA THR B 244 -21.47 -39.98 -18.96
C THR B 244 -21.36 -38.80 -19.92
N LEU B 245 -21.20 -39.12 -21.20
CA LEU B 245 -21.14 -38.13 -22.26
C LEU B 245 -22.43 -38.21 -23.09
N ILE B 246 -23.01 -37.04 -23.36
CA ILE B 246 -24.27 -36.93 -24.09
C ILE B 246 -24.15 -35.76 -25.06
N SER B 247 -24.36 -36.02 -26.34
CA SER B 247 -24.13 -35.00 -27.37
C SER B 247 -25.22 -33.93 -27.35
N PRO B 248 -24.93 -32.74 -27.88
CA PRO B 248 -25.96 -31.70 -27.94
C PRO B 248 -27.14 -32.10 -28.84
N LEU B 249 -26.89 -32.90 -29.88
CA LEU B 249 -27.99 -33.38 -30.72
C LEU B 249 -28.98 -34.20 -29.91
N MET B 250 -28.49 -35.02 -29.00
CA MET B 250 -29.38 -35.81 -28.15
C MET B 250 -30.19 -34.91 -27.22
N LEU B 251 -29.58 -33.85 -26.71
CA LEU B 251 -30.30 -32.91 -25.86
C LEU B 251 -31.39 -32.20 -26.67
N LYS B 252 -31.06 -31.82 -27.89
CA LYS B 252 -32.02 -31.16 -28.77
C LYS B 252 -33.19 -32.10 -29.07
N LYS B 253 -32.89 -33.35 -29.39
CA LYS B 253 -33.93 -34.30 -29.73
C LYS B 253 -34.88 -34.55 -28.57
N TYR B 254 -34.38 -34.52 -27.34
CA TYR B 254 -35.22 -34.82 -26.19
C TYR B 254 -35.69 -33.57 -25.46
N GLY B 255 -35.52 -32.41 -26.09
CA GLY B 255 -36.09 -31.18 -25.56
C GLY B 255 -35.41 -30.60 -24.32
N ILE B 256 -34.20 -31.05 -24.01
CA ILE B 256 -33.48 -30.48 -22.87
C ILE B 256 -32.87 -29.15 -23.25
N PRO B 257 -33.29 -28.06 -22.59
CA PRO B 257 -32.67 -26.79 -22.93
C PRO B 257 -31.21 -26.78 -22.50
N PHE B 258 -30.34 -26.22 -23.34
CA PHE B 258 -28.92 -26.14 -23.02
C PHE B 258 -28.31 -24.98 -23.79
N ASP B 259 -27.08 -24.64 -23.48
CA ASP B 259 -26.39 -23.56 -24.16
C ASP B 259 -24.93 -23.95 -24.35
N LYS B 260 -24.26 -23.31 -25.30
CA LYS B 260 -22.84 -23.57 -25.57
C LYS B 260 -22.03 -22.32 -25.33
N VAL B 261 -20.79 -22.47 -24.92
CA VAL B 261 -19.89 -21.35 -24.91
C VAL B 261 -18.46 -21.86 -24.99
N THR B 262 -17.59 -21.08 -25.63
CA THR B 262 -16.18 -21.44 -25.73
C THR B 262 -15.33 -20.47 -24.91
N GLN B 263 -14.50 -21.03 -24.06
CA GLN B 263 -13.64 -20.26 -23.16
C GLN B 263 -12.23 -20.14 -23.75
N GLU B 264 -11.75 -18.91 -23.91
CA GLU B 264 -10.38 -18.67 -24.38
C GLU B 264 -9.41 -18.46 -23.21
N ALA B 265 -8.12 -18.46 -23.53
CA ALA B 265 -7.12 -18.19 -22.52
C ALA B 265 -7.36 -16.81 -21.90
N GLY B 266 -7.20 -16.74 -20.59
CA GLY B 266 -7.38 -15.49 -19.87
C GLY B 266 -8.80 -15.23 -19.40
N GLU B 267 -9.70 -16.20 -19.56
CA GLU B 267 -11.09 -16.02 -19.18
C GLU B 267 -11.52 -16.94 -18.03
N PHE B 268 -12.42 -16.45 -17.18
CA PHE B 268 -13.00 -17.24 -16.10
C PHE B 268 -14.34 -17.83 -16.51
N MET B 269 -14.62 -19.06 -16.10
CA MET B 269 -15.99 -19.58 -16.15
C MET B 269 -16.47 -19.87 -14.73
N ILE B 270 -17.70 -19.45 -14.43
CA ILE B 270 -18.33 -19.75 -13.14
C ILE B 270 -19.46 -20.75 -13.36
N THR B 271 -19.47 -21.85 -12.62
CA THR B 271 -20.66 -22.71 -12.64
C THR B 271 -21.42 -22.47 -11.36
N PHE B 272 -22.74 -22.66 -11.42
CA PHE B 272 -23.62 -22.33 -10.30
C PHE B 272 -24.21 -23.61 -9.71
N PRO B 273 -24.72 -23.55 -8.46
CA PRO B 273 -25.26 -24.75 -7.82
C PRO B 273 -26.30 -25.47 -8.67
N TYR B 274 -26.12 -26.79 -8.76
CA TYR B 274 -26.96 -27.67 -9.57
C TYR B 274 -26.97 -27.27 -11.05
N GLY B 275 -25.86 -26.69 -11.50
CA GLY B 275 -25.68 -26.42 -12.92
C GLY B 275 -24.89 -27.52 -13.61
N TYR B 276 -25.60 -28.39 -14.32
CA TYR B 276 -24.95 -29.47 -15.07
C TYR B 276 -24.11 -28.88 -16.20
N HIS B 277 -22.87 -29.34 -16.31
CA HIS B 277 -22.05 -28.95 -17.45
C HIS B 277 -21.19 -30.09 -17.94
N ALA B 278 -20.69 -29.93 -19.15
CA ALA B 278 -19.79 -30.89 -19.79
C ALA B 278 -19.00 -30.13 -20.84
N GLY B 279 -17.95 -30.74 -21.38
CA GLY B 279 -17.22 -30.09 -22.44
C GLY B 279 -15.95 -30.79 -22.86
N PHE B 280 -15.12 -30.08 -23.63
CA PHE B 280 -13.89 -30.66 -24.15
C PHE B 280 -12.84 -29.60 -24.46
N ASN B 281 -11.60 -30.05 -24.57
CA ASN B 281 -10.48 -29.17 -24.89
C ASN B 281 -10.13 -29.18 -26.38
N HIS B 282 -9.79 -28.02 -26.91
CA HIS B 282 -9.45 -27.88 -28.32
C HIS B 282 -8.03 -28.34 -28.63
N GLY B 283 -7.15 -28.25 -27.64
CA GLY B 283 -5.76 -28.62 -27.82
C GLY B 283 -5.02 -28.47 -26.49
N PHE B 284 -3.69 -28.40 -26.55
CA PHE B 284 -2.91 -28.27 -25.33
C PHE B 284 -3.27 -26.99 -24.59
N ASN B 285 -3.65 -27.14 -23.33
CA ASN B 285 -3.98 -26.00 -22.50
C ASN B 285 -3.86 -26.34 -21.03
N CYS B 286 -4.04 -25.32 -20.19
CA CYS B 286 -3.99 -25.50 -18.77
C CYS B 286 -5.08 -24.68 -18.09
N ALA B 287 -5.89 -25.33 -17.28
CA ALA B 287 -6.94 -24.63 -16.54
C ALA B 287 -6.74 -24.84 -15.04
N GLU B 288 -7.17 -23.86 -14.24
CA GLU B 288 -7.14 -23.97 -12.78
C GLU B 288 -8.55 -23.77 -12.19
N SER B 289 -8.90 -24.56 -11.18
CA SER B 289 -10.28 -24.61 -10.73
C SER B 289 -10.41 -24.91 -9.24
N THR B 290 -11.45 -24.37 -8.60
CA THR B 290 -11.81 -24.79 -7.24
C THR B 290 -13.31 -24.58 -7.01
N ASN B 291 -13.83 -25.15 -5.93
CA ASN B 291 -15.20 -24.86 -5.53
C ASN B 291 -15.26 -23.72 -4.51
N PHE B 292 -16.40 -23.04 -4.49
CA PHE B 292 -16.67 -22.02 -3.49
C PHE B 292 -18.16 -22.00 -3.22
N ALA B 293 -18.56 -21.21 -2.23
CA ALA B 293 -19.97 -21.12 -1.86
C ALA B 293 -20.42 -19.68 -1.65
N THR B 294 -21.74 -19.48 -1.74
CA THR B 294 -22.41 -18.29 -1.25
C THR B 294 -23.47 -18.76 -0.26
N ARG B 295 -24.15 -17.83 0.40
CA ARG B 295 -25.22 -18.21 1.33
C ARG B 295 -26.32 -19.02 0.64
N ARG B 296 -26.60 -18.71 -0.62
CA ARG B 296 -27.61 -19.40 -1.40
C ARG B 296 -27.30 -20.90 -1.55
N TRP B 297 -26.02 -21.25 -1.55
CA TRP B 297 -25.62 -22.63 -1.75
C TRP B 297 -26.09 -23.57 -0.64
N ILE B 298 -26.20 -23.03 0.58
CA ILE B 298 -26.50 -23.85 1.75
C ILE B 298 -27.71 -24.77 1.54
N GLU B 299 -28.81 -24.24 0.99
CA GLU B 299 -29.98 -25.07 0.76
C GLU B 299 -29.69 -26.16 -0.29
N TYR B 300 -28.92 -25.81 -1.32
CA TYR B 300 -28.49 -26.80 -2.32
C TYR B 300 -27.67 -27.90 -1.68
N GLY B 301 -26.76 -27.53 -0.79
CA GLY B 301 -25.93 -28.48 -0.07
C GLY B 301 -26.75 -29.42 0.81
N LYS B 302 -27.79 -28.89 1.43
CA LYS B 302 -28.69 -29.70 2.24
C LYS B 302 -29.43 -30.75 1.42
N GLN B 303 -29.80 -30.37 0.20
CA GLN B 303 -30.67 -31.23 -0.61
C GLN B 303 -29.91 -32.03 -1.68
N ALA B 304 -28.59 -31.93 -1.68
CA ALA B 304 -27.80 -32.58 -2.73
C ALA B 304 -27.93 -34.10 -2.65
N VAL B 305 -28.23 -34.73 -3.79
CA VAL B 305 -28.29 -36.19 -3.87
C VAL B 305 -26.89 -36.73 -4.14
N LEU B 306 -26.37 -37.50 -3.19
CA LEU B 306 -24.98 -37.92 -3.27
C LEU B 306 -24.78 -39.33 -3.82
N CYS B 307 -23.57 -39.56 -4.30
CA CYS B 307 -23.13 -40.85 -4.75
C CYS B 307 -23.20 -41.89 -3.61
N SER B 308 -23.93 -42.99 -3.85
CA SER B 308 -24.14 -44.01 -2.84
C SER B 308 -23.23 -45.20 -3.11
N CYS B 309 -22.61 -45.14 -4.29
CA CYS B 309 -21.87 -46.27 -4.83
C CYS B 309 -20.44 -46.38 -4.30
N ARG B 310 -19.81 -45.25 -4.00
CA ARG B 310 -18.38 -45.29 -3.73
C ARG B 310 -18.01 -44.96 -2.29
N LYS B 311 -17.16 -45.82 -1.75
CA LYS B 311 -16.47 -45.57 -0.49
C LYS B 311 -15.78 -44.24 -0.62
N ASP B 312 -15.72 -43.49 0.48
CA ASP B 312 -15.24 -42.13 0.44
C ASP B 312 -16.20 -41.33 -0.44
N MET B 313 -15.67 -40.67 -1.47
CA MET B 313 -16.41 -39.72 -2.31
C MET B 313 -16.66 -38.46 -1.48
N VAL B 314 -17.02 -37.36 -2.12
CA VAL B 314 -17.03 -36.10 -1.41
C VAL B 314 -18.34 -35.82 -0.72
N LYS B 315 -18.24 -35.52 0.57
CA LYS B 315 -19.40 -35.33 1.41
C LYS B 315 -19.08 -34.29 2.46
N ILE B 316 -19.89 -33.24 2.50
CA ILE B 316 -19.68 -32.19 3.48
C ILE B 316 -20.77 -32.25 4.52
N SER B 317 -20.37 -32.15 5.78
CA SER B 317 -21.32 -32.01 6.86
C SER B 317 -21.93 -30.61 6.81
N MET B 318 -23.24 -30.55 6.62
CA MET B 318 -23.94 -29.28 6.47
C MET B 318 -24.31 -28.64 7.80
N ASP B 319 -24.08 -29.37 8.89
CA ASP B 319 -24.42 -28.91 10.24
C ASP B 319 -23.93 -27.49 10.51
N VAL B 320 -22.63 -27.29 10.33
CA VAL B 320 -21.99 -26.01 10.65
C VAL B 320 -22.62 -24.86 9.88
N PHE B 321 -23.06 -25.13 8.65
CA PHE B 321 -23.67 -24.09 7.82
C PHE B 321 -25.09 -23.78 8.26
N VAL B 322 -25.82 -24.82 8.66
CA VAL B 322 -27.21 -24.63 9.05
C VAL B 322 -27.26 -23.92 10.39
N ARG B 323 -26.39 -24.33 11.32
CA ARG B 323 -26.42 -23.68 12.62
C ARG B 323 -26.01 -22.21 12.51
N LYS B 324 -25.01 -21.92 11.67
CA LYS B 324 -24.53 -20.55 11.55
C LYS B 324 -25.48 -19.63 10.77
N PHE B 325 -26.03 -20.10 9.66
CA PHE B 325 -26.81 -19.21 8.79
C PHE B 325 -28.31 -19.52 8.76
N GLN B 326 -28.70 -20.63 9.38
CA GLN B 326 -30.11 -20.99 9.47
C GLN B 326 -30.48 -21.48 10.86
N PRO B 327 -30.12 -20.73 11.92
CA PRO B 327 -30.31 -21.27 13.27
C PRO B 327 -31.77 -21.56 13.59
N GLU B 328 -32.67 -20.77 13.04
CA GLU B 328 -34.10 -20.94 13.30
C GLU B 328 -34.64 -22.24 12.71
N ARG B 329 -33.92 -22.82 11.76
CA ARG B 329 -34.37 -24.04 11.10
C ARG B 329 -33.57 -25.26 11.53
N TYR B 330 -32.57 -25.06 12.38
CA TYR B 330 -31.66 -26.14 12.70
C TYR B 330 -32.35 -27.35 13.29
N LYS B 331 -33.16 -27.19 14.34
CA LYS B 331 -33.83 -28.32 14.99
C LYS B 331 -34.87 -28.98 14.06
N LEU B 332 -35.54 -28.18 13.24
CA LEU B 332 -36.45 -28.71 12.24
C LEU B 332 -35.74 -29.56 11.18
N TRP B 333 -34.58 -29.09 10.72
CA TRP B 333 -33.82 -29.78 9.69
C TRP B 333 -33.25 -31.15 10.14
N LYS B 334 -32.65 -31.24 11.33
CA LYS B 334 -32.15 -32.53 11.86
C LYS B 334 -33.27 -33.51 12.16
N ALA B 335 -34.50 -33.01 12.26
CA ALA B 335 -35.65 -33.88 12.49
C ALA B 335 -36.27 -34.32 11.17
N GLY B 336 -35.61 -33.99 10.07
CA GLY B 336 -36.05 -34.41 8.75
C GLY B 336 -37.38 -33.86 8.28
N LYS B 337 -37.73 -32.63 8.68
CA LYS B 337 -39.00 -32.05 8.25
C LYS B 337 -38.77 -30.66 7.63
N ASP B 338 -37.52 -30.34 7.36
CA ASP B 338 -37.27 -29.12 6.63
C ASP B 338 -37.73 -29.29 5.17
N ASN B 339 -38.82 -28.64 4.81
CA ASN B 339 -39.44 -28.84 3.50
C ASN B 339 -39.22 -27.71 2.51
N THR B 340 -38.14 -26.95 2.69
CA THR B 340 -37.85 -25.85 1.79
C THR B 340 -37.73 -26.33 0.35
N VAL B 341 -38.43 -25.65 -0.53
CA VAL B 341 -38.31 -25.89 -1.95
C VAL B 341 -37.36 -24.84 -2.53
N ILE B 342 -36.38 -25.30 -3.28
CA ILE B 342 -35.45 -24.37 -3.92
C ILE B 342 -36.09 -23.74 -5.14
N ASP B 343 -36.04 -22.42 -5.22
CA ASP B 343 -36.39 -21.68 -6.42
C ASP B 343 -35.09 -21.31 -7.11
N HIS B 344 -34.78 -21.99 -8.22
CA HIS B 344 -33.50 -21.80 -8.90
C HIS B 344 -33.34 -20.41 -9.53
N THR B 345 -34.42 -19.65 -9.64
CA THR B 345 -34.35 -18.33 -10.24
C THR B 345 -33.86 -17.26 -9.27
N LEU B 346 -34.01 -17.50 -7.97
CA LEU B 346 -33.67 -16.51 -6.94
C LEU B 346 -32.17 -16.26 -6.83
N PRO B 347 -31.75 -14.99 -6.88
CA PRO B 347 -30.35 -14.67 -6.60
C PRO B 347 -30.02 -14.86 -5.14
N THR B 348 -28.73 -14.92 -4.82
CA THR B 348 -28.28 -15.09 -3.44
C THR B 348 -28.60 -13.82 -2.65
N PRO B 349 -28.91 -13.96 -1.34
CA PRO B 349 -29.24 -12.80 -0.50
C PRO B 349 -28.23 -11.66 -0.59
N GLU B 350 -26.94 -11.98 -0.71
CA GLU B 350 -25.89 -10.97 -0.84
C GLU B 350 -26.12 -10.03 -2.02
N ALA B 351 -27.02 -10.40 -2.93
CA ALA B 351 -27.30 -9.60 -4.12
C ALA B 351 -28.36 -8.52 -3.89
N ALA B 352 -28.96 -8.51 -2.71
CA ALA B 352 -30.02 -7.54 -2.36
C ALA B 352 -29.58 -6.13 -2.70
N GLU B 353 -28.40 -5.80 -2.20
CA GLU B 353 -27.73 -4.53 -2.45
C GLU B 353 -27.86 -3.99 -3.88
N PHE B 354 -27.84 -4.89 -4.87
CA PHE B 354 -27.91 -4.46 -6.28
C PHE B 354 -29.32 -4.42 -6.86
N LEU B 355 -30.32 -4.75 -6.07
CA LEU B 355 -31.71 -4.73 -6.55
C LEU B 355 -32.56 -3.71 -5.78
N LYS B 356 -31.96 -3.05 -4.79
CA LYS B 356 -32.69 -2.14 -3.91
C LYS B 356 -33.16 -0.87 -4.62
N LEU C 9 17.27 -5.43 14.70
CA LEU C 9 16.22 -4.72 13.98
C LEU C 9 15.18 -4.12 14.94
N ASN C 10 15.05 -2.80 14.88
CA ASN C 10 14.50 -1.95 15.94
C ASN C 10 15.02 -2.31 17.34
N PRO C 11 16.34 -2.22 17.56
CA PRO C 11 16.96 -2.54 18.85
C PRO C 11 16.55 -1.54 19.93
N SER C 12 16.21 -0.34 19.46
CA SER C 12 15.59 0.75 20.22
C SER C 12 14.32 0.35 20.95
N ALA C 13 13.58 -0.56 20.34
CA ALA C 13 12.17 -0.83 20.63
C ALA C 13 11.33 0.46 20.64
N ARG C 14 11.65 1.40 19.75
CA ARG C 14 10.93 2.66 19.61
C ARG C 14 9.62 2.50 18.84
N ILE C 15 8.67 3.41 19.05
CA ILE C 15 7.42 3.38 18.29
C ILE C 15 7.70 3.80 16.86
N MET C 16 7.34 2.96 15.90
CA MET C 16 7.60 3.27 14.49
C MET C 16 6.34 3.75 13.77
N THR C 17 6.55 4.57 12.73
CA THR C 17 5.47 5.14 11.94
C THR C 17 5.62 4.72 10.49
N PHE C 18 4.51 4.34 9.85
CA PHE C 18 4.58 3.85 8.48
C PHE C 18 3.67 4.60 7.51
N TYR C 19 4.13 4.74 6.27
CA TYR C 19 3.39 5.47 5.23
C TYR C 19 3.18 4.62 3.98
N PRO C 20 2.30 3.61 4.06
CA PRO C 20 2.07 2.75 2.90
C PRO C 20 1.48 3.50 1.69
N THR C 21 1.88 3.07 0.50
CA THR C 21 1.19 3.45 -0.73
C THR C 21 -0.13 2.70 -0.78
N MET C 22 -1.02 3.14 -1.66
CA MET C 22 -2.32 2.47 -1.82
C MET C 22 -2.15 1.00 -2.15
N GLU C 23 -1.19 0.67 -3.02
CA GLU C 23 -0.90 -0.72 -3.37
C GLU C 23 -0.49 -1.56 -2.15
N GLU C 24 0.38 -1.01 -1.32
CA GLU C 24 0.79 -1.69 -0.09
C GLU C 24 -0.35 -1.76 0.92
N PHE C 25 -1.22 -0.74 0.89
CA PHE C 25 -2.25 -0.59 1.91
C PHE C 25 -3.39 -1.59 1.76
N ARG C 26 -3.74 -1.95 0.52
CA ARG C 26 -4.88 -2.84 0.22
C ARG C 26 -4.94 -4.15 1.00
N ASN C 27 -3.79 -4.76 1.24
CA ASN C 27 -3.79 -6.04 1.92
C ASN C 27 -3.37 -5.85 3.37
N PHE C 28 -4.34 -5.92 4.27
CA PHE C 28 -4.12 -5.65 5.69
C PHE C 28 -3.10 -6.60 6.34
N SER C 29 -3.36 -7.90 6.33
CA SER C 29 -2.47 -8.88 6.96
C SER C 29 -1.06 -8.83 6.39
N ARG C 30 -0.94 -8.68 5.07
CA ARG C 30 0.38 -8.66 4.47
C ARG C 30 1.15 -7.45 4.98
N TYR C 31 0.47 -6.33 5.19
CA TYR C 31 1.15 -5.15 5.68
C TYR C 31 1.51 -5.26 7.17
N ILE C 32 0.69 -5.98 7.93
CA ILE C 32 1.05 -6.21 9.33
C ILE C 32 2.33 -7.05 9.40
N ALA C 33 2.41 -8.06 8.52
CA ALA C 33 3.61 -8.87 8.41
C ALA C 33 4.81 -8.02 7.99
N TYR C 34 4.57 -7.04 7.13
CA TYR C 34 5.66 -6.18 6.73
C TYR C 34 6.21 -5.35 7.89
N ILE C 35 5.34 -4.73 8.67
CA ILE C 35 5.84 -3.84 9.71
C ILE C 35 6.52 -4.66 10.81
N GLU C 36 6.09 -5.90 11.00
CA GLU C 36 6.79 -6.78 11.94
C GLU C 36 8.17 -7.16 11.39
N SER C 37 8.28 -7.28 10.06
CA SER C 37 9.57 -7.55 9.44
C SER C 37 10.51 -6.36 9.60
N GLN C 38 9.97 -5.18 9.92
CA GLN C 38 10.81 -4.01 10.22
C GLN C 38 11.04 -3.82 11.73
N GLY C 39 10.49 -4.71 12.54
CA GLY C 39 10.66 -4.65 13.98
C GLY C 39 9.66 -3.80 14.74
N ALA C 40 8.57 -3.39 14.09
CA ALA C 40 7.58 -2.51 14.70
C ALA C 40 6.98 -3.08 15.99
N HIS C 41 6.83 -4.41 16.03
CA HIS C 41 6.19 -5.09 17.14
C HIS C 41 6.97 -5.00 18.47
N ARG C 42 8.24 -4.66 18.39
CA ARG C 42 9.05 -4.65 19.61
C ARG C 42 8.63 -3.50 20.55
N ALA C 43 8.07 -2.44 19.99
CA ALA C 43 7.57 -1.32 20.79
C ALA C 43 6.21 -1.65 21.43
N GLY C 44 5.49 -2.59 20.83
CA GLY C 44 4.17 -2.97 21.31
C GLY C 44 3.08 -2.09 20.71
N LEU C 45 3.52 -1.09 19.95
CA LEU C 45 2.64 -0.06 19.44
C LEU C 45 3.25 0.56 18.20
N ALA C 46 2.46 0.69 17.13
CA ALA C 46 2.93 1.30 15.89
C ALA C 46 1.89 2.23 15.29
N LYS C 47 2.34 3.22 14.54
CA LYS C 47 1.43 4.11 13.84
C LYS C 47 1.45 3.85 12.35
N VAL C 48 0.28 3.87 11.72
CA VAL C 48 0.20 3.71 10.27
C VAL C 48 -0.63 4.82 9.66
N VAL C 49 0.03 5.64 8.85
CA VAL C 49 -0.64 6.75 8.18
C VAL C 49 -1.08 6.28 6.79
N PRO C 50 -2.40 6.16 6.57
CA PRO C 50 -2.88 5.65 5.29
C PRO C 50 -2.63 6.66 4.16
N PRO C 51 -2.66 6.19 2.90
CA PRO C 51 -2.54 7.10 1.74
C PRO C 51 -3.58 8.20 1.83
N LYS C 52 -3.24 9.43 1.51
CA LYS C 52 -4.17 10.50 1.81
C LYS C 52 -5.41 10.51 0.89
N GLU C 53 -5.34 9.83 -0.26
CA GLU C 53 -6.54 9.73 -1.09
C GLU C 53 -7.61 8.85 -0.44
N TRP C 54 -7.20 8.07 0.56
CA TRP C 54 -8.09 7.09 1.19
C TRP C 54 -8.92 7.67 2.33
N LYS C 55 -10.21 7.36 2.32
CA LYS C 55 -11.12 7.78 3.37
C LYS C 55 -12.14 6.67 3.61
N PRO C 56 -12.41 6.34 4.88
CA PRO C 56 -13.36 5.26 5.19
C PRO C 56 -14.82 5.73 5.11
N ARG C 57 -15.02 7.04 5.08
CA ARG C 57 -16.37 7.59 5.07
C ARG C 57 -16.33 8.96 4.41
N ALA C 58 -17.35 9.28 3.62
CA ALA C 58 -17.34 10.53 2.87
C ALA C 58 -17.47 11.71 3.81
N SER C 59 -18.30 11.58 4.84
CA SER C 59 -18.51 12.66 5.77
C SER C 59 -19.03 12.15 7.11
N TYR C 60 -18.82 12.94 8.15
CA TYR C 60 -19.28 12.57 9.48
C TYR C 60 -20.40 13.48 9.98
N ASP C 61 -21.12 14.12 9.05
CA ASP C 61 -22.20 15.04 9.42
C ASP C 61 -23.55 14.34 9.61
N ASP C 62 -23.59 13.03 9.43
CA ASP C 62 -24.86 12.32 9.52
C ASP C 62 -24.94 11.37 10.72
N ILE C 63 -24.14 11.61 11.75
CA ILE C 63 -24.14 10.66 12.86
C ILE C 63 -24.59 11.27 14.19
N ASP C 64 -25.12 12.49 14.16
CA ASP C 64 -25.59 13.15 15.37
C ASP C 64 -26.77 12.43 16.05
N ASP C 65 -27.44 11.54 15.32
CA ASP C 65 -28.55 10.78 15.89
C ASP C 65 -28.08 9.41 16.36
N LEU C 66 -26.77 9.20 16.36
CA LEU C 66 -26.23 7.90 16.77
C LEU C 66 -26.26 7.80 18.30
N VAL C 67 -26.71 6.66 18.80
CA VAL C 67 -26.92 6.50 20.24
C VAL C 67 -25.73 5.87 20.95
N ILE C 68 -25.31 6.52 22.03
CA ILE C 68 -24.34 5.95 22.96
C ILE C 68 -25.10 5.37 24.14
N PRO C 69 -25.39 4.06 24.09
CA PRO C 69 -26.34 3.49 25.04
C PRO C 69 -25.86 3.51 26.49
N ALA C 70 -24.56 3.43 26.72
CA ALA C 70 -24.02 3.35 28.08
C ALA C 70 -22.77 4.21 28.31
N PRO C 71 -22.90 5.54 28.23
CA PRO C 71 -21.75 6.41 28.50
C PRO C 71 -21.25 6.18 29.92
N ILE C 72 -19.93 6.23 30.15
CA ILE C 72 -19.42 6.07 31.50
C ILE C 72 -18.75 7.34 31.98
N GLN C 73 -19.08 7.75 33.20
CA GLN C 73 -18.35 8.82 33.86
C GLN C 73 -17.15 8.21 34.56
N GLN C 74 -15.97 8.78 34.32
CA GLN C 74 -14.74 8.24 34.84
C GLN C 74 -14.29 8.92 36.11
N LEU C 75 -14.50 8.27 37.24
CA LEU C 75 -14.04 8.79 38.51
C LEU C 75 -12.68 8.21 38.86
N VAL C 76 -11.74 9.09 39.16
CA VAL C 76 -10.37 8.69 39.43
C VAL C 76 -9.97 9.07 40.86
N THR C 77 -9.40 8.10 41.57
CA THR C 77 -8.88 8.34 42.91
C THR C 77 -7.40 7.97 42.96
N GLY C 78 -6.61 8.78 43.65
CA GLY C 78 -5.20 8.49 43.79
C GLY C 78 -4.31 9.71 43.96
N GLN C 79 -3.00 9.47 43.95
CA GLN C 79 -2.01 10.52 44.17
C GLN C 79 -0.60 10.06 43.80
N SER C 80 0.29 11.03 43.62
CA SER C 80 1.70 10.79 43.31
C SER C 80 1.89 9.81 42.16
N GLY C 81 1.14 10.01 41.08
CA GLY C 81 1.28 9.23 39.86
C GLY C 81 0.59 7.86 39.83
N LEU C 82 -0.12 7.53 40.90
CA LEU C 82 -0.79 6.23 41.00
C LEU C 82 -2.29 6.36 41.25
N PHE C 83 -3.11 5.85 40.33
CA PHE C 83 -4.55 6.06 40.44
C PHE C 83 -5.39 4.85 40.10
N THR C 84 -6.63 4.86 40.57
CA THR C 84 -7.60 3.86 40.16
C THR C 84 -8.82 4.56 39.57
N GLN C 85 -9.34 4.01 38.47
CA GLN C 85 -10.43 4.63 37.75
C GLN C 85 -11.70 3.79 37.87
N TYR C 86 -12.78 4.43 38.30
CA TYR C 86 -14.07 3.75 38.43
C TYR C 86 -15.05 4.25 37.39
N ASN C 87 -15.92 3.35 36.93
CA ASN C 87 -16.93 3.68 35.95
C ASN C 87 -18.33 3.84 36.53
N ILE C 88 -18.92 5.02 36.37
CA ILE C 88 -20.35 5.21 36.65
C ILE C 88 -21.08 5.17 35.32
N GLN C 89 -22.00 4.23 35.16
CA GLN C 89 -22.81 4.23 33.96
C GLN C 89 -23.83 5.38 34.01
N LYS C 90 -23.96 6.09 32.90
CA LYS C 90 -24.93 7.17 32.80
C LYS C 90 -26.06 6.82 31.84
N LYS C 91 -27.08 7.68 31.78
CA LYS C 91 -28.19 7.51 30.84
C LYS C 91 -27.69 7.59 29.39
N ALA C 92 -28.31 6.78 28.53
CA ALA C 92 -28.04 6.82 27.10
C ALA C 92 -28.09 8.26 26.60
N MET C 93 -27.24 8.57 25.63
CA MET C 93 -27.31 9.87 24.98
C MET C 93 -26.90 9.77 23.52
N THR C 94 -27.30 10.77 22.74
CA THR C 94 -26.94 10.85 21.34
C THR C 94 -25.56 11.48 21.20
N VAL C 95 -24.96 11.32 20.03
CA VAL C 95 -23.67 11.95 19.76
C VAL C 95 -23.79 13.46 19.85
N ARG C 96 -24.93 14.00 19.43
CA ARG C 96 -25.19 15.44 19.52
C ARG C 96 -25.17 15.93 20.97
N GLU C 97 -25.80 15.16 21.85
CA GLU C 97 -25.85 15.50 23.27
C GLU C 97 -24.47 15.38 23.88
N PHE C 98 -23.76 14.33 23.49
CA PHE C 98 -22.42 14.08 24.00
C PHE C 98 -21.49 15.20 23.56
N ARG C 99 -21.60 15.60 22.30
CA ARG C 99 -20.74 16.64 21.74
C ARG C 99 -20.95 17.99 22.43
N LYS C 100 -22.19 18.35 22.74
CA LYS C 100 -22.47 19.61 23.42
C LYS C 100 -21.83 19.64 24.81
N ILE C 101 -21.90 18.52 25.52
CA ILE C 101 -21.27 18.41 26.84
C ILE C 101 -19.75 18.48 26.72
N ALA C 102 -19.20 17.73 25.79
CA ALA C 102 -17.75 17.71 25.55
C ALA C 102 -17.18 19.10 25.27
N ASN C 103 -17.90 19.90 24.49
CA ASN C 103 -17.41 21.22 24.08
C ASN C 103 -17.78 22.35 25.04
N SER C 104 -18.66 22.07 25.99
CA SER C 104 -19.08 23.05 26.98
C SER C 104 -17.92 23.56 27.81
N ASP C 105 -18.09 24.71 28.44
CA ASP C 105 -17.01 25.32 29.22
C ASP C 105 -16.54 24.41 30.35
N LYS C 106 -17.47 23.63 30.89
CA LYS C 106 -17.13 22.80 32.02
C LYS C 106 -16.14 21.69 31.63
N TYR C 107 -16.23 21.18 30.40
CA TYR C 107 -15.47 19.98 30.04
C TYR C 107 -14.45 20.15 28.93
N CYS C 108 -14.46 21.28 28.25
CA CYS C 108 -13.63 21.42 27.06
C CYS C 108 -12.13 21.39 27.36
N THR C 109 -11.35 21.18 26.31
CA THR C 109 -9.90 21.20 26.38
C THR C 109 -9.38 22.53 26.91
N PRO C 110 -8.41 22.48 27.84
CA PRO C 110 -7.80 23.74 28.29
C PRO C 110 -6.88 24.33 27.24
N ARG C 111 -6.50 25.59 27.39
CA ARG C 111 -5.53 26.23 26.50
C ARG C 111 -4.15 25.59 26.64
N TYR C 112 -3.45 25.39 25.52
CA TYR C 112 -2.11 24.80 25.56
C TYR C 112 -1.29 25.06 24.30
N SER C 113 0.03 25.12 24.48
CA SER C 113 0.97 25.37 23.37
C SER C 113 1.60 24.07 22.86
N GLU C 114 2.45 23.45 23.68
CA GLU C 114 3.03 22.16 23.31
C GLU C 114 2.25 21.03 23.98
N PHE C 115 2.46 19.81 23.49
CA PHE C 115 1.83 18.63 24.07
C PHE C 115 2.21 18.47 25.54
N GLU C 116 3.47 18.74 25.87
CA GLU C 116 3.98 18.58 27.24
C GLU C 116 3.16 19.37 28.26
N GLU C 117 2.62 20.51 27.84
CA GLU C 117 1.78 21.31 28.73
C GLU C 117 0.42 20.66 28.95
N LEU C 118 -0.17 20.14 27.88
CA LEU C 118 -1.46 19.44 27.98
C LEU C 118 -1.30 18.17 28.80
N GLU C 119 -0.18 17.49 28.60
CA GLU C 119 0.11 16.28 29.36
C GLU C 119 0.21 16.59 30.86
N ARG C 120 0.82 17.73 31.19
CA ARG C 120 0.95 18.12 32.60
C ARG C 120 -0.41 18.37 33.22
N LYS C 121 -1.27 19.06 32.49
CA LYS C 121 -2.61 19.37 32.96
C LYS C 121 -3.43 18.09 33.16
N TYR C 122 -3.24 17.12 32.27
CA TYR C 122 -3.92 15.84 32.43
C TYR C 122 -3.55 15.15 33.74
N TRP C 123 -2.25 15.03 34.03
CA TRP C 123 -1.81 14.30 35.22
C TRP C 123 -2.06 15.08 36.49
N LYS C 124 -2.13 16.40 36.37
CA LYS C 124 -2.47 17.26 37.49
C LYS C 124 -3.97 17.23 37.78
N ASN C 125 -4.79 17.12 36.74
CA ASN C 125 -6.22 17.34 36.92
C ASN C 125 -7.12 16.11 36.80
N LEU C 126 -6.54 14.92 36.65
CA LEU C 126 -7.37 13.76 36.28
C LEU C 126 -8.31 13.29 37.39
N THR C 127 -8.07 13.65 38.65
CA THR C 127 -9.03 13.28 39.69
C THR C 127 -10.13 14.32 39.84
N PHE C 128 -10.03 15.44 39.12
CA PHE C 128 -11.03 16.49 39.25
C PHE C 128 -12.02 16.46 38.11
N ASN C 129 -13.24 16.96 38.36
CA ASN C 129 -14.23 17.18 37.31
C ASN C 129 -14.38 16.00 36.35
N PRO C 130 -14.77 14.82 36.87
CA PRO C 130 -14.77 13.58 36.07
C PRO C 130 -15.53 13.69 34.75
N PRO C 131 -14.86 13.35 33.64
CA PRO C 131 -15.48 13.48 32.33
C PRO C 131 -16.35 12.27 31.98
N ILE C 132 -17.07 12.37 30.87
CA ILE C 132 -17.89 11.26 30.40
C ILE C 132 -17.28 10.72 29.10
N TYR C 133 -17.12 9.41 29.05
CA TYR C 133 -16.54 8.73 27.88
C TYR C 133 -17.58 7.82 27.24
N GLY C 134 -17.86 8.04 25.96
CA GLY C 134 -18.77 7.19 25.21
C GLY C 134 -18.03 6.01 24.61
N ALA C 135 -17.60 5.10 25.47
CA ALA C 135 -16.72 4.00 25.08
C ALA C 135 -17.47 2.71 24.83
N ASP C 136 -16.83 1.83 24.07
CA ASP C 136 -17.30 0.46 23.84
C ASP C 136 -18.70 0.41 23.20
N VAL C 137 -18.97 1.37 22.34
CA VAL C 137 -20.19 1.41 21.55
C VAL C 137 -20.12 0.47 20.34
N ASN C 138 -20.91 -0.59 20.34
CA ASN C 138 -21.01 -1.46 19.15
C ASN C 138 -21.30 -0.66 17.91
N GLY C 139 -20.47 -0.82 16.87
CA GLY C 139 -20.75 -0.17 15.61
C GLY C 139 -19.51 0.19 14.81
N THR C 140 -19.75 0.62 13.57
CA THR C 140 -18.68 1.05 12.68
C THR C 140 -19.09 2.37 12.01
N LEU C 141 -18.11 3.16 11.60
CA LEU C 141 -18.39 4.34 10.78
C LEU C 141 -17.82 4.14 9.36
N TYR C 142 -17.30 2.95 9.07
CA TYR C 142 -16.91 2.60 7.71
C TYR C 142 -18.12 2.44 6.80
N GLU C 143 -18.06 3.07 5.64
CA GLU C 143 -19.07 2.80 4.62
C GLU C 143 -18.94 1.34 4.16
N LYS C 144 -20.05 0.71 3.82
CA LYS C 144 -20.13 -0.76 3.67
C LYS C 144 -19.22 -1.37 2.61
N HIS C 145 -18.77 -0.57 1.64
CA HIS C 145 -17.94 -1.09 0.56
C HIS C 145 -16.47 -0.70 0.62
N VAL C 146 -16.03 -0.14 1.75
CA VAL C 146 -14.62 0.14 1.91
C VAL C 146 -13.89 -1.18 2.24
N ASP C 147 -13.00 -1.61 1.35
CA ASP C 147 -12.39 -2.94 1.48
C ASP C 147 -10.99 -2.88 2.09
N GLU C 148 -10.45 -1.68 2.27
CA GLU C 148 -9.13 -1.54 2.87
C GLU C 148 -9.23 -1.29 4.38
N TRP C 149 -8.58 -2.16 5.15
CA TRP C 149 -8.47 -1.99 6.61
C TRP C 149 -9.82 -1.76 7.27
N ASN C 150 -10.82 -2.52 6.84
CA ASN C 150 -12.16 -2.37 7.38
C ASN C 150 -12.25 -3.09 8.72
N ILE C 151 -12.23 -2.30 9.78
CA ILE C 151 -12.15 -2.78 11.16
C ILE C 151 -13.36 -3.65 11.53
N GLY C 152 -14.45 -3.48 10.80
CA GLY C 152 -15.61 -4.33 10.98
C GLY C 152 -15.50 -5.74 10.43
N ARG C 153 -14.56 -5.98 9.51
CA ARG C 153 -14.41 -7.29 8.86
C ARG C 153 -12.98 -7.56 8.35
N LEU C 154 -12.02 -7.59 9.27
CA LEU C 154 -10.62 -7.75 8.90
C LEU C 154 -10.28 -9.16 8.41
N ARG C 155 -11.13 -10.12 8.76
CA ARG C 155 -10.99 -11.50 8.26
C ARG C 155 -9.60 -12.11 8.51
N THR C 156 -9.09 -11.94 9.73
CA THR C 156 -7.85 -12.60 10.11
C THR C 156 -8.20 -13.96 10.73
N ILE C 157 -7.19 -14.75 11.08
CA ILE C 157 -7.45 -16.09 11.63
C ILE C 157 -8.22 -16.04 12.95
N LEU C 158 -8.33 -14.86 13.55
CA LEU C 158 -9.12 -14.69 14.77
C LEU C 158 -10.58 -15.09 14.53
N ASP C 159 -11.02 -14.99 13.28
CA ASP C 159 -12.38 -15.36 12.90
C ASP C 159 -12.73 -16.81 13.24
N LEU C 160 -11.71 -17.64 13.41
CA LEU C 160 -11.91 -19.04 13.81
C LEU C 160 -12.63 -19.17 15.15
N VAL C 161 -12.55 -18.13 15.97
CA VAL C 161 -13.26 -18.08 17.23
C VAL C 161 -14.78 -18.16 17.03
N GLU C 162 -15.25 -17.57 15.92
CA GLU C 162 -16.65 -17.69 15.52
C GLU C 162 -17.00 -19.15 15.19
N LYS C 163 -16.43 -19.59 14.07
CA LYS C 163 -16.63 -20.90 13.41
C LYS C 163 -17.74 -21.80 13.93
N GLU C 170 -20.00 -11.39 18.88
CA GLU C 170 -19.66 -9.97 18.95
C GLU C 170 -18.65 -9.75 20.05
N GLY C 171 -17.63 -8.95 19.80
CA GLY C 171 -16.80 -8.52 20.90
C GLY C 171 -15.37 -8.97 20.96
N VAL C 172 -14.93 -9.71 19.97
CA VAL C 172 -13.51 -9.97 19.89
C VAL C 172 -13.07 -9.49 18.52
N ASN C 173 -13.83 -9.83 17.48
CA ASN C 173 -13.51 -9.39 16.14
C ASN C 173 -14.56 -8.46 15.52
N THR C 174 -15.39 -7.84 16.36
CA THR C 174 -16.39 -6.89 15.86
C THR C 174 -15.98 -5.45 16.23
N PRO C 175 -16.50 -4.45 15.52
CA PRO C 175 -15.98 -3.09 15.72
C PRO C 175 -16.61 -2.33 16.87
N TYR C 176 -15.83 -1.45 17.45
CA TYR C 176 -16.25 -0.65 18.61
C TYR C 176 -15.92 0.80 18.39
N LEU C 177 -16.81 1.68 18.81
CA LEU C 177 -16.58 3.10 18.71
C LEU C 177 -16.28 3.71 20.08
N TYR C 178 -15.45 4.75 20.06
CA TYR C 178 -15.08 5.45 21.27
C TYR C 178 -15.28 6.94 21.06
N PHE C 179 -16.27 7.52 21.73
CA PHE C 179 -16.48 8.94 21.61
C PHE C 179 -15.86 9.64 22.83
N GLY C 180 -14.77 10.35 22.59
CA GLY C 180 -14.02 10.95 23.67
C GLY C 180 -14.32 12.41 23.92
N MET C 181 -13.95 12.86 25.12
CA MET C 181 -13.84 14.27 25.43
C MET C 181 -12.55 14.44 26.21
N TRP C 182 -12.18 15.70 26.47
CA TRP C 182 -10.95 16.00 27.20
C TRP C 182 -10.85 15.20 28.50
N LYS C 183 -9.66 14.64 28.73
CA LYS C 183 -9.30 14.00 29.98
C LYS C 183 -9.90 12.61 30.19
N THR C 184 -10.67 12.11 29.21
CA THR C 184 -11.07 10.70 29.26
C THR C 184 -9.85 9.82 29.02
N SER C 185 -9.85 8.63 29.63
CA SER C 185 -8.63 7.83 29.72
C SER C 185 -8.85 6.36 29.38
N PHE C 186 -7.80 5.72 28.90
CA PHE C 186 -7.78 4.27 28.93
C PHE C 186 -6.58 3.84 29.74
N ALA C 187 -6.81 2.90 30.65
CA ALA C 187 -5.83 2.50 31.64
C ALA C 187 -4.83 1.52 31.07
N TRP C 188 -3.75 1.29 31.83
CA TRP C 188 -2.73 0.30 31.48
C TRP C 188 -3.32 -1.09 31.32
N HIS C 189 -3.11 -1.67 30.15
CA HIS C 189 -3.64 -2.98 29.84
C HIS C 189 -2.98 -3.56 28.60
N THR C 190 -3.02 -4.89 28.50
CA THR C 190 -2.86 -5.55 27.22
C THR C 190 -4.27 -5.91 26.75
N GLU C 191 -4.39 -6.36 25.51
CA GLU C 191 -5.69 -6.75 24.97
C GLU C 191 -6.14 -8.07 25.58
N ASP C 192 -7.44 -8.35 25.50
CA ASP C 192 -7.97 -9.66 25.83
C ASP C 192 -7.16 -10.75 25.13
N MET C 193 -6.84 -11.82 25.86
CA MET C 193 -6.04 -12.92 25.33
C MET C 193 -4.76 -12.44 24.65
N ASP C 194 -4.26 -11.28 25.11
CA ASP C 194 -3.08 -10.63 24.55
C ASP C 194 -3.07 -10.55 23.02
N LEU C 195 -4.23 -10.28 22.44
CA LEU C 195 -4.38 -10.12 20.99
C LEU C 195 -3.74 -8.85 20.46
N TYR C 196 -3.71 -8.72 19.13
CA TYR C 196 -3.46 -7.44 18.48
C TYR C 196 -4.70 -6.57 18.67
N SER C 197 -4.53 -5.25 18.51
CA SER C 197 -5.67 -4.38 18.31
C SER C 197 -5.34 -3.36 17.24
N ILE C 198 -6.38 -2.84 16.60
CA ILE C 198 -6.26 -1.76 15.64
C ILE C 198 -7.19 -0.63 16.07
N ASN C 199 -6.72 0.60 15.93
CA ASN C 199 -7.45 1.76 16.39
C ASN C 199 -7.38 2.85 15.32
N TYR C 200 -8.53 3.23 14.79
CA TYR C 200 -8.56 4.31 13.80
C TYR C 200 -9.29 5.51 14.36
N LEU C 201 -8.63 6.66 14.33
CA LEU C 201 -9.25 7.89 14.82
C LEU C 201 -10.02 8.56 13.66
N HIS C 202 -11.34 8.44 13.67
CA HIS C 202 -12.15 8.97 12.56
C HIS C 202 -12.08 10.49 12.47
N PHE C 203 -12.26 11.17 13.60
CA PHE C 203 -12.24 12.64 13.58
C PHE C 203 -12.01 13.24 14.95
N GLY C 204 -11.79 14.55 14.96
CA GLY C 204 -11.73 15.29 16.21
C GLY C 204 -10.33 15.45 16.75
N GLU C 205 -10.26 15.79 18.03
CA GLU C 205 -9.00 16.06 18.69
C GLU C 205 -8.19 14.79 18.91
N PRO C 206 -6.86 14.94 19.06
CA PRO C 206 -5.97 13.77 19.20
C PRO C 206 -6.23 12.86 20.40
N LYS C 207 -5.61 11.70 20.30
CA LYS C 207 -5.57 10.69 21.33
C LYS C 207 -4.09 10.41 21.58
N SER C 208 -3.64 10.57 22.81
CA SER C 208 -2.24 10.30 23.13
C SER C 208 -2.07 8.94 23.80
N TRP C 209 -0.98 8.27 23.46
CA TRP C 209 -0.74 6.89 23.91
C TRP C 209 0.57 6.76 24.69
N TYR C 210 0.58 5.88 25.68
CA TYR C 210 1.82 5.43 26.31
C TYR C 210 1.95 3.94 26.05
N SER C 211 3.17 3.46 25.82
CA SER C 211 3.36 2.03 25.59
C SER C 211 4.61 1.51 26.26
N VAL C 212 4.56 0.25 26.66
CA VAL C 212 5.72 -0.47 27.18
C VAL C 212 6.02 -1.65 26.25
N PRO C 213 7.26 -1.78 25.78
CA PRO C 213 7.65 -2.91 24.93
C PRO C 213 7.28 -4.25 25.57
N PRO C 214 6.72 -5.18 24.77
CA PRO C 214 6.39 -6.52 25.30
C PRO C 214 7.55 -7.19 26.03
N GLU C 215 8.79 -6.98 25.60
CA GLU C 215 9.90 -7.61 26.30
C GLU C 215 10.14 -7.01 27.70
N HIS C 216 9.44 -5.94 28.04
CA HIS C 216 9.55 -5.36 29.38
C HIS C 216 8.20 -5.36 30.13
N GLY C 217 7.22 -6.06 29.59
CA GLY C 217 5.88 -6.11 30.18
C GLY C 217 5.83 -6.66 31.60
N LYS C 218 6.58 -7.72 31.86
CA LYS C 218 6.63 -8.31 33.20
C LYS C 218 7.07 -7.30 34.26
N ARG C 219 7.97 -6.40 33.88
CA ARG C 219 8.47 -5.40 34.80
C ARG C 219 7.39 -4.39 35.15
N LEU C 220 6.54 -4.04 34.19
CA LEU C 220 5.39 -3.19 34.51
C LEU C 220 4.45 -3.91 35.46
N GLU C 221 4.22 -5.19 35.23
CA GLU C 221 3.33 -5.98 36.09
C GLU C 221 3.87 -6.01 37.51
N ARG C 222 5.17 -6.27 37.64
CA ARG C 222 5.81 -6.35 38.95
C ARG C 222 5.62 -5.06 39.73
N LEU C 223 5.87 -3.93 39.07
CA LEU C 223 5.68 -2.61 39.66
C LEU C 223 4.23 -2.38 40.11
N ALA C 224 3.28 -2.69 39.21
CA ALA C 224 1.87 -2.54 39.51
C ALA C 224 1.47 -3.41 40.69
N LYS C 225 2.01 -4.63 40.72
CA LYS C 225 1.75 -5.57 41.81
C LYS C 225 2.22 -4.95 43.12
N GLY C 226 3.39 -4.33 43.08
CA GLY C 226 3.96 -3.67 44.24
C GLY C 226 3.08 -2.53 44.77
N PHE C 227 2.51 -1.75 43.86
CA PHE C 227 1.73 -0.58 44.26
C PHE C 227 0.28 -0.92 44.61
N PHE C 228 -0.23 -2.02 44.11
CA PHE C 228 -1.60 -2.42 44.43
C PHE C 228 -1.67 -3.86 44.89
N PRO C 229 -1.07 -4.15 46.07
CA PRO C 229 -0.93 -5.53 46.53
C PRO C 229 -2.28 -6.20 46.85
N GLY C 230 -3.26 -5.40 47.27
CA GLY C 230 -4.59 -5.92 47.51
C GLY C 230 -5.26 -6.41 46.24
N SER C 231 -5.12 -5.62 45.17
CA SER C 231 -5.71 -5.99 43.88
C SER C 231 -5.03 -7.24 43.33
N ALA C 232 -3.70 -7.30 43.47
CA ALA C 232 -2.92 -8.44 43.00
C ALA C 232 -3.30 -9.72 43.73
N GLN C 233 -3.54 -9.64 45.03
CA GLN C 233 -3.93 -10.81 45.82
C GLN C 233 -5.29 -11.37 45.40
N SER C 234 -6.21 -10.50 44.98
CA SER C 234 -7.56 -10.96 44.66
C SER C 234 -7.76 -11.27 43.17
N CYS C 235 -6.75 -11.02 42.35
CA CYS C 235 -6.83 -11.37 40.93
C CYS C 235 -5.44 -11.48 40.29
N GLU C 236 -5.18 -12.61 39.64
CA GLU C 236 -3.90 -12.89 38.99
C GLU C 236 -3.58 -11.95 37.82
N ALA C 237 -4.59 -11.25 37.30
CA ALA C 237 -4.38 -10.32 36.19
C ALA C 237 -5.25 -9.07 36.33
N PHE C 238 -5.08 -8.33 37.43
CA PHE C 238 -6.01 -7.25 37.77
C PHE C 238 -5.91 -6.06 36.81
N LEU C 239 -4.80 -5.95 36.08
CA LEU C 239 -4.68 -4.89 35.08
C LEU C 239 -5.75 -5.04 33.98
N ARG C 240 -6.24 -6.26 33.79
CA ARG C 240 -7.26 -6.50 32.77
C ARG C 240 -8.59 -5.84 33.12
N HIS C 241 -8.70 -5.36 34.35
CA HIS C 241 -9.90 -4.62 34.78
C HIS C 241 -9.92 -3.23 34.17
N LYS C 242 -8.76 -2.79 33.68
CA LYS C 242 -8.59 -1.48 33.05
C LYS C 242 -8.98 -0.34 33.99
N MET C 243 -8.45 -0.41 35.21
CA MET C 243 -8.74 0.60 36.23
C MET C 243 -7.48 1.30 36.71
N THR C 244 -6.32 0.79 36.29
CA THR C 244 -5.06 1.27 36.84
C THR C 244 -4.36 2.31 35.96
N LEU C 245 -4.22 3.52 36.50
CA LEU C 245 -3.51 4.60 35.83
C LEU C 245 -2.17 4.85 36.53
N ILE C 246 -1.11 4.92 35.75
CA ILE C 246 0.25 5.11 36.27
C ILE C 246 0.97 6.16 35.43
N SER C 247 1.46 7.23 36.04
CA SER C 247 2.02 8.34 35.28
C SER C 247 3.38 8.00 34.68
N PRO C 248 3.75 8.68 33.58
CA PRO C 248 5.07 8.41 33.01
C PRO C 248 6.20 8.67 34.03
N LEU C 249 6.04 9.67 34.89
CA LEU C 249 7.06 9.99 35.90
C LEU C 249 7.33 8.80 36.82
N MET C 250 6.28 8.07 37.17
CA MET C 250 6.44 6.86 37.97
C MET C 250 7.17 5.77 37.19
N LEU C 251 6.89 5.65 35.91
CA LEU C 251 7.60 4.68 35.08
C LEU C 251 9.09 5.06 34.98
N LYS C 252 9.36 6.34 34.79
CA LYS C 252 10.73 6.83 34.70
C LYS C 252 11.45 6.53 36.02
N LYS C 253 10.78 6.84 37.12
CA LYS C 253 11.36 6.68 38.45
C LYS C 253 11.80 5.23 38.70
N TYR C 254 11.04 4.29 38.18
CA TYR C 254 11.31 2.88 38.45
C TYR C 254 11.91 2.16 37.25
N GLY C 255 12.40 2.95 36.30
CA GLY C 255 13.16 2.44 35.18
C GLY C 255 12.43 1.54 34.21
N ILE C 256 11.10 1.69 34.12
CA ILE C 256 10.35 0.95 33.13
C ILE C 256 10.49 1.66 31.79
N PRO C 257 11.05 0.98 30.78
CA PRO C 257 11.12 1.65 29.47
C PRO C 257 9.72 1.84 28.90
N PHE C 258 9.46 2.99 28.33
CA PHE C 258 8.18 3.26 27.71
C PHE C 258 8.37 4.30 26.63
N ASP C 259 7.34 4.53 25.82
CA ASP C 259 7.41 5.53 24.77
C ASP C 259 6.07 6.28 24.71
N LYS C 260 6.07 7.47 24.11
CA LYS C 260 4.85 8.25 23.93
C LYS C 260 4.57 8.47 22.47
N VAL C 261 3.30 8.50 22.09
CA VAL C 261 2.98 8.98 20.75
C VAL C 261 1.58 9.56 20.77
N THR C 262 1.38 10.58 19.92
CA THR C 262 0.08 11.22 19.77
C THR C 262 -0.53 10.87 18.42
N GLN C 263 -1.72 10.29 18.47
CA GLN C 263 -2.48 9.90 17.28
C GLN C 263 -3.42 11.02 16.83
N GLU C 264 -3.33 11.43 15.57
CA GLU C 264 -4.23 12.46 15.05
C GLU C 264 -5.32 11.84 14.17
N ALA C 265 -6.34 12.63 13.87
CA ALA C 265 -7.43 12.18 13.01
C ALA C 265 -6.89 11.70 11.67
N GLY C 266 -7.41 10.56 11.21
CA GLY C 266 -6.95 9.98 9.96
C GLY C 266 -5.81 8.99 10.12
N GLU C 267 -5.41 8.68 11.35
CA GLU C 267 -4.31 7.73 11.56
C GLU C 267 -4.72 6.46 12.28
N PHE C 268 -4.08 5.36 11.93
CA PHE C 268 -4.24 4.07 12.62
C PHE C 268 -3.17 3.89 13.70
N MET C 269 -3.54 3.26 14.81
CA MET C 269 -2.57 2.73 15.74
C MET C 269 -2.75 1.23 15.85
N ILE C 270 -1.65 0.48 15.78
CA ILE C 270 -1.65 -0.96 16.01
C ILE C 270 -1.03 -1.27 17.37
N THR C 271 -1.73 -2.02 18.22
CA THR C 271 -1.05 -2.59 19.38
C THR C 271 -0.74 -4.06 19.10
N PHE C 272 0.37 -4.54 19.65
CA PHE C 272 0.85 -5.90 19.42
C PHE C 272 0.66 -6.78 20.65
N PRO C 273 0.67 -8.11 20.47
CA PRO C 273 0.49 -9.03 21.61
C PRO C 273 1.40 -8.72 22.80
N TYR C 274 0.77 -8.66 23.98
CA TYR C 274 1.43 -8.36 25.25
C TYR C 274 2.08 -6.97 25.24
N GLY C 275 1.49 -6.05 24.49
CA GLY C 275 1.93 -4.68 24.48
C GLY C 275 1.09 -3.82 25.41
N TYR C 276 1.60 -3.55 26.60
CA TYR C 276 0.89 -2.70 27.55
C TYR C 276 0.77 -1.28 26.99
N HIS C 277 -0.42 -0.71 27.07
CA HIS C 277 -0.60 0.67 26.65
C HIS C 277 -1.67 1.36 27.48
N ALA C 278 -1.60 2.68 27.49
CA ALA C 278 -2.52 3.52 28.22
C ALA C 278 -2.54 4.88 27.53
N GLY C 279 -3.50 5.74 27.87
CA GLY C 279 -3.53 7.06 27.27
C GLY C 279 -4.77 7.88 27.58
N PHE C 280 -4.97 8.94 26.80
CA PHE C 280 -6.06 9.86 27.04
C PHE C 280 -6.40 10.70 25.82
N ASN C 281 -7.61 11.21 25.82
CA ASN C 281 -8.12 12.03 24.74
C ASN C 281 -7.93 13.52 25.01
N HIS C 282 -7.54 14.26 23.97
CA HIS C 282 -7.33 15.70 24.07
C HIS C 282 -8.64 16.50 24.09
N GLY C 283 -9.68 15.95 23.48
CA GLY C 283 -10.96 16.64 23.37
C GLY C 283 -11.95 15.80 22.60
N PHE C 284 -13.00 16.43 22.06
CA PHE C 284 -14.03 15.67 21.38
C PHE C 284 -13.46 14.93 20.16
N ASN C 285 -13.61 13.60 20.17
CA ASN C 285 -13.16 12.78 19.05
C ASN C 285 -13.92 11.46 18.95
N CYS C 286 -13.69 10.75 17.85
CA CYS C 286 -14.27 9.42 17.68
C CYS C 286 -13.25 8.43 17.15
N ALA C 287 -13.12 7.29 17.84
CA ALA C 287 -12.20 6.24 17.42
C ALA C 287 -12.93 4.93 17.18
N GLU C 288 -12.45 4.14 16.23
CA GLU C 288 -13.03 2.81 15.98
C GLU C 288 -11.96 1.75 16.13
N SER C 289 -12.32 0.62 16.74
CA SER C 289 -11.32 -0.35 17.16
C SER C 289 -11.84 -1.77 17.21
N THR C 290 -10.93 -2.74 17.02
CA THR C 290 -11.25 -4.14 17.19
C THR C 290 -9.98 -4.94 17.45
N ASN C 291 -10.13 -6.23 17.77
CA ASN C 291 -8.99 -7.10 17.91
C ASN C 291 -8.78 -7.94 16.65
N PHE C 292 -7.55 -8.36 16.42
CA PHE C 292 -7.25 -9.30 15.35
C PHE C 292 -6.05 -10.15 15.74
N ALA C 293 -5.73 -11.14 14.90
CA ALA C 293 -4.65 -12.07 15.19
C ALA C 293 -3.79 -12.33 13.97
N THR C 294 -2.56 -12.76 14.22
CA THR C 294 -1.69 -13.37 13.23
C THR C 294 -1.31 -14.75 13.78
N ARG C 295 -0.56 -15.52 13.01
CA ARG C 295 -0.13 -16.84 13.47
C ARG C 295 0.71 -16.71 14.75
N ARG C 296 1.49 -15.64 14.85
CA ARG C 296 2.37 -15.41 16.00
C ARG C 296 1.59 -15.28 17.32
N TRP C 297 0.37 -14.75 17.24
CA TRP C 297 -0.45 -14.54 18.44
C TRP C 297 -0.77 -15.82 19.17
N ILE C 298 -0.88 -16.93 18.44
CA ILE C 298 -1.35 -18.19 19.02
C ILE C 298 -0.60 -18.60 20.29
N GLU C 299 0.72 -18.48 20.29
CA GLU C 299 1.49 -18.80 21.47
C GLU C 299 1.18 -17.82 22.61
N TYR C 300 0.97 -16.55 22.29
CA TYR C 300 0.60 -15.55 23.29
C TYR C 300 -0.75 -15.91 23.92
N GLY C 301 -1.69 -16.35 23.09
CA GLY C 301 -3.00 -16.72 23.55
C GLY C 301 -2.97 -17.92 24.48
N LYS C 302 -2.10 -18.87 24.18
CA LYS C 302 -1.92 -20.06 25.02
C LYS C 302 -1.36 -19.68 26.39
N GLN C 303 -0.51 -18.67 26.42
CA GLN C 303 0.18 -18.34 27.66
C GLN C 303 -0.40 -17.12 28.37
N ALA C 304 -1.48 -16.56 27.84
CA ALA C 304 -2.08 -15.37 28.44
C ALA C 304 -2.60 -15.63 29.85
N VAL C 305 -2.18 -14.77 30.78
CA VAL C 305 -2.64 -14.84 32.17
C VAL C 305 -3.98 -14.10 32.28
N LEU C 306 -5.02 -14.82 32.63
CA LEU C 306 -6.38 -14.28 32.54
C LEU C 306 -6.93 -13.83 33.89
N CYS C 307 -7.97 -13.01 33.82
CA CYS C 307 -8.63 -12.52 35.02
C CYS C 307 -9.29 -13.67 35.80
N SER C 308 -9.00 -13.72 37.10
CA SER C 308 -9.41 -14.82 37.96
C SER C 308 -10.74 -14.57 38.68
N CYS C 309 -11.16 -13.30 38.72
CA CYS C 309 -12.10 -12.86 39.75
C CYS C 309 -13.51 -12.51 39.26
N ARG C 310 -13.68 -12.42 37.95
CA ARG C 310 -14.96 -12.03 37.35
C ARG C 310 -15.38 -12.98 36.24
N LYS C 311 -16.64 -13.43 36.29
CA LYS C 311 -17.18 -14.31 35.25
C LYS C 311 -17.31 -13.60 33.90
N ASP C 312 -17.40 -12.28 33.92
CA ASP C 312 -17.69 -11.48 32.73
C ASP C 312 -16.54 -11.37 31.72
N MET C 313 -15.36 -11.84 32.06
CA MET C 313 -14.17 -11.57 31.24
C MET C 313 -14.06 -12.41 29.96
N VAL C 314 -13.36 -11.86 28.97
CA VAL C 314 -13.22 -12.49 27.66
C VAL C 314 -12.21 -13.61 27.70
N LYS C 315 -12.64 -14.78 27.26
CA LYS C 315 -11.82 -15.98 27.29
C LYS C 315 -12.01 -16.75 25.98
N ILE C 316 -10.92 -17.01 25.29
CA ILE C 316 -11.02 -17.72 24.03
C ILE C 316 -10.45 -19.13 24.18
N SER C 317 -11.19 -20.11 23.68
CA SER C 317 -10.69 -21.48 23.64
C SER C 317 -9.59 -21.56 22.58
N MET C 318 -8.38 -21.90 23.00
CA MET C 318 -7.23 -21.91 22.10
C MET C 318 -7.12 -23.21 21.32
N ASP C 319 -7.96 -24.16 21.67
CA ASP C 319 -7.83 -25.48 21.11
C ASP C 319 -7.97 -25.47 19.58
N VAL C 320 -8.99 -24.82 19.02
CA VAL C 320 -9.13 -24.76 17.55
C VAL C 320 -7.86 -24.19 16.88
N PHE C 321 -7.17 -23.26 17.54
CA PHE C 321 -5.95 -22.66 16.97
C PHE C 321 -4.75 -23.60 17.07
N VAL C 322 -4.68 -24.36 18.14
CA VAL C 322 -3.55 -25.28 18.31
C VAL C 322 -3.71 -26.50 17.39
N ARG C 323 -4.92 -27.04 17.31
CA ARG C 323 -5.20 -28.12 16.37
C ARG C 323 -4.84 -27.73 14.94
N LYS C 324 -5.29 -26.56 14.50
CA LYS C 324 -5.10 -26.16 13.11
C LYS C 324 -3.67 -25.74 12.77
N PHE C 325 -3.04 -24.94 13.61
CA PHE C 325 -1.73 -24.37 13.26
C PHE C 325 -0.55 -24.97 14.01
N GLN C 326 -0.85 -25.82 15.00
CA GLN C 326 0.19 -26.49 15.77
C GLN C 326 -0.15 -27.95 16.04
N PRO C 327 -0.53 -28.72 14.99
CA PRO C 327 -1.05 -30.06 15.24
C PRO C 327 -0.02 -30.97 15.91
N GLU C 328 1.24 -30.76 15.60
CA GLU C 328 2.30 -31.59 16.16
C GLU C 328 2.48 -31.38 17.67
N ARG C 329 2.00 -30.24 18.18
CA ARG C 329 2.14 -29.95 19.60
C ARG C 329 0.84 -30.13 20.38
N TYR C 330 -0.23 -30.51 19.69
CA TYR C 330 -1.55 -30.48 20.32
C TYR C 330 -1.69 -31.36 21.55
N LYS C 331 -1.32 -32.64 21.45
CA LYS C 331 -1.42 -33.56 22.58
C LYS C 331 -0.47 -33.16 23.70
N LEU C 332 0.72 -32.72 23.32
CA LEU C 332 1.72 -32.24 24.26
C LEU C 332 1.18 -31.05 25.05
N TRP C 333 0.58 -30.10 24.35
CA TRP C 333 0.03 -28.90 24.98
C TRP C 333 -1.13 -29.21 25.92
N LYS C 334 -2.01 -30.13 25.57
CA LYS C 334 -3.11 -30.29 26.50
C LYS C 334 -2.75 -31.26 27.63
N ALA C 335 -1.57 -31.87 27.55
CA ALA C 335 -1.04 -32.58 28.71
C ALA C 335 -0.25 -31.65 29.63
N GLY C 336 -0.28 -30.35 29.35
CA GLY C 336 0.42 -29.37 30.17
C GLY C 336 1.93 -29.43 30.06
N LYS C 337 2.43 -29.95 28.95
CA LYS C 337 3.87 -30.14 28.78
C LYS C 337 4.49 -29.29 27.66
N ASP C 338 3.72 -28.38 27.07
CA ASP C 338 4.27 -27.48 26.07
C ASP C 338 5.06 -26.38 26.76
N ASN C 339 6.38 -26.42 26.63
CA ASN C 339 7.24 -25.49 27.36
C ASN C 339 7.80 -24.37 26.49
N THR C 340 7.10 -24.06 25.40
CA THR C 340 7.54 -23.04 24.48
C THR C 340 7.78 -21.72 25.23
N VAL C 341 8.94 -21.12 24.97
CA VAL C 341 9.27 -19.82 25.51
C VAL C 341 9.07 -18.78 24.42
N ILE C 342 8.28 -17.76 24.70
CA ILE C 342 8.04 -16.72 23.72
C ILE C 342 9.25 -15.81 23.62
N ASP C 343 9.71 -15.57 22.39
CA ASP C 343 10.71 -14.55 22.11
C ASP C 343 9.99 -13.37 21.49
N HIS C 344 9.86 -12.29 22.26
CA HIS C 344 9.10 -11.11 21.85
C HIS C 344 9.72 -10.37 20.65
N THR C 345 10.97 -10.69 20.31
CA THR C 345 11.64 -10.00 19.20
C THR C 345 11.33 -10.62 17.83
N LEU C 346 10.88 -11.87 17.82
CA LEU C 346 10.61 -12.59 16.57
C LEU C 346 9.37 -12.07 15.83
N PRO C 347 9.53 -11.72 14.54
CA PRO C 347 8.34 -11.38 13.75
C PRO C 347 7.47 -12.61 13.48
N THR C 348 6.23 -12.38 13.04
CA THR C 348 5.29 -13.45 12.73
C THR C 348 5.79 -14.21 11.49
N PRO C 349 5.52 -15.54 11.41
CA PRO C 349 6.01 -16.34 10.27
C PRO C 349 5.66 -15.74 8.91
N GLU C 350 4.47 -15.13 8.81
CA GLU C 350 4.01 -14.52 7.58
C GLU C 350 4.99 -13.45 7.08
N ALA C 351 5.91 -13.02 7.94
CA ALA C 351 6.88 -11.98 7.58
C ALA C 351 8.15 -12.55 6.92
N ALA C 352 8.25 -13.88 6.87
CA ALA C 352 9.42 -14.55 6.28
C ALA C 352 9.71 -13.98 4.90
N GLU C 353 8.64 -13.90 4.11
CA GLU C 353 8.61 -13.26 2.81
C GLU C 353 9.50 -12.01 2.67
N PHE C 354 9.45 -11.12 3.65
CA PHE C 354 10.18 -9.85 3.57
C PHE C 354 11.59 -9.91 4.16
N LEU C 355 12.02 -11.08 4.61
CA LEU C 355 13.33 -11.22 5.25
C LEU C 355 14.30 -12.03 4.38
N LYS C 356 14.14 -13.35 4.40
CA LYS C 356 15.10 -14.27 3.79
C LYS C 356 14.41 -15.50 3.22
N LEU D 9 44.84 35.96 -4.62
CA LEU D 9 43.55 36.31 -5.21
C LEU D 9 42.69 37.06 -4.16
N ASN D 10 42.59 38.37 -4.34
CA ASN D 10 42.06 39.30 -3.33
C ASN D 10 42.57 39.00 -1.90
N PRO D 11 43.90 39.09 -1.69
CA PRO D 11 44.51 38.70 -0.40
C PRO D 11 44.14 39.62 0.76
N SER D 12 43.79 40.87 0.46
CA SER D 12 43.34 41.82 1.48
C SER D 12 41.88 41.57 1.90
N ALA D 13 41.17 40.79 1.09
CA ALA D 13 39.75 40.48 1.28
C ALA D 13 38.87 41.74 1.29
N ARG D 14 39.25 42.72 0.46
CA ARG D 14 38.51 43.97 0.31
C ARG D 14 37.16 43.80 -0.41
N ILE D 15 36.23 44.72 -0.20
CA ILE D 15 35.00 44.73 -0.97
C ILE D 15 35.28 45.19 -2.39
N MET D 16 34.95 44.35 -3.36
CA MET D 16 35.22 44.67 -4.76
C MET D 16 33.97 45.18 -5.48
N THR D 17 34.18 46.05 -6.46
CA THR D 17 33.08 46.60 -7.25
C THR D 17 33.25 46.20 -8.71
N PHE D 18 32.17 45.77 -9.34
CA PHE D 18 32.25 45.31 -10.73
C PHE D 18 31.34 46.13 -11.66
N TYR D 19 31.78 46.27 -12.92
CA TYR D 19 31.03 47.04 -13.92
C TYR D 19 30.82 46.26 -15.21
N PRO D 20 29.95 45.23 -15.16
CA PRO D 20 29.75 44.38 -16.33
C PRO D 20 29.15 45.12 -17.53
N THR D 21 29.55 44.69 -18.72
CA THR D 21 28.89 45.08 -19.96
C THR D 21 27.55 44.39 -20.03
N MET D 22 26.66 44.85 -20.90
CA MET D 22 25.36 44.20 -21.05
C MET D 22 25.52 42.72 -21.39
N GLU D 23 26.48 42.41 -22.26
CA GLU D 23 26.76 41.03 -22.64
C GLU D 23 27.13 40.18 -21.43
N GLU D 24 28.04 40.67 -20.60
CA GLU D 24 28.42 39.96 -19.39
C GLU D 24 27.27 39.88 -18.40
N PHE D 25 26.45 40.93 -18.37
CA PHE D 25 25.40 41.09 -17.37
C PHE D 25 24.23 40.12 -17.56
N ARG D 26 23.94 39.74 -18.81
CA ARG D 26 22.77 38.90 -19.12
C ARG D 26 22.70 37.57 -18.37
N ASN D 27 23.84 36.96 -18.11
CA ASN D 27 23.81 35.67 -17.43
C ASN D 27 24.23 35.82 -15.97
N PHE D 28 23.24 35.76 -15.09
CA PHE D 28 23.45 35.98 -13.66
C PHE D 28 24.46 35.01 -13.04
N SER D 29 24.17 33.73 -13.06
CA SER D 29 25.04 32.72 -12.45
C SER D 29 26.47 32.77 -12.98
N ARG D 30 26.62 32.93 -14.30
CA ARG D 30 27.94 32.93 -14.88
C ARG D 30 28.72 34.12 -14.33
N TYR D 31 28.03 35.24 -14.16
CA TYR D 31 28.72 36.43 -13.66
C TYR D 31 29.08 36.29 -12.18
N ILE D 32 28.28 35.57 -11.41
CA ILE D 32 28.62 35.31 -10.01
C ILE D 32 29.88 34.45 -9.93
N ALA D 33 29.96 33.45 -10.80
CA ALA D 33 31.17 32.64 -10.92
C ALA D 33 32.37 33.49 -11.33
N TYR D 34 32.15 34.45 -12.20
CA TYR D 34 33.25 35.30 -12.61
C TYR D 34 33.80 36.14 -11.46
N ILE D 35 32.92 36.76 -10.68
CA ILE D 35 33.40 37.64 -9.62
C ILE D 35 34.06 36.80 -8.50
N GLU D 36 33.64 35.55 -8.35
CA GLU D 36 34.33 34.67 -7.41
C GLU D 36 35.72 34.30 -7.94
N SER D 37 35.86 34.16 -9.26
CA SER D 37 37.16 33.87 -9.86
C SER D 37 38.12 35.05 -9.66
N GLN D 38 37.56 36.23 -9.38
CA GLN D 38 38.35 37.42 -9.05
C GLN D 38 38.56 37.56 -7.53
N GLY D 39 37.99 36.65 -6.75
CA GLY D 39 38.16 36.68 -5.30
C GLY D 39 37.17 37.56 -4.54
N ALA D 40 36.10 37.99 -5.20
CA ALA D 40 35.14 38.89 -4.57
C ALA D 40 34.51 38.28 -3.32
N HIS D 41 34.35 36.96 -3.32
CA HIS D 41 33.68 36.26 -2.22
C HIS D 41 34.45 36.35 -0.89
N ARG D 42 35.74 36.65 -0.95
CA ARG D 42 36.53 36.64 0.27
C ARG D 42 36.12 37.77 1.21
N ALA D 43 35.56 38.83 0.65
CA ALA D 43 35.12 39.96 1.48
C ALA D 43 33.79 39.67 2.16
N GLY D 44 33.03 38.74 1.59
CA GLY D 44 31.71 38.40 2.09
C GLY D 44 30.65 39.28 1.44
N LEU D 45 31.11 40.29 0.72
CA LEU D 45 30.23 41.32 0.17
C LEU D 45 30.84 41.94 -1.08
N ALA D 46 30.04 42.08 -2.14
CA ALA D 46 30.52 42.71 -3.37
C ALA D 46 29.48 43.64 -3.97
N LYS D 47 29.94 44.67 -4.67
CA LYS D 47 29.02 45.55 -5.37
C LYS D 47 29.08 45.25 -6.87
N VAL D 48 27.90 45.25 -7.51
CA VAL D 48 27.84 45.15 -8.96
C VAL D 48 26.99 46.28 -9.53
N VAL D 49 27.64 47.13 -10.32
CA VAL D 49 26.96 48.24 -10.98
C VAL D 49 26.55 47.76 -12.36
N PRO D 50 25.24 47.65 -12.60
CA PRO D 50 24.75 47.18 -13.90
C PRO D 50 25.05 48.21 -15.01
N PRO D 51 24.96 47.81 -16.29
CA PRO D 51 25.13 48.74 -17.42
C PRO D 51 24.13 49.88 -17.34
N LYS D 52 24.53 51.10 -17.70
CA LYS D 52 23.69 52.26 -17.51
C LYS D 52 22.37 52.21 -18.32
N GLU D 53 22.38 51.50 -19.45
CA GLU D 53 21.17 51.39 -20.27
C GLU D 53 20.06 50.62 -19.54
N TRP D 54 20.45 49.82 -18.56
CA TRP D 54 19.54 48.82 -17.98
C TRP D 54 18.72 49.36 -16.82
N LYS D 55 17.41 49.12 -16.88
CA LYS D 55 16.50 49.47 -15.81
C LYS D 55 15.48 48.34 -15.61
N PRO D 56 15.20 47.98 -14.35
CA PRO D 56 14.24 46.90 -14.06
C PRO D 56 12.78 47.37 -14.12
N ARG D 57 12.58 48.68 -14.16
CA ARG D 57 11.25 49.26 -14.16
C ARG D 57 11.30 50.63 -14.83
N ALA D 58 10.30 50.93 -15.66
CA ALA D 58 10.29 52.19 -16.38
C ALA D 58 10.15 53.37 -15.42
N SER D 59 9.32 53.17 -14.39
CA SER D 59 8.98 54.26 -13.49
C SER D 59 8.49 53.74 -12.14
N TYR D 60 8.73 54.50 -11.08
CA TYR D 60 8.29 54.10 -9.75
C TYR D 60 7.13 54.95 -9.25
N ASP D 61 6.46 55.66 -10.16
CA ASP D 61 5.37 56.57 -9.82
C ASP D 61 4.04 55.87 -9.52
N ASP D 62 3.98 54.57 -9.78
CA ASP D 62 2.71 53.86 -9.66
C ASP D 62 2.66 52.90 -8.48
N ILE D 63 3.45 53.15 -7.45
CA ILE D 63 3.49 52.22 -6.34
C ILE D 63 3.12 52.85 -5.00
N ASP D 64 2.53 54.04 -5.03
CA ASP D 64 2.09 54.71 -3.81
C ASP D 64 1.04 53.93 -3.05
N ASP D 65 0.22 53.18 -3.76
CA ASP D 65 -0.88 52.47 -3.12
C ASP D 65 -0.46 51.09 -2.64
N LEU D 66 0.80 50.73 -2.88
CA LEU D 66 1.30 49.42 -2.47
C LEU D 66 1.30 49.33 -0.94
N VAL D 67 0.86 48.18 -0.43
CA VAL D 67 0.65 48.02 1.00
C VAL D 67 1.86 47.40 1.70
N ILE D 68 2.27 48.03 2.80
CA ILE D 68 3.24 47.47 3.72
C ILE D 68 2.46 46.86 4.89
N PRO D 69 2.21 45.55 4.84
CA PRO D 69 1.24 44.99 5.80
C PRO D 69 1.73 44.97 7.25
N ALA D 70 3.03 44.92 7.49
CA ALA D 70 3.55 44.85 8.86
C ALA D 70 4.80 45.70 9.12
N PRO D 71 4.67 47.02 9.06
CA PRO D 71 5.80 47.91 9.35
C PRO D 71 6.31 47.69 10.76
N ILE D 72 7.63 47.77 10.95
CA ILE D 72 8.17 47.56 12.28
C ILE D 72 8.88 48.83 12.76
N GLN D 73 8.56 49.22 13.98
CA GLN D 73 9.28 50.29 14.62
C GLN D 73 10.48 49.68 15.33
N GLN D 74 11.67 50.22 15.06
CA GLN D 74 12.90 49.64 15.59
C GLN D 74 13.36 50.31 16.89
N LEU D 75 13.07 49.68 18.00
CA LEU D 75 13.56 50.13 19.30
C LEU D 75 14.92 49.53 19.64
N VAL D 76 15.85 50.40 19.99
CA VAL D 76 17.23 49.98 20.21
C VAL D 76 17.66 50.35 21.62
N THR D 77 18.22 49.37 22.33
CA THR D 77 18.73 49.59 23.67
C THR D 77 20.19 49.19 23.71
N GLY D 78 21.00 49.97 24.41
CA GLY D 78 22.41 49.67 24.56
C GLY D 78 23.27 50.90 24.72
N GLN D 79 24.59 50.70 24.67
CA GLN D 79 25.55 51.75 24.93
C GLN D 79 26.93 51.25 24.53
N SER D 80 27.88 52.17 24.38
CA SER D 80 29.28 51.82 24.11
C SER D 80 29.42 50.89 22.91
N GLY D 81 28.68 51.18 21.85
CA GLY D 81 28.80 50.45 20.59
C GLY D 81 28.13 49.09 20.55
N LEU D 82 27.37 48.74 21.59
CA LEU D 82 26.72 47.43 21.65
C LEU D 82 25.23 47.57 21.92
N PHE D 83 24.42 47.04 21.03
CA PHE D 83 22.98 47.27 21.13
C PHE D 83 22.14 46.06 20.76
N THR D 84 20.90 46.06 21.24
CA THR D 84 19.92 45.08 20.86
C THR D 84 18.72 45.81 20.28
N GLN D 85 18.23 45.31 19.15
CA GLN D 85 17.13 45.94 18.45
C GLN D 85 15.87 45.10 18.61
N TYR D 86 14.79 45.75 19.04
CA TYR D 86 13.51 45.09 19.16
C TYR D 86 12.52 45.62 18.12
N ASN D 87 11.60 44.77 17.70
CA ASN D 87 10.60 45.15 16.69
C ASN D 87 9.20 45.32 17.26
N ILE D 88 8.66 46.52 17.14
CA ILE D 88 7.23 46.75 17.40
C ILE D 88 6.48 46.66 16.09
N GLN D 89 5.54 45.74 15.97
CA GLN D 89 4.75 45.72 14.75
C GLN D 89 3.73 46.86 14.81
N LYS D 90 3.61 47.58 13.71
CA LYS D 90 2.67 48.69 13.60
C LYS D 90 1.54 48.33 12.65
N LYS D 91 0.53 49.20 12.58
CA LYS D 91 -0.56 49.03 11.63
C LYS D 91 -0.06 49.08 10.20
N ALA D 92 -0.70 48.30 9.33
CA ALA D 92 -0.43 48.34 7.90
C ALA D 92 -0.48 49.78 7.41
N MET D 93 0.37 50.10 6.44
CA MET D 93 0.29 51.39 5.81
C MET D 93 0.70 51.28 4.35
N THR D 94 0.32 52.28 3.56
CA THR D 94 0.69 52.36 2.17
C THR D 94 2.09 52.97 2.05
N VAL D 95 2.71 52.80 0.90
CA VAL D 95 3.99 53.41 0.62
C VAL D 95 3.87 54.94 0.73
N ARG D 96 2.75 55.49 0.27
CA ARG D 96 2.52 56.93 0.34
C ARG D 96 2.57 57.40 1.78
N GLU D 97 1.84 56.71 2.65
CA GLU D 97 1.82 57.03 4.07
C GLU D 97 3.22 56.91 4.68
N PHE D 98 3.90 55.81 4.36
CA PHE D 98 5.27 55.59 4.83
C PHE D 98 6.21 56.70 4.38
N ARG D 99 6.13 57.06 3.10
CA ARG D 99 6.98 58.11 2.55
C ARG D 99 6.79 59.44 3.28
N LYS D 100 5.54 59.79 3.56
CA LYS D 100 5.26 61.07 4.23
C LYS D 100 5.87 61.08 5.61
N ILE D 101 5.77 59.98 6.33
CA ILE D 101 6.42 59.91 7.64
C ILE D 101 7.94 59.98 7.50
N ALA D 102 8.49 59.26 6.54
CA ALA D 102 9.94 59.22 6.35
C ALA D 102 10.52 60.61 6.04
N ASN D 103 9.79 61.40 5.28
CA ASN D 103 10.29 62.71 4.87
C ASN D 103 9.90 63.85 5.79
N SER D 104 9.10 63.55 6.82
CA SER D 104 8.70 64.56 7.79
C SER D 104 9.90 65.06 8.58
N ASP D 105 9.75 66.21 9.25
CA ASP D 105 10.84 66.78 10.04
C ASP D 105 11.26 65.87 11.17
N LYS D 106 10.31 65.08 11.67
CA LYS D 106 10.58 64.15 12.77
C LYS D 106 11.62 63.09 12.41
N TYR D 107 11.55 62.61 11.17
CA TYR D 107 12.27 61.39 10.80
C TYR D 107 13.28 61.53 9.68
N CYS D 108 13.31 62.70 9.04
CA CYS D 108 14.11 62.84 7.84
C CYS D 108 15.60 62.81 8.16
N THR D 109 16.40 62.50 7.14
CA THR D 109 17.84 62.55 7.23
C THR D 109 18.34 63.89 7.77
N PRO D 110 19.30 63.85 8.70
CA PRO D 110 19.93 65.10 9.14
C PRO D 110 20.89 65.66 8.08
N ARG D 111 21.27 66.93 8.22
CA ARG D 111 22.24 67.57 7.33
C ARG D 111 23.62 66.92 7.48
N TYR D 112 24.31 66.73 6.37
CA TYR D 112 25.65 66.16 6.42
C TYR D 112 26.46 66.45 5.16
N SER D 113 27.78 66.49 5.31
CA SER D 113 28.66 66.73 4.17
C SER D 113 29.32 65.43 3.69
N GLU D 114 30.16 64.81 4.52
CA GLU D 114 30.76 63.52 4.14
C GLU D 114 30.03 62.37 4.82
N PHE D 115 30.24 61.16 4.33
CA PHE D 115 29.59 59.97 4.90
C PHE D 115 29.95 59.79 6.38
N GLU D 116 31.21 60.04 6.74
CA GLU D 116 31.68 59.85 8.11
C GLU D 116 30.85 60.63 9.12
N GLU D 117 30.32 61.78 8.70
CA GLU D 117 29.51 62.60 9.58
C GLU D 117 28.14 61.94 9.80
N LEU D 118 27.56 61.42 8.73
CA LEU D 118 26.26 60.76 8.83
C LEU D 118 26.41 59.48 9.64
N GLU D 119 27.51 58.76 9.41
CA GLU D 119 27.82 57.56 10.17
C GLU D 119 27.91 57.88 11.68
N ARG D 120 28.58 58.97 12.02
CA ARG D 120 28.69 59.38 13.42
C ARG D 120 27.32 59.65 14.03
N LYS D 121 26.49 60.39 13.31
CA LYS D 121 25.14 60.68 13.76
C LYS D 121 24.32 59.41 13.95
N TYR D 122 24.48 58.44 13.06
CA TYR D 122 23.78 57.17 13.18
C TYR D 122 24.11 56.45 14.50
N TRP D 123 25.41 56.28 14.78
CA TRP D 123 25.83 55.55 15.98
C TRP D 123 25.59 56.34 17.25
N LYS D 124 25.53 57.65 17.13
CA LYS D 124 25.24 58.51 18.27
C LYS D 124 23.74 58.50 18.58
N ASN D 125 22.91 58.34 17.55
CA ASN D 125 21.49 58.57 17.74
C ASN D 125 20.58 57.36 17.60
N LEU D 126 21.14 56.17 17.45
CA LEU D 126 20.30 55.05 17.05
C LEU D 126 19.36 54.54 18.15
N THR D 127 19.59 54.93 19.41
CA THR D 127 18.61 54.56 20.45
C THR D 127 17.50 55.58 20.57
N PHE D 128 17.65 56.75 19.93
CA PHE D 128 16.65 57.80 20.06
C PHE D 128 15.66 57.80 18.90
N ASN D 129 14.45 58.29 19.16
CA ASN D 129 13.47 58.54 18.10
C ASN D 129 13.33 57.36 17.13
N PRO D 130 12.89 56.20 17.63
CA PRO D 130 12.90 54.96 16.85
C PRO D 130 12.13 55.05 15.53
N PRO D 131 12.79 54.77 14.41
CA PRO D 131 12.15 54.90 13.10
C PRO D 131 11.30 53.69 12.76
N ILE D 132 10.57 53.80 11.66
CA ILE D 132 9.75 52.70 11.18
C ILE D 132 10.35 52.16 9.89
N TYR D 133 10.48 50.84 9.83
CA TYR D 133 11.06 50.14 8.68
C TYR D 133 10.01 49.26 8.00
N GLY D 134 9.75 49.51 6.72
CA GLY D 134 8.87 48.66 5.95
C GLY D 134 9.63 47.47 5.38
N ALA D 135 10.04 46.56 6.26
CA ALA D 135 10.92 45.46 5.85
C ALA D 135 10.16 44.17 5.60
N ASP D 136 10.79 43.29 4.82
CA ASP D 136 10.29 41.93 4.55
C ASP D 136 8.91 41.90 3.92
N VAL D 137 8.67 42.84 3.01
CA VAL D 137 7.44 42.86 2.23
C VAL D 137 7.53 41.89 1.05
N ASN D 138 6.66 40.89 1.01
CA ASN D 138 6.55 40.05 -0.19
C ASN D 138 6.26 40.89 -1.41
N GLY D 139 7.07 40.72 -2.45
CA GLY D 139 6.84 41.43 -3.69
C GLY D 139 8.09 41.74 -4.51
N THR D 140 7.84 42.24 -5.71
CA THR D 140 8.90 42.65 -6.62
C THR D 140 8.49 43.94 -7.32
N LEU D 141 9.47 44.73 -7.73
CA LEU D 141 9.20 45.91 -8.54
C LEU D 141 9.78 45.72 -9.94
N TYR D 142 10.21 44.49 -10.24
CA TYR D 142 10.65 44.17 -11.60
C TYR D 142 9.44 44.03 -12.54
N GLU D 143 9.49 44.70 -13.69
CA GLU D 143 8.51 44.44 -14.73
C GLU D 143 8.67 42.99 -15.20
N LYS D 144 7.54 42.35 -15.52
CA LYS D 144 7.46 40.90 -15.73
C LYS D 144 8.42 40.34 -16.80
N HIS D 145 8.81 41.20 -17.74
CA HIS D 145 9.63 40.79 -18.88
C HIS D 145 11.14 41.02 -18.75
N VAL D 146 11.58 41.62 -17.65
CA VAL D 146 13.01 41.85 -17.46
C VAL D 146 13.70 40.52 -17.16
N ASP D 147 14.61 40.09 -18.04
CA ASP D 147 15.23 38.76 -17.89
C ASP D 147 16.64 38.81 -17.29
N GLU D 148 17.17 40.01 -17.07
CA GLU D 148 18.50 40.13 -16.46
C GLU D 148 18.42 40.37 -14.95
N TRP D 149 19.01 39.48 -14.18
CA TRP D 149 19.13 39.64 -12.71
C TRP D 149 17.77 39.88 -12.07
N ASN D 150 16.76 39.17 -12.57
CA ASN D 150 15.42 39.29 -12.02
C ASN D 150 15.33 38.54 -10.70
N ILE D 151 15.27 39.32 -9.63
CA ILE D 151 15.36 38.80 -8.26
C ILE D 151 14.17 37.90 -7.94
N GLY D 152 13.06 38.12 -8.64
CA GLY D 152 11.89 37.28 -8.50
C GLY D 152 12.08 35.85 -9.01
N ARG D 153 13.00 35.65 -9.94
CA ARG D 153 13.17 34.35 -10.58
C ARG D 153 14.60 34.11 -11.11
N LEU D 154 15.54 33.97 -10.19
CA LEU D 154 16.95 33.82 -10.57
C LEU D 154 17.27 32.41 -11.07
N ARG D 155 16.40 31.46 -10.75
CA ARG D 155 16.51 30.09 -11.25
C ARG D 155 17.88 29.46 -10.96
N THR D 156 18.40 29.63 -9.75
CA THR D 156 19.63 28.95 -9.37
C THR D 156 19.27 27.61 -8.75
N ILE D 157 20.28 26.82 -8.37
CA ILE D 157 20.01 25.48 -7.87
C ILE D 157 19.24 25.49 -6.55
N LEU D 158 19.18 26.65 -5.91
CA LEU D 158 18.34 26.85 -4.74
C LEU D 158 16.88 26.44 -5.00
N ASP D 159 16.45 26.57 -6.25
CA ASP D 159 15.08 26.21 -6.65
C ASP D 159 14.72 24.75 -6.35
N LEU D 160 15.73 23.89 -6.22
CA LEU D 160 15.50 22.49 -5.85
C LEU D 160 14.78 22.37 -4.50
N VAL D 161 14.81 23.42 -3.70
CA VAL D 161 14.12 23.43 -2.41
C VAL D 161 12.60 23.37 -2.58
N GLU D 162 12.06 24.02 -3.62
CA GLU D 162 10.60 24.00 -3.76
C GLU D 162 10.16 22.74 -4.50
N LYS D 163 10.99 22.27 -5.42
CA LYS D 163 10.78 21.08 -6.27
C LYS D 163 9.84 20.00 -5.73
N GLU D 170 6.89 30.54 -0.82
CA GLU D 170 7.35 31.85 -0.38
C GLU D 170 8.50 31.74 0.61
N GLY D 171 9.67 32.26 0.24
CA GLY D 171 10.56 32.69 1.30
C GLY D 171 12.00 32.31 1.38
N VAL D 172 12.52 31.63 0.37
CA VAL D 172 13.94 31.45 0.35
C VAL D 172 14.40 31.97 -1.00
N ASN D 173 13.63 31.68 -2.05
CA ASN D 173 13.96 32.16 -3.38
C ASN D 173 12.92 33.11 -3.98
N THR D 174 12.05 33.66 -3.14
CA THR D 174 11.05 34.63 -3.61
C THR D 174 11.48 36.04 -3.18
N PRO D 175 11.01 37.08 -3.89
CA PRO D 175 11.55 38.42 -3.66
C PRO D 175 10.93 39.18 -2.48
N TYR D 176 11.75 40.00 -1.83
CA TYR D 176 11.31 40.80 -0.70
C TYR D 176 11.65 42.27 -0.90
N LEU D 177 10.77 43.14 -0.42
CA LEU D 177 11.00 44.58 -0.54
C LEU D 177 11.27 45.20 0.83
N TYR D 178 12.12 46.23 0.82
CA TYR D 178 12.51 46.93 2.03
C TYR D 178 12.33 48.43 1.81
N PHE D 179 11.35 49.01 2.48
CA PHE D 179 11.14 50.44 2.38
C PHE D 179 11.75 51.11 3.60
N GLY D 180 12.88 51.77 3.40
CA GLY D 180 13.62 52.34 4.50
C GLY D 180 13.34 53.81 4.74
N MET D 181 13.70 54.26 5.94
CA MET D 181 13.84 55.67 6.24
C MET D 181 15.15 55.83 7.01
N TRP D 182 15.54 57.09 7.24
CA TRP D 182 16.76 57.39 7.97
C TRP D 182 16.86 56.56 9.25
N LYS D 183 18.06 56.02 9.48
CA LYS D 183 18.40 55.37 10.74
C LYS D 183 17.80 53.96 10.92
N THR D 184 17.01 53.50 9.96
CA THR D 184 16.56 52.11 10.03
C THR D 184 17.74 51.19 9.77
N SER D 185 17.75 50.04 10.43
CA SER D 185 18.96 49.21 10.50
C SER D 185 18.73 47.75 10.14
N PHE D 186 19.76 47.10 9.63
CA PHE D 186 19.75 45.64 9.65
C PHE D 186 20.96 45.19 10.43
N ALA D 187 20.71 44.27 11.35
CA ALA D 187 21.68 43.82 12.34
C ALA D 187 22.67 42.83 11.77
N TRP D 188 23.76 42.63 12.51
CA TRP D 188 24.77 41.63 12.16
C TRP D 188 24.18 40.24 11.99
N HIS D 189 24.40 39.66 10.81
CA HIS D 189 23.85 38.35 10.49
C HIS D 189 24.51 37.77 9.25
N THR D 190 24.44 36.44 9.13
CA THR D 190 24.60 35.78 7.83
C THR D 190 23.20 35.44 7.35
N GLU D 191 23.09 35.01 6.10
CA GLU D 191 21.80 34.62 5.55
C GLU D 191 21.34 33.29 6.13
N ASP D 192 20.04 33.03 6.04
CA ASP D 192 19.49 31.72 6.38
C ASP D 192 20.28 30.63 5.66
N MET D 193 20.62 29.59 6.40
CA MET D 193 21.38 28.46 5.86
C MET D 193 22.68 28.92 5.20
N ASP D 194 23.15 30.10 5.62
CA ASP D 194 24.35 30.74 5.10
C ASP D 194 24.36 30.81 3.56
N LEU D 195 23.19 31.08 3.00
CA LEU D 195 23.05 31.27 1.56
C LEU D 195 23.71 32.54 1.04
N TYR D 196 23.77 32.67 -0.28
CA TYR D 196 24.04 33.95 -0.92
C TYR D 196 22.81 34.85 -0.75
N SER D 197 23.00 36.16 -0.88
CA SER D 197 21.86 37.06 -1.08
C SER D 197 22.19 38.08 -2.15
N ILE D 198 21.14 38.62 -2.78
CA ILE D 198 21.26 39.69 -3.74
C ILE D 198 20.35 40.82 -3.29
N ASN D 199 20.84 42.06 -3.39
CA ASN D 199 20.09 43.21 -2.94
C ASN D 199 20.18 44.31 -3.99
N TYR D 200 19.03 44.74 -4.51
CA TYR D 200 19.02 45.81 -5.49
C TYR D 200 18.33 47.01 -4.90
N LEU D 201 18.99 48.17 -4.95
CA LEU D 201 18.37 49.41 -4.49
C LEU D 201 17.60 50.09 -5.63
N HIS D 202 16.28 49.97 -5.61
CA HIS D 202 15.46 50.51 -6.68
C HIS D 202 15.55 52.02 -6.75
N PHE D 203 15.30 52.70 -5.64
CA PHE D 203 15.35 54.15 -5.65
C PHE D 203 15.59 54.75 -4.26
N GLY D 204 15.83 56.05 -4.23
CA GLY D 204 15.91 56.77 -2.98
C GLY D 204 17.31 56.95 -2.45
N GLU D 205 17.40 57.27 -1.15
CA GLU D 205 18.65 57.54 -0.49
C GLU D 205 19.48 56.26 -0.30
N PRO D 206 20.80 56.41 -0.09
CA PRO D 206 21.68 55.24 0.00
C PRO D 206 21.44 54.30 1.19
N LYS D 207 22.02 53.12 1.05
CA LYS D 207 22.05 52.10 2.08
C LYS D 207 23.52 51.77 2.35
N SER D 208 23.97 51.93 3.60
CA SER D 208 25.37 51.66 3.92
C SER D 208 25.53 50.30 4.57
N TRP D 209 26.64 49.64 4.25
CA TRP D 209 26.88 48.26 4.66
C TRP D 209 28.18 48.09 5.43
N TYR D 210 28.15 47.17 6.39
CA TYR D 210 29.38 46.70 7.04
C TYR D 210 29.49 45.22 6.74
N SER D 211 30.70 44.71 6.56
CA SER D 211 30.88 43.30 6.30
C SER D 211 32.16 42.75 6.91
N VAL D 212 32.07 41.50 7.36
CA VAL D 212 33.22 40.76 7.86
C VAL D 212 33.51 39.60 6.92
N PRO D 213 34.76 39.48 6.44
CA PRO D 213 35.16 38.34 5.60
C PRO D 213 34.77 37.01 6.23
N PRO D 214 34.21 36.09 5.43
CA PRO D 214 33.84 34.76 5.96
C PRO D 214 34.98 34.09 6.71
N GLU D 215 36.22 34.27 6.29
CA GLU D 215 37.34 33.61 6.96
C GLU D 215 37.57 34.18 8.37
N HIS D 216 36.91 35.28 8.71
CA HIS D 216 37.00 35.86 10.05
C HIS D 216 35.66 35.90 10.79
N GLY D 217 34.64 35.27 10.20
CA GLY D 217 33.33 35.23 10.80
C GLY D 217 33.26 34.64 12.19
N LYS D 218 34.05 33.59 12.45
CA LYS D 218 34.08 32.98 13.78
C LYS D 218 34.53 33.97 14.84
N ARG D 219 35.46 34.86 14.49
CA ARG D 219 35.96 35.84 15.45
C ARG D 219 34.85 36.81 15.85
N LEU D 220 33.98 37.17 14.90
CA LEU D 220 32.84 38.03 15.21
C LEU D 220 31.84 37.32 16.13
N GLU D 221 31.63 36.04 15.89
CA GLU D 221 30.73 35.25 16.73
C GLU D 221 31.26 35.19 18.16
N ARG D 222 32.56 34.97 18.28
CA ARG D 222 33.21 34.84 19.58
C ARG D 222 33.02 36.14 20.37
N LEU D 223 33.28 37.27 19.71
CA LEU D 223 33.10 38.58 20.31
C LEU D 223 31.67 38.82 20.76
N ALA D 224 30.72 38.50 19.87
CA ALA D 224 29.31 38.66 20.17
C ALA D 224 28.91 37.81 21.37
N LYS D 225 29.37 36.55 21.37
CA LYS D 225 29.10 35.63 22.46
C LYS D 225 29.59 36.22 23.79
N GLY D 226 30.79 36.79 23.78
CA GLY D 226 31.35 37.44 24.95
C GLY D 226 30.52 38.61 25.46
N PHE D 227 29.96 39.40 24.56
CA PHE D 227 29.19 40.57 24.94
C PHE D 227 27.74 40.25 25.27
N PHE D 228 27.23 39.15 24.75
CA PHE D 228 25.85 38.75 25.07
C PHE D 228 25.78 37.30 25.51
N PRO D 229 26.37 36.98 26.67
CA PRO D 229 26.47 35.60 27.15
C PRO D 229 25.11 34.97 27.42
N GLY D 230 24.16 35.76 27.89
CA GLY D 230 22.80 35.27 28.11
C GLY D 230 22.15 34.80 26.81
N SER D 231 22.27 35.60 25.77
CA SER D 231 21.71 35.23 24.46
C SER D 231 22.39 33.99 23.90
N ALA D 232 23.70 33.89 24.10
CA ALA D 232 24.45 32.74 23.59
C ALA D 232 24.05 31.46 24.31
N GLN D 233 23.81 31.57 25.62
CA GLN D 233 23.40 30.42 26.42
C GLN D 233 22.06 29.87 25.95
N SER D 234 21.15 30.76 25.56
CA SER D 234 19.80 30.30 25.21
C SER D 234 19.60 29.99 23.73
N CYS D 235 20.62 30.23 22.89
CA CYS D 235 20.54 29.88 21.47
C CYS D 235 21.93 29.78 20.83
N GLU D 236 22.17 28.66 20.15
CA GLU D 236 23.46 28.39 19.53
C GLU D 236 23.79 29.30 18.34
N ALA D 237 22.81 30.07 17.86
CA ALA D 237 23.03 30.99 16.75
C ALA D 237 22.15 32.24 16.90
N PHE D 238 22.35 32.98 17.98
CA PHE D 238 21.42 34.06 18.33
C PHE D 238 21.54 35.25 17.38
N LEU D 239 22.66 35.38 16.69
CA LEU D 239 22.79 36.42 15.68
C LEU D 239 21.74 36.27 14.56
N ARG D 240 21.21 35.07 14.39
CA ARG D 240 20.19 34.82 13.37
C ARG D 240 18.87 35.50 13.72
N HIS D 241 18.73 35.94 14.97
CA HIS D 241 17.55 36.69 15.39
C HIS D 241 17.53 38.08 14.75
N LYS D 242 18.69 38.51 14.28
CA LYS D 242 18.89 39.82 13.65
C LYS D 242 18.52 40.95 14.60
N MET D 243 19.00 40.85 15.83
CA MET D 243 18.73 41.85 16.86
C MET D 243 20.01 42.54 17.34
N THR D 244 21.17 42.07 16.89
CA THR D 244 22.43 42.53 17.47
C THR D 244 23.17 43.57 16.62
N LEU D 245 23.30 44.77 17.16
CA LEU D 245 24.04 45.85 16.52
C LEU D 245 25.37 46.07 17.24
N ILE D 246 26.44 46.17 16.46
CA ILE D 246 27.80 46.36 16.98
C ILE D 246 28.53 47.40 16.13
N SER D 247 28.96 48.49 16.75
CA SER D 247 29.55 49.60 15.99
C SER D 247 30.91 49.24 15.38
N PRO D 248 31.29 49.92 14.29
CA PRO D 248 32.61 49.65 13.71
C PRO D 248 33.74 49.89 14.71
N LEU D 249 33.59 50.89 15.59
CA LEU D 249 34.61 51.18 16.60
C LEU D 249 34.87 49.99 17.52
N MET D 250 33.82 49.25 17.87
CA MET D 250 33.99 48.05 18.69
C MET D 250 34.73 46.95 17.91
N LEU D 251 34.43 46.84 16.61
CA LEU D 251 35.14 45.87 15.78
C LEU D 251 36.60 46.25 15.65
N LYS D 252 36.88 47.55 15.53
CA LYS D 252 38.25 48.02 15.42
C LYS D 252 38.97 47.69 16.73
N LYS D 253 38.33 48.02 17.85
CA LYS D 253 38.91 47.80 19.17
C LYS D 253 39.31 46.34 19.40
N TYR D 254 38.51 45.41 18.88
CA TYR D 254 38.75 43.99 19.16
C TYR D 254 39.31 43.25 17.96
N GLY D 255 39.86 44.01 17.02
CA GLY D 255 40.63 43.45 15.92
C GLY D 255 39.87 42.55 14.98
N ILE D 256 38.57 42.79 14.84
CA ILE D 256 37.78 42.09 13.83
C ILE D 256 37.96 42.79 12.49
N PRO D 257 38.53 42.09 11.49
CA PRO D 257 38.62 42.78 10.20
C PRO D 257 37.24 42.97 9.60
N PHE D 258 36.98 44.15 9.06
CA PHE D 258 35.71 44.45 8.41
C PHE D 258 35.91 45.49 7.31
N ASP D 259 34.89 45.70 6.49
CA ASP D 259 34.96 46.72 5.45
C ASP D 259 33.62 47.46 5.38
N LYS D 260 33.66 48.69 4.84
CA LYS D 260 32.46 49.52 4.69
C LYS D 260 32.20 49.76 3.22
N VAL D 261 30.94 49.87 2.85
CA VAL D 261 30.62 50.33 1.51
C VAL D 261 29.21 50.93 1.49
N THR D 262 29.03 51.94 0.66
CA THR D 262 27.74 52.59 0.53
C THR D 262 27.11 52.25 -0.81
N GLN D 263 25.88 51.74 -0.75
CA GLN D 263 25.11 51.33 -1.92
C GLN D 263 24.16 52.43 -2.36
N GLU D 264 24.26 52.83 -3.61
CA GLU D 264 23.38 53.87 -4.12
C GLU D 264 22.31 53.30 -5.05
N ALA D 265 21.28 54.10 -5.31
CA ALA D 265 20.19 53.68 -6.17
C ALA D 265 20.74 53.19 -7.50
N GLY D 266 20.23 52.06 -7.97
CA GLY D 266 20.68 51.49 -9.23
C GLY D 266 21.78 50.45 -9.09
N GLU D 267 22.22 50.15 -7.87
CA GLU D 267 23.32 49.21 -7.66
C GLU D 267 22.92 47.92 -6.95
N PHE D 268 23.57 46.82 -7.32
CA PHE D 268 23.39 45.53 -6.64
C PHE D 268 24.46 45.32 -5.56
N MET D 269 24.05 44.70 -4.46
CA MET D 269 25.00 44.15 -3.51
C MET D 269 24.81 42.63 -3.43
N ILE D 270 25.90 41.89 -3.49
CA ILE D 270 25.88 40.46 -3.30
C ILE D 270 26.51 40.11 -1.94
N THR D 271 25.81 39.35 -1.11
CA THR D 271 26.47 38.78 0.05
C THR D 271 26.78 37.30 -0.23
N PHE D 272 27.91 36.84 0.28
CA PHE D 272 28.36 35.48 0.03
C PHE D 272 28.14 34.59 1.25
N PRO D 273 28.14 33.25 1.07
CA PRO D 273 27.97 32.33 2.19
C PRO D 273 28.85 32.63 3.41
N TYR D 274 28.21 32.68 4.57
CA TYR D 274 28.85 32.96 5.86
C TYR D 274 29.51 34.33 5.87
N GLY D 275 28.96 35.25 5.11
CA GLY D 275 29.42 36.63 5.12
C GLY D 275 28.55 37.46 6.04
N TYR D 276 29.06 37.74 7.24
CA TYR D 276 28.34 38.57 8.18
C TYR D 276 28.25 40.00 7.67
N HIS D 277 27.06 40.58 7.71
CA HIS D 277 26.90 41.98 7.34
C HIS D 277 25.86 42.67 8.21
N ALA D 278 25.97 44.00 8.26
CA ALA D 278 25.02 44.86 8.96
C ALA D 278 25.02 46.22 8.26
N GLY D 279 24.06 47.08 8.60
CA GLY D 279 24.07 48.42 8.05
C GLY D 279 22.84 49.25 8.37
N PHE D 280 22.66 50.33 7.60
CA PHE D 280 21.55 51.24 7.83
C PHE D 280 21.20 52.04 6.60
N ASN D 281 20.00 52.62 6.61
CA ASN D 281 19.52 53.43 5.50
C ASN D 281 19.73 54.92 5.76
N HIS D 282 20.11 55.66 4.72
CA HIS D 282 20.33 57.09 4.85
C HIS D 282 19.03 57.89 4.86
N GLY D 283 17.97 57.33 4.29
CA GLY D 283 16.72 58.06 4.18
C GLY D 283 15.71 57.21 3.45
N PHE D 284 14.67 57.85 2.92
CA PHE D 284 13.63 57.12 2.21
C PHE D 284 14.20 56.39 1.00
N ASN D 285 14.11 55.07 1.01
CA ASN D 285 14.52 54.27 -0.13
C ASN D 285 13.75 52.97 -0.26
N CYS D 286 14.03 52.22 -1.31
CA CYS D 286 13.40 50.92 -1.51
C CYS D 286 14.38 49.92 -2.08
N ALA D 287 14.53 48.80 -1.39
CA ALA D 287 15.42 47.75 -1.89
C ALA D 287 14.64 46.46 -2.13
N GLU D 288 15.16 45.63 -3.03
CA GLU D 288 14.56 44.32 -3.31
C GLU D 288 15.62 43.24 -3.15
N SER D 289 15.24 42.11 -2.56
CA SER D 289 16.24 41.14 -2.18
C SER D 289 15.71 39.70 -2.10
N THR D 290 16.57 38.73 -2.36
CA THR D 290 16.24 37.32 -2.22
C THR D 290 17.53 36.52 -1.96
N ASN D 291 17.38 35.23 -1.63
CA ASN D 291 18.52 34.36 -1.50
C ASN D 291 18.70 33.50 -2.74
N PHE D 292 19.94 33.11 -3.01
CA PHE D 292 20.23 32.19 -4.09
C PHE D 292 21.42 31.33 -3.71
N ALA D 293 21.74 30.36 -4.57
CA ALA D 293 22.82 29.43 -4.28
C ALA D 293 23.69 29.18 -5.50
N THR D 294 24.91 28.71 -5.24
CA THR D 294 25.78 28.11 -6.24
C THR D 294 26.19 26.75 -5.68
N ARG D 295 26.83 25.92 -6.50
CA ARG D 295 27.31 24.62 -6.04
C ARG D 295 28.17 24.72 -4.76
N ARG D 296 28.96 25.80 -4.65
CA ARG D 296 29.81 26.01 -3.47
C ARG D 296 29.02 26.15 -2.17
N TRP D 297 27.79 26.65 -2.26
CA TRP D 297 26.97 26.87 -1.06
C TRP D 297 26.61 25.57 -0.34
N ILE D 298 26.52 24.47 -1.07
CA ILE D 298 26.03 23.21 -0.52
C ILE D 298 26.76 22.79 0.77
N GLU D 299 28.08 22.93 0.80
CA GLU D 299 28.84 22.55 1.98
C GLU D 299 28.52 23.50 3.13
N TYR D 300 28.35 24.79 2.82
CA TYR D 300 27.96 25.78 3.82
C TYR D 300 26.60 25.44 4.39
N GLY D 301 25.69 24.99 3.53
CA GLY D 301 24.36 24.62 3.95
C GLY D 301 24.39 23.44 4.90
N LYS D 302 25.25 22.47 4.60
CA LYS D 302 25.41 21.30 5.44
C LYS D 302 25.92 21.67 6.83
N GLN D 303 26.81 22.66 6.90
CA GLN D 303 27.49 22.95 8.14
C GLN D 303 26.92 24.17 8.89
N ALA D 304 25.84 24.73 8.37
CA ALA D 304 25.28 25.93 8.97
C ALA D 304 24.75 25.65 10.37
N VAL D 305 25.18 26.48 11.32
CA VAL D 305 24.70 26.40 12.69
C VAL D 305 23.38 27.16 12.81
N LEU D 306 22.30 26.44 13.08
CA LEU D 306 20.97 27.01 13.02
C LEU D 306 20.43 27.46 14.38
N CYS D 307 19.45 28.35 14.33
CA CYS D 307 18.74 28.82 15.52
C CYS D 307 18.06 27.64 16.22
N SER D 308 18.33 27.49 17.52
CA SER D 308 17.80 26.36 18.27
C SER D 308 16.60 26.71 19.16
N CYS D 309 16.30 28.00 19.28
CA CYS D 309 15.36 28.49 20.29
C CYS D 309 13.97 28.87 19.78
N ARG D 310 13.85 29.05 18.47
CA ARG D 310 12.61 29.53 17.86
C ARG D 310 11.99 28.50 16.95
N LYS D 311 10.74 28.15 17.19
CA LYS D 311 10.00 27.42 16.17
C LYS D 311 9.86 28.43 15.04
N ASP D 312 9.79 27.95 13.80
CA ASP D 312 9.56 28.79 12.60
C ASP D 312 10.80 29.47 12.03
N MET D 313 12.00 29.01 12.37
CA MET D 313 13.16 29.59 11.71
C MET D 313 13.37 28.86 10.39
N VAL D 314 14.04 29.51 9.44
CA VAL D 314 14.19 28.94 8.10
C VAL D 314 15.23 27.84 8.10
N LYS D 315 14.78 26.66 7.70
CA LYS D 315 15.59 25.45 7.73
C LYS D 315 15.38 24.68 6.43
N ILE D 316 16.47 24.40 5.72
CA ILE D 316 16.35 23.69 4.46
C ILE D 316 16.90 22.28 4.58
N SER D 317 16.13 21.31 4.11
CA SER D 317 16.62 19.94 4.04
C SER D 317 17.70 19.87 2.98
N MET D 318 18.90 19.47 3.37
CA MET D 318 20.05 19.48 2.47
C MET D 318 20.19 18.19 1.67
N ASP D 319 19.37 17.20 1.95
CA ASP D 319 19.56 15.89 1.35
C ASP D 319 19.43 15.94 -0.16
N VAL D 320 18.41 16.63 -0.68
CA VAL D 320 18.24 16.74 -2.13
C VAL D 320 19.49 17.32 -2.80
N PHE D 321 20.18 18.25 -2.14
CA PHE D 321 21.41 18.81 -2.68
C PHE D 321 22.59 17.86 -2.59
N VAL D 322 22.67 17.11 -1.49
CA VAL D 322 23.76 16.17 -1.34
C VAL D 322 23.57 14.99 -2.30
N ARG D 323 22.34 14.49 -2.41
CA ARG D 323 22.05 13.40 -3.34
C ARG D 323 22.45 13.77 -4.76
N LYS D 324 22.04 14.95 -5.21
CA LYS D 324 22.25 15.35 -6.60
C LYS D 324 23.70 15.74 -6.91
N PHE D 325 24.33 16.57 -6.06
CA PHE D 325 25.65 17.11 -6.38
C PHE D 325 26.81 16.47 -5.62
N GLN D 326 26.48 15.66 -4.62
CA GLN D 326 27.51 14.96 -3.86
C GLN D 326 27.14 13.49 -3.60
N PRO D 327 26.75 12.76 -4.66
CA PRO D 327 26.25 11.40 -4.44
C PRO D 327 27.28 10.49 -3.75
N GLU D 328 28.55 10.68 -4.08
CA GLU D 328 29.62 9.85 -3.51
C GLU D 328 29.77 10.03 -1.99
N ARG D 329 29.28 11.15 -1.46
CA ARG D 329 29.41 11.42 -0.03
C ARG D 329 28.11 11.27 0.71
N TYR D 330 27.07 10.91 -0.04
CA TYR D 330 25.73 10.98 0.48
C TYR D 330 25.81 10.06 1.69
N LYS D 331 26.32 8.83 1.79
CA LYS D 331 26.16 7.73 2.75
C LYS D 331 27.13 7.98 3.94
N LEU D 332 28.19 8.69 3.54
CA LEU D 332 29.03 9.18 4.57
C LEU D 332 28.36 10.27 5.41
N TRP D 333 27.75 11.23 4.74
CA TRP D 333 27.19 12.42 5.38
C TRP D 333 26.00 12.03 6.22
N LYS D 334 25.19 11.09 5.69
CA LYS D 334 24.16 10.25 6.38
C LYS D 334 24.40 9.79 7.73
N ALA D 335 25.65 9.47 7.93
CA ALA D 335 26.05 8.70 9.08
C ALA D 335 26.82 9.60 9.99
N GLY D 336 26.84 10.90 9.67
CA GLY D 336 27.52 11.86 10.51
C GLY D 336 29.03 11.79 10.43
N LYS D 337 29.58 11.33 9.32
CA LYS D 337 31.04 11.23 9.27
C LYS D 337 31.68 11.97 8.08
N ASP D 338 30.91 12.84 7.42
CA ASP D 338 31.51 13.77 6.45
C ASP D 338 32.30 14.86 7.18
N ASN D 339 33.62 14.82 7.04
CA ASN D 339 34.50 15.71 7.77
C ASN D 339 35.08 16.84 6.94
N THR D 340 34.41 17.16 5.83
CA THR D 340 34.86 18.21 4.93
C THR D 340 35.12 19.52 5.69
N VAL D 341 36.28 20.12 5.45
CA VAL D 341 36.60 21.40 6.02
C VAL D 341 36.46 22.45 4.95
N ILE D 342 35.69 23.49 5.24
CA ILE D 342 35.45 24.53 4.26
C ILE D 342 36.65 25.45 4.19
N ASP D 343 37.15 25.66 2.98
CA ASP D 343 38.14 26.68 2.70
C ASP D 343 37.42 27.88 2.09
N HIS D 344 37.31 28.97 2.87
CA HIS D 344 36.55 30.14 2.45
C HIS D 344 37.18 30.91 1.29
N THR D 345 38.42 30.58 0.93
CA THR D 345 39.09 31.29 -0.16
C THR D 345 38.76 30.70 -1.52
N LEU D 346 38.30 29.45 -1.54
CA LEU D 346 38.04 28.74 -2.80
C LEU D 346 36.81 29.26 -3.54
N PRO D 347 36.98 29.61 -4.83
CA PRO D 347 35.81 29.98 -5.63
C PRO D 347 34.94 28.77 -5.93
N THR D 348 33.69 29.01 -6.30
CA THR D 348 32.76 27.95 -6.66
C THR D 348 33.24 27.24 -7.95
N PRO D 349 33.02 25.91 -8.05
CA PRO D 349 33.48 25.12 -9.20
C PRO D 349 33.11 25.75 -10.55
N GLU D 350 31.93 26.34 -10.64
CA GLU D 350 31.48 27.00 -11.87
C GLU D 350 32.47 28.07 -12.36
N ALA D 351 33.39 28.49 -11.48
CA ALA D 351 34.38 29.51 -11.84
C ALA D 351 35.62 28.95 -12.52
N ALA D 352 35.70 27.62 -12.62
CA ALA D 352 36.90 26.96 -13.18
C ALA D 352 37.23 27.54 -14.54
N GLU D 353 36.18 27.67 -15.34
CA GLU D 353 36.23 28.26 -16.66
C GLU D 353 37.04 29.57 -16.77
N PHE D 354 37.00 30.39 -15.72
CA PHE D 354 37.71 31.69 -15.75
C PHE D 354 39.12 31.64 -15.17
N LEU D 355 39.54 30.47 -14.68
CA LEU D 355 40.88 30.33 -14.12
C LEU D 355 41.80 29.61 -15.12
N LYS D 356 41.48 28.35 -15.45
CA LYS D 356 42.08 27.62 -16.58
C LYS D 356 43.58 27.83 -16.79
N LEU E 9 -6.59 72.98 55.20
CA LEU E 9 -6.24 71.64 55.67
C LEU E 9 -5.52 70.82 54.57
N ASN E 10 -4.43 70.21 55.03
CA ASN E 10 -3.17 69.90 54.29
C ASN E 10 -2.79 70.88 53.14
N PRO E 11 -2.45 72.12 53.47
CA PRO E 11 -2.04 73.23 52.63
C PRO E 11 -0.74 72.90 51.90
N SER E 12 0.04 72.03 52.54
CA SER E 12 1.20 71.33 51.99
C SER E 12 0.94 70.59 50.66
N ALA E 13 -0.29 70.08 50.53
CA ALA E 13 -0.68 69.13 49.48
C ALA E 13 0.26 67.92 49.38
N ARG E 14 0.77 67.43 50.50
CA ARG E 14 1.70 66.29 50.45
C ARG E 14 1.01 64.98 50.83
N ILE E 15 1.61 63.88 50.38
CA ILE E 15 1.02 62.57 50.55
C ILE E 15 0.84 62.19 52.01
N MET E 16 -0.38 61.84 52.38
CA MET E 16 -0.71 61.46 53.75
C MET E 16 -0.86 59.94 53.88
N THR E 17 -0.64 59.45 55.10
CA THR E 17 -0.72 58.02 55.40
C THR E 17 -1.74 57.81 56.52
N PHE E 18 -2.55 56.77 56.40
CA PHE E 18 -3.63 56.55 57.37
C PHE E 18 -3.61 55.14 57.97
N TYR E 19 -3.98 55.07 59.25
CA TYR E 19 -3.94 53.80 59.98
C TYR E 19 -5.29 53.52 60.63
N PRO E 20 -6.27 53.08 59.82
CA PRO E 20 -7.60 52.77 60.35
C PRO E 20 -7.64 51.57 61.29
N THR E 21 -8.51 51.65 62.29
CA THR E 21 -8.87 50.49 63.10
C THR E 21 -9.76 49.58 62.27
N MET E 22 -9.94 48.35 62.71
CA MET E 22 -10.79 47.40 62.01
C MET E 22 -12.21 47.95 61.85
N GLU E 23 -12.71 48.63 62.87
CA GLU E 23 -14.06 49.19 62.81
C GLU E 23 -14.17 50.26 61.71
N GLU E 24 -13.19 51.16 61.66
CA GLU E 24 -13.14 52.19 60.62
C GLU E 24 -12.93 51.56 59.24
N PHE E 25 -12.16 50.48 59.21
CA PHE E 25 -11.73 49.86 57.96
C PHE E 25 -12.87 49.18 57.19
N ARG E 26 -13.84 48.63 57.92
CA ARG E 26 -14.88 47.82 57.30
C ARG E 26 -15.73 48.53 56.24
N ASN E 27 -15.94 49.83 56.42
CA ASN E 27 -16.72 50.58 55.44
C ASN E 27 -15.82 51.39 54.50
N PHE E 28 -15.62 50.86 53.29
CA PHE E 28 -14.70 51.45 52.31
C PHE E 28 -15.02 52.89 51.93
N SER E 29 -16.25 53.13 51.46
CA SER E 29 -16.64 54.45 50.98
C SER E 29 -16.58 55.51 52.06
N ARG E 30 -17.00 55.13 53.27
CA ARG E 30 -17.01 56.09 54.37
C ARG E 30 -15.58 56.46 54.74
N TYR E 31 -14.67 55.50 54.64
CA TYR E 31 -13.29 55.81 55.00
C TYR E 31 -12.63 56.69 53.93
N ILE E 32 -13.04 56.53 52.67
CA ILE E 32 -12.55 57.41 51.61
C ILE E 32 -13.02 58.84 51.85
N ALA E 33 -14.26 58.98 52.31
CA ALA E 33 -14.79 60.29 52.66
C ALA E 33 -14.04 60.86 53.85
N TYR E 34 -13.70 60.01 54.81
CA TYR E 34 -12.92 60.47 55.97
C TYR E 34 -11.55 61.04 55.56
N ILE E 35 -10.83 60.35 54.68
CA ILE E 35 -9.48 60.80 54.40
C ILE E 35 -9.53 62.07 53.56
N GLU E 36 -10.58 62.22 52.76
CA GLU E 36 -10.78 63.48 52.05
C GLU E 36 -11.09 64.60 53.03
N SER E 37 -11.77 64.28 54.14
CA SER E 37 -12.07 65.29 55.16
C SER E 37 -10.77 65.74 55.85
N GLN E 38 -9.74 64.91 55.78
CA GLN E 38 -8.42 65.26 56.29
C GLN E 38 -7.54 65.93 55.23
N GLY E 39 -8.06 66.07 54.01
CA GLY E 39 -7.33 66.72 52.94
C GLY E 39 -6.37 65.84 52.16
N ALA E 40 -6.54 64.53 52.26
CA ALA E 40 -5.65 63.59 51.58
C ALA E 40 -5.70 63.75 50.05
N HIS E 41 -6.86 64.12 49.53
CA HIS E 41 -7.07 64.20 48.09
C HIS E 41 -6.22 65.26 47.41
N ARG E 42 -5.75 66.24 48.17
CA ARG E 42 -5.03 67.36 47.57
C ARG E 42 -3.69 66.95 46.96
N ALA E 43 -3.08 65.91 47.52
CA ALA E 43 -1.83 65.37 46.98
C ALA E 43 -2.06 64.56 45.69
N GLY E 44 -3.26 64.00 45.55
CA GLY E 44 -3.58 63.17 44.40
C GLY E 44 -3.33 61.71 44.68
N LEU E 45 -2.74 61.44 45.83
CA LEU E 45 -2.27 60.12 46.18
C LEU E 45 -2.16 59.99 47.71
N ALA E 46 -2.65 58.88 48.26
CA ALA E 46 -2.61 58.67 49.71
C ALA E 46 -2.34 57.21 50.03
N LYS E 47 -1.71 56.96 51.18
CA LYS E 47 -1.47 55.59 51.60
C LYS E 47 -2.41 55.21 52.73
N VAL E 48 -2.90 53.98 52.69
CA VAL E 48 -3.71 53.45 53.78
C VAL E 48 -3.15 52.10 54.21
N VAL E 49 -2.69 52.06 55.46
CA VAL E 49 -2.19 50.85 56.08
C VAL E 49 -3.33 50.17 56.82
N PRO E 50 -3.70 48.96 56.39
CA PRO E 50 -4.82 48.26 57.03
C PRO E 50 -4.44 47.74 58.41
N PRO E 51 -5.43 47.37 59.24
CA PRO E 51 -5.16 46.77 60.55
C PRO E 51 -4.35 45.50 60.43
N LYS E 52 -3.52 45.22 61.42
CA LYS E 52 -2.50 44.17 61.31
C LYS E 52 -3.20 42.82 61.29
N GLU E 53 -4.37 42.79 61.92
CA GLU E 53 -5.27 41.64 61.95
C GLU E 53 -5.62 41.11 60.56
N TRP E 54 -5.70 42.03 59.61
CA TRP E 54 -6.38 41.81 58.35
C TRP E 54 -5.48 41.29 57.23
N LYS E 55 -5.95 40.26 56.55
CA LYS E 55 -5.27 39.69 55.40
C LYS E 55 -6.32 39.32 54.36
N PRO E 56 -6.07 39.66 53.09
CA PRO E 56 -7.03 39.36 52.03
C PRO E 56 -6.92 37.91 51.53
N ARG E 57 -5.86 37.23 51.93
CA ARG E 57 -5.61 35.87 51.49
C ARG E 57 -4.72 35.16 52.50
N ALA E 58 -5.03 33.91 52.78
CA ALA E 58 -4.32 33.15 53.81
C ALA E 58 -2.86 32.94 53.41
N SER E 59 -2.65 32.59 52.16
CA SER E 59 -1.30 32.31 51.68
C SER E 59 -1.17 32.57 50.18
N TYR E 60 0.04 32.88 49.74
CA TYR E 60 0.27 33.13 48.31
C TYR E 60 1.10 32.01 47.68
N ASP E 61 1.10 30.83 48.31
CA ASP E 61 1.91 29.71 47.86
C ASP E 61 1.23 28.88 46.77
N ASP E 62 -0.03 29.18 46.46
CA ASP E 62 -0.80 28.35 45.54
C ASP E 62 -1.06 29.01 44.18
N ILE E 63 -0.27 30.02 43.82
CA ILE E 63 -0.54 30.75 42.58
C ILE E 63 0.56 30.64 41.54
N ASP E 64 1.48 29.69 41.73
CA ASP E 64 2.60 29.49 40.80
C ASP E 64 2.16 29.12 39.39
N ASP E 65 1.05 28.39 39.29
CA ASP E 65 0.56 27.95 38.00
C ASP E 65 -0.40 28.96 37.37
N LEU E 66 -0.57 30.11 38.04
CA LEU E 66 -1.40 31.18 37.48
C LEU E 66 -0.79 31.76 36.21
N VAL E 67 -1.62 31.99 35.20
CA VAL E 67 -1.14 32.39 33.89
C VAL E 67 -1.17 33.90 33.67
N ILE E 68 -0.05 34.43 33.21
CA ILE E 68 0.04 35.81 32.73
C ILE E 68 -0.04 35.77 31.20
N PRO E 69 -1.24 35.97 30.65
CA PRO E 69 -1.44 35.72 29.21
C PRO E 69 -0.63 36.62 28.28
N ALA E 70 -0.39 37.87 28.70
CA ALA E 70 0.26 38.83 27.81
C ALA E 70 1.29 39.71 28.54
N PRO E 71 2.40 39.11 28.98
CA PRO E 71 3.49 39.87 29.59
C PRO E 71 4.05 40.86 28.60
N ILE E 72 4.45 42.04 29.05
CA ILE E 72 4.99 43.04 28.14
C ILE E 72 6.43 43.38 28.50
N GLN E 73 7.30 43.37 27.50
CA GLN E 73 8.65 43.83 27.69
C GLN E 73 8.68 45.34 27.49
N GLN E 74 9.28 46.05 28.43
CA GLN E 74 9.18 47.50 28.42
C GLN E 74 10.44 48.13 27.84
N LEU E 75 10.34 48.58 26.60
CA LEU E 75 11.47 49.24 25.97
C LEU E 75 11.34 50.74 26.08
N VAL E 76 12.40 51.37 26.58
CA VAL E 76 12.39 52.79 26.85
C VAL E 76 13.42 53.51 26.00
N THR E 77 12.99 54.59 25.35
CA THR E 77 13.90 55.43 24.59
C THR E 77 13.83 56.87 25.10
N GLY E 78 14.98 57.53 25.17
CA GLY E 78 15.01 58.90 25.64
C GLY E 78 16.30 59.29 26.33
N GLN E 79 16.34 60.51 26.85
CA GLN E 79 17.54 61.08 27.46
C GLN E 79 17.18 62.34 28.24
N SER E 80 18.07 62.77 29.12
CA SER E 80 17.86 64.00 29.90
C SER E 80 16.51 64.01 30.62
N GLY E 81 16.17 62.90 31.28
CA GLY E 81 14.98 62.83 32.09
C GLY E 81 13.64 62.76 31.37
N LEU E 82 13.67 62.61 30.05
CA LEU E 82 12.44 62.51 29.26
C LEU E 82 12.48 61.25 28.42
N PHE E 83 11.47 60.40 28.56
CA PHE E 83 11.48 59.12 27.86
C PHE E 83 10.10 58.70 27.34
N THR E 84 10.11 57.78 26.39
CA THR E 84 8.90 57.14 25.90
C THR E 84 9.02 55.63 26.07
N GLN E 85 7.98 55.00 26.58
CA GLN E 85 8.00 53.56 26.84
C GLN E 85 7.17 52.81 25.81
N TYR E 86 7.75 51.79 25.20
CA TYR E 86 7.04 50.97 24.22
C TYR E 86 6.81 49.55 24.76
N ASN E 87 5.69 48.95 24.41
CA ASN E 87 5.38 47.59 24.87
C ASN E 87 5.58 46.53 23.79
N ILE E 88 6.42 45.54 24.07
CA ILE E 88 6.47 44.31 23.27
C ILE E 88 5.69 43.26 23.98
N GLN E 89 4.65 42.73 23.33
CA GLN E 89 3.96 41.62 23.94
C GLN E 89 4.81 40.36 23.83
N LYS E 90 4.92 39.63 24.93
CA LYS E 90 5.67 38.38 24.94
C LYS E 90 4.72 37.20 25.06
N LYS E 91 5.23 35.99 24.89
CA LYS E 91 4.41 34.79 25.02
C LYS E 91 3.94 34.64 26.47
N ALA E 92 2.72 34.12 26.63
CA ALA E 92 2.17 33.83 27.94
C ALA E 92 3.15 33.04 28.80
N MET E 93 3.15 33.33 30.10
CA MET E 93 3.97 32.56 31.03
C MET E 93 3.27 32.46 32.37
N THR E 94 3.70 31.48 33.17
CA THR E 94 3.16 31.29 34.52
C THR E 94 3.87 32.21 35.50
N VAL E 95 3.25 32.41 36.67
CA VAL E 95 3.87 33.20 37.73
C VAL E 95 5.23 32.61 38.14
N ARG E 96 5.31 31.28 38.21
CA ARG E 96 6.58 30.63 38.51
C ARG E 96 7.67 31.00 37.50
N GLU E 97 7.35 30.89 36.21
CA GLU E 97 8.31 31.23 35.16
C GLU E 97 8.72 32.69 35.28
N PHE E 98 7.73 33.56 35.47
CA PHE E 98 7.98 34.98 35.62
C PHE E 98 8.87 35.24 36.84
N ARG E 99 8.58 34.57 37.95
CA ARG E 99 9.37 34.76 39.17
C ARG E 99 10.83 34.35 38.96
N LYS E 100 11.05 33.25 38.25
CA LYS E 100 12.41 32.79 37.97
C LYS E 100 13.18 33.83 37.17
N ILE E 101 12.53 34.43 36.19
CA ILE E 101 13.17 35.48 35.39
C ILE E 101 13.47 36.72 36.23
N ALA E 102 12.46 37.16 36.98
CA ALA E 102 12.57 38.34 37.85
C ALA E 102 13.74 38.25 38.84
N ASN E 103 13.94 37.06 39.42
CA ASN E 103 14.97 36.89 40.44
C ASN E 103 16.33 36.47 39.90
N SER E 104 16.40 36.17 38.60
CA SER E 104 17.65 35.80 37.96
C SER E 104 18.68 36.93 38.03
N ASP E 105 19.96 36.61 37.88
CA ASP E 105 21.00 37.63 37.95
C ASP E 105 20.81 38.74 36.92
N LYS E 106 20.22 38.42 35.76
CA LYS E 106 20.07 39.42 34.70
C LYS E 106 19.09 40.52 35.09
N TYR E 107 18.05 40.16 35.82
CA TYR E 107 16.96 41.10 36.07
C TYR E 107 16.77 41.54 37.52
N CYS E 108 17.43 40.89 38.46
CA CYS E 108 17.14 41.13 39.87
C CYS E 108 17.51 42.54 40.32
N THR E 109 16.94 42.95 41.44
CA THR E 109 17.22 44.24 42.07
C THR E 109 18.70 44.41 42.36
N PRO E 110 19.28 45.57 42.02
CA PRO E 110 20.67 45.82 42.39
C PRO E 110 20.82 46.10 43.89
N ARG E 111 22.04 46.01 44.40
CA ARG E 111 22.31 46.32 45.80
C ARG E 111 22.05 47.81 46.09
N TYR E 112 21.40 48.09 47.23
CA TYR E 112 21.16 49.48 47.62
C TYR E 112 20.92 49.67 49.11
N SER E 113 21.25 50.85 49.62
CA SER E 113 21.11 51.17 51.02
C SER E 113 19.87 52.04 51.28
N GLU E 114 19.90 53.28 50.83
CA GLU E 114 18.73 54.16 50.94
C GLU E 114 17.89 54.06 49.66
N PHE E 115 16.66 54.55 49.72
CA PHE E 115 15.82 54.60 48.54
C PHE E 115 16.43 55.48 47.45
N GLU E 116 17.03 56.59 47.86
CA GLU E 116 17.58 57.56 46.90
C GLU E 116 18.61 56.91 45.97
N GLU E 117 19.33 55.92 46.47
CA GLU E 117 20.31 55.21 45.65
C GLU E 117 19.62 54.34 44.60
N LEU E 118 18.58 53.61 45.01
CA LEU E 118 17.83 52.77 44.07
C LEU E 118 17.12 53.61 43.02
N GLU E 119 16.65 54.78 43.44
CA GLU E 119 15.99 55.71 42.54
C GLU E 119 16.97 56.21 41.49
N ARG E 120 18.19 56.52 41.92
CA ARG E 120 19.24 56.95 41.00
C ARG E 120 19.54 55.88 39.96
N LYS E 121 19.65 54.64 40.42
CA LYS E 121 19.92 53.52 39.52
C LYS E 121 18.77 53.35 38.53
N TYR E 122 17.54 53.56 39.00
CA TYR E 122 16.38 53.46 38.12
C TYR E 122 16.46 54.45 36.96
N TRP E 123 16.68 55.72 37.28
CA TRP E 123 16.68 56.76 36.26
C TRP E 123 17.93 56.71 35.38
N LYS E 124 19.00 56.10 35.88
CA LYS E 124 20.23 55.94 35.11
C LYS E 124 20.14 54.75 34.14
N ASN E 125 19.37 53.74 34.53
CA ASN E 125 19.39 52.47 33.82
C ASN E 125 18.09 52.08 33.13
N LEU E 126 17.11 52.97 33.08
CA LEU E 126 15.80 52.53 32.62
C LEU E 126 15.75 52.28 31.10
N THR E 127 16.72 52.78 30.33
CA THR E 127 16.73 52.45 28.89
C THR E 127 17.52 51.18 28.59
N PHE E 128 18.20 50.62 29.60
CA PHE E 128 19.00 49.42 29.41
C PHE E 128 18.26 48.18 29.89
N ASN E 129 18.62 47.04 29.33
CA ASN E 129 18.14 45.73 29.79
C ASN E 129 16.63 45.72 30.10
N PRO E 130 15.79 45.98 29.07
CA PRO E 130 14.34 46.13 29.27
C PRO E 130 13.70 44.95 29.98
N PRO E 131 13.00 45.22 31.08
CA PRO E 131 12.39 44.17 31.88
C PRO E 131 11.04 43.73 31.35
N ILE E 132 10.50 42.69 31.96
CA ILE E 132 9.19 42.19 31.58
C ILE E 132 8.22 42.43 32.72
N TYR E 133 7.06 42.99 32.40
CA TYR E 133 6.03 43.32 33.38
C TYR E 133 4.79 42.49 33.10
N GLY E 134 4.35 41.72 34.09
CA GLY E 134 3.09 40.99 33.96
C GLY E 134 1.95 41.89 34.38
N ALA E 135 1.69 42.92 33.59
CA ALA E 135 0.67 43.92 33.93
C ALA E 135 -0.71 43.61 33.34
N ASP E 136 -1.73 44.27 33.89
CA ASP E 136 -3.10 44.21 33.38
C ASP E 136 -3.64 42.80 33.21
N VAL E 137 -3.32 41.93 34.17
CA VAL E 137 -3.88 40.59 34.25
C VAL E 137 -5.25 40.62 34.92
N ASN E 138 -6.30 40.21 34.20
CA ASN E 138 -7.62 40.08 34.78
C ASN E 138 -7.61 39.07 35.92
N GLY E 139 -8.04 39.51 37.09
CA GLY E 139 -8.06 38.61 38.24
C GLY E 139 -7.94 39.29 39.58
N THR E 140 -8.12 38.48 40.62
CA THR E 140 -8.06 38.95 41.98
C THR E 140 -7.37 37.88 42.79
N LEU E 141 -6.72 38.26 43.88
CA LEU E 141 -6.12 37.28 44.76
C LEU E 141 -6.86 37.29 46.10
N TYR E 142 -7.91 38.11 46.20
CA TYR E 142 -8.78 38.11 47.37
C TYR E 142 -9.55 36.79 47.45
N GLU E 143 -9.57 36.17 48.62
CA GLU E 143 -10.46 35.03 48.82
C GLU E 143 -11.89 35.58 48.76
N LYS E 144 -12.82 34.77 48.27
CA LYS E 144 -14.17 35.27 47.93
C LYS E 144 -14.98 35.73 49.14
N HIS E 145 -14.52 35.41 50.35
CA HIS E 145 -15.26 35.74 51.57
C HIS E 145 -14.83 37.06 52.24
N VAL E 146 -13.74 37.65 51.76
CA VAL E 146 -13.23 38.89 52.35
C VAL E 146 -14.11 40.09 51.97
N ASP E 147 -14.70 40.73 52.97
CA ASP E 147 -15.69 41.77 52.72
C ASP E 147 -15.15 43.19 52.89
N GLU E 148 -13.92 43.31 53.39
CA GLU E 148 -13.31 44.62 53.59
C GLU E 148 -12.40 44.96 52.42
N TRP E 149 -12.64 46.14 51.82
CA TRP E 149 -11.80 46.68 50.76
C TRP E 149 -11.52 45.64 49.69
N ASN E 150 -12.55 44.89 49.32
CA ASN E 150 -12.41 43.88 48.28
C ASN E 150 -12.44 44.54 46.90
N ILE E 151 -11.26 44.63 46.31
CA ILE E 151 -11.04 45.35 45.06
C ILE E 151 -11.88 44.78 43.91
N GLY E 152 -12.29 43.52 44.03
CA GLY E 152 -13.12 42.88 43.03
C GLY E 152 -14.58 43.30 43.07
N ARG E 153 -15.01 43.89 44.18
CA ARG E 153 -16.40 44.27 44.35
C ARG E 153 -16.58 45.37 45.40
N LEU E 154 -16.09 46.57 45.09
CA LEU E 154 -16.16 47.69 46.02
C LEU E 154 -17.56 48.30 46.12
N ARG E 155 -18.39 48.06 45.11
CA ARG E 155 -19.79 48.50 45.10
C ARG E 155 -19.94 50.01 45.36
N THR E 156 -19.16 50.84 44.67
CA THR E 156 -19.34 52.29 44.72
C THR E 156 -20.30 52.69 43.61
N ILE E 157 -20.60 53.98 43.51
CA ILE E 157 -21.55 54.46 42.52
C ILE E 157 -21.05 54.26 41.09
N LEU E 158 -19.78 53.91 40.94
CA LEU E 158 -19.22 53.59 39.63
C LEU E 158 -19.98 52.43 38.99
N ASP E 159 -20.56 51.58 39.84
CA ASP E 159 -21.30 50.41 39.39
C ASP E 159 -22.51 50.77 38.52
N LEU E 160 -22.94 52.03 38.55
CA LEU E 160 -24.03 52.48 37.70
C LEU E 160 -23.67 52.38 36.21
N VAL E 161 -22.38 52.33 35.91
CA VAL E 161 -21.91 52.16 34.54
C VAL E 161 -22.35 50.79 34.05
N GLU E 162 -22.46 49.86 35.01
CA GLU E 162 -22.86 48.50 34.69
C GLU E 162 -24.37 48.35 34.49
N GLU E 170 -14.99 45.14 31.68
CA GLU E 170 -13.71 44.77 32.27
C GLU E 170 -12.71 45.89 32.09
N GLY E 171 -12.38 46.53 33.19
CA GLY E 171 -11.52 47.68 33.16
C GLY E 171 -11.93 48.55 34.31
N VAL E 172 -13.14 49.06 34.20
CA VAL E 172 -13.45 50.18 35.02
C VAL E 172 -13.70 49.71 36.47
N ASN E 173 -14.58 48.75 36.72
CA ASN E 173 -14.78 48.33 38.11
C ASN E 173 -14.44 46.87 38.39
N THR E 174 -13.64 46.25 37.52
CA THR E 174 -13.18 44.90 37.76
C THR E 174 -11.68 44.88 38.10
N PRO E 175 -11.19 43.80 38.74
CA PRO E 175 -9.83 43.86 39.29
C PRO E 175 -8.73 43.45 38.32
N TYR E 176 -7.55 44.03 38.52
CA TYR E 176 -6.38 43.74 37.70
C TYR E 176 -5.17 43.41 38.54
N LEU E 177 -4.35 42.50 38.04
CA LEU E 177 -3.15 42.10 38.75
C LEU E 177 -1.91 42.57 38.01
N TYR E 178 -0.90 42.96 38.79
CA TYR E 178 0.36 43.45 38.23
C TYR E 178 1.52 42.71 38.86
N PHE E 179 2.15 41.83 38.09
CA PHE E 179 3.32 41.12 38.57
C PHE E 179 4.56 41.86 38.10
N GLY E 180 5.24 42.51 39.05
CA GLY E 180 6.37 43.34 38.71
C GLY E 180 7.70 42.67 38.90
N MET E 181 8.71 43.23 38.24
CA MET E 181 10.11 42.93 38.55
C MET E 181 10.84 44.27 38.57
N TRP E 182 12.10 44.24 38.97
CA TRP E 182 12.91 45.45 39.07
C TRP E 182 12.85 46.27 37.79
N LYS E 183 12.62 47.58 37.97
CA LYS E 183 12.73 48.56 36.90
C LYS E 183 11.53 48.57 35.95
N THR E 184 10.51 47.77 36.25
CA THR E 184 9.25 47.90 35.51
C THR E 184 8.56 49.18 35.97
N SER E 185 7.93 49.89 35.03
CA SER E 185 7.43 51.23 35.30
C SER E 185 5.97 51.39 34.95
N PHE E 186 5.31 52.34 35.59
CA PHE E 186 4.08 52.90 35.03
C PHE E 186 4.30 54.38 34.75
N ALA E 187 3.82 54.82 33.59
CA ALA E 187 4.09 56.18 33.12
C ALA E 187 3.13 57.20 33.71
N TRP E 188 3.43 58.47 33.45
CA TRP E 188 2.62 59.57 33.96
C TRP E 188 1.22 59.54 33.36
N HIS E 189 0.22 59.49 34.24
CA HIS E 189 -1.16 59.40 33.79
C HIS E 189 -2.10 59.73 34.94
N THR E 190 -3.30 60.15 34.57
CA THR E 190 -4.45 60.07 35.45
C THR E 190 -5.25 58.83 35.02
N GLU E 191 -6.25 58.48 35.81
CA GLU E 191 -7.04 57.30 35.50
C GLU E 191 -8.02 57.59 34.38
N ASP E 192 -8.52 56.53 33.74
CA ASP E 192 -9.60 56.66 32.78
C ASP E 192 -10.74 57.48 33.39
N MET E 193 -11.27 58.41 32.59
CA MET E 193 -12.33 59.33 33.02
C MET E 193 -11.97 60.10 34.30
N ASP E 194 -10.67 60.17 34.57
CA ASP E 194 -10.13 60.78 35.79
C ASP E 194 -10.81 60.24 37.05
N LEU E 195 -11.04 58.94 37.05
CA LEU E 195 -11.58 58.23 38.20
C LEU E 195 -10.60 58.13 39.37
N TYR E 196 -11.09 57.65 40.51
CA TYR E 196 -10.23 57.20 41.60
C TYR E 196 -9.60 55.86 41.20
N SER E 197 -8.51 55.48 41.86
CA SER E 197 -8.04 54.11 41.78
C SER E 197 -7.59 53.62 43.15
N ILE E 198 -7.68 52.31 43.34
CA ILE E 198 -7.16 51.67 44.53
C ILE E 198 -6.11 50.65 44.10
N ASN E 199 -5.02 50.56 44.86
CA ASN E 199 -3.93 49.66 44.55
C ASN E 199 -3.43 48.99 45.82
N TYR E 200 -3.50 47.67 45.86
CA TYR E 200 -3.03 46.90 47.00
C TYR E 200 -1.84 46.05 46.60
N LEU E 201 -0.75 46.16 47.35
CA LEU E 201 0.43 45.36 47.10
C LEU E 201 0.35 44.05 47.89
N HIS E 202 -0.01 42.96 47.22
CA HIS E 202 -0.21 41.67 47.88
C HIS E 202 1.06 41.13 48.53
N PHE E 203 2.15 41.12 47.79
CA PHE E 203 3.42 40.63 48.32
C PHE E 203 4.60 41.11 47.51
N GLY E 204 5.79 40.83 48.03
CA GLY E 204 7.02 41.07 47.30
C GLY E 204 7.66 42.40 47.61
N GLU E 205 8.58 42.80 46.75
CA GLU E 205 9.36 44.02 46.91
C GLU E 205 8.49 45.28 46.71
N PRO E 206 8.96 46.45 47.18
CA PRO E 206 8.14 47.65 47.10
C PRO E 206 7.80 48.16 45.69
N LYS E 207 6.80 49.03 45.66
CA LYS E 207 6.43 49.80 44.49
C LYS E 207 6.56 51.26 44.88
N SER E 208 7.35 52.04 44.14
CA SER E 208 7.50 53.47 44.45
C SER E 208 6.65 54.35 43.53
N TRP E 209 6.12 55.44 44.10
CA TRP E 209 5.18 56.31 43.40
C TRP E 209 5.65 57.77 43.35
N TYR E 210 5.39 58.43 42.22
CA TYR E 210 5.45 59.89 42.12
C TYR E 210 4.06 60.43 41.89
N SER E 211 3.75 61.60 42.44
CA SER E 211 2.43 62.20 42.23
C SER E 211 2.48 63.73 42.12
N VAL E 212 1.61 64.27 41.28
CA VAL E 212 1.42 65.71 41.18
C VAL E 212 0.03 66.05 41.71
N PRO E 213 -0.06 67.05 42.59
CA PRO E 213 -1.37 67.45 43.11
C PRO E 213 -2.32 67.84 41.98
N PRO E 214 -3.59 67.39 42.04
CA PRO E 214 -4.56 67.75 41.02
C PRO E 214 -4.61 69.25 40.74
N GLU E 215 -4.39 70.08 41.75
CA GLU E 215 -4.43 71.53 41.53
C GLU E 215 -3.23 72.03 40.73
N HIS E 216 -2.28 71.15 40.42
CA HIS E 216 -1.14 71.53 39.57
C HIS E 216 -1.03 70.66 38.32
N GLY E 217 -2.04 69.83 38.09
CA GLY E 217 -2.02 68.89 36.97
C GLY E 217 -1.83 69.54 35.61
N LYS E 218 -2.48 70.68 35.40
CA LYS E 218 -2.41 71.35 34.10
C LYS E 218 -0.99 71.78 33.77
N ARG E 219 -0.19 72.04 34.80
CA ARG E 219 1.16 72.49 34.54
C ARG E 219 2.05 71.31 34.15
N LEU E 220 1.77 70.13 34.70
CA LEU E 220 2.42 68.92 34.21
C LEU E 220 2.07 68.68 32.75
N GLU E 221 0.80 68.92 32.40
CA GLU E 221 0.36 68.78 31.02
C GLU E 221 1.06 69.77 30.11
N ARG E 222 1.15 71.02 30.55
CA ARG E 222 1.77 72.06 29.74
C ARG E 222 3.23 71.71 29.47
N LEU E 223 3.91 71.19 30.50
CA LEU E 223 5.29 70.75 30.35
C LEU E 223 5.44 69.60 29.36
N ALA E 224 4.61 68.56 29.53
CA ALA E 224 4.64 67.41 28.65
C ALA E 224 4.35 67.81 27.20
N LYS E 225 3.37 68.69 27.02
CA LYS E 225 3.03 69.22 25.71
C LYS E 225 4.24 69.88 25.06
N GLY E 226 4.99 70.65 25.85
CA GLY E 226 6.17 71.34 25.36
C GLY E 226 7.28 70.40 24.95
N PHE E 227 7.43 69.29 25.64
CA PHE E 227 8.50 68.35 25.35
C PHE E 227 8.14 67.33 24.27
N PHE E 228 6.86 67.06 24.10
CA PHE E 228 6.41 66.15 23.06
C PHE E 228 5.34 66.79 22.19
N PRO E 229 5.72 67.84 21.44
CA PRO E 229 4.73 68.61 20.66
C PRO E 229 4.07 67.76 19.59
N GLY E 230 4.80 66.80 19.04
CA GLY E 230 4.26 65.93 18.02
C GLY E 230 3.13 65.09 18.57
N SER E 231 3.35 64.52 19.74
CA SER E 231 2.34 63.70 20.41
C SER E 231 1.12 64.53 20.74
N ALA E 232 1.35 65.76 21.19
CA ALA E 232 0.28 66.67 21.54
C ALA E 232 -0.60 67.03 20.34
N GLN E 233 0.02 67.28 19.18
CA GLN E 233 -0.76 67.61 17.99
C GLN E 233 -1.60 66.42 17.55
N SER E 234 -1.08 65.22 17.78
CA SER E 234 -1.72 63.97 17.36
C SER E 234 -2.88 63.51 18.26
N CYS E 235 -2.96 64.07 19.48
CA CYS E 235 -3.95 63.63 20.45
C CYS E 235 -4.11 64.63 21.58
N GLU E 236 -5.36 64.99 21.87
CA GLU E 236 -5.65 65.98 22.90
C GLU E 236 -5.30 65.52 24.32
N ALA E 237 -5.05 64.21 24.51
CA ALA E 237 -4.69 63.67 25.82
C ALA E 237 -3.70 62.53 25.70
N PHE E 238 -2.51 62.81 25.18
CA PHE E 238 -1.61 61.73 24.82
C PHE E 238 -0.99 61.02 26.04
N LEU E 239 -1.04 61.68 27.20
CA LEU E 239 -0.56 61.06 28.43
C LEU E 239 -1.39 59.82 28.79
N ARG E 240 -2.63 59.78 28.32
CA ARG E 240 -3.50 58.62 28.55
C ARG E 240 -2.98 57.35 27.86
N HIS E 241 -2.04 57.50 26.93
CA HIS E 241 -1.40 56.34 26.30
C HIS E 241 -0.47 55.61 27.28
N LYS E 242 -0.13 56.29 28.37
CA LYS E 242 0.76 55.75 29.41
C LYS E 242 2.12 55.34 28.85
N MET E 243 2.69 56.21 28.01
CA MET E 243 3.99 55.94 27.41
C MET E 243 5.06 56.94 27.86
N THR E 244 4.66 57.95 28.63
CA THR E 244 5.54 59.07 28.92
C THR E 244 6.16 59.05 30.33
N LEU E 245 7.48 58.93 30.36
CA LEU E 245 8.23 58.96 31.60
C LEU E 245 8.97 60.28 31.73
N ILE E 246 8.84 60.92 32.89
CA ILE E 246 9.49 62.19 33.19
C ILE E 246 10.11 62.13 34.58
N SER E 247 11.43 62.32 34.66
CA SER E 247 12.17 62.18 35.92
C SER E 247 11.85 63.29 36.94
N PRO E 248 12.01 62.98 38.24
CA PRO E 248 11.77 64.01 39.25
C PRO E 248 12.69 65.22 39.07
N LEU E 249 13.89 65.02 38.54
CA LEU E 249 14.80 66.14 38.31
C LEU E 249 14.23 67.12 37.29
N MET E 250 13.55 66.60 36.27
CA MET E 250 12.90 67.47 35.30
C MET E 250 11.72 68.22 35.91
N LEU E 251 10.99 67.56 36.79
CA LEU E 251 9.89 68.22 37.50
C LEU E 251 10.43 69.34 38.39
N LYS E 252 11.53 69.07 39.08
CA LYS E 252 12.15 70.08 39.93
C LYS E 252 12.60 71.25 39.07
N LYS E 253 13.29 70.95 37.98
CA LYS E 253 13.85 71.98 37.10
C LYS E 253 12.76 72.93 36.60
N TYR E 254 11.56 72.41 36.31
CA TYR E 254 10.51 73.24 35.75
C TYR E 254 9.43 73.62 36.75
N GLY E 255 9.74 73.46 38.03
CA GLY E 255 8.87 73.95 39.08
C GLY E 255 7.51 73.29 39.20
N ILE E 256 7.39 72.04 38.76
CA ILE E 256 6.17 71.27 38.99
C ILE E 256 6.19 70.64 40.38
N PRO E 257 5.24 71.02 41.24
CA PRO E 257 5.28 70.39 42.56
C PRO E 257 4.91 68.91 42.45
N PHE E 258 5.59 68.09 43.24
CA PHE E 258 5.30 66.67 43.26
C PHE E 258 5.71 66.09 44.60
N ASP E 259 5.36 64.84 44.83
CA ASP E 259 5.78 64.15 46.03
C ASP E 259 6.16 62.71 45.68
N LYS E 260 6.88 62.06 46.58
CA LYS E 260 7.30 60.67 46.42
C LYS E 260 6.78 59.84 47.56
N VAL E 261 6.46 58.58 47.30
CA VAL E 261 6.16 57.65 48.37
C VAL E 261 6.42 56.23 47.92
N THR E 262 6.89 55.40 48.86
CA THR E 262 7.18 54.00 48.60
C THR E 262 6.15 53.10 49.29
N GLN E 263 5.46 52.28 48.49
CA GLN E 263 4.45 51.36 48.99
C GLN E 263 5.06 49.97 49.28
N GLU E 264 4.85 49.46 50.49
CA GLU E 264 5.36 48.12 50.84
C GLU E 264 4.24 47.08 50.86
N ALA E 265 4.63 45.81 50.86
CA ALA E 265 3.66 44.72 50.91
C ALA E 265 2.65 44.94 52.02
N GLY E 266 1.37 44.75 51.71
CA GLY E 266 0.30 44.88 52.69
C GLY E 266 -0.30 46.26 52.77
N GLU E 267 0.14 47.18 51.94
CA GLU E 267 -0.38 48.55 51.98
C GLU E 267 -1.22 48.91 50.75
N PHE E 268 -2.22 49.77 50.97
CA PHE E 268 -3.06 50.30 49.90
C PHE E 268 -2.57 51.67 49.45
N MET E 269 -2.64 51.93 48.15
CA MET E 269 -2.48 53.31 47.67
C MET E 269 -3.77 53.74 46.98
N ILE E 270 -4.22 54.95 47.29
CA ILE E 270 -5.40 55.53 46.65
C ILE E 270 -4.97 56.68 45.76
N THR E 271 -5.39 56.66 44.50
CA THR E 271 -5.20 57.83 43.67
C THR E 271 -6.54 58.54 43.51
N PHE E 272 -6.49 59.86 43.42
CA PHE E 272 -7.69 60.67 43.43
C PHE E 272 -7.93 61.26 42.05
N PRO E 273 -9.16 61.76 41.79
CA PRO E 273 -9.47 62.31 40.48
C PRO E 273 -8.47 63.36 40.01
N TYR E 274 -8.00 63.20 38.78
CA TYR E 274 -7.05 64.12 38.15
C TYR E 274 -5.73 64.18 38.92
N GLY E 275 -5.41 63.11 39.64
CA GLY E 275 -4.12 62.97 40.30
C GLY E 275 -3.15 62.25 39.39
N TYR E 276 -2.23 63.01 38.79
CA TYR E 276 -1.21 62.41 37.93
C TYR E 276 -0.22 61.61 38.76
N HIS E 277 0.04 60.37 38.36
CA HIS E 277 1.04 59.57 39.04
C HIS E 277 1.87 58.72 38.09
N ALA E 278 3.03 58.31 38.57
CA ALA E 278 3.95 57.44 37.84
C ALA E 278 4.83 56.73 38.86
N GLY E 279 5.57 55.72 38.43
CA GLY E 279 6.44 55.02 39.36
C GLY E 279 7.03 53.73 38.83
N PHE E 280 7.61 52.94 39.73
CA PHE E 280 8.33 51.74 39.33
C PHE E 280 8.41 50.71 40.45
N ASN E 281 8.63 49.45 40.08
CA ASN E 281 8.78 48.37 41.05
C ASN E 281 10.25 48.11 41.41
N HIS E 282 10.48 47.80 42.68
CA HIS E 282 11.82 47.52 43.19
C HIS E 282 12.31 46.12 42.84
N GLY E 283 11.37 45.19 42.67
CA GLY E 283 11.72 43.81 42.46
C GLY E 283 10.47 42.97 42.27
N PHE E 284 10.61 41.65 42.39
CA PHE E 284 9.47 40.77 42.20
C PHE E 284 8.36 41.10 43.20
N ASN E 285 7.17 41.39 42.67
CA ASN E 285 6.02 41.69 43.52
C ASN E 285 4.70 41.48 42.77
N CYS E 286 3.59 41.65 43.48
CA CYS E 286 2.27 41.51 42.90
C CYS E 286 1.30 42.52 43.49
N ALA E 287 0.64 43.28 42.63
CA ALA E 287 -0.32 44.29 43.06
C ALA E 287 -1.70 44.06 42.42
N GLU E 288 -2.74 44.50 43.10
CA GLU E 288 -4.09 44.38 42.57
C GLU E 288 -4.76 45.75 42.55
N SER E 289 -5.47 46.05 41.47
CA SER E 289 -5.99 47.41 41.28
C SER E 289 -7.32 47.46 40.52
N THR E 290 -8.11 48.49 40.80
CA THR E 290 -9.33 48.79 40.04
C THR E 290 -9.68 50.27 40.19
N ASN E 291 -10.67 50.72 39.43
CA ASN E 291 -11.16 52.09 39.61
C ASN E 291 -12.44 52.12 40.44
N PHE E 292 -12.70 53.26 41.04
CA PHE E 292 -13.96 53.48 41.75
C PHE E 292 -14.30 54.96 41.74
N ALA E 293 -15.48 55.30 42.27
CA ALA E 293 -15.93 56.67 42.26
C ALA E 293 -16.54 57.08 43.59
N THR E 294 -16.63 58.40 43.79
CA THR E 294 -17.44 59.00 44.82
C THR E 294 -18.31 60.04 44.10
N ARG E 295 -19.23 60.67 44.82
CA ARG E 295 -20.05 61.72 44.22
C ARG E 295 -19.19 62.86 43.64
N ARG E 296 -18.06 63.14 44.28
CA ARG E 296 -17.18 64.22 43.82
C ARG E 296 -16.61 63.97 42.42
N TRP E 297 -16.44 62.69 42.08
CA TRP E 297 -15.86 62.34 40.79
C TRP E 297 -16.72 62.79 39.60
N ILE E 298 -18.03 62.86 39.80
CA ILE E 298 -18.96 63.11 38.70
C ILE E 298 -18.58 64.33 37.87
N GLU E 299 -18.23 65.43 38.54
CA GLU E 299 -17.84 66.64 37.81
C GLU E 299 -16.53 66.41 37.04
N TYR E 300 -15.58 65.68 37.63
CA TYR E 300 -14.35 65.32 36.94
C TYR E 300 -14.65 64.50 35.68
N GLY E 301 -15.59 63.57 35.79
CA GLY E 301 -15.97 62.72 34.67
C GLY E 301 -16.60 63.51 33.54
N LYS E 302 -17.39 64.51 33.88
CA LYS E 302 -17.99 65.40 32.90
C LYS E 302 -16.94 66.21 32.15
N GLN E 303 -15.87 66.58 32.84
CA GLN E 303 -14.88 67.50 32.28
C GLN E 303 -13.59 66.84 31.82
N ALA E 304 -13.55 65.51 31.87
CA ALA E 304 -12.34 64.77 31.49
C ALA E 304 -12.01 64.92 30.01
N VAL E 305 -10.75 65.26 29.73
CA VAL E 305 -10.25 65.37 28.37
C VAL E 305 -9.76 64.00 27.90
N LEU E 306 -10.45 63.44 26.91
CA LEU E 306 -10.20 62.04 26.55
C LEU E 306 -9.27 61.89 25.37
N CYS E 307 -8.72 60.68 25.21
CA CYS E 307 -7.90 60.36 24.06
C CYS E 307 -8.74 60.42 22.77
N SER E 308 -8.24 61.15 21.78
CA SER E 308 -8.98 61.37 20.54
C SER E 308 -8.47 60.55 19.37
N CYS E 309 -7.34 59.87 19.55
CA CYS E 309 -6.63 59.27 18.43
C CYS E 309 -6.78 57.77 18.32
N ARG E 310 -7.22 57.13 19.40
CA ARG E 310 -7.29 55.67 19.41
C ARG E 310 -8.72 55.19 19.50
N LYS E 311 -9.08 54.30 18.59
CA LYS E 311 -10.42 53.74 18.53
C LYS E 311 -10.86 53.23 19.89
N ASP E 312 -10.05 52.37 20.47
CA ASP E 312 -10.45 51.65 21.67
C ASP E 312 -9.95 52.28 22.95
N MET E 313 -10.58 53.32 23.46
CA MET E 313 -10.20 53.72 24.80
C MET E 313 -11.38 54.11 25.68
N VAL E 314 -11.15 53.96 26.98
CA VAL E 314 -12.23 53.88 27.94
C VAL E 314 -12.96 55.20 28.05
N LYS E 315 -14.25 55.13 27.79
CA LYS E 315 -15.14 56.28 27.75
C LYS E 315 -16.43 55.90 28.46
N ILE E 316 -16.82 56.70 29.45
CA ILE E 316 -18.05 56.43 30.19
C ILE E 316 -19.10 57.48 29.88
N SER E 317 -20.32 57.03 29.62
CA SER E 317 -21.43 57.96 29.41
C SER E 317 -21.82 58.55 30.75
N MET E 318 -21.73 59.87 30.88
CA MET E 318 -21.93 60.53 32.16
C MET E 318 -23.39 60.84 32.45
N ASP E 319 -24.25 60.58 31.46
CA ASP E 319 -25.66 60.97 31.56
C ASP E 319 -26.39 60.34 32.75
N VAL E 320 -26.19 59.04 32.96
CA VAL E 320 -26.82 58.35 34.09
C VAL E 320 -26.41 59.00 35.43
N PHE E 321 -25.16 59.45 35.52
CA PHE E 321 -24.65 60.04 36.76
C PHE E 321 -25.21 61.43 36.98
N VAL E 322 -25.32 62.20 35.91
CA VAL E 322 -25.81 63.56 36.05
C VAL E 322 -27.30 63.50 36.36
N ARG E 323 -28.01 62.60 35.69
CA ARG E 323 -29.45 62.45 35.93
C ARG E 323 -29.74 62.11 37.39
N LYS E 324 -29.00 61.17 37.96
CA LYS E 324 -29.31 60.74 39.33
C LYS E 324 -28.78 61.68 40.42
N PHE E 325 -27.57 62.19 40.25
CA PHE E 325 -26.96 62.97 41.33
C PHE E 325 -26.91 64.49 41.08
N GLN E 326 -27.23 64.90 39.86
CA GLN E 326 -27.31 66.33 39.56
C GLN E 326 -28.55 66.68 38.74
N PRO E 327 -29.75 66.28 39.23
CA PRO E 327 -30.95 66.44 38.39
C PRO E 327 -31.23 67.90 38.04
N GLU E 328 -30.90 68.79 38.97
CA GLU E 328 -31.15 70.20 38.81
C GLU E 328 -30.26 70.82 37.72
N ARG E 329 -29.18 70.14 37.36
CA ARG E 329 -28.26 70.64 36.35
C ARG E 329 -28.30 69.86 35.04
N TYR E 330 -29.08 68.78 34.98
CA TYR E 330 -29.06 67.92 33.81
C TYR E 330 -29.38 68.63 32.49
N LYS E 331 -30.50 69.35 32.42
CA LYS E 331 -30.87 70.04 31.18
C LYS E 331 -29.82 71.09 30.84
N LEU E 332 -29.33 71.78 31.87
CA LEU E 332 -28.33 72.83 31.70
C LEU E 332 -27.05 72.28 31.07
N TRP E 333 -26.60 71.15 31.61
CA TRP E 333 -25.40 70.47 31.13
C TRP E 333 -25.57 69.98 29.69
N LYS E 334 -26.72 69.38 29.41
CA LYS E 334 -27.02 68.87 28.07
C LYS E 334 -27.10 70.00 27.03
N ALA E 335 -27.27 71.23 27.49
CA ALA E 335 -27.35 72.37 26.58
C ALA E 335 -26.04 73.15 26.51
N GLY E 336 -24.98 72.56 27.04
CA GLY E 336 -23.65 73.16 26.97
C GLY E 336 -23.52 74.42 27.80
N LYS E 337 -24.32 74.53 28.85
CA LYS E 337 -24.33 75.73 29.67
C LYS E 337 -23.89 75.49 31.10
N ASP E 338 -23.45 74.27 31.39
CA ASP E 338 -22.95 73.94 32.72
C ASP E 338 -21.52 74.44 32.89
N ASN E 339 -21.36 75.56 33.59
CA ASN E 339 -20.06 76.21 33.71
C ASN E 339 -19.33 75.94 35.03
N THR E 340 -19.66 74.86 35.70
CA THR E 340 -19.01 74.48 36.95
C THR E 340 -17.49 74.47 36.84
N VAL E 341 -16.83 75.19 37.75
CA VAL E 341 -15.38 75.14 37.85
C VAL E 341 -15.02 74.21 39.01
N ILE E 342 -14.21 73.21 38.73
CA ILE E 342 -13.78 72.29 39.77
C ILE E 342 -12.78 72.95 40.71
N ASP E 343 -13.09 72.89 42.00
CA ASP E 343 -12.16 73.27 43.05
C ASP E 343 -11.52 71.99 43.55
N HIS E 344 -10.25 71.78 43.23
CA HIS E 344 -9.58 70.53 43.61
C HIS E 344 -9.37 70.37 45.11
N THR E 345 -9.57 71.44 45.88
CA THR E 345 -9.34 71.37 47.32
C THR E 345 -10.54 70.82 48.08
N LEU E 346 -11.73 70.90 47.46
CA LEU E 346 -12.97 70.50 48.14
C LEU E 346 -13.10 69.00 48.34
N PRO E 347 -13.37 68.56 49.58
CA PRO E 347 -13.65 67.14 49.78
C PRO E 347 -15.00 66.75 49.18
N THR E 348 -15.25 65.46 49.04
CA THR E 348 -16.49 64.94 48.48
C THR E 348 -17.64 65.18 49.48
N PRO E 349 -18.86 65.43 48.98
CA PRO E 349 -20.01 65.72 49.87
C PRO E 349 -20.18 64.70 51.00
N GLU E 350 -19.88 63.43 50.73
CA GLU E 350 -19.99 62.36 51.73
C GLU E 350 -19.13 62.63 52.98
N ALA E 351 -18.21 63.59 52.89
CA ALA E 351 -17.30 63.90 53.99
C ALA E 351 -17.88 64.95 54.94
N ALA E 352 -19.06 65.48 54.61
CA ALA E 352 -19.71 66.52 55.41
C ALA E 352 -19.82 66.08 56.88
N GLU E 353 -20.23 64.84 57.05
CA GLU E 353 -20.32 64.18 58.34
C GLU E 353 -19.11 64.38 59.26
N PHE E 354 -17.92 64.44 58.67
CA PHE E 354 -16.70 64.58 59.48
C PHE E 354 -16.21 66.04 59.63
N LEU E 355 -16.98 67.02 59.15
CA LEU E 355 -16.53 68.41 59.17
C LEU E 355 -17.27 69.32 60.17
N LYS E 356 -18.32 70.01 59.72
CA LYS E 356 -18.97 71.07 60.50
C LYS E 356 -19.62 70.57 61.80
N LEU F 9 -33.94 31.57 74.64
CA LEU F 9 -33.72 30.23 75.17
C LEU F 9 -33.08 29.35 74.08
N ASN F 10 -31.92 28.81 74.46
CA ASN F 10 -30.77 28.50 73.57
C ASN F 10 -30.52 29.55 72.49
N PRO F 11 -30.03 30.73 72.90
CA PRO F 11 -29.68 31.85 72.01
C PRO F 11 -28.39 31.55 71.24
N SER F 12 -27.62 30.63 71.82
CA SER F 12 -26.43 30.03 71.23
C SER F 12 -26.71 29.24 69.94
N ALA F 13 -27.93 28.69 69.83
CA ALA F 13 -28.31 27.74 68.77
C ALA F 13 -27.38 26.53 68.69
N ARG F 14 -26.87 26.08 69.83
CA ARG F 14 -25.92 24.97 69.84
C ARG F 14 -26.59 23.65 70.17
N ILE F 15 -25.95 22.57 69.77
CA ILE F 15 -26.49 21.24 69.91
C ILE F 15 -26.65 20.90 71.39
N MET F 16 -27.85 20.46 71.76
CA MET F 16 -28.13 20.08 73.13
C MET F 16 -28.23 18.57 73.28
N THR F 17 -28.02 18.10 74.51
CA THR F 17 -28.04 16.68 74.83
C THR F 17 -29.04 16.48 75.96
N PHE F 18 -29.83 15.41 75.91
CA PHE F 18 -30.85 15.17 76.92
C PHE F 18 -30.76 13.78 77.56
N TYR F 19 -31.15 13.72 78.82
CA TYR F 19 -31.06 12.49 79.60
C TYR F 19 -32.40 12.18 80.25
N PRO F 20 -33.38 11.73 79.47
CA PRO F 20 -34.70 11.44 80.02
C PRO F 20 -34.71 10.25 80.98
N THR F 21 -35.57 10.32 81.99
CA THR F 21 -35.86 9.17 82.84
C THR F 21 -36.74 8.21 82.06
N MET F 22 -36.90 6.99 82.55
CA MET F 22 -37.75 6.03 81.87
C MET F 22 -39.19 6.55 81.73
N GLU F 23 -39.69 7.22 82.77
CA GLU F 23 -41.04 7.80 82.73
C GLU F 23 -41.16 8.84 81.62
N GLU F 24 -40.18 9.74 81.53
CA GLU F 24 -40.16 10.75 80.48
C GLU F 24 -39.98 10.12 79.09
N PHE F 25 -39.21 9.03 79.05
CA PHE F 25 -38.81 8.40 77.79
C PHE F 25 -39.97 7.70 77.06
N ARG F 26 -40.91 7.17 77.83
CA ARG F 26 -41.96 6.30 77.30
C ARG F 26 -42.86 6.96 76.24
N ASN F 27 -43.07 8.26 76.35
CA ASN F 27 -43.89 9.00 75.39
C ASN F 27 -43.04 9.81 74.41
N PHE F 28 -42.85 9.29 73.20
CA PHE F 28 -41.94 9.87 72.22
C PHE F 28 -42.30 11.32 71.83
N SER F 29 -43.50 11.52 71.31
CA SER F 29 -43.94 12.84 70.84
C SER F 29 -43.88 13.89 71.94
N ARG F 30 -44.28 13.49 73.15
CA ARG F 30 -44.29 14.40 74.26
C ARG F 30 -42.86 14.86 74.58
N TYR F 31 -41.91 13.94 74.48
CA TYR F 31 -40.53 14.29 74.81
C TYR F 31 -39.90 15.18 73.73
N ILE F 32 -40.27 14.95 72.47
CA ILE F 32 -39.84 15.82 71.39
C ILE F 32 -40.35 17.24 71.63
N ALA F 33 -41.58 17.35 72.12
CA ALA F 33 -42.15 18.66 72.43
C ALA F 33 -41.42 19.27 73.62
N TYR F 34 -41.05 18.44 74.60
CA TYR F 34 -40.26 18.92 75.73
C TYR F 34 -38.91 19.51 75.29
N ILE F 35 -38.16 18.80 74.44
CA ILE F 35 -36.83 19.28 74.09
C ILE F 35 -36.92 20.54 73.22
N GLU F 36 -37.99 20.68 72.44
CA GLU F 36 -38.21 21.92 71.71
C GLU F 36 -38.53 23.05 72.68
N SER F 37 -39.21 22.74 73.78
CA SER F 37 -39.50 23.73 74.81
C SER F 37 -38.21 24.21 75.48
N GLN F 38 -37.15 23.42 75.34
CA GLN F 38 -35.83 23.80 75.85
C GLN F 38 -34.96 24.46 74.78
N GLY F 39 -35.51 24.58 73.57
CA GLY F 39 -34.81 25.24 72.48
C GLY F 39 -33.88 24.37 71.65
N ALA F 40 -34.02 23.05 71.78
CA ALA F 40 -33.12 22.11 71.08
C ALA F 40 -33.21 22.24 69.57
N HIS F 41 -34.40 22.54 69.06
CA HIS F 41 -34.63 22.62 67.62
C HIS F 41 -33.82 23.70 66.93
N ARG F 42 -33.37 24.70 67.67
CA ARG F 42 -32.66 25.83 67.06
C ARG F 42 -31.34 25.41 66.42
N ALA F 43 -30.69 24.39 66.98
CA ALA F 43 -29.44 23.89 66.42
C ALA F 43 -29.66 23.06 65.16
N GLY F 44 -30.87 22.52 65.03
CA GLY F 44 -31.22 21.66 63.91
C GLY F 44 -30.94 20.21 64.20
N LEU F 45 -30.34 19.97 65.36
CA LEU F 45 -29.81 18.65 65.71
C LEU F 45 -29.66 18.54 67.23
N ALA F 46 -30.18 17.46 67.81
CA ALA F 46 -30.06 17.25 69.25
C ALA F 46 -29.69 15.80 69.54
N LYS F 47 -29.03 15.56 70.68
CA LYS F 47 -28.76 14.21 71.13
C LYS F 47 -29.69 13.83 72.26
N VAL F 48 -30.16 12.58 72.24
CA VAL F 48 -30.93 12.06 73.36
C VAL F 48 -30.32 10.74 73.82
N VAL F 49 -29.86 10.73 75.07
CA VAL F 49 -29.32 9.53 75.69
C VAL F 49 -30.43 8.86 76.49
N PRO F 50 -30.79 7.64 76.09
CA PRO F 50 -31.89 6.93 76.76
C PRO F 50 -31.45 6.40 78.13
N PRO F 51 -32.42 6.04 78.99
CA PRO F 51 -32.08 5.54 80.33
C PRO F 51 -31.29 4.23 80.25
N LYS F 52 -30.34 4.04 81.17
CA LYS F 52 -29.38 2.94 81.10
C LYS F 52 -30.04 1.56 81.00
N GLU F 53 -31.17 1.39 81.69
CA GLU F 53 -31.81 0.08 81.71
C GLU F 53 -32.41 -0.29 80.36
N TRP F 54 -32.59 0.69 79.49
CA TRP F 54 -33.28 0.47 78.22
C TRP F 54 -32.39 -0.07 77.12
N LYS F 55 -32.88 -1.09 76.43
CA LYS F 55 -32.20 -1.68 75.28
C LYS F 55 -33.25 -2.07 74.25
N PRO F 56 -33.01 -1.75 72.97
CA PRO F 56 -33.98 -2.11 71.94
C PRO F 56 -33.85 -3.56 71.48
N ARG F 57 -32.74 -4.19 71.83
CA ARG F 57 -32.47 -5.56 71.42
C ARG F 57 -31.59 -6.22 72.46
N ALA F 58 -31.89 -7.47 72.78
CA ALA F 58 -31.13 -8.20 73.79
C ALA F 58 -29.68 -8.34 73.36
N SER F 59 -29.50 -8.49 72.05
CA SER F 59 -28.26 -9.03 71.55
C SER F 59 -28.10 -8.76 70.05
N TYR F 60 -26.89 -8.46 69.58
CA TYR F 60 -26.67 -8.27 68.15
C TYR F 60 -25.85 -9.41 67.57
N ASP F 61 -25.91 -10.55 68.26
CA ASP F 61 -25.18 -11.77 67.91
C ASP F 61 -25.73 -12.51 66.70
N ASP F 62 -26.96 -12.20 66.33
CA ASP F 62 -27.70 -13.06 65.41
C ASP F 62 -27.98 -12.41 64.06
N ILE F 63 -27.19 -11.41 63.68
CA ILE F 63 -27.50 -10.68 62.46
C ILE F 63 -26.40 -10.76 61.39
N ASP F 64 -25.45 -11.68 61.57
CA ASP F 64 -24.36 -11.87 60.60
C ASP F 64 -24.86 -12.28 59.22
N ASP F 65 -25.98 -12.98 59.18
CA ASP F 65 -26.51 -13.48 57.91
C ASP F 65 -27.52 -12.50 57.29
N LEU F 66 -27.70 -11.35 57.93
CA LEU F 66 -28.55 -10.29 57.37
C LEU F 66 -27.94 -9.76 56.07
N VAL F 67 -28.77 -9.53 55.07
CA VAL F 67 -28.29 -9.15 53.74
C VAL F 67 -28.36 -7.65 53.49
N ILE F 68 -27.25 -7.10 52.98
CA ILE F 68 -27.20 -5.75 52.46
C ILE F 68 -27.30 -5.81 50.94
N PRO F 69 -28.53 -5.66 50.40
CA PRO F 69 -28.72 -5.93 48.97
C PRO F 69 -27.96 -4.99 48.03
N ALA F 70 -27.74 -3.75 48.44
CA ALA F 70 -27.13 -2.77 47.54
C ALA F 70 -26.13 -1.86 48.24
N PRO F 71 -24.97 -2.42 48.64
CA PRO F 71 -23.89 -1.62 49.23
C PRO F 71 -23.37 -0.61 48.22
N ILE F 72 -22.99 0.58 48.67
CA ILE F 72 -22.48 1.58 47.74
C ILE F 72 -21.04 1.95 48.06
N GLN F 73 -20.20 1.93 47.04
CA GLN F 73 -18.84 2.43 47.19
C GLN F 73 -18.85 3.94 46.96
N GLN F 74 -18.28 4.68 47.89
CA GLN F 74 -18.39 6.14 47.86
C GLN F 74 -17.16 6.81 47.27
N LEU F 75 -17.26 7.20 45.99
CA LEU F 75 -16.17 7.89 45.35
C LEU F 75 -16.34 9.38 45.47
N VAL F 76 -15.27 10.04 45.89
CA VAL F 76 -15.30 11.46 46.16
C VAL F 76 -14.28 12.20 45.30
N THR F 77 -14.72 13.29 44.69
CA THR F 77 -13.85 14.12 43.87
C THR F 77 -13.98 15.57 44.31
N GLY F 78 -12.84 16.25 44.40
CA GLY F 78 -12.84 17.63 44.80
C GLY F 78 -11.55 18.05 45.48
N GLN F 79 -11.55 19.27 46.00
CA GLN F 79 -10.36 19.87 46.60
C GLN F 79 -10.75 21.11 47.38
N SER F 80 -9.82 21.59 48.21
CA SER F 80 -10.02 22.83 48.97
C SER F 80 -11.33 22.85 49.76
N GLY F 81 -11.68 21.72 50.37
CA GLY F 81 -12.86 21.66 51.22
C GLY F 81 -14.19 21.52 50.52
N LEU F 82 -14.18 21.36 49.20
CA LEU F 82 -15.42 21.19 48.43
C LEU F 82 -15.38 19.92 47.59
N PHE F 83 -16.37 19.06 47.79
CA PHE F 83 -16.33 17.77 47.13
C PHE F 83 -17.69 17.33 46.64
N THR F 84 -17.67 16.36 45.73
CA THR F 84 -18.86 15.69 45.24
C THR F 84 -18.71 14.19 45.44
N GLN F 85 -19.72 13.56 46.00
CA GLN F 85 -19.70 12.12 46.24
C GLN F 85 -20.56 11.35 45.25
N TYR F 86 -19.96 10.35 44.61
CA TYR F 86 -20.68 9.47 43.68
C TYR F 86 -20.82 8.06 44.23
N ASN F 87 -21.97 7.44 43.96
CA ASN F 87 -22.23 6.08 44.43
C ASN F 87 -22.02 5.01 43.36
N ILE F 88 -21.19 4.01 43.64
CA ILE F 88 -21.11 2.79 42.82
C ILE F 88 -21.88 1.72 43.53
N GLN F 89 -22.92 1.18 42.91
CA GLN F 89 -23.60 0.07 43.55
C GLN F 89 -22.71 -1.17 43.42
N LYS F 90 -22.61 -1.91 44.52
CA LYS F 90 -21.83 -3.13 44.56
C LYS F 90 -22.75 -4.33 44.74
N LYS F 91 -22.20 -5.54 44.64
CA LYS F 91 -22.95 -6.76 44.76
C LYS F 91 -23.42 -6.94 46.20
N ALA F 92 -24.64 -7.43 46.39
CA ALA F 92 -25.16 -7.73 47.71
C ALA F 92 -24.12 -8.48 48.56
N MET F 93 -24.09 -8.18 49.85
CA MET F 93 -23.24 -8.91 50.76
C MET F 93 -23.90 -9.02 52.13
N THR F 94 -23.45 -9.98 52.92
CA THR F 94 -23.95 -10.16 54.27
C THR F 94 -23.25 -9.21 55.23
N VAL F 95 -23.81 -9.05 56.42
CA VAL F 95 -23.21 -8.21 57.44
C VAL F 95 -21.83 -8.76 57.80
N ARG F 96 -21.72 -10.08 57.89
CA ARG F 96 -20.45 -10.74 58.17
C ARG F 96 -19.39 -10.35 57.16
N GLU F 97 -19.73 -10.46 55.88
CA GLU F 97 -18.82 -10.10 54.81
C GLU F 97 -18.44 -8.64 54.90
N PHE F 98 -19.44 -7.78 55.12
CA PHE F 98 -19.20 -6.34 55.25
C PHE F 98 -18.28 -6.03 56.44
N ARG F 99 -18.54 -6.69 57.56
CA ARG F 99 -17.72 -6.51 58.75
C ARG F 99 -16.26 -6.85 58.51
N LYS F 100 -16.02 -7.96 57.81
CA LYS F 100 -14.65 -8.40 57.53
C LYS F 100 -13.91 -7.37 56.70
N ILE F 101 -14.60 -6.79 55.72
CA ILE F 101 -14.00 -5.75 54.90
C ILE F 101 -13.73 -4.50 55.72
N ALA F 102 -14.73 -4.07 56.50
CA ALA F 102 -14.62 -2.89 57.35
C ALA F 102 -13.41 -2.94 58.29
N ASN F 103 -13.18 -4.11 58.89
CA ASN F 103 -12.13 -4.24 59.88
C ASN F 103 -10.77 -4.64 59.30
N SER F 104 -10.74 -4.99 58.03
CA SER F 104 -9.48 -5.31 57.33
C SER F 104 -8.50 -4.15 57.39
N ASP F 105 -7.22 -4.44 57.13
CA ASP F 105 -6.19 -3.40 57.20
C ASP F 105 -6.43 -2.29 56.17
N LYS F 106 -7.01 -2.65 55.03
CA LYS F 106 -7.19 -1.66 53.96
C LYS F 106 -8.18 -0.58 54.38
N TYR F 107 -9.17 -0.95 55.19
CA TYR F 107 -10.30 -0.06 55.43
C TYR F 107 -10.52 0.39 56.88
N CYS F 108 -9.80 -0.23 57.81
CA CYS F 108 -10.07 0.03 59.23
C CYS F 108 -9.73 1.46 59.63
N THR F 109 -10.30 1.87 60.77
CA THR F 109 -10.03 3.17 61.37
C THR F 109 -8.54 3.38 61.65
N PRO F 110 -8.01 4.55 61.28
CA PRO F 110 -6.62 4.86 61.63
C PRO F 110 -6.45 5.14 63.12
N ARG F 111 -5.21 5.09 63.61
CA ARG F 111 -4.94 5.41 65.01
C ARG F 111 -5.26 6.87 65.28
N TYR F 112 -5.84 7.16 66.44
CA TYR F 112 -6.13 8.54 66.82
C TYR F 112 -6.37 8.74 68.31
N SER F 113 -6.05 9.94 68.80
CA SER F 113 -6.18 10.27 70.22
C SER F 113 -7.43 11.09 70.51
N GLU F 114 -7.45 12.33 70.05
CA GLU F 114 -8.67 13.14 70.18
C GLU F 114 -9.46 13.06 68.88
N PHE F 115 -10.71 13.50 68.95
CA PHE F 115 -11.58 13.54 67.78
C PHE F 115 -11.00 14.42 66.66
N GLU F 116 -10.43 15.56 67.04
CA GLU F 116 -9.90 16.52 66.07
C GLU F 116 -8.87 15.87 65.14
N GLU F 117 -8.12 14.89 65.65
CA GLU F 117 -7.14 14.19 64.82
C GLU F 117 -7.84 13.32 63.79
N LEU F 118 -8.86 12.57 64.22
CA LEU F 118 -9.60 11.71 63.29
C LEU F 118 -10.31 12.55 62.24
N GLU F 119 -10.81 13.71 62.67
CA GLU F 119 -11.49 14.63 61.77
C GLU F 119 -10.55 15.15 60.69
N ARG F 120 -9.31 15.46 61.09
CA ARG F 120 -8.30 15.91 60.14
C ARG F 120 -8.02 14.83 59.12
N LYS F 121 -7.85 13.60 59.59
CA LYS F 121 -7.57 12.48 58.70
C LYS F 121 -8.72 12.25 57.72
N TYR F 122 -9.95 12.43 58.19
CA TYR F 122 -11.12 12.29 57.32
C TYR F 122 -11.07 13.29 56.17
N TRP F 123 -10.86 14.56 56.48
CA TRP F 123 -10.93 15.60 55.46
C TRP F 123 -9.71 15.60 54.55
N LYS F 124 -8.62 15.02 55.05
CA LYS F 124 -7.39 14.89 54.29
C LYS F 124 -7.45 13.68 53.34
N ASN F 125 -8.20 12.67 53.74
CA ASN F 125 -8.17 11.41 52.99
C ASN F 125 -9.46 10.98 52.32
N LEU F 126 -10.46 11.86 52.27
CA LEU F 126 -11.78 11.37 51.87
C LEU F 126 -11.86 11.07 50.37
N THR F 127 -10.95 11.60 49.56
CA THR F 127 -10.92 11.23 48.13
C THR F 127 -10.09 9.98 47.86
N PHE F 128 -9.44 9.44 48.88
CA PHE F 128 -8.59 8.27 48.70
C PHE F 128 -9.26 7.01 49.20
N ASN F 129 -8.89 5.87 48.63
CA ASN F 129 -9.33 4.57 49.11
C ASN F 129 -10.83 4.50 49.42
N PRO F 130 -11.69 4.72 48.41
CA PRO F 130 -13.13 4.84 48.62
C PRO F 130 -13.74 3.65 49.36
N PRO F 131 -14.41 3.92 50.48
CA PRO F 131 -15.01 2.86 51.31
C PRO F 131 -16.36 2.39 50.78
N ILE F 132 -16.91 1.39 51.44
CA ILE F 132 -18.21 0.85 51.08
C ILE F 132 -19.17 1.09 52.24
N TYR F 133 -20.35 1.61 51.93
CA TYR F 133 -21.36 1.86 52.96
C TYR F 133 -22.62 1.06 52.67
N GLY F 134 -23.02 0.23 53.62
CA GLY F 134 -24.27 -0.50 53.52
C GLY F 134 -25.41 0.38 53.98
N ALA F 135 -25.73 1.38 53.18
CA ALA F 135 -26.74 2.37 53.56
C ALA F 135 -28.13 2.05 53.01
N ASP F 136 -29.15 2.64 53.62
CA ASP F 136 -30.53 2.58 53.14
C ASP F 136 -31.05 1.15 53.01
N VAL F 137 -30.70 0.31 53.97
CA VAL F 137 -31.21 -1.05 54.03
C VAL F 137 -32.56 -1.06 54.73
N ASN F 138 -33.60 -1.56 54.06
CA ASN F 138 -34.91 -1.68 54.68
C ASN F 138 -34.84 -2.65 55.84
N GLY F 139 -35.34 -2.24 57.00
CA GLY F 139 -35.31 -3.11 58.14
C GLY F 139 -35.18 -2.40 59.47
N THR F 140 -35.31 -3.19 60.53
CA THR F 140 -35.20 -2.70 61.89
C THR F 140 -34.44 -3.73 62.70
N LEU F 141 -33.80 -3.31 63.78
CA LEU F 141 -33.17 -4.25 64.69
C LEU F 141 -33.86 -4.21 66.05
N TYR F 142 -34.98 -3.50 66.13
CA TYR F 142 -35.80 -3.50 67.34
C TYR F 142 -36.55 -4.83 67.47
N GLU F 143 -36.52 -5.41 68.67
CA GLU F 143 -37.40 -6.52 69.00
C GLU F 143 -38.84 -6.03 68.88
N LYS F 144 -39.76 -6.91 68.51
CA LYS F 144 -41.13 -6.50 68.16
C LYS F 144 -41.92 -5.96 69.34
N HIS F 145 -41.43 -6.19 70.56
CA HIS F 145 -42.15 -5.87 71.77
C HIS F 145 -41.74 -4.54 72.42
N VAL F 146 -40.69 -3.92 71.89
CA VAL F 146 -40.17 -2.67 72.44
C VAL F 146 -41.08 -1.50 72.07
N ASP F 147 -41.65 -0.85 73.09
CA ASP F 147 -42.68 0.15 72.83
C ASP F 147 -42.18 1.59 72.96
N GLU F 148 -40.95 1.75 73.43
CA GLU F 148 -40.37 3.09 73.58
C GLU F 148 -39.50 3.43 72.37
N TRP F 149 -39.80 4.56 71.72
CA TRP F 149 -38.97 5.09 70.64
C TRP F 149 -38.70 4.05 69.57
N ASN F 150 -39.73 3.27 69.23
CA ASN F 150 -39.59 2.25 68.21
C ASN F 150 -39.62 2.87 66.83
N ILE F 151 -38.45 2.94 66.21
CA ILE F 151 -38.25 3.65 64.95
C ILE F 151 -39.12 3.07 63.83
N GLY F 152 -39.48 1.80 63.96
CA GLY F 152 -40.35 1.16 62.98
C GLY F 152 -41.82 1.55 63.09
N ARG F 153 -42.22 2.13 64.21
CA ARG F 153 -43.61 2.50 64.43
C ARG F 153 -43.79 3.61 65.46
N LEU F 154 -43.32 4.81 65.12
CA LEU F 154 -43.37 5.95 66.02
C LEU F 154 -44.78 6.52 66.18
N ARG F 155 -45.64 6.24 65.20
CA ARG F 155 -47.04 6.65 65.21
C ARG F 155 -47.24 8.17 65.41
N THR F 156 -46.45 8.98 64.72
CA THR F 156 -46.66 10.42 64.71
C THR F 156 -47.64 10.78 63.60
N ILE F 157 -47.99 12.08 63.51
CA ILE F 157 -48.98 12.50 62.53
C ILE F 157 -48.51 12.30 61.10
N LEU F 158 -47.23 12.01 60.92
CA LEU F 158 -46.69 11.66 59.60
C LEU F 158 -47.42 10.44 59.04
N ASP F 159 -47.96 9.64 59.93
CA ASP F 159 -48.72 8.45 59.54
C ASP F 159 -49.96 8.77 58.71
N LEU F 160 -50.40 10.02 58.73
CA LEU F 160 -51.55 10.40 57.92
C LEU F 160 -51.24 10.28 56.45
N VAL F 161 -49.99 10.06 56.10
CA VAL F 161 -49.67 10.12 54.70
C VAL F 161 -50.14 8.84 53.99
N GLU F 162 -50.60 7.84 54.74
CA GLU F 162 -51.17 6.65 54.13
C GLU F 162 -52.57 6.89 53.54
N LYS F 163 -52.63 7.72 52.51
CA LYS F 163 -53.86 8.09 51.80
C LYS F 163 -55.12 8.08 52.65
N GLU F 170 -42.66 3.19 51.71
CA GLU F 170 -41.49 2.92 52.55
C GLU F 170 -40.34 3.82 52.17
N GLY F 171 -39.99 4.64 53.14
CA GLY F 171 -39.15 5.80 52.92
C GLY F 171 -39.42 6.65 54.12
N VAL F 172 -40.57 7.30 54.15
CA VAL F 172 -40.66 8.37 55.09
C VAL F 172 -41.04 7.87 56.48
N ASN F 173 -41.99 6.96 56.65
CA ASN F 173 -42.19 6.48 58.02
C ASN F 173 -41.81 5.02 58.29
N THR F 174 -41.03 4.41 57.40
CA THR F 174 -40.50 3.06 57.66
C THR F 174 -39.00 3.10 58.00
N PRO F 175 -38.49 2.03 58.65
CA PRO F 175 -37.13 2.15 59.19
C PRO F 175 -36.03 1.73 58.21
N TYR F 176 -34.88 2.39 58.34
CA TYR F 176 -33.72 2.12 57.51
C TYR F 176 -32.49 1.81 58.35
N LEU F 177 -31.64 0.93 57.83
CA LEU F 177 -30.42 0.56 58.51
C LEU F 177 -29.20 1.04 57.74
N TYR F 178 -28.18 1.44 58.47
CA TYR F 178 -26.95 1.91 57.88
C TYR F 178 -25.77 1.18 58.49
N PHE F 179 -25.09 0.37 57.69
CA PHE F 179 -23.91 -0.33 58.19
C PHE F 179 -22.68 0.39 57.70
N GLY F 180 -22.01 1.07 58.63
CA GLY F 180 -20.86 1.90 58.30
C GLY F 180 -19.51 1.26 58.41
N MET F 181 -18.56 1.84 57.68
CA MET F 181 -17.16 1.62 57.97
C MET F 181 -16.47 2.97 58.00
N TRP F 182 -15.21 2.98 58.42
CA TRP F 182 -14.42 4.22 58.51
C TRP F 182 -14.51 5.03 57.22
N LYS F 183 -14.77 6.33 57.39
CA LYS F 183 -14.70 7.31 56.30
C LYS F 183 -15.92 7.29 55.36
N THR F 184 -16.91 6.44 55.64
CA THR F 184 -18.18 6.54 54.93
C THR F 184 -18.90 7.81 55.39
N SER F 185 -19.57 8.50 54.46
CA SER F 185 -20.09 9.84 54.74
C SER F 185 -21.56 10.00 54.38
N PHE F 186 -22.23 10.94 55.06
CA PHE F 186 -23.49 11.44 54.53
C PHE F 186 -23.35 12.92 54.27
N ALA F 187 -23.78 13.33 53.08
CA ALA F 187 -23.54 14.66 52.56
C ALA F 187 -24.49 15.68 53.16
N TRP F 188 -24.24 16.95 52.87
CA TRP F 188 -25.09 18.04 53.38
C TRP F 188 -26.50 17.95 52.82
N HIS F 189 -27.48 17.93 53.72
CA HIS F 189 -28.88 17.81 53.31
C HIS F 189 -29.81 18.11 54.46
N THR F 190 -31.03 18.50 54.11
CA THR F 190 -32.16 18.41 55.03
C THR F 190 -32.92 17.15 54.65
N GLU F 191 -33.91 16.77 55.45
CA GLU F 191 -34.70 15.58 55.17
C GLU F 191 -35.70 15.86 54.06
N ASP F 192 -36.18 14.78 53.42
CA ASP F 192 -37.32 14.86 52.50
C ASP F 192 -38.45 15.67 53.11
N MET F 193 -39.01 16.59 52.33
CA MET F 193 -40.08 17.48 52.77
C MET F 193 -39.73 18.22 54.07
N ASP F 194 -38.43 18.41 54.28
CA ASP F 194 -37.88 19.01 55.49
C ASP F 194 -38.55 18.48 56.76
N LEU F 195 -38.72 17.16 56.80
CA LEU F 195 -39.23 16.45 57.96
C LEU F 195 -38.21 16.39 59.09
N TYR F 196 -38.65 15.90 60.25
CA TYR F 196 -37.76 15.49 61.33
C TYR F 196 -37.10 14.16 60.94
N SER F 197 -35.97 13.83 61.55
CA SER F 197 -35.49 12.47 61.49
C SER F 197 -35.01 12.00 62.86
N ILE F 198 -35.06 10.70 63.07
CA ILE F 198 -34.52 10.09 64.27
C ILE F 198 -33.47 9.07 63.83
N ASN F 199 -32.36 9.01 64.56
CA ASN F 199 -31.24 8.13 64.23
C ASN F 199 -30.70 7.47 65.49
N TYR F 200 -30.77 6.15 65.53
CA TYR F 200 -30.26 5.41 66.68
C TYR F 200 -29.06 4.58 66.26
N LEU F 201 -27.96 4.76 66.97
CA LEU F 201 -26.76 3.99 66.71
C LEU F 201 -26.78 2.70 67.53
N HIS F 202 -27.14 1.59 66.89
CA HIS F 202 -27.27 0.31 67.57
C HIS F 202 -25.98 -0.19 68.22
N PHE F 203 -24.90 -0.21 67.46
CA PHE F 203 -23.62 -0.68 67.96
C PHE F 203 -22.45 -0.18 67.14
N GLY F 204 -21.24 -0.44 67.61
CA GLY F 204 -20.04 -0.19 66.85
C GLY F 204 -19.41 1.16 67.10
N GLU F 205 -18.53 1.56 66.19
CA GLU F 205 -17.78 2.81 66.34
C GLU F 205 -18.68 4.04 66.11
N PRO F 206 -18.25 5.21 66.61
CA PRO F 206 -19.10 6.40 66.54
C PRO F 206 -19.45 6.89 65.12
N LYS F 207 -20.45 7.76 65.10
CA LYS F 207 -20.87 8.50 63.91
C LYS F 207 -20.78 9.98 64.26
N SER F 208 -20.02 10.75 63.48
CA SER F 208 -19.88 12.18 63.79
C SER F 208 -20.74 13.05 62.88
N TRP F 209 -21.29 14.12 63.46
CA TRP F 209 -22.28 14.97 62.77
C TRP F 209 -21.85 16.42 62.71
N TYR F 210 -22.20 17.08 61.60
CA TYR F 210 -22.15 18.53 61.48
C TYR F 210 -23.56 19.05 61.25
N SER F 211 -23.87 20.22 61.78
CA SER F 211 -25.22 20.77 61.62
C SER F 211 -25.20 22.28 61.49
N VAL F 212 -26.12 22.80 60.69
CA VAL F 212 -26.33 24.23 60.58
C VAL F 212 -27.72 24.56 61.09
N PRO F 213 -27.82 25.53 62.02
CA PRO F 213 -29.14 25.94 62.54
C PRO F 213 -30.11 26.26 61.40
N PRO F 214 -31.36 25.79 61.51
CA PRO F 214 -32.36 26.12 60.49
C PRO F 214 -32.42 27.63 60.21
N GLU F 215 -32.22 28.48 61.21
CA GLU F 215 -32.28 29.92 60.98
C GLU F 215 -31.10 30.43 60.14
N HIS F 216 -30.12 29.58 59.86
CA HIS F 216 -29.04 29.99 58.95
C HIS F 216 -28.95 29.08 57.72
N GLY F 217 -29.98 28.25 57.51
CA GLY F 217 -29.98 27.29 56.42
C GLY F 217 -29.79 27.91 55.06
N LYS F 218 -30.47 29.03 54.83
CA LYS F 218 -30.40 29.74 53.56
C LYS F 218 -28.99 30.18 53.22
N ARG F 219 -28.21 30.50 54.24
CA ARG F 219 -26.84 30.94 54.01
C ARG F 219 -25.95 29.79 53.54
N LEU F 220 -26.24 28.58 54.00
CA LEU F 220 -25.54 27.41 53.50
C LEU F 220 -25.93 27.16 52.05
N GLU F 221 -27.20 27.34 51.74
CA GLU F 221 -27.66 27.16 50.36
C GLU F 221 -27.00 28.17 49.43
N ARG F 222 -26.91 29.43 49.88
CA ARG F 222 -26.33 30.48 49.05
C ARG F 222 -24.87 30.15 48.75
N LEU F 223 -24.16 29.68 49.77
CA LEU F 223 -22.77 29.26 49.63
C LEU F 223 -22.63 28.10 48.64
N ALA F 224 -23.47 27.08 48.80
CA ALA F 224 -23.39 25.89 47.96
C ALA F 224 -23.70 26.24 46.52
N LYS F 225 -24.69 27.11 46.33
CA LYS F 225 -25.06 27.62 45.02
C LYS F 225 -23.86 28.30 44.36
N GLY F 226 -23.14 29.12 45.12
CA GLY F 226 -21.98 29.81 44.61
C GLY F 226 -20.85 28.91 44.18
N PHE F 227 -20.66 27.80 44.89
CA PHE F 227 -19.58 26.87 44.58
C PHE F 227 -19.93 25.85 43.51
N PHE F 228 -21.21 25.53 43.37
CA PHE F 228 -21.64 24.60 42.34
C PHE F 228 -22.74 25.19 41.46
N PRO F 229 -22.40 26.25 40.71
CA PRO F 229 -23.41 27.00 39.95
C PRO F 229 -24.08 26.15 38.88
N GLY F 230 -23.34 25.19 38.32
CA GLY F 230 -23.88 24.27 37.35
C GLY F 230 -25.00 23.43 37.94
N SER F 231 -24.74 22.86 39.12
CA SER F 231 -25.72 22.04 39.82
C SER F 231 -26.96 22.84 40.19
N ALA F 232 -26.73 24.09 40.58
CA ALA F 232 -27.82 24.99 40.95
C ALA F 232 -28.73 25.30 39.77
N GLN F 233 -28.15 25.55 38.59
CA GLN F 233 -28.94 25.86 37.42
C GLN F 233 -29.81 24.67 37.00
N SER F 234 -29.27 23.47 37.19
CA SER F 234 -29.93 22.21 36.80
C SER F 234 -30.98 21.71 37.79
N CYS F 235 -30.99 22.25 39.01
CA CYS F 235 -31.96 21.80 40.03
C CYS F 235 -32.12 22.81 41.15
N GLU F 236 -33.37 23.10 41.48
CA GLU F 236 -33.71 24.11 42.49
C GLU F 236 -33.33 23.67 43.91
N ALA F 237 -33.03 22.39 44.08
CA ALA F 237 -32.68 21.86 45.38
C ALA F 237 -31.66 20.74 45.26
N PHE F 238 -30.49 21.05 44.68
CA PHE F 238 -29.55 19.99 44.34
C PHE F 238 -28.91 19.33 45.56
N LEU F 239 -28.96 19.99 46.72
CA LEU F 239 -28.41 19.39 47.93
C LEU F 239 -29.17 18.13 48.31
N ARG F 240 -30.45 18.06 47.92
CA ARG F 240 -31.28 16.88 48.17
C ARG F 240 -30.77 15.64 47.44
N HIS F 241 -29.83 15.82 46.51
CA HIS F 241 -29.16 14.70 45.86
C HIS F 241 -28.21 13.98 46.81
N LYS F 242 -27.85 14.68 47.89
CA LYS F 242 -26.93 14.15 48.91
C LYS F 242 -25.57 13.76 48.30
N MET F 243 -25.04 14.64 47.45
CA MET F 243 -23.74 14.43 46.83
C MET F 243 -22.69 15.46 47.24
N THR F 244 -23.10 16.45 48.03
CA THR F 244 -22.24 17.60 48.27
C THR F 244 -21.60 17.59 49.67
N LEU F 245 -20.28 17.51 49.69
CA LEU F 245 -19.51 17.56 50.91
C LEU F 245 -18.77 18.89 51.02
N ILE F 246 -18.90 19.53 52.19
CA ILE F 246 -18.27 20.82 52.44
C ILE F 246 -17.62 20.80 53.81
N SER F 247 -16.32 21.07 53.87
CA SER F 247 -15.57 20.92 55.12
C SER F 247 -15.91 22.02 56.12
N PRO F 248 -15.74 21.73 57.43
CA PRO F 248 -15.99 22.76 58.43
C PRO F 248 -15.13 24.01 58.23
N LEU F 249 -13.90 23.84 57.74
CA LEU F 249 -13.04 25.00 57.49
C LEU F 249 -13.63 25.93 56.44
N MET F 250 -14.31 25.38 55.43
CA MET F 250 -15.00 26.21 54.46
C MET F 250 -16.17 26.95 55.08
N LEU F 251 -16.89 26.28 55.98
CA LEU F 251 -18.00 26.94 56.69
C LEU F 251 -17.48 28.06 57.60
N LYS F 252 -16.33 27.84 58.25
CA LYS F 252 -15.74 28.86 59.11
C LYS F 252 -15.28 30.04 58.27
N LYS F 253 -14.59 29.75 57.17
CA LYS F 253 -14.08 30.79 56.28
C LYS F 253 -15.21 31.71 55.79
N TYR F 254 -16.37 31.14 55.46
CA TYR F 254 -17.45 31.96 54.91
C TYR F 254 -18.52 32.32 55.93
N GLY F 255 -18.22 32.13 57.21
CA GLY F 255 -19.05 32.62 58.28
C GLY F 255 -20.40 31.93 58.46
N ILE F 256 -20.51 30.68 58.02
CA ILE F 256 -21.72 29.90 58.27
C ILE F 256 -21.65 29.32 59.67
N PRO F 257 -22.62 29.67 60.54
CA PRO F 257 -22.57 29.05 61.87
C PRO F 257 -22.89 27.57 61.79
N PHE F 258 -22.15 26.76 62.53
CA PHE F 258 -22.40 25.33 62.56
C PHE F 258 -21.94 24.76 63.88
N ASP F 259 -22.25 23.49 64.13
CA ASP F 259 -21.82 22.83 65.34
C ASP F 259 -21.41 21.38 65.03
N LYS F 260 -20.61 20.79 65.90
CA LYS F 260 -20.18 19.41 65.77
C LYS F 260 -20.70 18.59 66.93
N VAL F 261 -20.96 17.31 66.68
CA VAL F 261 -21.24 16.40 67.78
C VAL F 261 -20.98 14.97 67.34
N THR F 262 -20.50 14.16 68.29
CA THR F 262 -20.18 12.77 68.02
C THR F 262 -21.19 11.86 68.74
N GLN F 263 -21.82 10.99 67.96
CA GLN F 263 -22.82 10.06 68.46
C GLN F 263 -22.19 8.70 68.76
N GLU F 264 -22.37 8.21 69.99
CA GLU F 264 -21.81 6.91 70.37
C GLU F 264 -22.91 5.84 70.43
N ALA F 265 -22.51 4.58 70.40
CA ALA F 265 -23.46 3.47 70.46
C ALA F 265 -24.41 3.63 71.63
N GLY F 266 -25.70 3.42 71.36
CA GLY F 266 -26.71 3.57 72.38
C GLY F 266 -27.34 4.95 72.48
N GLU F 267 -26.97 5.85 71.58
CA GLU F 267 -27.52 7.22 71.62
C GLU F 267 -28.38 7.55 70.40
N PHE F 268 -29.40 8.37 70.63
CA PHE F 268 -30.26 8.87 69.56
C PHE F 268 -29.78 10.23 69.08
N MET F 269 -29.90 10.48 67.78
CA MET F 269 -29.81 11.84 67.27
C MET F 269 -31.15 12.24 66.61
N ILE F 270 -31.61 13.44 66.91
CA ILE F 270 -32.81 14.00 66.29
C ILE F 270 -32.43 15.15 65.37
N THR F 271 -32.79 15.07 64.09
CA THR F 271 -32.68 16.26 63.24
C THR F 271 -34.04 16.90 63.14
N PHE F 272 -34.03 18.23 63.03
CA PHE F 272 -35.26 19.03 63.04
C PHE F 272 -35.54 19.59 61.65
N PRO F 273 -36.78 20.03 61.40
CA PRO F 273 -37.13 20.57 60.08
C PRO F 273 -36.18 21.65 59.60
N TYR F 274 -35.74 21.50 58.35
CA TYR F 274 -34.82 22.43 57.69
C TYR F 274 -33.48 22.53 58.43
N GLY F 275 -33.14 21.46 59.16
CA GLY F 275 -31.82 21.34 59.76
C GLY F 275 -30.84 20.64 58.84
N TYR F 276 -29.96 21.41 58.23
CA TYR F 276 -28.93 20.85 57.36
C TYR F 276 -27.91 20.09 58.21
N HIS F 277 -27.61 18.86 57.80
CA HIS F 277 -26.58 18.09 58.47
C HIS F 277 -25.75 17.26 57.52
N ALA F 278 -24.57 16.90 57.98
CA ALA F 278 -23.65 16.03 57.24
C ALA F 278 -22.76 15.32 58.26
N GLY F 279 -22.03 14.30 57.82
CA GLY F 279 -21.15 13.62 58.74
C GLY F 279 -20.48 12.37 58.21
N PHE F 280 -19.87 11.62 59.13
CA PHE F 280 -19.13 10.42 58.74
C PHE F 280 -19.02 9.42 59.88
N ASN F 281 -18.81 8.16 59.50
CA ASN F 281 -18.61 7.07 60.46
C ASN F 281 -17.14 6.84 60.80
N HIS F 282 -16.86 6.59 62.08
CA HIS F 282 -15.49 6.36 62.55
C HIS F 282 -14.98 4.96 62.20
N GLY F 283 -15.90 4.00 62.10
CA GLY F 283 -15.53 2.62 61.84
C GLY F 283 -16.77 1.77 61.67
N PHE F 284 -16.61 0.46 61.84
CA PHE F 284 -17.75 -0.45 61.70
C PHE F 284 -18.84 -0.13 62.72
N ASN F 285 -20.03 0.15 62.22
CA ASN F 285 -21.17 0.43 63.10
C ASN F 285 -22.50 0.17 62.39
N CYS F 286 -23.58 0.29 63.14
CA CYS F 286 -24.92 0.13 62.58
C CYS F 286 -25.91 1.12 63.16
N ALA F 287 -26.56 1.88 62.27
CA ALA F 287 -27.54 2.87 62.70
C ALA F 287 -28.92 2.57 62.11
N GLU F 288 -29.97 2.98 62.82
CA GLU F 288 -31.33 2.82 62.34
C GLU F 288 -32.03 4.17 62.31
N SER F 289 -32.81 4.42 61.25
CA SER F 289 -33.36 5.75 61.06
C SER F 289 -34.70 5.79 60.34
N THR F 290 -35.53 6.79 60.66
CA THR F 290 -36.75 7.05 59.91
C THR F 290 -37.12 8.53 60.02
N ASN F 291 -38.13 8.96 59.26
CA ASN F 291 -38.64 10.31 59.40
C ASN F 291 -39.90 10.33 60.25
N PHE F 292 -40.17 11.48 60.86
CA PHE F 292 -41.39 11.67 61.63
C PHE F 292 -41.76 13.14 61.61
N ALA F 293 -42.93 13.46 62.15
CA ALA F 293 -43.43 14.83 62.13
C ALA F 293 -44.04 15.25 63.45
N THR F 294 -44.17 16.56 63.61
CA THR F 294 -44.96 17.17 64.66
C THR F 294 -45.86 18.18 63.97
N ARG F 295 -46.76 18.81 64.70
CA ARG F 295 -47.64 19.82 64.11
C ARG F 295 -46.82 20.95 63.49
N ARG F 296 -45.69 21.30 64.11
CA ARG F 296 -44.83 22.38 63.62
C ARG F 296 -44.28 22.10 62.21
N TRP F 297 -44.08 20.83 61.88
CA TRP F 297 -43.51 20.48 60.59
C TRP F 297 -44.39 20.94 59.41
N ILE F 298 -45.69 21.00 59.64
CA ILE F 298 -46.66 21.18 58.56
C ILE F 298 -46.34 22.41 57.70
N GLU F 299 -46.01 23.51 58.35
CA GLU F 299 -45.65 24.71 57.60
C GLU F 299 -44.35 24.51 56.82
N TYR F 300 -43.41 23.74 57.37
CA TYR F 300 -42.15 23.44 56.67
C TYR F 300 -42.44 22.59 55.43
N GLY F 301 -43.38 21.66 55.56
CA GLY F 301 -43.75 20.78 54.48
C GLY F 301 -44.41 21.57 53.34
N LYS F 302 -45.24 22.53 53.72
CA LYS F 302 -45.88 23.40 52.74
C LYS F 302 -44.86 24.21 51.95
N GLN F 303 -43.79 24.64 52.61
CA GLN F 303 -42.84 25.58 52.00
C GLN F 303 -41.55 24.94 51.50
N ALA F 304 -41.44 23.62 51.64
CA ALA F 304 -40.24 22.90 51.22
C ALA F 304 -39.96 23.05 49.73
N VAL F 305 -38.72 23.40 49.41
CA VAL F 305 -38.26 23.49 48.03
C VAL F 305 -37.74 22.13 47.57
N LEU F 306 -38.44 21.52 46.62
CA LEU F 306 -38.14 20.14 46.23
C LEU F 306 -37.25 20.04 45.01
N CYS F 307 -36.61 18.89 44.84
CA CYS F 307 -35.78 18.67 43.66
C CYS F 307 -36.66 18.58 42.42
N SER F 308 -36.20 19.26 41.38
CA SER F 308 -36.99 19.44 40.18
C SER F 308 -36.48 18.58 39.03
N CYS F 309 -35.32 17.95 39.21
CA CYS F 309 -34.62 17.35 38.09
C CYS F 309 -34.76 15.83 38.02
N ARG F 310 -35.25 15.22 39.07
CA ARG F 310 -35.41 13.79 39.04
C ARG F 310 -36.90 13.47 39.10
N LYS F 311 -37.36 12.52 38.25
CA LYS F 311 -38.57 11.74 38.55
C LYS F 311 -38.11 11.10 39.84
N ASP F 312 -38.83 10.21 40.50
CA ASP F 312 -38.15 9.49 41.60
C ASP F 312 -38.12 10.16 42.95
N MET F 313 -38.55 11.40 43.11
CA MET F 313 -38.17 12.02 44.37
C MET F 313 -39.31 12.05 45.39
N VAL F 314 -38.95 12.04 46.67
CA VAL F 314 -39.97 11.92 47.70
C VAL F 314 -40.74 13.24 47.83
N LYS F 315 -42.05 13.12 47.64
CA LYS F 315 -42.94 14.25 47.60
C LYS F 315 -44.23 13.87 48.32
N ILE F 316 -44.62 14.69 49.31
CA ILE F 316 -45.82 14.39 50.08
C ILE F 316 -46.91 15.42 49.77
N SER F 317 -48.12 14.94 49.52
CA SER F 317 -49.26 15.83 49.41
C SER F 317 -49.58 16.41 50.80
N MET F 318 -49.53 17.73 50.91
CA MET F 318 -49.73 18.38 52.20
C MET F 318 -51.20 18.65 52.53
N ASP F 319 -52.08 18.39 51.56
CA ASP F 319 -53.50 18.72 51.69
C ASP F 319 -54.15 18.12 52.93
N VAL F 320 -53.97 16.82 53.12
CA VAL F 320 -54.54 16.14 54.29
C VAL F 320 -54.09 16.77 55.61
N PHE F 321 -52.86 17.26 55.65
CA PHE F 321 -52.32 17.91 56.86
C PHE F 321 -52.90 19.29 57.08
N VAL F 322 -53.09 20.05 56.01
CA VAL F 322 -53.62 21.40 56.15
C VAL F 322 -55.11 21.35 56.49
N ARG F 323 -55.85 20.45 55.85
CA ARG F 323 -57.26 20.34 56.17
C ARG F 323 -57.44 19.92 57.63
N LYS F 324 -56.64 18.95 58.08
CA LYS F 324 -56.74 18.43 59.46
C LYS F 324 -56.32 19.39 60.56
N PHE F 325 -55.18 20.06 60.38
CA PHE F 325 -54.59 20.85 61.46
C PHE F 325 -54.55 22.34 61.19
N GLN F 326 -54.87 22.74 59.96
CA GLN F 326 -54.99 24.16 59.65
C GLN F 326 -56.30 24.46 58.91
N PRO F 327 -57.44 24.00 59.46
CA PRO F 327 -58.72 24.13 58.75
C PRO F 327 -59.04 25.59 58.45
N GLU F 328 -58.60 26.45 59.36
CA GLU F 328 -58.77 27.90 59.27
C GLU F 328 -58.05 28.51 58.08
N ARG F 329 -57.12 27.76 57.52
CA ARG F 329 -56.21 28.30 56.52
C ARG F 329 -56.24 27.54 55.21
N TYR F 330 -57.07 26.51 55.14
CA TYR F 330 -57.07 25.63 53.97
C TYR F 330 -57.37 26.35 52.66
N LYS F 331 -58.53 27.01 52.60
CA LYS F 331 -58.95 27.70 51.36
C LYS F 331 -57.95 28.80 51.01
N LEU F 332 -57.43 29.46 52.03
CA LEU F 332 -56.46 30.53 51.84
C LEU F 332 -55.18 30.00 51.18
N TRP F 333 -54.67 28.90 51.73
CA TRP F 333 -53.47 28.25 51.23
C TRP F 333 -53.63 27.75 49.80
N LYS F 334 -54.79 27.17 49.52
CA LYS F 334 -55.02 26.63 48.20
C LYS F 334 -55.20 27.73 47.16
N ALA F 335 -55.47 28.96 47.62
CA ALA F 335 -55.60 30.09 46.73
C ALA F 335 -54.30 30.87 46.59
N GLY F 336 -53.21 30.32 47.12
CA GLY F 336 -51.90 30.93 47.00
C GLY F 336 -51.74 32.18 47.83
N LYS F 337 -52.57 32.31 48.86
CA LYS F 337 -52.56 33.53 49.67
C LYS F 337 -52.10 33.31 51.12
N ASP F 338 -51.60 32.12 51.43
CA ASP F 338 -51.08 31.86 52.77
C ASP F 338 -49.64 32.37 52.88
N ASN F 339 -49.48 33.50 53.55
CA ASN F 339 -48.20 34.20 53.58
C ASN F 339 -47.42 33.97 54.86
N THR F 340 -47.73 32.90 55.56
CA THR F 340 -47.05 32.54 56.80
C THR F 340 -45.53 32.55 56.63
N VAL F 341 -44.86 33.31 57.48
CA VAL F 341 -43.41 33.27 57.51
C VAL F 341 -42.98 32.37 58.67
N ILE F 342 -42.13 31.39 58.37
CA ILE F 342 -41.65 30.49 59.40
C ILE F 342 -40.65 31.19 60.32
N ASP F 343 -40.91 31.12 61.62
CA ASP F 343 -39.95 31.58 62.61
C ASP F 343 -39.30 30.33 63.17
N HIS F 344 -38.04 30.11 62.81
CA HIS F 344 -37.34 28.88 63.18
C HIS F 344 -37.11 28.76 64.68
N THR F 345 -37.32 29.84 65.44
CA THR F 345 -37.08 29.77 66.88
C THR F 345 -38.26 29.23 67.67
N LEU F 346 -39.47 29.32 67.10
CA LEU F 346 -40.69 28.87 67.78
C LEU F 346 -40.74 27.35 67.99
N PRO F 347 -40.98 26.90 69.24
CA PRO F 347 -41.21 25.46 69.46
C PRO F 347 -42.56 25.03 68.91
N THR F 348 -42.78 23.71 68.80
CA THR F 348 -44.03 23.16 68.27
C THR F 348 -45.16 23.39 69.27
N PRO F 349 -46.41 23.60 68.78
CA PRO F 349 -47.55 23.88 69.68
C PRO F 349 -47.69 22.91 70.84
N GLU F 350 -47.37 21.64 70.60
CA GLU F 350 -47.45 20.60 71.62
C GLU F 350 -46.58 20.92 72.85
N ALA F 351 -45.66 21.87 72.70
CA ALA F 351 -44.73 22.23 73.77
C ALA F 351 -45.31 23.27 74.74
N ALA F 352 -46.50 23.79 74.42
CA ALA F 352 -47.16 24.81 75.25
C ALA F 352 -47.22 24.38 76.71
N GLU F 353 -47.63 23.13 76.90
CA GLU F 353 -47.67 22.47 78.21
C GLU F 353 -46.45 22.73 79.11
N PHE F 354 -45.26 22.81 78.51
CA PHE F 354 -44.02 22.98 79.27
C PHE F 354 -43.58 24.45 79.40
N LEU F 355 -44.35 25.38 78.85
CA LEU F 355 -43.96 26.79 78.86
C LEU F 355 -44.84 27.65 79.75
N LYS F 356 -46.00 28.02 79.21
CA LYS F 356 -46.83 29.07 79.80
C LYS F 356 -48.24 29.04 79.22
N LEU G 9 3.32 -81.35 -49.09
CA LEU G 9 2.94 -81.58 -47.70
C LEU G 9 2.14 -80.40 -47.12
N ASN G 10 0.82 -80.60 -47.02
CA ASN G 10 -0.15 -79.52 -46.73
C ASN G 10 0.12 -78.24 -47.56
N PRO G 11 0.05 -78.35 -48.89
CA PRO G 11 0.33 -77.19 -49.77
C PRO G 11 -0.65 -76.04 -49.65
N SER G 12 -1.89 -76.30 -49.25
CA SER G 12 -2.89 -75.24 -49.06
C SER G 12 -2.68 -74.48 -47.75
N ALA G 13 -1.89 -75.08 -46.84
CA ALA G 13 -1.60 -74.52 -45.53
C ALA G 13 -2.85 -74.31 -44.68
N ARG G 14 -3.80 -75.24 -44.80
CA ARG G 14 -5.05 -75.17 -44.05
C ARG G 14 -4.88 -75.73 -42.63
N ILE G 15 -5.76 -75.31 -41.72
CA ILE G 15 -5.72 -75.83 -40.35
C ILE G 15 -6.12 -77.30 -40.34
N MET G 16 -5.25 -78.14 -39.80
CA MET G 16 -5.52 -79.57 -39.75
C MET G 16 -6.01 -79.99 -38.36
N THR G 17 -6.80 -81.05 -38.32
CA THR G 17 -7.34 -81.60 -37.08
C THR G 17 -6.85 -83.03 -36.89
N PHE G 18 -6.48 -83.40 -35.67
CA PHE G 18 -5.93 -84.74 -35.45
C PHE G 18 -6.67 -85.49 -34.35
N TYR G 19 -6.79 -86.79 -34.54
CA TYR G 19 -7.50 -87.65 -33.60
C TYR G 19 -6.63 -88.81 -33.14
N PRO G 20 -5.66 -88.53 -32.26
CA PRO G 20 -4.77 -89.59 -31.78
C PRO G 20 -5.46 -90.63 -30.92
N THR G 21 -5.00 -91.87 -31.03
CA THR G 21 -5.33 -92.92 -30.09
C THR G 21 -4.60 -92.65 -28.78
N MET G 22 -5.01 -93.35 -27.72
CA MET G 22 -4.36 -93.19 -26.42
C MET G 22 -2.87 -93.52 -26.52
N GLU G 23 -2.53 -94.52 -27.29
CA GLU G 23 -1.12 -94.92 -27.46
C GLU G 23 -0.31 -93.79 -28.09
N GLU G 24 -0.87 -93.15 -29.10
CA GLU G 24 -0.21 -92.04 -29.78
C GLU G 24 -0.17 -90.79 -28.91
N PHE G 25 -1.18 -90.65 -28.07
CA PHE G 25 -1.40 -89.46 -27.24
C PHE G 25 -0.39 -89.34 -26.10
N ARG G 26 0.01 -90.49 -25.53
CA ARG G 26 0.90 -90.52 -24.36
C ARG G 26 2.11 -89.60 -24.44
N ASN G 27 2.79 -89.63 -25.57
CA ASN G 27 4.03 -88.90 -25.74
C ASN G 27 3.81 -87.56 -26.47
N PHE G 28 3.78 -86.48 -25.69
CA PHE G 28 3.49 -85.15 -26.20
C PHE G 28 4.41 -84.70 -27.33
N SER G 29 5.70 -84.60 -27.04
CA SER G 29 6.70 -84.14 -28.02
C SER G 29 6.74 -84.96 -29.30
N ARG G 30 6.66 -86.28 -29.15
CA ARG G 30 6.66 -87.17 -30.30
C ARG G 30 5.45 -86.86 -31.18
N TYR G 31 4.29 -86.59 -30.56
CA TYR G 31 3.11 -86.33 -31.36
C TYR G 31 3.19 -84.98 -32.05
N ILE G 32 3.84 -84.01 -31.41
CA ILE G 32 4.06 -82.71 -32.06
C ILE G 32 4.92 -82.88 -33.30
N ALA G 33 5.97 -83.70 -33.19
CA ALA G 33 6.78 -84.05 -34.34
C ALA G 33 5.95 -84.78 -35.41
N TYR G 34 4.98 -85.59 -34.99
CA TYR G 34 4.17 -86.30 -35.97
C TYR G 34 3.31 -85.34 -36.78
N ILE G 35 2.63 -84.41 -36.11
CA ILE G 35 1.72 -83.55 -36.85
C ILE G 35 2.52 -82.62 -37.76
N GLU G 36 3.74 -82.30 -37.38
CA GLU G 36 4.60 -81.50 -38.26
C GLU G 36 5.00 -82.32 -39.49
N SER G 37 5.17 -83.63 -39.30
CA SER G 37 5.48 -84.51 -40.42
C SER G 37 4.32 -84.58 -41.40
N GLN G 38 3.13 -84.20 -40.94
CA GLN G 38 1.94 -84.13 -41.80
C GLN G 38 1.75 -82.72 -42.37
N GLY G 39 2.64 -81.79 -42.02
CA GLY G 39 2.54 -80.41 -42.49
C GLY G 39 1.62 -79.48 -41.73
N ALA G 40 1.17 -79.89 -40.54
CA ALA G 40 0.24 -79.08 -39.73
C ALA G 40 0.78 -77.69 -39.42
N HIS G 41 2.09 -77.61 -39.18
CA HIS G 41 2.75 -76.36 -38.81
C HIS G 41 2.64 -75.26 -39.86
N ARG G 42 2.30 -75.62 -41.10
CA ARG G 42 2.27 -74.63 -42.16
C ARG G 42 1.11 -73.67 -42.00
N ALA G 43 0.05 -74.12 -41.34
CA ALA G 43 -1.10 -73.26 -41.08
C ALA G 43 -0.81 -72.31 -39.91
N GLY G 44 0.12 -72.72 -39.04
CA GLY G 44 0.46 -71.96 -37.85
C GLY G 44 -0.44 -72.30 -36.67
N LEU G 45 -1.46 -73.12 -36.92
CA LEU G 45 -2.45 -73.46 -35.93
C LEU G 45 -3.02 -74.82 -36.25
N ALA G 46 -3.16 -75.68 -35.24
CA ALA G 46 -3.67 -77.03 -35.44
C ALA G 46 -4.59 -77.44 -34.29
N LYS G 47 -5.59 -78.26 -34.58
CA LYS G 47 -6.44 -78.79 -33.52
C LYS G 47 -6.10 -80.25 -33.26
N VAL G 48 -6.11 -80.63 -31.98
CA VAL G 48 -5.92 -82.01 -31.59
C VAL G 48 -7.06 -82.40 -30.67
N VAL G 49 -7.89 -83.34 -31.11
CA VAL G 49 -8.95 -83.91 -30.30
C VAL G 49 -8.41 -85.13 -29.56
N PRO G 50 -8.38 -85.09 -28.22
CA PRO G 50 -7.83 -86.22 -27.48
C PRO G 50 -8.78 -87.42 -27.47
N PRO G 51 -8.28 -88.63 -27.13
CA PRO G 51 -9.13 -89.82 -27.03
C PRO G 51 -10.27 -89.61 -26.05
N LYS G 52 -11.45 -90.16 -26.33
CA LYS G 52 -12.63 -89.83 -25.54
C LYS G 52 -12.52 -90.21 -24.06
N GLU G 53 -11.87 -91.32 -23.73
CA GLU G 53 -11.84 -91.70 -22.32
C GLU G 53 -10.88 -90.82 -21.50
N TRP G 54 -10.05 -90.03 -22.17
CA TRP G 54 -9.11 -89.14 -21.48
C TRP G 54 -9.77 -87.86 -20.95
N LYS G 55 -9.55 -87.58 -19.66
CA LYS G 55 -9.99 -86.34 -19.06
C LYS G 55 -8.91 -85.85 -18.10
N PRO G 56 -8.62 -84.53 -18.12
CA PRO G 56 -7.58 -83.99 -17.25
C PRO G 56 -8.05 -83.75 -15.82
N ARG G 57 -9.35 -83.84 -15.60
CA ARG G 57 -9.93 -83.55 -14.29
C ARG G 57 -11.28 -84.25 -14.18
N ALA G 58 -11.55 -84.84 -13.01
CA ALA G 58 -12.79 -85.59 -12.81
C ALA G 58 -14.02 -84.68 -12.88
N SER G 59 -13.91 -83.50 -12.29
CA SER G 59 -15.03 -82.58 -12.16
C SER G 59 -14.57 -81.14 -12.10
N TYR G 60 -15.40 -80.21 -12.57
CA TYR G 60 -15.07 -78.79 -12.45
C TYR G 60 -15.99 -78.07 -11.47
N ASP G 61 -16.62 -78.83 -10.58
CA ASP G 61 -17.59 -78.28 -9.63
C ASP G 61 -16.95 -77.66 -8.39
N ASP G 62 -15.65 -77.86 -8.24
CA ASP G 62 -14.98 -77.46 -7.00
C ASP G 62 -14.08 -76.24 -7.17
N ILE G 63 -14.31 -75.43 -8.20
CA ILE G 63 -13.41 -74.31 -8.44
C ILE G 63 -14.08 -72.94 -8.33
N ASP G 64 -15.27 -72.90 -7.75
CA ASP G 64 -16.02 -71.64 -7.62
C ASP G 64 -15.29 -70.60 -6.79
N ASP G 65 -14.59 -71.05 -5.77
CA ASP G 65 -13.91 -70.16 -4.84
C ASP G 65 -12.50 -69.78 -5.33
N LEU G 66 -12.14 -70.24 -6.52
CA LEU G 66 -10.85 -69.90 -7.11
C LEU G 66 -10.79 -68.42 -7.46
N VAL G 67 -9.67 -67.79 -7.16
CA VAL G 67 -9.54 -66.34 -7.30
C VAL G 67 -8.92 -65.88 -8.61
N ILE G 68 -9.59 -64.93 -9.26
CA ILE G 68 -9.06 -64.23 -10.42
C ILE G 68 -8.51 -62.89 -9.94
N PRO G 69 -7.20 -62.82 -9.69
CA PRO G 69 -6.66 -61.64 -9.00
C PRO G 69 -6.71 -60.35 -9.82
N ALA G 70 -6.62 -60.45 -11.14
CA ALA G 70 -6.58 -59.24 -11.96
C ALA G 70 -7.41 -59.34 -13.25
N PRO G 71 -8.73 -59.40 -13.11
CA PRO G 71 -9.62 -59.42 -14.29
C PRO G 71 -9.43 -58.15 -15.11
N ILE G 72 -9.55 -58.24 -16.43
CA ILE G 72 -9.38 -57.03 -17.24
C ILE G 72 -10.64 -56.72 -18.04
N GLN G 73 -11.09 -55.47 -17.96
CA GLN G 73 -12.19 -55.03 -18.80
C GLN G 73 -11.61 -54.60 -20.14
N GLN G 74 -12.14 -55.15 -21.22
CA GLN G 74 -11.58 -54.92 -22.54
C GLN G 74 -12.30 -53.82 -23.30
N LEU G 75 -11.70 -52.65 -23.35
CA LEU G 75 -12.28 -51.54 -24.09
C LEU G 75 -11.65 -51.45 -25.46
N VAL G 76 -12.50 -51.46 -26.48
CA VAL G 76 -12.04 -51.52 -27.85
C VAL G 76 -12.45 -50.28 -28.61
N THR G 77 -11.49 -49.66 -29.28
CA THR G 77 -11.78 -48.49 -30.08
C THR G 77 -11.40 -48.75 -31.53
N GLY G 78 -12.21 -48.24 -32.46
CA GLY G 78 -11.94 -48.43 -33.87
C GLY G 78 -13.18 -48.58 -34.73
N GLN G 79 -12.95 -48.86 -36.01
CA GLN G 79 -14.03 -48.90 -37.00
C GLN G 79 -13.50 -49.56 -38.26
N SER G 80 -14.41 -49.99 -39.14
CA SER G 80 -14.05 -50.54 -40.45
C SER G 80 -13.07 -51.72 -40.34
N GLY G 81 -13.36 -52.64 -39.42
CA GLY G 81 -12.51 -53.81 -39.21
C GLY G 81 -11.15 -53.60 -38.57
N LEU G 82 -10.83 -52.39 -38.11
CA LEU G 82 -9.55 -52.14 -37.46
C LEU G 82 -9.73 -51.59 -36.04
N PHE G 83 -9.16 -52.26 -35.04
CA PHE G 83 -9.38 -51.83 -33.65
C PHE G 83 -8.17 -51.98 -32.74
N THR G 84 -8.17 -51.17 -31.68
CA THR G 84 -7.18 -51.27 -30.62
C THR G 84 -7.88 -51.57 -29.32
N GLN G 85 -7.33 -52.52 -28.57
CA GLN G 85 -7.96 -52.99 -27.36
C GLN G 85 -7.15 -52.56 -26.14
N TYR G 86 -7.83 -51.92 -25.20
CA TYR G 86 -7.18 -51.42 -23.99
C TYR G 86 -7.65 -52.20 -22.77
N ASN G 87 -6.78 -52.38 -21.81
CA ASN G 87 -7.11 -53.13 -20.61
C ASN G 87 -7.34 -52.24 -19.39
N ILE G 88 -8.49 -52.39 -18.76
CA ILE G 88 -8.71 -51.76 -17.44
C ILE G 88 -8.65 -52.86 -16.40
N GLN G 89 -7.69 -52.76 -15.50
CA GLN G 89 -7.65 -53.76 -14.45
C GLN G 89 -8.81 -53.54 -13.49
N LYS G 90 -9.47 -54.62 -13.12
CA LYS G 90 -10.58 -54.55 -12.18
C LYS G 90 -10.20 -55.24 -10.88
N LYS G 91 -11.02 -55.08 -9.85
CA LYS G 91 -10.74 -55.71 -8.56
C LYS G 91 -10.86 -57.22 -8.68
N ALA G 92 -10.06 -57.92 -7.88
CA ALA G 92 -10.06 -59.38 -7.85
C ALA G 92 -11.46 -59.93 -7.64
N MET G 93 -11.75 -61.08 -8.24
CA MET G 93 -13.04 -61.73 -8.04
C MET G 93 -12.91 -63.24 -8.15
N THR G 94 -13.91 -63.94 -7.62
CA THR G 94 -13.90 -65.40 -7.66
C THR G 94 -14.47 -65.86 -9.00
N VAL G 95 -14.24 -67.12 -9.34
CA VAL G 95 -14.80 -67.68 -10.56
C VAL G 95 -16.33 -67.54 -10.55
N ARG G 96 -16.91 -67.77 -9.37
CA ARG G 96 -18.36 -67.66 -9.21
C ARG G 96 -18.86 -66.24 -9.44
N GLU G 97 -18.15 -65.25 -8.90
CA GLU G 97 -18.50 -63.86 -9.12
C GLU G 97 -18.44 -63.54 -10.62
N PHE G 98 -17.42 -64.07 -11.27
CA PHE G 98 -17.22 -63.91 -12.69
C PHE G 98 -18.27 -64.65 -13.52
N ARG G 99 -18.60 -65.89 -13.13
CA ARG G 99 -19.60 -66.65 -13.85
C ARG G 99 -20.98 -65.98 -13.83
N LYS G 100 -21.32 -65.40 -12.67
CA LYS G 100 -22.60 -64.72 -12.52
C LYS G 100 -22.69 -63.52 -13.46
N ILE G 101 -21.61 -62.75 -13.56
CA ILE G 101 -21.55 -61.62 -14.47
C ILE G 101 -21.61 -62.09 -15.92
N ALA G 102 -20.81 -63.10 -16.24
CA ALA G 102 -20.76 -63.63 -17.59
C ALA G 102 -22.12 -64.08 -18.09
N ASN G 103 -22.92 -64.69 -17.21
CA ASN G 103 -24.20 -65.26 -17.62
C ASN G 103 -25.38 -64.30 -17.45
N SER G 104 -25.11 -63.14 -16.84
CA SER G 104 -26.14 -62.12 -16.65
C SER G 104 -26.65 -61.60 -17.99
N ASP G 105 -27.82 -60.98 -17.99
CA ASP G 105 -28.43 -60.49 -19.23
C ASP G 105 -27.53 -59.48 -19.93
N LYS G 106 -26.81 -58.66 -19.17
CA LYS G 106 -26.00 -57.62 -19.78
C LYS G 106 -24.86 -58.22 -20.61
N TYR G 107 -24.31 -59.35 -20.19
CA TYR G 107 -23.08 -59.88 -20.81
C TYR G 107 -23.19 -61.23 -21.53
N CYS G 108 -24.30 -61.94 -21.34
CA CYS G 108 -24.42 -63.29 -21.89
C CYS G 108 -24.40 -63.31 -23.42
N THR G 109 -24.05 -64.46 -23.98
CA THR G 109 -24.09 -64.70 -25.42
C THR G 109 -25.43 -64.34 -26.02
N PRO G 110 -25.43 -63.66 -27.18
CA PRO G 110 -26.70 -63.42 -27.90
C PRO G 110 -27.22 -64.68 -28.60
N ARG G 111 -28.48 -64.67 -29.02
CA ARG G 111 -29.08 -65.77 -29.77
C ARG G 111 -28.41 -65.93 -31.14
N TYR G 112 -28.16 -67.16 -31.55
CA TYR G 112 -27.55 -67.42 -32.85
C TYR G 112 -27.76 -68.85 -33.32
N SER G 113 -27.79 -69.06 -34.64
CA SER G 113 -27.94 -70.42 -35.16
C SER G 113 -26.62 -70.92 -35.79
N GLU G 114 -26.12 -70.26 -36.84
CA GLU G 114 -24.82 -70.64 -37.38
C GLU G 114 -23.71 -69.80 -36.75
N PHE G 115 -22.47 -70.30 -36.84
CA PHE G 115 -21.31 -69.56 -36.37
C PHE G 115 -21.20 -68.20 -37.06
N GLU G 116 -21.46 -68.19 -38.36
CA GLU G 116 -21.30 -66.97 -39.17
C GLU G 116 -22.13 -65.81 -38.61
N GLU G 117 -23.26 -66.13 -37.98
CA GLU G 117 -24.10 -65.10 -37.37
C GLU G 117 -23.44 -64.55 -36.09
N LEU G 118 -22.90 -65.44 -35.27
CA LEU G 118 -22.27 -65.02 -34.03
C LEU G 118 -21.02 -64.21 -34.34
N GLU G 119 -20.28 -64.64 -35.36
CA GLU G 119 -19.12 -63.91 -35.84
C GLU G 119 -19.49 -62.50 -36.29
N ARG G 120 -20.62 -62.36 -36.97
CA ARG G 120 -21.07 -61.04 -37.41
C ARG G 120 -21.37 -60.15 -36.21
N LYS G 121 -22.06 -60.71 -35.22
CA LYS G 121 -22.41 -59.97 -34.02
C LYS G 121 -21.17 -59.58 -33.22
N TYR G 122 -20.14 -60.41 -33.25
CA TYR G 122 -18.89 -60.07 -32.59
C TYR G 122 -18.26 -58.83 -33.23
N TRP G 123 -18.03 -58.87 -34.54
CA TRP G 123 -17.37 -57.76 -35.23
C TRP G 123 -18.22 -56.50 -35.30
N LYS G 124 -19.53 -56.62 -35.16
CA LYS G 124 -20.41 -55.45 -35.15
C LYS G 124 -20.46 -54.80 -33.76
N ASN G 125 -20.29 -55.59 -32.72
CA ASN G 125 -20.53 -55.10 -31.37
C ASN G 125 -19.32 -55.03 -30.46
N LEU G 126 -18.13 -55.31 -30.96
CA LEU G 126 -17.00 -55.46 -30.06
C LEU G 126 -16.58 -54.13 -29.39
N THR G 127 -16.97 -52.99 -29.95
CA THR G 127 -16.67 -51.72 -29.25
C THR G 127 -17.73 -51.33 -28.23
N PHE G 128 -18.81 -52.08 -28.13
CA PHE G 128 -19.88 -51.76 -27.19
C PHE G 128 -19.86 -52.67 -25.97
N ASN G 129 -20.38 -52.14 -24.86
CA ASN G 129 -20.59 -52.95 -23.67
C ASN G 129 -19.37 -53.81 -23.29
N PRO G 130 -18.23 -53.17 -22.99
CA PRO G 130 -16.96 -53.90 -22.85
C PRO G 130 -16.98 -55.00 -21.79
N PRO G 131 -16.61 -56.23 -22.17
CA PRO G 131 -16.69 -57.37 -21.26
C PRO G 131 -15.47 -57.48 -20.36
N ILE G 132 -15.53 -58.42 -19.43
CA ILE G 132 -14.44 -58.65 -18.50
C ILE G 132 -13.88 -60.04 -18.80
N TYR G 133 -12.56 -60.13 -18.91
CA TYR G 133 -11.91 -61.41 -19.16
C TYR G 133 -10.97 -61.74 -18.02
N GLY G 134 -11.17 -62.90 -17.40
CA GLY G 134 -10.26 -63.38 -16.37
C GLY G 134 -9.07 -64.05 -17.02
N ALA G 135 -8.20 -63.25 -17.62
CA ALA G 135 -7.06 -63.78 -18.38
C ALA G 135 -5.78 -63.85 -17.54
N ASP G 136 -4.84 -64.67 -18.01
CA ASP G 136 -3.49 -64.73 -17.46
C ASP G 136 -3.45 -65.03 -15.96
N VAL G 137 -4.33 -65.92 -15.52
CA VAL G 137 -4.32 -66.40 -14.16
C VAL G 137 -3.33 -67.54 -13.98
N ASN G 138 -2.36 -67.38 -13.09
CA ASN G 138 -1.45 -68.47 -12.75
C ASN G 138 -2.20 -69.64 -12.18
N GLY G 139 -2.01 -70.81 -12.77
CA GLY G 139 -2.64 -72.01 -12.25
C GLY G 139 -2.90 -73.07 -13.29
N THR G 140 -3.36 -74.22 -12.82
CA THR G 140 -3.68 -75.35 -13.66
C THR G 140 -4.96 -75.99 -13.13
N LEU G 141 -5.72 -76.66 -13.99
CA LEU G 141 -6.87 -77.42 -13.53
C LEU G 141 -6.65 -78.92 -13.74
N TYR G 142 -5.43 -79.28 -14.12
CA TYR G 142 -5.03 -80.68 -14.23
C TYR G 142 -4.86 -81.31 -12.84
N GLU G 143 -5.43 -82.49 -12.65
CA GLU G 143 -5.14 -83.25 -11.44
C GLU G 143 -3.67 -83.66 -11.49
N LYS G 144 -3.04 -83.74 -10.32
CA LYS G 144 -1.59 -83.89 -10.23
C LYS G 144 -1.04 -85.17 -10.86
N HIS G 145 -1.91 -86.15 -11.09
CA HIS G 145 -1.51 -87.47 -11.54
C HIS G 145 -1.60 -87.69 -13.06
N VAL G 146 -2.24 -86.76 -13.76
CA VAL G 146 -2.41 -86.86 -15.20
C VAL G 146 -1.08 -86.63 -15.92
N ASP G 147 -0.60 -87.64 -16.65
CA ASP G 147 0.72 -87.58 -17.27
C ASP G 147 0.70 -87.31 -18.77
N GLU G 148 -0.48 -87.26 -19.37
CA GLU G 148 -0.58 -86.99 -20.80
C GLU G 148 -0.93 -85.53 -21.05
N TRP G 149 -0.09 -84.86 -21.82
CA TRP G 149 -0.32 -83.48 -22.25
C TRP G 149 -0.61 -82.56 -21.07
N ASN G 150 0.15 -82.75 -20.00
CA ASN G 150 -0.01 -81.91 -18.81
C ASN G 150 0.65 -80.57 -19.05
N ILE G 151 -0.17 -79.55 -19.26
CA ILE G 151 0.28 -78.21 -19.61
C ILE G 151 1.16 -77.61 -18.51
N GLY G 152 1.00 -78.09 -17.28
CA GLY G 152 1.80 -77.63 -16.15
C GLY G 152 3.23 -78.13 -16.17
N ARG G 153 3.49 -79.23 -16.89
CA ARG G 153 4.81 -79.84 -16.92
C ARG G 153 5.04 -80.66 -18.19
N LEU G 154 5.12 -79.98 -19.32
CA LEU G 154 5.30 -80.66 -20.61
C LEU G 154 6.71 -81.18 -20.83
N ARG G 155 7.66 -80.69 -20.03
CA ARG G 155 9.06 -81.14 -20.06
C ARG G 155 9.67 -81.16 -21.47
N THR G 156 9.44 -80.10 -22.25
CA THR G 156 10.13 -79.92 -23.52
C THR G 156 11.45 -79.23 -23.27
N ILE G 157 12.26 -79.06 -24.32
CA ILE G 157 13.56 -78.42 -24.19
C ILE G 157 13.46 -76.95 -23.76
N LEU G 158 12.26 -76.37 -23.79
CA LEU G 158 12.06 -75.02 -23.27
C LEU G 158 12.45 -74.93 -21.79
N ASP G 159 12.38 -76.07 -21.10
CA ASP G 159 12.72 -76.15 -19.69
C ASP G 159 14.17 -75.75 -19.38
N LEU G 160 15.02 -75.76 -20.39
CA LEU G 160 16.41 -75.29 -20.23
C LEU G 160 16.50 -73.83 -19.81
N VAL G 161 15.43 -73.07 -20.02
CA VAL G 161 15.37 -71.69 -19.58
C VAL G 161 15.32 -71.63 -18.06
N GLU G 162 14.63 -72.60 -17.48
CA GLU G 162 14.41 -72.66 -16.03
C GLU G 162 15.70 -73.01 -15.32
N LYS G 163 16.42 -73.99 -15.86
CA LYS G 163 17.69 -74.39 -15.31
C LYS G 163 18.65 -73.21 -15.32
N GLU G 164 18.68 -72.47 -16.43
CA GLU G 164 19.59 -71.34 -16.58
C GLU G 164 18.96 -70.02 -16.16
N GLU G 170 5.53 -68.60 -12.55
CA GLU G 170 6.78 -67.90 -12.81
C GLU G 170 7.27 -67.83 -14.23
N GLY G 171 6.51 -68.18 -15.26
CA GLY G 171 7.28 -68.28 -16.47
C GLY G 171 6.74 -68.68 -17.81
N VAL G 172 7.67 -68.76 -18.76
CA VAL G 172 7.30 -69.07 -20.11
C VAL G 172 6.78 -70.51 -20.22
N ASN G 173 7.15 -71.34 -19.25
CA ASN G 173 6.71 -72.74 -19.27
C ASN G 173 5.79 -73.13 -18.12
N THR G 174 5.18 -72.14 -17.47
CA THR G 174 4.20 -72.41 -16.41
C THR G 174 2.77 -72.20 -16.95
N PRO G 175 1.76 -72.82 -16.31
CA PRO G 175 0.44 -72.78 -16.94
C PRO G 175 -0.37 -71.54 -16.61
N TYR G 176 -1.22 -71.15 -17.55
CA TYR G 176 -2.11 -70.01 -17.37
C TYR G 176 -3.56 -70.36 -17.65
N LEU G 177 -4.45 -69.79 -16.84
CA LEU G 177 -5.88 -69.99 -17.02
C LEU G 177 -6.55 -68.78 -17.65
N TYR G 178 -7.53 -69.02 -18.51
CA TYR G 178 -8.31 -67.95 -19.12
C TYR G 178 -9.80 -68.19 -18.90
N PHE G 179 -10.40 -67.36 -18.05
CA PHE G 179 -11.84 -67.45 -17.84
C PHE G 179 -12.59 -66.45 -18.70
N GLY G 180 -13.28 -66.97 -19.72
CA GLY G 180 -13.92 -66.16 -20.73
C GLY G 180 -15.38 -65.85 -20.54
N MET G 181 -15.80 -64.72 -21.10
CA MET G 181 -17.22 -64.45 -21.32
C MET G 181 -17.38 -64.01 -22.77
N TRP G 182 -18.64 -63.91 -23.21
CA TRP G 182 -18.95 -63.50 -24.56
C TRP G 182 -18.20 -62.24 -24.94
N LYS G 183 -17.61 -62.26 -26.14
CA LYS G 183 -17.03 -61.09 -26.78
C LYS G 183 -15.63 -60.72 -26.24
N THR G 184 -15.11 -61.50 -25.30
CA THR G 184 -13.74 -61.29 -24.86
C THR G 184 -12.80 -61.79 -25.94
N SER G 185 -11.70 -61.06 -26.16
CA SER G 185 -10.88 -61.27 -27.35
C SER G 185 -9.40 -61.51 -27.03
N PHE G 186 -8.71 -62.21 -27.93
CA PHE G 186 -7.25 -62.11 -27.94
C PHE G 186 -6.83 -61.55 -29.29
N ALA G 187 -5.94 -60.56 -29.24
CA ALA G 187 -5.53 -59.81 -30.43
C ALA G 187 -4.48 -60.54 -31.25
N TRP G 188 -4.26 -60.05 -32.46
CA TRP G 188 -3.29 -60.63 -33.36
C TRP G 188 -1.90 -60.63 -32.75
N HIS G 189 -1.29 -61.81 -32.68
CA HIS G 189 0.03 -61.94 -32.09
C HIS G 189 0.66 -63.27 -32.44
N THR G 190 1.99 -63.30 -32.38
CA THR G 190 2.71 -64.54 -32.25
C THR G 190 3.08 -64.67 -30.78
N GLU G 191 3.54 -65.85 -30.37
CA GLU G 191 3.94 -66.06 -28.99
C GLU G 191 5.25 -65.33 -28.68
N ASP G 192 5.51 -65.13 -27.40
CA ASP G 192 6.80 -64.62 -26.94
C ASP G 192 7.95 -65.44 -27.53
N MET G 193 8.96 -64.75 -28.03
CA MET G 193 10.12 -65.39 -28.64
C MET G 193 9.71 -66.34 -29.78
N ASP G 194 8.55 -66.05 -30.39
CA ASP G 194 7.93 -66.90 -31.41
C ASP G 194 7.96 -68.38 -31.03
N LEU G 195 7.55 -68.66 -29.80
CA LEU G 195 7.47 -70.03 -29.30
C LEU G 195 6.24 -70.74 -29.82
N TYR G 196 6.17 -72.04 -29.56
CA TYR G 196 4.92 -72.78 -29.72
C TYR G 196 4.00 -72.39 -28.56
N SER G 197 2.70 -72.66 -28.72
CA SER G 197 1.80 -72.64 -27.57
C SER G 197 0.82 -73.80 -27.62
N ILE G 198 0.33 -74.19 -26.45
CA ILE G 198 -0.72 -75.20 -26.35
C ILE G 198 -1.88 -74.59 -25.56
N ASN G 199 -3.09 -74.85 -26.02
CA ASN G 199 -4.29 -74.29 -25.41
C ASN G 199 -5.35 -75.37 -25.26
N TYR G 200 -5.74 -75.65 -24.03
CA TYR G 200 -6.78 -76.63 -23.78
C TYR G 200 -8.02 -75.95 -23.24
N LEU G 201 -9.17 -76.20 -23.86
CA LEU G 201 -10.42 -75.62 -23.39
C LEU G 201 -11.11 -76.57 -22.41
N HIS G 202 -10.96 -76.30 -21.12
CA HIS G 202 -11.45 -77.20 -20.07
C HIS G 202 -12.96 -77.41 -20.11
N PHE G 203 -13.71 -76.32 -20.21
CA PHE G 203 -15.16 -76.38 -20.22
C PHE G 203 -15.78 -75.10 -20.74
N GLY G 204 -17.09 -75.15 -21.01
CA GLY G 204 -17.84 -73.96 -21.34
C GLY G 204 -18.05 -73.74 -22.81
N GLU G 205 -18.42 -72.51 -23.17
CA GLU G 205 -18.74 -72.18 -24.55
C GLU G 205 -17.48 -72.10 -25.40
N PRO G 206 -17.63 -72.22 -26.72
CA PRO G 206 -16.44 -72.27 -27.59
C PRO G 206 -15.54 -71.03 -27.58
N LYS G 207 -14.34 -71.24 -28.09
CA LYS G 207 -13.36 -70.20 -28.37
C LYS G 207 -13.02 -70.29 -29.85
N SER G 208 -13.27 -69.23 -30.61
CA SER G 208 -13.00 -69.22 -32.04
C SER G 208 -11.65 -68.57 -32.35
N TRP G 209 -10.97 -69.12 -33.35
CA TRP G 209 -9.62 -68.69 -33.69
C TRP G 209 -9.50 -68.24 -35.15
N TYR G 210 -8.60 -67.28 -35.38
CA TYR G 210 -8.14 -66.96 -36.73
C TYR G 210 -6.63 -67.16 -36.78
N SER G 211 -6.10 -67.57 -37.92
CA SER G 211 -4.67 -67.80 -38.04
C SER G 211 -4.13 -67.39 -39.40
N VAL G 212 -2.89 -66.93 -39.41
CA VAL G 212 -2.17 -66.67 -40.65
C VAL G 212 -0.95 -67.59 -40.71
N PRO G 213 -0.78 -68.32 -41.83
CA PRO G 213 0.38 -69.20 -42.00
C PRO G 213 1.68 -68.45 -41.78
N PRO G 214 2.62 -69.07 -41.04
CA PRO G 214 3.92 -68.42 -40.81
C PRO G 214 4.57 -67.94 -42.10
N GLU G 215 4.41 -68.66 -43.20
CA GLU G 215 5.03 -68.24 -44.46
C GLU G 215 4.39 -66.97 -45.03
N HIS G 216 3.30 -66.51 -44.43
CA HIS G 216 2.68 -65.25 -44.85
C HIS G 216 2.62 -64.21 -43.72
N GLY G 217 3.24 -64.50 -42.58
CA GLY G 217 3.22 -63.62 -41.43
C GLY G 217 3.75 -62.22 -41.70
N LYS G 218 4.81 -62.14 -42.50
CA LYS G 218 5.39 -60.87 -42.95
C LYS G 218 4.35 -59.97 -43.61
N ARG G 219 3.45 -60.58 -44.37
CA ARG G 219 2.45 -59.79 -45.07
C ARG G 219 1.40 -59.24 -44.13
N LEU G 220 1.06 -60.00 -43.09
CA LEU G 220 0.19 -59.47 -42.03
C LEU G 220 0.86 -58.29 -41.33
N GLU G 221 2.15 -58.41 -41.04
CA GLU G 221 2.89 -57.34 -40.37
C GLU G 221 2.90 -56.08 -41.22
N ARG G 222 3.14 -56.26 -42.52
CA ARG G 222 3.20 -55.15 -43.47
C ARG G 222 1.87 -54.41 -43.49
N LEU G 223 0.78 -55.16 -43.52
CA LEU G 223 -0.56 -54.60 -43.50
C LEU G 223 -0.82 -53.83 -42.19
N ALA G 224 -0.48 -54.47 -41.07
CA ALA G 224 -0.63 -53.87 -39.76
C ALA G 224 0.19 -52.58 -39.64
N LYS G 225 1.41 -52.62 -40.17
CA LYS G 225 2.28 -51.45 -40.23
C LYS G 225 1.58 -50.29 -40.93
N GLY G 226 0.94 -50.61 -42.05
CA GLY G 226 0.30 -49.61 -42.88
C GLY G 226 -0.87 -48.96 -42.18
N PHE G 227 -1.60 -49.74 -41.38
CA PHE G 227 -2.79 -49.24 -40.70
C PHE G 227 -2.48 -48.55 -39.39
N PHE G 228 -1.35 -48.90 -38.77
CA PHE G 228 -0.96 -48.27 -37.52
C PHE G 228 0.48 -47.77 -37.60
N PRO G 229 0.74 -46.80 -38.48
CA PRO G 229 2.12 -46.34 -38.71
C PRO G 229 2.76 -45.73 -37.47
N GLY G 230 1.96 -45.06 -36.63
CA GLY G 230 2.46 -44.51 -35.39
C GLY G 230 2.99 -45.58 -34.45
N SER G 231 2.20 -46.64 -34.28
CA SER G 231 2.58 -47.76 -33.42
C SER G 231 3.86 -48.41 -33.95
N ALA G 232 3.94 -48.52 -35.27
CA ALA G 232 5.10 -49.13 -35.91
C ALA G 232 6.36 -48.30 -35.66
N GLN G 233 6.23 -46.97 -35.76
CA GLN G 233 7.37 -46.09 -35.55
C GLN G 233 7.92 -46.18 -34.13
N SER G 234 7.04 -46.35 -33.15
CA SER G 234 7.48 -46.36 -31.75
C SER G 234 7.85 -47.75 -31.20
N CYS G 235 7.60 -48.80 -31.97
CA CYS G 235 8.03 -50.14 -31.57
C CYS G 235 8.20 -51.08 -32.76
N GLU G 236 9.34 -51.78 -32.82
CA GLU G 236 9.65 -52.67 -33.92
C GLU G 236 8.68 -53.84 -34.00
N ALA G 237 8.10 -54.22 -32.86
CA ALA G 237 7.18 -55.35 -32.83
C ALA G 237 5.90 -55.03 -32.06
N PHE G 238 5.15 -54.02 -32.50
CA PHE G 238 4.05 -53.53 -31.67
C PHE G 238 2.92 -54.53 -31.50
N LEU G 239 2.82 -55.49 -32.41
CA LEU G 239 1.78 -56.51 -32.31
C LEU G 239 1.93 -57.36 -31.05
N ARG G 240 3.15 -57.39 -30.51
CA ARG G 240 3.43 -58.13 -29.27
C ARG G 240 2.73 -57.51 -28.07
N HIS G 241 2.27 -56.27 -28.22
CA HIS G 241 1.47 -55.61 -27.19
C HIS G 241 0.09 -56.26 -27.03
N LYS G 242 -0.29 -57.04 -28.04
CA LYS G 242 -1.56 -57.74 -28.04
C LYS G 242 -2.74 -56.80 -27.90
N MET G 243 -2.71 -55.70 -28.64
CA MET G 243 -3.76 -54.70 -28.61
C MET G 243 -4.47 -54.56 -29.95
N THR G 244 -4.00 -55.27 -30.96
CA THR G 244 -4.46 -55.01 -32.33
C THR G 244 -5.45 -56.05 -32.85
N LEU G 245 -6.67 -55.60 -33.12
CA LEU G 245 -7.71 -56.46 -33.67
C LEU G 245 -7.97 -56.11 -35.13
N ILE G 246 -8.01 -57.13 -35.96
CA ILE G 246 -8.25 -56.96 -37.40
C ILE G 246 -9.25 -58.01 -37.87
N SER G 247 -10.37 -57.57 -38.43
CA SER G 247 -11.42 -58.47 -38.87
C SER G 247 -11.01 -59.33 -40.06
N PRO G 248 -11.65 -60.51 -40.20
CA PRO G 248 -11.39 -61.35 -41.38
C PRO G 248 -11.78 -60.69 -42.72
N LEU G 249 -12.82 -59.84 -42.72
CA LEU G 249 -13.15 -59.06 -43.91
C LEU G 249 -12.00 -58.18 -44.37
N MET G 250 -11.29 -57.57 -43.43
CA MET G 250 -10.13 -56.75 -43.78
C MET G 250 -9.04 -57.62 -44.39
N LEU G 251 -8.87 -58.83 -43.84
CA LEU G 251 -7.84 -59.73 -44.33
C LEU G 251 -8.18 -60.22 -45.75
N LYS G 252 -9.46 -60.53 -45.97
CA LYS G 252 -9.94 -60.92 -47.30
C LYS G 252 -9.75 -59.79 -48.32
N LYS G 253 -10.19 -58.59 -47.95
CA LYS G 253 -10.02 -57.37 -48.72
C LYS G 253 -8.57 -57.15 -49.18
N TYR G 254 -7.61 -57.42 -48.31
CA TYR G 254 -6.20 -57.12 -48.62
C TYR G 254 -5.40 -58.37 -48.98
N GLY G 255 -6.10 -59.47 -49.20
CA GLY G 255 -5.49 -60.68 -49.73
C GLY G 255 -4.54 -61.43 -48.82
N ILE G 256 -4.68 -61.24 -47.51
CA ILE G 256 -3.89 -62.01 -46.56
C ILE G 256 -4.51 -63.40 -46.41
N PRO G 257 -3.76 -64.46 -46.73
CA PRO G 257 -4.34 -65.78 -46.48
C PRO G 257 -4.52 -65.99 -44.98
N PHE G 258 -5.67 -66.54 -44.60
CA PHE G 258 -5.93 -66.86 -43.21
C PHE G 258 -6.90 -68.01 -43.17
N ASP G 259 -7.09 -68.61 -42.00
CA ASP G 259 -8.07 -69.66 -41.82
C ASP G 259 -8.85 -69.42 -40.53
N LYS G 260 -10.03 -70.03 -40.41
CA LYS G 260 -10.83 -69.96 -39.19
C LYS G 260 -11.00 -71.33 -38.60
N VAL G 261 -11.09 -71.43 -37.28
CA VAL G 261 -11.50 -72.67 -36.64
C VAL G 261 -12.12 -72.36 -35.29
N THR G 262 -13.11 -73.15 -34.91
CA THR G 262 -13.75 -73.01 -33.61
C THR G 262 -13.35 -74.16 -32.70
N GLN G 263 -12.89 -73.82 -31.51
CA GLN G 263 -12.43 -74.79 -30.52
C GLN G 263 -13.55 -75.06 -29.52
N GLU G 264 -13.89 -76.34 -29.32
CA GLU G 264 -14.91 -76.70 -28.35
C GLU G 264 -14.28 -77.27 -27.10
N ALA G 265 -15.09 -77.36 -26.04
CA ALA G 265 -14.65 -77.96 -24.79
C ALA G 265 -14.05 -79.35 -25.03
N GLY G 266 -12.93 -79.64 -24.39
CA GLY G 266 -12.29 -80.93 -24.54
C GLY G 266 -11.26 -80.99 -25.65
N GLU G 267 -11.01 -79.87 -26.33
CA GLU G 267 -10.08 -79.86 -27.47
C GLU G 267 -8.84 -79.00 -27.24
N PHE G 268 -7.73 -79.44 -27.83
CA PHE G 268 -6.46 -78.71 -27.77
C PHE G 268 -6.27 -77.87 -29.03
N MET G 269 -5.68 -76.68 -28.87
CA MET G 269 -5.16 -75.96 -30.02
C MET G 269 -3.66 -75.79 -29.87
N ILE G 270 -2.92 -76.08 -30.94
CA ILE G 270 -1.48 -75.86 -30.97
C ILE G 270 -1.15 -74.69 -31.89
N THR G 271 -0.40 -73.71 -31.41
CA THR G 271 0.12 -72.69 -32.31
C THR G 271 1.60 -72.93 -32.54
N PHE G 272 2.07 -72.62 -33.74
CA PHE G 272 3.42 -72.92 -34.15
C PHE G 272 4.26 -71.66 -34.23
N PRO G 273 5.60 -71.79 -34.16
CA PRO G 273 6.49 -70.63 -34.23
C PRO G 273 6.16 -69.67 -35.37
N TYR G 274 6.06 -68.40 -35.02
CA TYR G 274 5.72 -67.32 -35.94
C TYR G 274 4.35 -67.52 -36.60
N GLY G 275 3.46 -68.21 -35.89
CA GLY G 275 2.09 -68.36 -36.35
C GLY G 275 1.18 -67.31 -35.72
N TYR G 276 0.86 -66.26 -36.47
CA TYR G 276 -0.05 -65.24 -35.97
C TYR G 276 -1.44 -65.80 -35.77
N HIS G 277 -2.04 -65.49 -34.63
CA HIS G 277 -3.42 -65.87 -34.37
C HIS G 277 -4.14 -64.82 -33.54
N ALA G 278 -5.47 -64.86 -33.61
CA ALA G 278 -6.37 -63.97 -32.88
C ALA G 278 -7.70 -64.70 -32.72
N GLY G 279 -8.58 -64.19 -31.86
CA GLY G 279 -9.88 -64.82 -31.69
C GLY G 279 -10.74 -64.25 -30.57
N PHE G 280 -11.82 -64.95 -30.24
CA PHE G 280 -12.75 -64.47 -29.23
C PHE G 280 -13.54 -65.63 -28.59
N ASN G 281 -14.09 -65.38 -27.42
CA ASN G 281 -14.87 -66.39 -26.72
C ASN G 281 -16.37 -66.23 -26.94
N HIS G 282 -17.06 -67.36 -27.11
CA HIS G 282 -18.50 -67.34 -27.36
C HIS G 282 -19.30 -67.04 -26.09
N GLY G 283 -18.74 -67.37 -24.94
CA GLY G 283 -19.44 -67.20 -23.67
C GLY G 283 -18.60 -67.68 -22.51
N PHE G 284 -19.23 -67.93 -21.38
CA PHE G 284 -18.49 -68.38 -20.21
C PHE G 284 -17.71 -69.67 -20.50
N ASN G 285 -16.40 -69.62 -20.31
CA ASN G 285 -15.55 -70.78 -20.51
C ASN G 285 -14.22 -70.67 -19.78
N CYS G 286 -13.44 -71.75 -19.82
CA CYS G 286 -12.15 -71.77 -19.17
C CYS G 286 -11.12 -72.50 -20.01
N ALA G 287 -10.02 -71.80 -20.33
CA ALA G 287 -8.93 -72.42 -21.08
C ALA G 287 -7.62 -72.40 -20.29
N GLU G 288 -6.77 -73.38 -20.55
CA GLU G 288 -5.46 -73.45 -19.92
C GLU G 288 -4.36 -73.50 -20.97
N SER G 289 -3.28 -72.76 -20.75
CA SER G 289 -2.29 -72.56 -21.80
C SER G 289 -0.85 -72.37 -21.28
N THR G 290 0.13 -72.82 -22.06
CA THR G 290 1.52 -72.51 -21.79
C THR G 290 2.31 -72.52 -23.08
N ASN G 291 3.57 -72.06 -23.03
CA ASN G 291 4.45 -72.16 -24.17
C ASN G 291 5.32 -73.42 -24.08
N PHE G 292 5.81 -73.87 -25.22
CA PHE G 292 6.77 -74.98 -25.25
C PHE G 292 7.63 -74.85 -26.49
N ALA G 293 8.60 -75.75 -26.62
CA ALA G 293 9.54 -75.67 -27.73
C ALA G 293 9.85 -77.04 -28.33
N THR G 294 10.35 -77.00 -29.56
CA THR G 294 10.99 -78.14 -30.20
C THR G 294 12.35 -77.66 -30.68
N ARG G 295 13.18 -78.56 -31.21
CA ARG G 295 14.47 -78.16 -31.73
C ARG G 295 14.31 -77.12 -32.84
N ARG G 296 13.25 -77.25 -33.63
CA ARG G 296 12.99 -76.31 -34.72
C ARG G 296 12.84 -74.86 -34.25
N TRP G 297 12.36 -74.69 -33.02
CA TRP G 297 12.08 -73.35 -32.53
C TRP G 297 13.35 -72.52 -32.38
N ILE G 298 14.46 -73.19 -32.09
CA ILE G 298 15.68 -72.48 -31.68
C ILE G 298 16.07 -71.39 -32.68
N GLU G 299 15.98 -71.69 -33.97
CA GLU G 299 16.28 -70.68 -34.97
C GLU G 299 15.28 -69.52 -34.93
N TYR G 300 14.01 -69.82 -34.66
CA TYR G 300 12.99 -68.78 -34.54
C TYR G 300 13.33 -67.90 -33.32
N GLY G 301 13.71 -68.55 -32.23
CA GLY G 301 14.11 -67.84 -31.02
C GLY G 301 15.26 -66.88 -31.29
N LYS G 302 16.23 -67.32 -32.08
CA LYS G 302 17.39 -66.50 -32.40
C LYS G 302 17.00 -65.29 -33.25
N GLN G 303 16.01 -65.46 -34.11
CA GLN G 303 15.67 -64.43 -35.08
C GLN G 303 14.44 -63.60 -34.71
N ALA G 304 13.87 -63.86 -33.53
CA ALA G 304 12.64 -63.19 -33.13
C ALA G 304 12.82 -61.67 -32.99
N VAL G 305 11.91 -60.92 -33.59
CA VAL G 305 11.93 -59.46 -33.48
C VAL G 305 11.12 -59.06 -32.25
N LEU G 306 11.80 -58.49 -31.26
CA LEU G 306 11.22 -58.28 -29.95
C LEU G 306 10.70 -56.85 -29.74
N CYS G 307 9.83 -56.69 -28.76
CA CYS G 307 9.31 -55.39 -28.36
C CYS G 307 10.44 -54.49 -27.85
N SER G 308 10.57 -53.31 -28.44
CA SER G 308 11.68 -52.42 -28.12
C SER G 308 11.28 -51.27 -27.18
N CYS G 309 9.98 -51.14 -26.92
CA CYS G 309 9.47 -49.95 -26.24
C CYS G 309 9.10 -50.15 -24.77
N ARG G 310 9.06 -51.40 -24.31
CA ARG G 310 8.74 -51.67 -22.90
C ARG G 310 9.72 -52.64 -22.26
N LYS G 311 9.95 -52.45 -20.97
CA LYS G 311 10.92 -53.26 -20.23
C LYS G 311 10.31 -54.51 -19.59
N ASP G 312 8.99 -54.67 -19.73
CA ASP G 312 8.31 -55.80 -19.12
C ASP G 312 8.32 -57.04 -19.98
N MET G 313 8.83 -56.89 -21.19
CA MET G 313 8.62 -57.91 -22.20
C MET G 313 9.44 -59.17 -21.97
N VAL G 314 8.88 -60.29 -22.43
CA VAL G 314 9.50 -61.59 -22.23
C VAL G 314 10.62 -61.79 -23.24
N LYS G 315 11.79 -62.08 -22.69
CA LYS G 315 13.01 -62.18 -23.47
C LYS G 315 13.81 -63.36 -22.94
N ILE G 316 14.16 -64.28 -23.82
CA ILE G 316 14.91 -65.46 -23.41
C ILE G 316 16.32 -65.41 -23.98
N SER G 317 17.31 -65.70 -23.14
CA SER G 317 18.68 -65.86 -23.60
C SER G 317 18.76 -67.14 -24.42
N MET G 318 19.12 -67.01 -25.69
CA MET G 318 19.18 -68.14 -26.60
C MET G 318 20.51 -68.88 -26.51
N ASP G 319 21.43 -68.31 -25.74
CA ASP G 319 22.77 -68.84 -25.57
C ASP G 319 22.78 -70.34 -25.25
N VAL G 320 22.05 -70.72 -24.22
CA VAL G 320 22.08 -72.09 -23.72
C VAL G 320 21.57 -73.06 -24.79
N PHE G 321 20.61 -72.60 -25.61
CA PHE G 321 20.04 -73.43 -26.65
C PHE G 321 21.00 -73.62 -27.82
N VAL G 322 21.71 -72.56 -28.18
CA VAL G 322 22.65 -72.65 -29.29
C VAL G 322 23.84 -73.50 -28.88
N ARG G 323 24.33 -73.32 -27.66
CA ARG G 323 25.43 -74.12 -27.15
C ARG G 323 25.11 -75.61 -27.20
N LYS G 324 23.94 -75.98 -26.69
CA LYS G 324 23.59 -77.41 -26.59
C LYS G 324 23.19 -78.06 -27.92
N PHE G 325 22.41 -77.38 -28.77
CA PHE G 325 21.87 -78.02 -29.97
C PHE G 325 22.47 -77.54 -31.29
N GLN G 326 23.23 -76.46 -31.23
CA GLN G 326 23.91 -75.95 -32.41
C GLN G 326 25.36 -75.63 -32.12
N PRO G 327 26.11 -76.56 -31.48
CA PRO G 327 27.45 -76.21 -31.02
C PRO G 327 28.36 -75.81 -32.18
N GLU G 328 28.13 -76.40 -33.35
CA GLU G 328 28.97 -76.12 -34.52
C GLU G 328 28.76 -74.70 -35.02
N ARG G 329 27.64 -74.07 -34.66
CA ARG G 329 27.39 -72.69 -35.09
C ARG G 329 27.48 -71.66 -33.96
N TYR G 330 27.83 -72.10 -32.75
CA TYR G 330 27.82 -71.20 -31.60
C TYR G 330 28.74 -69.98 -31.77
N LYS G 331 30.02 -70.22 -32.01
CA LYS G 331 30.97 -69.12 -32.17
C LYS G 331 30.60 -68.26 -33.37
N LEU G 332 30.17 -68.89 -34.46
CA LEU G 332 29.73 -68.18 -35.65
C LEU G 332 28.58 -67.22 -35.33
N TRP G 333 27.60 -67.71 -34.58
CA TRP G 333 26.42 -66.93 -34.21
C TRP G 333 26.79 -65.77 -33.31
N LYS G 334 27.68 -66.00 -32.35
CA LYS G 334 28.06 -64.95 -31.42
C LYS G 334 28.94 -63.90 -32.10
N ALA G 335 29.49 -64.23 -33.26
CA ALA G 335 30.27 -63.27 -34.02
C ALA G 335 29.43 -62.58 -35.09
N GLY G 336 28.11 -62.76 -35.02
CA GLY G 336 27.19 -62.06 -35.91
C GLY G 336 27.29 -62.55 -37.35
N LYS G 337 27.69 -63.79 -37.51
CA LYS G 337 27.95 -64.35 -38.83
C LYS G 337 27.01 -65.50 -39.19
N ASP G 338 26.07 -65.82 -38.30
CA ASP G 338 25.10 -66.87 -38.57
C ASP G 338 23.94 -66.34 -39.39
N ASN G 339 23.85 -66.67 -40.68
CA ASN G 339 22.75 -66.07 -41.41
C ASN G 339 21.83 -67.09 -42.07
N THR G 340 21.62 -68.17 -41.31
CA THR G 340 20.56 -69.13 -41.55
C THR G 340 19.26 -68.45 -41.95
N VAL G 341 18.67 -68.91 -43.04
CA VAL G 341 17.36 -68.45 -43.45
C VAL G 341 16.35 -69.51 -43.04
N ILE G 342 15.29 -69.09 -42.36
CA ILE G 342 14.29 -70.03 -41.92
C ILE G 342 13.39 -70.39 -43.09
N ASP G 343 13.18 -71.70 -43.27
CA ASP G 343 12.18 -72.22 -44.19
C ASP G 343 11.00 -72.68 -43.35
N HIS G 344 9.89 -71.94 -43.43
CA HIS G 344 8.72 -72.21 -42.59
C HIS G 344 8.05 -73.55 -42.91
N THR G 345 8.36 -74.13 -44.07
CA THR G 345 7.70 -75.37 -44.47
C THR G 345 8.34 -76.61 -43.85
N LEU G 346 9.59 -76.49 -43.44
CA LEU G 346 10.34 -77.63 -42.89
C LEU G 346 9.84 -78.10 -41.54
N PRO G 347 9.58 -79.40 -41.40
CA PRO G 347 9.21 -79.93 -40.08
C PRO G 347 10.42 -79.97 -39.15
N THR G 348 10.18 -80.17 -37.87
CA THR G 348 11.24 -80.20 -36.87
C THR G 348 12.03 -81.50 -37.06
N PRO G 349 13.35 -81.47 -36.78
CA PRO G 349 14.21 -82.65 -36.97
C PRO G 349 13.66 -83.91 -36.32
N GLU G 350 13.02 -83.77 -35.17
CA GLU G 350 12.40 -84.90 -34.47
C GLU G 350 11.38 -85.65 -35.32
N ALA G 351 10.94 -85.03 -36.42
CA ALA G 351 9.93 -85.64 -37.28
C ALA G 351 10.53 -86.57 -38.33
N ALA G 352 11.86 -86.64 -38.37
CA ALA G 352 12.58 -87.49 -39.33
C ALA G 352 12.05 -88.92 -39.30
N GLU G 353 11.86 -89.42 -38.09
CA GLU G 353 11.30 -90.74 -37.82
C GLU G 353 10.03 -91.09 -38.61
N PHE G 354 9.18 -90.09 -38.88
CA PHE G 354 7.92 -90.34 -39.59
C PHE G 354 8.00 -90.03 -41.08
N LEU G 355 9.19 -89.67 -41.57
CA LEU G 355 9.38 -89.40 -42.99
C LEU G 355 10.25 -90.47 -43.66
N LYS G 356 10.82 -91.35 -42.84
CA LYS G 356 11.86 -92.28 -43.29
C LYS G 356 11.32 -93.51 -44.02
N LEU H 9 31.22 -38.32 -69.52
CA LEU H 9 30.76 -38.56 -68.15
C LEU H 9 29.98 -37.34 -67.61
N ASN H 10 28.66 -37.48 -67.56
CA ASN H 10 27.73 -36.37 -67.28
C ASN H 10 28.06 -35.08 -68.04
N PRO H 11 28.02 -35.13 -69.38
CA PRO H 11 28.49 -34.01 -70.20
C PRO H 11 27.58 -32.79 -70.11
N SER H 12 26.30 -33.01 -69.81
CA SER H 12 25.34 -31.93 -69.61
C SER H 12 25.53 -31.22 -68.26
N ALA H 13 26.25 -31.88 -67.36
CA ALA H 13 26.51 -31.39 -66.00
C ALA H 13 25.24 -31.16 -65.20
N ARG H 14 24.25 -32.03 -65.37
CA ARG H 14 22.99 -31.87 -64.65
C ARG H 14 23.06 -32.52 -63.27
N ILE H 15 22.19 -32.08 -62.38
CA ILE H 15 22.09 -32.62 -61.03
C ILE H 15 21.64 -34.08 -61.07
N MET H 16 22.46 -34.98 -60.54
CA MET H 16 22.10 -36.39 -60.53
C MET H 16 21.56 -36.82 -59.16
N THR H 17 20.75 -37.88 -59.18
CA THR H 17 20.13 -38.43 -57.98
C THR H 17 20.53 -39.89 -57.83
N PHE H 18 20.84 -40.32 -56.61
CA PHE H 18 21.33 -41.66 -56.37
C PHE H 18 20.50 -42.39 -55.32
N TYR H 19 20.33 -43.70 -55.53
CA TYR H 19 19.50 -44.51 -54.64
C TYR H 19 20.27 -45.71 -54.15
N PRO H 20 21.24 -45.49 -53.24
CA PRO H 20 22.06 -46.59 -52.73
C PRO H 20 21.27 -47.61 -51.93
N THR H 21 21.64 -48.88 -52.09
CA THR H 21 21.23 -49.94 -51.18
C THR H 21 21.88 -49.72 -49.82
N MET H 22 21.38 -50.42 -48.81
CA MET H 22 21.99 -50.32 -47.48
C MET H 22 23.47 -50.70 -47.50
N GLU H 23 23.85 -51.73 -48.25
CA GLU H 23 25.25 -52.15 -48.31
C GLU H 23 26.14 -51.05 -48.91
N GLU H 24 25.67 -50.45 -50.00
CA GLU H 24 26.39 -49.34 -50.62
C GLU H 24 26.42 -48.10 -49.71
N PHE H 25 25.38 -47.95 -48.90
CA PHE H 25 25.19 -46.76 -48.09
C PHE H 25 26.16 -46.69 -46.90
N ARG H 26 26.52 -47.84 -46.35
CA ARG H 26 27.26 -47.92 -45.09
C ARG H 26 28.58 -47.13 -45.09
N ASN H 27 29.29 -47.15 -46.21
CA ASN H 27 30.58 -46.48 -46.31
C ASN H 27 30.44 -45.13 -47.01
N PHE H 28 30.40 -44.05 -46.23
CA PHE H 28 30.14 -42.71 -46.75
C PHE H 28 31.15 -42.23 -47.80
N SER H 29 32.44 -42.25 -47.46
CA SER H 29 33.50 -41.78 -48.37
C SER H 29 33.52 -42.53 -49.67
N ARG H 30 33.41 -43.85 -49.58
CA ARG H 30 33.46 -44.69 -50.76
C ARG H 30 32.29 -44.34 -51.67
N TYR H 31 31.12 -44.08 -51.09
CA TYR H 31 29.96 -43.76 -51.92
C TYR H 31 30.12 -42.40 -52.59
N ILE H 32 30.77 -41.46 -51.90
CA ILE H 32 31.07 -40.17 -52.50
C ILE H 32 31.99 -40.35 -53.71
N ALA H 33 32.96 -41.26 -53.58
CA ALA H 33 33.87 -41.57 -54.67
C ALA H 33 33.11 -42.25 -55.81
N TYR H 34 32.11 -43.06 -55.47
CA TYR H 34 31.28 -43.69 -56.50
C TYR H 34 30.50 -42.66 -57.32
N ILE H 35 29.84 -41.72 -56.65
CA ILE H 35 29.01 -40.80 -57.42
C ILE H 35 29.89 -39.89 -58.27
N GLU H 36 31.10 -39.59 -57.81
CA GLU H 36 32.04 -38.80 -58.63
C GLU H 36 32.50 -39.63 -59.84
N SER H 37 32.56 -40.95 -59.68
CA SER H 37 32.89 -41.82 -60.81
C SER H 37 31.77 -41.76 -61.87
N GLN H 38 30.57 -41.35 -61.45
CA GLN H 38 29.44 -41.22 -62.36
C GLN H 38 29.32 -39.80 -62.91
N GLY H 39 30.19 -38.90 -62.46
CA GLY H 39 30.18 -37.53 -62.93
C GLY H 39 29.24 -36.58 -62.20
N ALA H 40 28.73 -36.99 -61.05
CA ALA H 40 27.80 -36.15 -60.27
C ALA H 40 28.39 -34.79 -59.89
N HIS H 41 29.70 -34.77 -59.61
CA HIS H 41 30.37 -33.56 -59.15
C HIS H 41 30.35 -32.43 -60.17
N ARG H 42 30.11 -32.75 -61.44
CA ARG H 42 30.16 -31.73 -62.47
C ARG H 42 29.03 -30.72 -62.31
N ALA H 43 27.90 -31.15 -61.75
CA ALA H 43 26.78 -30.25 -61.49
C ALA H 43 27.04 -29.33 -60.29
N GLY H 44 27.89 -29.80 -59.36
CA GLY H 44 28.20 -29.04 -58.16
C GLY H 44 27.28 -29.43 -57.02
N LEU H 45 26.29 -30.25 -57.34
CA LEU H 45 25.22 -30.57 -56.43
C LEU H 45 24.63 -31.94 -56.81
N ALA H 46 24.45 -32.82 -55.84
CA ALA H 46 23.82 -34.11 -56.11
C ALA H 46 22.84 -34.47 -55.01
N LYS H 47 21.79 -35.21 -55.36
CA LYS H 47 20.87 -35.72 -54.35
C LYS H 47 21.13 -37.20 -54.07
N VAL H 48 21.05 -37.58 -52.80
CA VAL H 48 21.16 -38.98 -52.45
C VAL H 48 19.97 -39.37 -51.59
N VAL H 49 19.20 -40.35 -52.09
CA VAL H 49 18.06 -40.87 -51.37
C VAL H 49 18.49 -42.14 -50.64
N PRO H 50 18.44 -42.11 -49.31
CA PRO H 50 18.92 -43.26 -48.55
C PRO H 50 17.91 -44.40 -48.62
N PRO H 51 18.32 -45.63 -48.29
CA PRO H 51 17.40 -46.78 -48.29
C PRO H 51 16.23 -46.53 -47.35
N LYS H 52 15.04 -46.99 -47.73
CA LYS H 52 13.81 -46.73 -46.97
C LYS H 52 13.86 -47.17 -45.50
N GLU H 53 14.60 -48.24 -45.20
CA GLU H 53 14.60 -48.76 -43.85
C GLU H 53 15.42 -47.88 -42.89
N TRP H 54 16.24 -47.01 -43.47
CA TRP H 54 17.15 -46.20 -42.67
C TRP H 54 16.51 -44.93 -42.11
N LYS H 55 16.73 -44.69 -40.82
CA LYS H 55 16.26 -43.48 -40.14
C LYS H 55 17.31 -43.01 -39.16
N PRO H 56 17.61 -41.71 -39.13
CA PRO H 56 18.62 -41.21 -38.19
C PRO H 56 18.09 -41.00 -36.77
N ARG H 57 16.77 -41.02 -36.64
CA ARG H 57 16.14 -40.72 -35.36
C ARG H 57 14.77 -41.38 -35.33
N ALA H 58 14.39 -41.93 -34.18
CA ALA H 58 13.13 -42.65 -34.07
C ALA H 58 11.95 -41.71 -34.20
N SER H 59 12.04 -40.56 -33.54
CA SER H 59 10.95 -39.60 -33.53
C SER H 59 11.46 -38.19 -33.33
N TYR H 60 10.79 -37.22 -33.95
CA TYR H 60 11.16 -35.81 -33.80
C TYR H 60 10.25 -35.04 -32.86
N ASP H 61 9.44 -35.75 -32.08
CA ASP H 61 8.42 -35.10 -31.25
C ASP H 61 8.99 -34.29 -30.08
N ASP H 62 10.18 -34.66 -29.62
CA ASP H 62 10.74 -34.06 -28.40
C ASP H 62 11.55 -32.80 -28.64
N ILE H 63 11.70 -32.41 -29.90
CA ILE H 63 12.63 -31.33 -30.19
C ILE H 63 11.95 -29.97 -30.39
N ASP H 64 10.62 -29.92 -30.28
CA ASP H 64 9.93 -28.64 -30.08
C ASP H 64 10.58 -27.85 -28.94
N ASP H 65 11.29 -28.55 -28.05
CA ASP H 65 11.87 -27.94 -26.86
C ASP H 65 13.29 -27.46 -27.07
N LEU H 66 13.84 -27.72 -28.25
CA LEU H 66 15.21 -27.31 -28.53
C LEU H 66 15.27 -25.78 -28.61
N VAL H 67 16.35 -25.20 -28.10
CA VAL H 67 16.52 -23.75 -28.12
C VAL H 67 17.29 -23.30 -29.35
N ILE H 68 16.72 -22.33 -30.07
CA ILE H 68 17.41 -21.60 -31.12
C ILE H 68 17.95 -20.31 -30.50
N PRO H 69 19.26 -20.28 -30.17
CA PRO H 69 19.77 -19.14 -29.41
C PRO H 69 19.80 -17.82 -30.18
N ALA H 70 19.97 -17.87 -31.50
CA ALA H 70 20.13 -16.65 -32.30
C ALA H 70 19.37 -16.69 -33.62
N PRO H 71 18.03 -16.69 -33.57
CA PRO H 71 17.26 -16.69 -34.81
C PRO H 71 17.53 -15.41 -35.60
N ILE H 72 17.48 -15.46 -36.93
CA ILE H 72 17.75 -14.26 -37.70
C ILE H 72 16.57 -13.89 -38.56
N GLN H 73 16.18 -12.62 -38.48
CA GLN H 73 15.17 -12.12 -39.39
C GLN H 73 15.88 -11.72 -40.67
N GLN H 74 15.40 -12.23 -41.80
CA GLN H 74 16.04 -11.98 -43.09
C GLN H 74 15.39 -10.84 -43.84
N LEU H 75 16.05 -9.71 -43.86
CA LEU H 75 15.55 -8.56 -44.60
C LEU H 75 16.24 -8.48 -45.95
N VAL H 76 15.43 -8.38 -46.99
CA VAL H 76 15.95 -8.41 -48.35
C VAL H 76 15.64 -7.11 -49.07
N THR H 77 16.67 -6.53 -49.69
CA THR H 77 16.51 -5.32 -50.47
C THR H 77 16.96 -5.56 -51.91
N GLY H 78 16.22 -5.01 -52.87
CA GLY H 78 16.56 -5.20 -54.26
C GLY H 78 15.37 -5.28 -55.19
N GLN H 79 15.66 -5.55 -56.46
CA GLN H 79 14.68 -5.47 -57.52
C GLN H 79 15.28 -6.09 -58.77
N SER H 80 14.42 -6.45 -59.72
CA SER H 80 14.86 -6.97 -61.02
C SER H 80 15.79 -8.17 -60.87
N GLY H 81 15.42 -9.08 -59.97
CA GLY H 81 16.14 -10.33 -59.78
C GLY H 81 17.47 -10.25 -59.05
N LEU H 82 17.81 -9.07 -58.53
CA LEU H 82 19.06 -8.88 -57.79
C LEU H 82 18.80 -8.36 -56.38
N PHE H 83 19.25 -9.08 -55.37
CA PHE H 83 18.96 -8.67 -54.01
C PHE H 83 20.12 -8.84 -53.04
N THR H 84 20.03 -8.14 -51.92
CA THR H 84 20.98 -8.30 -50.83
C THR H 84 20.20 -8.65 -49.57
N GLN H 85 20.72 -9.61 -48.82
CA GLN H 85 20.02 -10.10 -47.65
C GLN H 85 20.76 -9.71 -46.38
N TYR H 86 20.05 -9.09 -45.45
CA TYR H 86 20.62 -8.66 -44.18
C TYR H 86 20.02 -9.42 -43.00
N ASN H 87 20.84 -9.69 -41.99
CA ASN H 87 20.40 -10.41 -40.81
C ASN H 87 20.18 -9.52 -39.60
N ILE H 88 18.96 -9.56 -39.05
CA ILE H 88 18.67 -9.02 -37.73
C ILE H 88 18.61 -10.17 -36.75
N GLN H 89 19.51 -10.17 -35.77
CA GLN H 89 19.44 -11.17 -34.73
C GLN H 89 18.24 -10.89 -33.82
N LYS H 90 17.49 -11.94 -33.51
CA LYS H 90 16.31 -11.82 -32.65
C LYS H 90 16.56 -12.60 -31.36
N LYS H 91 15.66 -12.47 -30.40
CA LYS H 91 15.83 -13.12 -29.11
C LYS H 91 15.70 -14.62 -29.27
N ALA H 92 16.46 -15.37 -28.49
CA ALA H 92 16.38 -16.83 -28.46
C ALA H 92 14.94 -17.31 -28.38
N MET H 93 14.65 -18.43 -29.04
CA MET H 93 13.32 -19.02 -28.96
C MET H 93 13.38 -20.55 -29.10
N THR H 94 12.32 -21.22 -28.64
CA THR H 94 12.23 -22.66 -28.78
C THR H 94 11.76 -23.02 -30.19
N VAL H 95 12.08 -24.22 -30.65
CA VAL H 95 11.60 -24.72 -31.92
C VAL H 95 10.08 -24.56 -32.01
N ARG H 96 9.43 -24.80 -30.87
CA ARG H 96 7.98 -24.69 -30.76
C ARG H 96 7.47 -23.27 -31.01
N GLU H 97 8.07 -22.29 -30.35
CA GLU H 97 7.69 -20.90 -30.57
C GLU H 97 7.91 -20.59 -32.06
N PHE H 98 9.01 -21.12 -32.58
CA PHE H 98 9.35 -20.89 -33.97
C PHE H 98 8.32 -21.53 -34.89
N ARG H 99 7.97 -22.79 -34.60
CA ARG H 99 6.98 -23.48 -35.41
C ARG H 99 5.63 -22.75 -35.43
N LYS H 100 5.23 -22.17 -34.29
CA LYS H 100 3.95 -21.48 -34.23
C LYS H 100 3.97 -20.23 -35.11
N ILE H 101 5.10 -19.54 -35.12
CA ILE H 101 5.24 -18.38 -35.99
C ILE H 101 5.24 -18.81 -37.47
N ALA H 102 5.97 -19.88 -37.76
CA ALA H 102 6.09 -20.37 -39.13
C ALA H 102 4.75 -20.75 -39.74
N ASN H 103 3.89 -21.38 -38.94
CA ASN H 103 2.61 -21.86 -39.45
C ASN H 103 1.48 -20.85 -39.29
N SER H 104 1.75 -19.71 -38.64
CA SER H 104 0.73 -18.67 -38.51
C SER H 104 0.34 -18.11 -39.87
N ASP H 105 -0.82 -17.48 -39.93
CA ASP H 105 -1.31 -16.89 -41.18
C ASP H 105 -0.34 -15.86 -41.76
N LYS H 106 0.35 -15.11 -40.91
CA LYS H 106 1.27 -14.08 -41.40
C LYS H 106 2.42 -14.70 -42.21
N TYR H 107 2.90 -15.88 -41.82
CA TYR H 107 4.14 -16.41 -42.37
C TYR H 107 4.03 -17.70 -43.16
N CYS H 108 2.86 -18.34 -43.14
CA CYS H 108 2.76 -19.69 -43.68
C CYS H 108 2.90 -19.75 -45.21
N THR H 109 3.21 -20.94 -45.71
CA THR H 109 3.30 -21.20 -47.14
C THR H 109 2.01 -20.83 -47.85
N PRO H 110 2.10 -20.10 -48.96
CA PRO H 110 0.91 -19.80 -49.77
C PRO H 110 0.42 -21.02 -50.57
N ARG H 111 -0.84 -20.99 -51.00
CA ARG H 111 -1.40 -22.06 -51.81
C ARG H 111 -0.65 -22.22 -53.13
N TYR H 112 -0.41 -23.46 -53.55
CA TYR H 112 0.29 -23.72 -54.81
C TYR H 112 0.10 -25.14 -55.35
N SER H 113 0.11 -25.25 -56.68
CA SER H 113 -0.08 -26.54 -57.34
C SER H 113 1.25 -27.15 -57.76
N GLU H 114 1.92 -26.52 -58.72
CA GLU H 114 3.25 -26.97 -59.13
C GLU H 114 4.33 -26.14 -58.44
N PHE H 115 5.57 -26.64 -58.49
CA PHE H 115 6.70 -25.93 -57.91
C PHE H 115 6.90 -24.56 -58.54
N GLU H 116 6.74 -24.49 -59.86
CA GLU H 116 6.97 -23.25 -60.58
C GLU H 116 6.12 -22.11 -60.03
N GLU H 117 4.91 -22.42 -59.56
CA GLU H 117 4.04 -21.40 -58.98
C GLU H 117 4.63 -20.89 -57.65
N LEU H 118 5.07 -21.80 -56.79
CA LEU H 118 5.69 -21.41 -55.53
C LEU H 118 6.96 -20.62 -55.78
N GLU H 119 7.75 -21.08 -56.76
CA GLU H 119 8.98 -20.38 -57.13
C GLU H 119 8.70 -18.94 -57.57
N ARG H 120 7.65 -18.74 -58.35
CA ARG H 120 7.28 -17.39 -58.76
C ARG H 120 6.93 -16.53 -57.56
N LYS H 121 6.13 -17.08 -56.65
CA LYS H 121 5.72 -16.36 -55.45
C LYS H 121 6.91 -16.01 -54.56
N TYR H 122 7.89 -16.91 -54.48
CA TYR H 122 9.13 -16.62 -53.75
C TYR H 122 9.80 -15.37 -54.34
N TRP H 123 10.09 -15.38 -55.64
CA TRP H 123 10.84 -14.29 -56.25
C TRP H 123 10.05 -12.99 -56.34
N LYS H 124 8.73 -13.08 -56.29
CA LYS H 124 7.88 -11.90 -56.27
C LYS H 124 7.78 -11.27 -54.87
N ASN H 125 7.89 -12.11 -53.85
CA ASN H 125 7.57 -11.65 -52.50
C ASN H 125 8.73 -11.64 -51.51
N LEU H 126 9.95 -11.90 -51.96
CA LEU H 126 11.01 -12.14 -50.98
C LEU H 126 11.43 -10.87 -50.22
N THR H 127 11.12 -9.69 -50.74
CA THR H 127 11.45 -8.46 -50.00
C THR H 127 10.34 -8.08 -49.02
N PHE H 128 9.21 -8.78 -49.07
CA PHE H 128 8.09 -8.42 -48.22
C PHE H 128 8.01 -9.35 -47.02
N ASN H 129 7.48 -8.83 -45.92
CA ASN H 129 7.16 -9.64 -44.76
C ASN H 129 8.33 -10.54 -44.30
N PRO H 130 9.48 -9.94 -43.94
CA PRO H 130 10.71 -10.70 -43.71
C PRO H 130 10.58 -11.80 -42.67
N PRO H 131 10.94 -13.03 -43.05
CA PRO H 131 10.74 -14.18 -42.17
C PRO H 131 11.90 -14.37 -41.22
N ILE H 132 11.76 -15.35 -40.34
CA ILE H 132 12.77 -15.63 -39.36
C ILE H 132 13.32 -17.02 -39.65
N TYR H 133 14.64 -17.13 -39.67
CA TYR H 133 15.32 -18.39 -39.97
C TYR H 133 16.14 -18.79 -38.75
N GLY H 134 15.90 -19.98 -38.22
CA GLY H 134 16.68 -20.50 -37.11
C GLY H 134 17.91 -21.20 -37.65
N ALA H 135 18.81 -20.44 -38.27
CA ALA H 135 19.96 -21.00 -38.96
C ALA H 135 21.19 -21.14 -38.08
N ASP H 136 22.13 -21.97 -38.50
CA ASP H 136 23.44 -22.11 -37.86
C ASP H 136 23.39 -22.44 -36.37
N VAL H 137 22.43 -23.29 -36.00
CA VAL H 137 22.34 -23.80 -34.64
C VAL H 137 23.30 -24.98 -34.46
N ASN H 138 24.23 -24.86 -33.52
CA ASN H 138 25.10 -25.99 -33.18
C ASN H 138 24.30 -27.17 -32.68
N GLY H 139 24.46 -28.32 -33.31
CA GLY H 139 23.76 -29.51 -32.86
C GLY H 139 23.51 -30.55 -33.93
N THR H 140 23.05 -31.70 -33.48
CA THR H 140 22.71 -32.82 -34.35
C THR H 140 21.38 -33.40 -33.89
N LEU H 141 20.64 -34.03 -34.79
CA LEU H 141 19.43 -34.74 -34.39
C LEU H 141 19.60 -36.25 -34.59
N TYR H 142 20.79 -36.66 -35.03
CA TYR H 142 21.11 -38.08 -35.10
C TYR H 142 21.17 -38.71 -33.70
N GLU H 143 20.56 -39.87 -33.54
CA GLU H 143 20.78 -40.68 -32.33
C GLU H 143 22.23 -41.15 -32.31
N LYS H 144 22.80 -41.31 -31.12
CA LYS H 144 24.24 -41.53 -30.97
C LYS H 144 24.76 -42.80 -31.64
N HIS H 145 23.86 -43.77 -31.86
CA HIS H 145 24.23 -45.09 -32.36
C HIS H 145 24.14 -45.26 -33.88
N VAL H 146 23.64 -44.25 -34.59
CA VAL H 146 23.53 -44.32 -36.04
C VAL H 146 24.91 -44.17 -36.71
N ASP H 147 25.36 -45.20 -37.43
CA ASP H 147 26.73 -45.21 -37.96
C ASP H 147 26.82 -44.92 -39.45
N GLU H 148 25.69 -44.78 -40.12
CA GLU H 148 25.69 -44.48 -41.55
C GLU H 148 25.41 -43.01 -41.77
N TRP H 149 26.29 -42.36 -42.54
CA TRP H 149 26.10 -40.96 -42.94
C TRP H 149 25.76 -40.09 -41.74
N ASN H 150 26.49 -40.30 -40.64
CA ASN H 150 26.31 -39.50 -39.45
C ASN H 150 27.08 -38.19 -39.61
N ILE H 151 26.31 -37.13 -39.83
CA ILE H 151 26.84 -35.81 -40.13
C ILE H 151 27.74 -35.27 -39.00
N GLY H 152 27.47 -35.71 -37.78
CA GLY H 152 28.28 -35.29 -36.65
C GLY H 152 29.67 -35.91 -36.59
N ARG H 153 29.84 -37.03 -37.28
CA ARG H 153 31.12 -37.72 -37.30
C ARG H 153 31.33 -38.51 -38.59
N LEU H 154 31.52 -37.81 -39.69
CA LEU H 154 31.73 -38.47 -40.99
C LEU H 154 33.13 -39.07 -41.14
N ARG H 155 34.07 -38.59 -40.31
CA ARG H 155 35.44 -39.10 -40.29
C ARG H 155 36.11 -39.15 -41.68
N THR H 156 36.00 -38.05 -42.44
CA THR H 156 36.77 -37.88 -43.67
C THR H 156 38.12 -37.25 -43.34
N ILE H 157 38.96 -37.04 -44.36
CA ILE H 157 40.30 -36.49 -44.11
C ILE H 157 40.26 -35.04 -43.62
N LEU H 158 39.10 -34.38 -43.71
CA LEU H 158 38.91 -33.05 -43.13
C LEU H 158 39.19 -33.08 -41.62
N ASP H 159 39.07 -34.26 -41.02
CA ASP H 159 39.37 -34.42 -39.61
C ASP H 159 40.82 -34.11 -39.26
N LEU H 160 41.69 -33.99 -40.26
CA LEU H 160 43.09 -33.64 -39.98
C LEU H 160 43.23 -32.22 -39.44
N VAL H 161 42.18 -31.43 -39.61
CA VAL H 161 42.10 -30.14 -38.92
C VAL H 161 41.91 -30.41 -37.43
N GLU H 162 41.07 -31.41 -37.11
CA GLU H 162 40.77 -31.81 -35.73
C GLU H 162 42.00 -32.31 -34.99
N GLY H 171 34.09 -25.87 -35.46
CA GLY H 171 34.75 -25.76 -36.74
C GLY H 171 33.94 -26.28 -37.91
N VAL H 172 34.64 -26.40 -39.02
CA VAL H 172 34.16 -26.90 -40.30
C VAL H 172 33.61 -28.33 -40.23
N ASN H 173 33.93 -29.02 -39.15
CA ASN H 173 33.61 -30.44 -39.00
C ASN H 173 32.54 -30.76 -37.97
N THR H 174 31.85 -29.74 -37.46
CA THR H 174 30.78 -29.99 -36.50
C THR H 174 29.43 -29.81 -37.18
N PRO H 175 28.38 -30.44 -36.64
CA PRO H 175 27.09 -30.35 -37.33
C PRO H 175 26.32 -29.06 -37.01
N TYR H 176 25.51 -28.63 -37.98
CA TYR H 176 24.67 -27.45 -37.82
C TYR H 176 23.23 -27.74 -38.17
N LEU H 177 22.31 -27.06 -37.48
CA LEU H 177 20.90 -27.23 -37.73
C LEU H 177 20.27 -25.95 -38.29
N TYR H 178 19.31 -26.14 -39.18
CA TYR H 178 18.61 -25.06 -39.86
C TYR H 178 17.11 -25.26 -39.77
N PHE H 179 16.44 -24.40 -39.01
CA PHE H 179 14.99 -24.49 -38.87
C PHE H 179 14.37 -23.42 -39.75
N GLY H 180 13.76 -23.85 -40.84
CA GLY H 180 13.26 -22.93 -41.83
C GLY H 180 11.78 -22.68 -41.72
N MET H 181 11.35 -21.54 -42.27
CA MET H 181 9.96 -21.29 -42.54
C MET H 181 9.87 -20.81 -43.98
N TRP H 182 8.64 -20.61 -44.47
CA TRP H 182 8.42 -20.20 -45.84
C TRP H 182 9.21 -18.94 -46.19
N LYS H 183 9.88 -18.99 -47.34
CA LYS H 183 10.55 -17.82 -47.92
C LYS H 183 11.89 -17.47 -47.22
N THR H 184 12.35 -18.30 -46.28
CA THR H 184 13.72 -18.13 -45.78
C THR H 184 14.68 -18.62 -46.85
N SER H 185 15.86 -18.00 -46.91
CA SER H 185 16.76 -18.22 -48.04
C SER H 185 18.20 -18.49 -47.62
N PHE H 186 18.94 -19.18 -48.48
CA PHE H 186 20.39 -19.15 -48.40
C PHE H 186 20.92 -18.60 -49.72
N ALA H 187 21.87 -17.67 -49.60
CA ALA H 187 22.35 -16.90 -50.73
C ALA H 187 23.41 -17.66 -51.51
N TRP H 188 23.72 -17.14 -52.68
CA TRP H 188 24.73 -17.74 -53.55
C TRP H 188 26.08 -17.79 -52.88
N HIS H 189 26.66 -18.98 -52.82
CA HIS H 189 27.94 -19.18 -52.18
C HIS H 189 28.52 -20.53 -52.53
N THR H 190 29.84 -20.63 -52.41
CA THR H 190 30.50 -21.92 -52.25
C THR H 190 30.81 -22.09 -50.76
N GLU H 191 31.22 -23.29 -50.37
CA GLU H 191 31.55 -23.56 -48.98
C GLU H 191 32.86 -22.93 -48.58
N ASP H 192 33.05 -22.75 -47.28
CA ASP H 192 34.33 -22.34 -46.72
C ASP H 192 35.45 -23.20 -47.28
N MET H 193 36.56 -22.56 -47.64
CA MET H 193 37.70 -23.23 -48.28
C MET H 193 37.28 -24.11 -49.48
N ASP H 194 36.13 -23.80 -50.06
CA ASP H 194 35.55 -24.55 -51.19
C ASP H 194 35.49 -26.05 -50.88
N LEU H 195 35.06 -26.36 -49.67
CA LEU H 195 34.88 -27.73 -49.23
C LEU H 195 33.62 -28.35 -49.81
N TYR H 196 33.46 -29.65 -49.59
CA TYR H 196 32.19 -30.31 -49.83
C TYR H 196 31.22 -29.93 -48.71
N SER H 197 29.93 -30.12 -48.94
CA SER H 197 28.99 -30.06 -47.84
C SER H 197 27.96 -31.15 -47.98
N ILE H 198 27.43 -31.59 -46.86
CA ILE H 198 26.33 -32.55 -46.83
C ILE H 198 25.16 -31.88 -46.11
N ASN H 199 23.96 -32.10 -46.62
CA ASN H 199 22.76 -31.51 -46.05
C ASN H 199 21.64 -32.53 -46.03
N TYR H 200 21.15 -32.83 -44.84
CA TYR H 200 20.06 -33.78 -44.67
C TYR H 200 18.83 -33.04 -44.15
N LEU H 201 17.69 -33.26 -44.80
CA LEU H 201 16.46 -32.64 -44.39
C LEU H 201 15.71 -33.58 -43.45
N HIS H 202 15.77 -33.29 -42.16
CA HIS H 202 15.21 -34.19 -41.16
C HIS H 202 13.69 -34.35 -41.29
N PHE H 203 12.98 -33.22 -41.35
CA PHE H 203 11.54 -33.27 -41.46
C PHE H 203 10.99 -31.96 -42.00
N GLY H 204 9.71 -31.95 -42.33
CA GLY H 204 9.02 -30.73 -42.71
C GLY H 204 8.92 -30.52 -44.20
N GLU H 205 8.57 -29.30 -44.59
CA GLU H 205 8.37 -28.93 -45.98
C GLU H 205 9.69 -28.90 -46.76
N PRO H 206 9.61 -28.95 -48.09
CA PRO H 206 10.84 -29.03 -48.88
C PRO H 206 11.75 -27.81 -48.80
N LYS H 207 12.96 -28.01 -49.28
CA LYS H 207 13.97 -26.98 -49.45
C LYS H 207 14.41 -27.05 -50.92
N SER H 208 14.27 -25.94 -51.64
CA SER H 208 14.61 -25.90 -53.06
C SER H 208 15.99 -25.30 -53.28
N TRP H 209 16.72 -25.85 -54.25
CA TRP H 209 18.13 -25.50 -54.47
C TRP H 209 18.38 -25.03 -55.90
N TYR H 210 19.28 -24.07 -56.04
CA TYR H 210 19.84 -23.72 -57.35
C TYR H 210 21.33 -24.00 -57.31
N SER H 211 21.91 -24.42 -58.44
CA SER H 211 23.33 -24.69 -58.50
C SER H 211 23.94 -24.31 -59.84
N VAL H 212 25.20 -23.89 -59.80
CA VAL H 212 25.97 -23.62 -60.99
C VAL H 212 27.14 -24.59 -61.03
N PRO H 213 27.35 -25.28 -62.17
CA PRO H 213 28.47 -26.20 -62.27
C PRO H 213 29.80 -25.54 -61.91
N PRO H 214 30.68 -26.25 -61.18
CA PRO H 214 31.98 -25.67 -60.86
C PRO H 214 32.72 -25.15 -62.10
N GLU H 215 32.60 -25.84 -63.23
CA GLU H 215 33.30 -25.42 -64.43
C GLU H 215 32.75 -24.10 -64.99
N HIS H 216 31.63 -23.61 -64.46
CA HIS H 216 31.10 -22.31 -64.86
C HIS H 216 31.03 -21.29 -63.71
N GLY H 217 31.57 -21.65 -62.55
CA GLY H 217 31.53 -20.78 -61.38
C GLY H 217 32.11 -19.39 -61.62
N LYS H 218 33.21 -19.31 -62.37
CA LYS H 218 33.83 -18.01 -62.66
C LYS H 218 32.86 -17.09 -63.40
N ARG H 219 32.01 -17.65 -64.25
CA ARG H 219 31.04 -16.84 -64.97
C ARG H 219 30.01 -16.22 -64.02
N LEU H 220 29.58 -16.98 -63.01
CA LEU H 220 28.72 -16.43 -61.97
C LEU H 220 29.40 -15.30 -61.19
N GLU H 221 30.67 -15.50 -60.85
CA GLU H 221 31.42 -14.50 -60.12
C GLU H 221 31.53 -13.21 -60.93
N ARG H 222 31.79 -13.37 -62.23
CA ARG H 222 31.96 -12.23 -63.11
C ARG H 222 30.68 -11.43 -63.18
N LEU H 223 29.56 -12.12 -63.29
CA LEU H 223 28.25 -11.48 -63.30
C LEU H 223 27.99 -10.74 -62.00
N ALA H 224 28.18 -11.44 -60.88
CA ALA H 224 27.98 -10.86 -59.56
C ALA H 224 28.86 -9.63 -59.38
N LYS H 225 30.12 -9.73 -59.81
CA LYS H 225 31.07 -8.63 -59.72
C LYS H 225 30.55 -7.41 -60.49
N GLY H 226 30.01 -7.67 -61.67
CA GLY H 226 29.43 -6.62 -62.48
C GLY H 226 28.22 -5.93 -61.84
N PHE H 227 27.40 -6.69 -61.14
CA PHE H 227 26.18 -6.13 -60.54
C PHE H 227 26.44 -5.48 -59.19
N PHE H 228 27.50 -5.91 -58.53
CA PHE H 228 27.84 -5.32 -57.23
C PHE H 228 29.30 -4.88 -57.20
N PRO H 229 29.66 -3.86 -58.00
CA PRO H 229 31.06 -3.44 -58.13
C PRO H 229 31.63 -2.87 -56.83
N GLY H 230 30.81 -2.23 -56.02
CA GLY H 230 31.26 -1.73 -54.72
C GLY H 230 31.67 -2.86 -53.79
N SER H 231 30.84 -3.89 -53.72
CA SER H 231 31.12 -5.05 -52.89
C SER H 231 32.40 -5.73 -53.36
N ALA H 232 32.56 -5.83 -54.67
CA ALA H 232 33.73 -6.48 -55.24
C ALA H 232 35.00 -5.71 -54.91
N GLN H 233 34.94 -4.39 -55.00
CA GLN H 233 36.11 -3.55 -54.70
C GLN H 233 36.58 -3.73 -53.24
N SER H 234 35.65 -3.92 -52.31
CA SER H 234 36.03 -3.99 -50.90
C SER H 234 36.28 -5.42 -50.37
N CYS H 235 36.01 -6.44 -51.18
CA CYS H 235 36.35 -7.81 -50.81
C CYS H 235 36.53 -8.73 -52.01
N GLU H 236 37.66 -9.43 -52.05
CA GLU H 236 38.01 -10.32 -53.16
C GLU H 236 37.10 -11.54 -53.28
N ALA H 237 36.24 -11.78 -52.29
CA ALA H 237 35.31 -12.90 -52.33
C ALA H 237 34.02 -12.59 -51.58
N PHE H 238 33.32 -11.53 -51.99
CA PHE H 238 32.19 -11.01 -51.21
C PHE H 238 30.99 -11.94 -51.19
N LEU H 239 30.97 -12.92 -52.09
CA LEU H 239 29.87 -13.86 -52.11
C LEU H 239 29.91 -14.74 -50.87
N ARG H 240 31.10 -14.85 -50.25
CA ARG H 240 31.27 -15.64 -49.04
C ARG H 240 30.54 -15.01 -47.85
N HIS H 241 30.11 -13.76 -48.01
CA HIS H 241 29.30 -13.09 -46.98
C HIS H 241 27.90 -13.68 -46.92
N LYS H 242 27.54 -14.44 -47.95
CA LYS H 242 26.22 -15.05 -48.08
C LYS H 242 25.09 -14.03 -47.99
N MET H 243 25.23 -12.93 -48.72
CA MET H 243 24.22 -11.88 -48.72
C MET H 243 23.58 -11.65 -50.08
N THR H 244 24.09 -12.34 -51.11
CA THR H 244 23.69 -12.02 -52.47
C THR H 244 22.70 -13.01 -53.05
N LEU H 245 21.53 -12.50 -53.41
CA LEU H 245 20.48 -13.31 -54.03
C LEU H 245 20.32 -12.91 -55.51
N ILE H 246 20.35 -13.92 -56.38
CA ILE H 246 20.21 -13.71 -57.80
C ILE H 246 19.21 -14.70 -58.35
N SER H 247 18.15 -14.20 -58.98
CA SER H 247 17.06 -15.04 -59.48
C SER H 247 17.48 -15.87 -60.69
N PRO H 248 16.83 -17.03 -60.89
CA PRO H 248 17.14 -17.85 -62.07
C PRO H 248 16.89 -17.07 -63.38
N LEU H 249 15.90 -16.20 -63.39
CA LEU H 249 15.64 -15.36 -64.56
C LEU H 249 16.86 -14.53 -64.95
N MET H 250 17.54 -13.97 -63.97
CA MET H 250 18.77 -13.21 -64.24
C MET H 250 19.86 -14.10 -64.77
N LEU H 251 19.97 -15.30 -64.22
CA LEU H 251 20.97 -16.25 -64.69
C LEU H 251 20.68 -16.61 -66.14
N LYS H 252 19.41 -16.88 -66.43
CA LYS H 252 18.97 -17.23 -67.78
C LYS H 252 19.29 -16.07 -68.73
N LYS H 253 18.93 -14.86 -68.33
CA LYS H 253 19.18 -13.65 -69.12
C LYS H 253 20.64 -13.48 -69.52
N TYR H 254 21.56 -13.83 -68.63
CA TYR H 254 22.98 -13.61 -68.90
C TYR H 254 23.73 -14.89 -69.25
N GLY H 255 22.98 -15.92 -69.61
CA GLY H 255 23.55 -17.18 -70.07
C GLY H 255 24.41 -17.99 -69.11
N ILE H 256 24.20 -17.84 -67.79
CA ILE H 256 24.88 -18.70 -66.82
C ILE H 256 24.18 -20.05 -66.73
N PRO H 257 24.91 -21.15 -67.00
CA PRO H 257 24.20 -22.42 -66.84
C PRO H 257 23.93 -22.68 -65.35
N PHE H 258 22.79 -23.26 -65.07
CA PHE H 258 22.43 -23.61 -63.69
C PHE H 258 21.40 -24.72 -63.74
N ASP H 259 21.14 -25.34 -62.60
CA ASP H 259 20.10 -26.37 -62.51
C ASP H 259 19.27 -26.12 -61.24
N LYS H 260 18.10 -26.75 -61.17
CA LYS H 260 17.21 -26.65 -60.02
C LYS H 260 16.96 -28.04 -59.49
N VAL H 261 16.77 -28.15 -58.18
CA VAL H 261 16.29 -29.39 -57.60
C VAL H 261 15.62 -29.10 -56.27
N THR H 262 14.56 -29.84 -55.99
CA THR H 262 13.82 -29.71 -54.74
C THR H 262 14.14 -30.91 -53.84
N GLN H 263 14.59 -30.61 -52.62
CA GLN H 263 14.91 -31.62 -51.62
C GLN H 263 13.70 -31.84 -50.70
N GLU H 264 13.30 -33.10 -50.55
CA GLU H 264 12.21 -33.44 -49.64
C GLU H 264 12.73 -34.08 -48.38
N ALA H 265 11.90 -34.12 -47.35
CA ALA H 265 12.24 -34.75 -46.08
C ALA H 265 12.80 -36.14 -46.31
N GLY H 266 13.86 -36.48 -45.60
CA GLY H 266 14.48 -37.78 -45.72
C GLY H 266 15.55 -37.87 -46.80
N GLU H 267 15.88 -36.76 -47.45
CA GLU H 267 16.86 -36.80 -48.54
C GLU H 267 18.13 -36.02 -48.22
N PHE H 268 19.25 -36.51 -48.75
CA PHE H 268 20.53 -35.82 -48.63
C PHE H 268 20.80 -34.95 -49.86
N MET H 269 21.39 -33.77 -49.64
CA MET H 269 22.03 -33.06 -50.75
C MET H 269 23.54 -32.98 -50.50
N ILE H 270 24.31 -33.25 -51.55
CA ILE H 270 25.75 -33.07 -51.53
C ILE H 270 26.15 -31.90 -52.41
N THR H 271 26.89 -30.93 -51.87
CA THR H 271 27.52 -29.93 -52.71
C THR H 271 29.00 -30.26 -52.85
N PHE H 272 29.56 -29.92 -54.00
CA PHE H 272 30.94 -30.28 -54.34
C PHE H 272 31.84 -29.05 -54.34
N PRO H 273 33.18 -29.25 -54.23
CA PRO H 273 34.12 -28.12 -54.23
C PRO H 273 33.86 -27.11 -55.35
N TYR H 274 33.81 -25.84 -54.98
CA TYR H 274 33.54 -24.72 -55.90
C TYR H 274 32.20 -24.86 -56.61
N GLY H 275 31.24 -25.49 -55.95
CA GLY H 275 29.89 -25.60 -56.47
C GLY H 275 29.01 -24.52 -55.87
N TYR H 276 28.77 -23.45 -56.62
CA TYR H 276 27.92 -22.37 -56.13
C TYR H 276 26.50 -22.87 -56.00
N HIS H 277 25.87 -22.55 -54.87
CA HIS H 277 24.46 -22.88 -54.71
C HIS H 277 23.72 -21.83 -53.91
N ALA H 278 22.40 -21.87 -54.01
CA ALA H 278 21.49 -20.97 -53.29
C ALA H 278 20.13 -21.63 -53.27
N GLY H 279 19.21 -21.11 -52.47
CA GLY H 279 17.87 -21.64 -52.44
C GLY H 279 16.98 -21.10 -51.34
N PHE H 280 15.90 -21.82 -51.05
CA PHE H 280 14.91 -21.34 -50.11
C PHE H 280 14.05 -22.47 -49.56
N ASN H 281 13.44 -22.23 -48.40
CA ASN H 281 12.56 -23.21 -47.78
C ASN H 281 11.08 -22.98 -48.12
N HIS H 282 10.34 -24.07 -48.33
CA HIS H 282 8.93 -23.99 -48.70
C HIS H 282 8.05 -23.69 -47.50
N GLY H 283 8.52 -24.08 -46.32
CA GLY H 283 7.73 -23.94 -45.11
C GLY H 283 8.51 -24.45 -43.92
N PHE H 284 7.81 -24.74 -42.83
CA PHE H 284 8.48 -25.17 -41.61
C PHE H 284 9.24 -26.47 -41.86
N ASN H 285 10.54 -26.45 -41.57
CA ASN H 285 11.36 -27.63 -41.77
C ASN H 285 12.65 -27.58 -40.96
N CYS H 286 13.40 -28.69 -40.99
CA CYS H 286 14.64 -28.78 -40.22
C CYS H 286 15.72 -29.55 -40.98
N ALA H 287 16.86 -28.90 -41.18
CA ALA H 287 17.96 -29.54 -41.91
C ALA H 287 19.23 -29.53 -41.08
N GLU H 288 20.06 -30.55 -41.30
CA GLU H 288 21.33 -30.67 -40.60
C GLU H 288 22.46 -30.77 -41.63
N SER H 289 23.60 -30.17 -41.31
CA SER H 289 24.62 -30.00 -42.33
C SER H 289 26.03 -29.80 -41.76
N THR H 290 27.04 -30.28 -42.49
CA THR H 290 28.43 -30.05 -42.10
C THR H 290 29.30 -30.07 -43.36
N ASN H 291 30.57 -29.73 -43.21
CA ASN H 291 31.49 -29.81 -44.34
C ASN H 291 32.30 -31.11 -44.25
N PHE H 292 32.82 -31.56 -45.38
CA PHE H 292 33.74 -32.67 -45.40
C PHE H 292 34.66 -32.57 -46.60
N ALA H 293 35.60 -33.49 -46.71
CA ALA H 293 36.60 -33.43 -47.76
C ALA H 293 36.89 -34.79 -48.36
N THR H 294 37.48 -34.76 -49.55
CA THR H 294 38.09 -35.92 -50.18
C THR H 294 39.47 -35.46 -50.60
N ARG H 295 40.31 -36.39 -51.07
CA ARG H 295 41.65 -36.03 -51.53
C ARG H 295 41.60 -34.94 -52.61
N ARG H 296 40.62 -35.01 -53.50
CA ARG H 296 40.44 -34.03 -54.58
C ARG H 296 40.27 -32.60 -54.07
N TRP H 297 39.74 -32.45 -52.86
CA TRP H 297 39.46 -31.13 -52.33
C TRP H 297 40.74 -30.35 -52.06
N ILE H 298 41.80 -31.08 -51.75
CA ILE H 298 43.04 -30.45 -51.29
C ILE H 298 43.50 -29.33 -52.25
N GLU H 299 43.49 -29.60 -53.54
CA GLU H 299 43.89 -28.58 -54.50
C GLU H 299 42.94 -27.38 -54.45
N TYR H 300 41.64 -27.65 -54.31
CA TYR H 300 40.66 -26.57 -54.19
C TYR H 300 40.94 -25.74 -52.95
N GLY H 301 41.29 -26.39 -51.85
CA GLY H 301 41.62 -25.69 -50.62
C GLY H 301 42.84 -24.79 -50.77
N LYS H 302 43.84 -25.27 -51.52
CA LYS H 302 45.05 -24.49 -51.77
C LYS H 302 44.75 -23.24 -52.59
N GLN H 303 43.80 -23.33 -53.51
CA GLN H 303 43.59 -22.23 -54.45
C GLN H 303 42.38 -21.37 -54.09
N ALA H 304 41.75 -21.66 -52.95
CA ALA H 304 40.51 -20.97 -52.61
C ALA H 304 40.75 -19.47 -52.41
N VAL H 305 39.87 -18.66 -53.00
CA VAL H 305 39.93 -17.22 -52.83
C VAL H 305 39.09 -16.82 -51.63
N LEU H 306 39.75 -16.29 -50.60
CA LEU H 306 39.08 -16.10 -49.33
C LEU H 306 38.62 -14.66 -49.12
N CYS H 307 37.69 -14.50 -48.19
CA CYS H 307 37.22 -13.19 -47.78
C CYS H 307 38.36 -12.38 -47.16
N SER H 308 38.59 -11.18 -47.68
CA SER H 308 39.71 -10.34 -47.25
C SER H 308 39.31 -9.21 -46.31
N CYS H 309 38.00 -9.01 -46.13
CA CYS H 309 37.50 -7.81 -45.47
C CYS H 309 37.06 -8.04 -44.03
N ARG H 310 36.97 -9.30 -43.62
CA ARG H 310 36.53 -9.61 -42.28
C ARG H 310 37.58 -10.45 -41.57
N LYS H 311 37.94 -10.03 -40.35
CA LYS H 311 38.64 -10.89 -39.39
C LYS H 311 37.49 -11.80 -39.12
N ASP H 312 37.64 -13.02 -38.60
CA ASP H 312 36.44 -13.89 -38.31
C ASP H 312 36.30 -15.06 -39.27
N MET H 313 36.77 -14.91 -40.48
CA MET H 313 36.22 -15.83 -41.48
C MET H 313 36.98 -17.15 -41.48
N VAL H 314 36.31 -18.21 -41.92
CA VAL H 314 36.89 -19.54 -41.80
C VAL H 314 38.04 -19.76 -42.76
N LYS H 315 39.18 -20.12 -42.19
CA LYS H 315 40.44 -20.27 -42.93
C LYS H 315 41.18 -21.50 -42.40
N ILE H 316 41.56 -22.40 -43.29
CA ILE H 316 42.20 -23.63 -42.88
C ILE H 316 43.65 -23.63 -43.35
N SER H 317 44.56 -24.02 -42.46
CA SER H 317 45.93 -24.19 -42.88
C SER H 317 46.01 -25.46 -43.73
N MET H 318 46.54 -25.30 -44.94
CA MET H 318 46.55 -26.41 -45.89
C MET H 318 47.80 -27.26 -45.76
N ASP H 319 48.74 -26.78 -44.95
CA ASP H 319 50.04 -27.41 -44.76
C ASP H 319 49.97 -28.90 -44.49
N VAL H 320 49.17 -29.25 -43.49
CA VAL H 320 49.09 -30.62 -43.04
C VAL H 320 48.54 -31.52 -44.17
N PHE H 321 47.67 -30.97 -45.00
CA PHE H 321 47.10 -31.74 -46.09
C PHE H 321 48.10 -31.95 -47.23
N VAL H 322 48.87 -30.91 -47.53
CA VAL H 322 49.86 -31.01 -48.60
C VAL H 322 50.99 -31.95 -48.20
N ARG H 323 51.49 -31.81 -46.97
CA ARG H 323 52.56 -32.70 -46.50
C ARG H 323 52.13 -34.16 -46.57
N LYS H 324 50.94 -34.47 -46.06
CA LYS H 324 50.50 -35.86 -46.00
C LYS H 324 50.11 -36.45 -47.36
N PHE H 325 49.38 -35.72 -48.19
CA PHE H 325 48.87 -36.30 -49.43
C PHE H 325 49.55 -35.81 -50.71
N GLN H 326 50.35 -34.76 -50.59
CA GLN H 326 51.12 -34.29 -51.74
C GLN H 326 52.58 -34.03 -51.34
N PRO H 327 53.25 -35.02 -50.72
CA PRO H 327 54.59 -34.72 -50.18
C PRO H 327 55.58 -34.33 -51.28
N GLU H 328 55.39 -34.91 -52.47
CA GLU H 328 56.28 -34.63 -53.59
C GLU H 328 56.12 -33.18 -54.08
N ARG H 329 55.01 -32.54 -53.73
CA ARG H 329 54.78 -31.16 -54.15
C ARG H 329 54.94 -30.13 -53.04
N TYR H 330 55.24 -30.56 -51.81
CA TYR H 330 55.20 -29.66 -50.66
C TYR H 330 56.19 -28.50 -50.76
N LYS H 331 57.46 -28.79 -51.00
CA LYS H 331 58.46 -27.72 -51.07
C LYS H 331 58.15 -26.81 -52.26
N LEU H 332 57.78 -27.41 -53.38
CA LEU H 332 57.40 -26.67 -54.58
C LEU H 332 56.28 -25.66 -54.29
N TRP H 333 55.23 -26.13 -53.63
CA TRP H 333 54.07 -25.32 -53.26
C TRP H 333 54.48 -24.19 -52.31
N LYS H 334 55.28 -24.52 -51.31
CA LYS H 334 55.72 -23.53 -50.35
C LYS H 334 56.63 -22.46 -50.99
N ALA H 335 57.18 -22.78 -52.16
CA ALA H 335 58.01 -21.84 -52.92
C ALA H 335 57.23 -21.09 -53.99
N GLY H 336 55.91 -21.20 -53.97
CA GLY H 336 55.06 -20.48 -54.90
C GLY H 336 55.20 -20.95 -56.34
N LYS H 337 55.63 -22.19 -56.51
CA LYS H 337 55.90 -22.72 -57.84
C LYS H 337 54.96 -23.86 -58.24
N ASP H 338 53.98 -24.18 -57.41
CA ASP H 338 53.01 -25.20 -57.78
C ASP H 338 51.93 -24.60 -58.68
N ASN H 339 51.96 -24.87 -59.98
CA ASN H 339 50.94 -24.27 -60.83
C ASN H 339 49.92 -25.22 -61.39
N THR H 340 49.59 -26.23 -60.59
CA THR H 340 48.50 -27.14 -60.89
C THR H 340 47.27 -26.35 -61.32
N VAL H 341 46.70 -26.70 -62.47
CA VAL H 341 45.42 -26.14 -62.89
C VAL H 341 44.33 -27.16 -62.59
N ILE H 342 43.28 -26.73 -61.90
CA ILE H 342 42.22 -27.66 -61.53
C ILE H 342 41.35 -27.97 -62.75
N ASP H 343 41.13 -29.26 -62.98
CA ASP H 343 40.17 -29.72 -63.97
C ASP H 343 38.92 -30.14 -63.21
N HIS H 344 37.87 -29.34 -63.31
CA HIS H 344 36.65 -29.58 -62.55
C HIS H 344 35.94 -30.87 -62.95
N THR H 345 36.32 -31.48 -64.07
CA THR H 345 35.63 -32.68 -64.54
C THR H 345 36.19 -33.95 -63.92
N LEU H 346 37.43 -33.88 -63.44
CA LEU H 346 38.10 -35.07 -62.91
C LEU H 346 37.48 -35.52 -61.59
N PRO H 347 37.18 -36.82 -61.48
CA PRO H 347 36.73 -37.36 -60.19
C PRO H 347 37.89 -37.46 -59.21
N THR H 348 37.58 -37.64 -57.93
CA THR H 348 38.60 -37.77 -56.90
C THR H 348 39.35 -39.10 -57.10
N PRO H 349 40.64 -39.15 -56.74
CA PRO H 349 41.45 -40.37 -56.93
C PRO H 349 40.80 -41.63 -56.35
N GLU H 350 40.12 -41.48 -55.22
CA GLU H 350 39.44 -42.61 -54.57
C GLU H 350 38.41 -43.28 -55.50
N ALA H 351 38.05 -42.63 -56.59
CA ALA H 351 37.07 -43.17 -57.53
C ALA H 351 37.70 -44.14 -58.52
N ALA H 352 39.02 -44.25 -58.51
CA ALA H 352 39.75 -45.11 -59.44
C ALA H 352 39.18 -46.53 -59.51
N GLU H 353 38.90 -47.11 -58.34
CA GLU H 353 38.37 -48.47 -58.29
C GLU H 353 37.08 -48.68 -59.10
N PHE H 354 36.30 -47.61 -59.29
CA PHE H 354 35.03 -47.75 -60.03
C PHE H 354 35.16 -47.48 -61.53
N LEU H 355 36.34 -47.08 -61.98
CA LEU H 355 36.54 -46.85 -63.40
C LEU H 355 37.36 -48.02 -63.95
N LYS H 356 38.53 -48.25 -63.36
CA LYS H 356 39.38 -49.43 -63.56
C LYS H 356 38.76 -50.58 -64.35
#